data_8U8B
#
_entry.id   8U8B
#
_cell.length_a   1.00
_cell.length_b   1.00
_cell.length_c   1.00
_cell.angle_alpha   90.00
_cell.angle_beta   90.00
_cell.angle_gamma   90.00
#
_symmetry.space_group_name_H-M   'P 1'
#
loop_
_entity.id
_entity.type
_entity.pdbx_description
1 polymer 'Leucine-rich repeat serine/threonine-protein kinase 2'
2 non-polymer "GUANOSINE-5'-DIPHOSPHATE"
3 non-polymer 4-[4-({[3-tert-butyl-1-(quinolin-6-yl)-1H-pyrazol-5-yl]carbamoyl}amino)-3-fluorophenoxy]-N-methylpyridine-2-carboxamide
#
_entity_poly.entity_id   1
_entity_poly.type   'polypeptide(L)'
_entity_poly.pdbx_seq_one_letter_code
;MASGSCQGCEEDEETLKKLIVRLNNVQEGKQIETLVQILEDLLVFTYSEHASKLFQGKNIHVPLLIVLDSYMRVASVQQV
GWSLLCKLIEVCPGTMQSLMGPQDVGNDWEVLGVHQLILKMLTVHNASVNLSVIGLKTLDLLLTSGKITLLILDEESDIF
MLIFDAMHSFPANDEVQKLGCKALHVLFERVSEEQLTEFVENKDYMILLSALTNFKDEEEIVLHVLHCLHSLAIPCNNVE
VLMSGNVRCYNIVVEAMKAFPMSERIQEVSCCLLHRLTLGNFFNILVLNEVHEFVVKAVQQYPENAALQISALSCLALLT
ETIFLNQDLEEKNENQENDDEGEEDKLFWLEACYKALTWHRKNKHVQEAACWALNNLLMYQNSLHEKIGDEDGHFPAHRE
VMLSMLMHSSSKEVFQASANALSTLLEQNVNFRKILLSKGIHLNVLELMQKHIHSPEVAESGCKMLNHLFEGSNTSLDIM
AAVVPKILTVMKRHETSLPVQLEALRAILHFIVPGMPEESREDTEFHHKLNMVKKQCFKNDIHKLVLAALNRFIGNPGIQ
KCGLKVISSIVHFPDALEMLSLEGAMDSVLHTLQMYPDDQEIQCLGLSLIGYLITKKNVFIGTGHLLAKILVSSLYRFKD
VAEIQTKGFQTILAILKLSASFSKLLVHHSFDLVIFHQMSSNIMEQKDQQFLNLCCKCFAKVAMDDYLKNVMLERACDQN
NSIMVECLLLLGADANQAKEGSSLICQVCEKESSPKLVELLLNSGSREQDVRKALTISIGKGDSQIISLLLRRLALDVAN
NSICLGGFCIGKVEPSWLGPLFPDKTSNLRKQTNIASTLARMVIRYQMKSAVEEGTASGSDGNFSEDVLSKFDEWTFIPD
SSMDSVFAQSDDLDSEGSEGSFLVKKKSNSISVGEFYRDAVLQRCSPNLQRHSNSLGPIFDHEDLLKRKRKILSSDDSLR
SSKLQSHMRHSDSISSLASEREYITSLDLSANELRDIDALSQKCCISVHLEHLEKLELHQNALTSFPQQLCETLKSLTHL
DLHSNKFTSFPSYLLKMSCIANLDVSRNDIGPSVVLDPTVKCPTLKQFNLSYNQLSFVPENLTDVVEKLEQLILEGNKIS
GICSPLRLKELKILNLSKNHISSLSENFLEACPKVESFSARMNFLAAMPFLPPSMTILKLSQNKFSCIPEAILNLPHLRS
LDMSSNDIQYLPGPAHWKSLNLRELLFSHNQISILDLSEKAYLWSRVEKLHLSHNKLKEIPPEIGCLENLTSLDVSYNLE
LRSFPNEMGKLSKIWDLPLDELHLNFDFKHIGCKAKDIIRFLQQRLKKAVPYNRMKLMIVGNTGSGKTTLLQQLMKTKKS
DLGMQSATVGIDVKDWPIQIRDKRKRDLVLNVWDFAGREEFYSTHPHFMTQRALYLAVYDLSKGQAEVDAMKPWLFNIKA
RASSSPVILVGTHLDVSDEKQRKACMSKITKELLNKRGFPAIRDYHFVNATEESDALAKLRKTIINESLNFKIRDQLVVG
QLIPDCYVELEKIILSERKNVPIEFPVIDRKRLLQLVRENQLQLDENELPHAVHFLNESGVLLHFQDPALQLSDLYFVEP
KWLCKIMAQILTVKVEGCPKHPKGIISRRDVEKFLSKKRKFPKNYMTQYFKLLEKFQIALPIGEEYLLVPSSLSDHRPVI
ELPHCENSEIIIRLYEMPYFPMGFWSRLINRLLEISPYMLSGRERALRPNRMYWRQGIYLNWSPEAYCLVGSEVLDNHPE
SFLKITVPSCRKGCILLGQVVDHIDSLMEEWFPGLLEIDICGEGETLLKKWALYSFNDGEEHQKILLDDLMKKAEEGDLL
VNPDQPRLTIPISQIAPDLILADLPRNIMLNNDELEFEQAPEFLLGDGSFGSVYRAAYEGEEVAVKIFNKHTSLRLLRQE
LVVLCHLHHPSLISLLAAGIRPRMLVMELASKGSLDRLLQQDKASLTRTLQHRIALHVADGLRYLHSAMIIYRDLKPHNV
LLFTLYPNAAIIAKIADYGIAQYCCRMGIKTSEGTPGFRAPEVARGNVIYNQQADVYSFGLLLYDILTTGGRIVEGLKFP
NEFDELEIQGKLPDPVKEYGCAPWPMVEKLIKQCLKENPQERPTSAQVFDILNSAELVCLTRRILLPKNVIVECMVATHH
NSRNASIWLGCGHTDRGQLSFLDLNTEGYTSEEVADSRILCLALVHLPVEKESWIVSGTQSGTLLVINTEDGKKRHTLEK
MTDSVTCLYCNSFSKQSKQKNFLLVGTADGKLAIFEDKTVKLKGAAPLKILNIGNVSTPLMCLSESTNSTERNVMWGGCG
TKIFSFSNDFTIQKLIETRTSQLFSYAAFSDSNIITVVVDTALYIAKQNSPVVEVWDKKTEKLCGLIDCVHFLREVTVKE
NKESKHKMSYSGRVKTLCLQKNTALWIGTGGGHILLLDLSTRRLIRVIYNFCNSVRVMMTAQLGSLKNVMLVLGYNRKNT
EGTQKQKEIQSCLTVWDINLPHEVQNLEKHIEVRKELAEKMRRTSVE
;
_entity_poly.pdbx_strand_id   A,B
#
loop_
_chem_comp.id
_chem_comp.type
_chem_comp.name
_chem_comp.formula
919 non-polymer 4-[4-({[3-tert-butyl-1-(quinolin-6-yl)-1H-pyrazol-5-yl]carbamoyl}amino)-3-fluorophenoxy]-N-methylpyridine-2-carboxamide 'C30 H28 F N7 O3'
GDP RNA linking GUANOSINE-5'-DIPHOSPHATE 'C10 H15 N5 O11 P2'
#
# COMPACT_ATOMS: atom_id res chain seq x y z
N GLY A 558 -8.53 -54.66 -28.72
CA GLY A 558 -9.60 -54.65 -29.68
C GLY A 558 -10.93 -55.09 -29.09
N ILE A 559 -10.87 -55.92 -28.06
CA ILE A 559 -12.07 -56.42 -27.40
C ILE A 559 -12.81 -55.33 -26.63
N GLN A 560 -12.20 -54.15 -26.46
CA GLN A 560 -12.84 -53.07 -25.72
C GLN A 560 -14.10 -52.55 -26.39
N LYS A 561 -14.25 -52.74 -27.70
CA LYS A 561 -15.46 -52.31 -28.39
C LYS A 561 -16.67 -53.12 -27.95
N CYS A 562 -16.59 -54.44 -28.07
CA CYS A 562 -17.67 -55.32 -27.62
C CYS A 562 -17.80 -55.31 -26.10
N GLY A 563 -16.70 -55.02 -25.40
CA GLY A 563 -16.77 -54.80 -23.96
C GLY A 563 -17.63 -53.63 -23.57
N LEU A 564 -17.51 -52.51 -24.30
CA LEU A 564 -18.38 -51.36 -24.05
C LEU A 564 -19.84 -51.67 -24.41
N LYS A 565 -20.07 -52.59 -25.35
CA LYS A 565 -21.44 -53.03 -25.61
C LYS A 565 -22.04 -53.72 -24.39
N VAL A 566 -21.27 -54.61 -23.77
CA VAL A 566 -21.69 -55.26 -22.53
C VAL A 566 -21.85 -54.23 -21.42
N ILE A 567 -20.99 -53.21 -21.40
CA ILE A 567 -21.12 -52.12 -20.43
C ILE A 567 -22.45 -51.40 -20.60
N SER A 568 -22.82 -51.06 -21.85
CA SER A 568 -24.10 -50.44 -22.11
C SER A 568 -25.27 -51.31 -21.66
N SER A 569 -25.12 -52.63 -21.71
CA SER A 569 -26.18 -53.53 -21.22
C SER A 569 -26.33 -53.47 -19.70
N ILE A 570 -25.23 -53.34 -18.96
CA ILE A 570 -25.32 -53.44 -17.50
C ILE A 570 -25.67 -52.11 -16.82
N VAL A 571 -25.41 -50.97 -17.47
CA VAL A 571 -25.71 -49.68 -16.85
C VAL A 571 -27.20 -49.49 -16.57
N HIS A 572 -28.06 -50.24 -17.26
CA HIS A 572 -29.50 -50.10 -17.00
C HIS A 572 -29.89 -50.72 -15.66
N PHE A 573 -29.06 -51.61 -15.11
CA PHE A 573 -29.37 -52.23 -13.84
C PHE A 573 -29.20 -51.22 -12.70
N PRO A 574 -30.04 -51.27 -11.67
CA PRO A 574 -29.87 -50.36 -10.53
C PRO A 574 -28.58 -50.61 -9.77
N ASP A 575 -28.02 -49.51 -9.25
CA ASP A 575 -26.77 -49.50 -8.46
C ASP A 575 -25.61 -50.09 -9.24
N ALA A 576 -25.28 -49.45 -10.37
CA ALA A 576 -24.15 -49.88 -11.18
C ALA A 576 -22.80 -49.59 -10.54
N LEU A 577 -22.76 -48.81 -9.46
CA LEU A 577 -21.51 -48.50 -8.78
C LEU A 577 -21.17 -49.56 -7.73
N GLY A 584 -14.09 -47.39 -9.39
CA GLY A 584 -15.06 -46.76 -10.28
C GLY A 584 -14.81 -47.08 -11.73
N ALA A 585 -15.90 -47.25 -12.49
CA ALA A 585 -15.79 -47.55 -13.91
C ALA A 585 -15.56 -46.32 -14.77
N MET A 586 -15.61 -45.12 -14.20
CA MET A 586 -15.42 -43.90 -14.98
C MET A 586 -13.98 -43.79 -15.48
N ASP A 587 -13.01 -44.13 -14.63
CA ASP A 587 -11.61 -44.06 -15.03
C ASP A 587 -11.30 -45.04 -16.17
N SER A 588 -11.93 -46.22 -16.13
CA SER A 588 -11.70 -47.24 -17.16
C SER A 588 -12.17 -46.78 -18.53
N VAL A 589 -13.44 -46.38 -18.63
CA VAL A 589 -14.01 -45.95 -19.91
C VAL A 589 -13.31 -44.69 -20.43
N LEU A 590 -12.82 -43.84 -19.52
CA LEU A 590 -12.07 -42.66 -19.96
C LEU A 590 -10.77 -43.06 -20.66
N HIS A 591 -10.06 -44.05 -20.11
CA HIS A 591 -8.83 -44.53 -20.76
C HIS A 591 -9.13 -45.16 -22.12
N THR A 592 -10.24 -45.89 -22.22
CA THR A 592 -10.62 -46.49 -23.51
C THR A 592 -10.99 -45.42 -24.53
N LEU A 593 -11.77 -44.41 -24.12
CA LEU A 593 -12.14 -43.33 -25.02
C LEU A 593 -10.92 -42.58 -25.53
N GLN A 594 -9.94 -42.34 -24.65
CA GLN A 594 -8.68 -41.74 -25.08
C GLN A 594 -7.92 -42.67 -26.03
N MET A 595 -8.13 -43.99 -25.91
CA MET A 595 -7.49 -44.94 -26.80
C MET A 595 -8.25 -45.08 -28.12
N TYR A 596 -9.57 -45.27 -28.05
CA TYR A 596 -10.37 -45.44 -29.25
C TYR A 596 -11.15 -44.15 -29.55
N PRO A 597 -10.78 -43.40 -30.58
CA PRO A 597 -11.44 -42.10 -30.83
C PRO A 597 -12.83 -42.24 -31.43
N ASP A 598 -13.00 -43.16 -32.37
CA ASP A 598 -14.20 -43.18 -33.20
C ASP A 598 -15.27 -44.12 -32.65
N ASP A 599 -14.94 -45.41 -32.52
CA ASP A 599 -15.96 -46.41 -32.22
C ASP A 599 -16.46 -46.30 -30.78
N GLN A 600 -15.53 -46.16 -29.83
CA GLN A 600 -15.93 -46.07 -28.43
C GLN A 600 -16.76 -44.82 -28.16
N GLU A 601 -16.39 -43.70 -28.79
CA GLU A 601 -17.16 -42.45 -28.61
C GLU A 601 -18.57 -42.57 -29.14
N ILE A 602 -18.79 -43.43 -30.15
CA ILE A 602 -20.14 -43.65 -30.68
C ILE A 602 -21.05 -44.24 -29.62
N GLN A 603 -20.50 -44.98 -28.66
CA GLN A 603 -21.27 -45.56 -27.58
C GLN A 603 -20.98 -44.92 -26.23
N CYS A 604 -20.17 -43.86 -26.20
CA CYS A 604 -19.83 -43.13 -24.97
C CYS A 604 -21.02 -42.40 -24.36
N LEU A 605 -22.18 -42.39 -25.03
CA LEU A 605 -23.40 -41.84 -24.43
C LEU A 605 -23.80 -42.54 -23.15
N GLY A 606 -23.37 -43.79 -22.95
CA GLY A 606 -23.66 -44.51 -21.71
C GLY A 606 -23.06 -43.89 -20.46
N LEU A 607 -22.17 -42.91 -20.61
CA LEU A 607 -21.57 -42.22 -19.47
C LEU A 607 -22.62 -41.48 -18.64
N SER A 608 -22.92 -42.00 -17.45
CA SER A 608 -23.89 -41.41 -16.56
C SER A 608 -23.16 -40.56 -15.52
N LEU A 609 -23.89 -40.14 -14.49
CA LEU A 609 -23.31 -39.35 -13.40
C LEU A 609 -22.36 -40.25 -12.61
N ILE A 610 -21.06 -40.12 -12.87
CA ILE A 610 -20.04 -40.87 -12.15
C ILE A 610 -18.97 -39.90 -11.68
N GLY A 611 -18.39 -40.21 -10.52
CA GLY A 611 -17.39 -39.37 -9.91
C GLY A 611 -17.93 -38.26 -9.02
N TYR A 612 -19.24 -38.15 -8.89
CA TYR A 612 -19.84 -37.13 -8.04
C TYR A 612 -21.01 -37.70 -7.24
N THR A 623 -13.51 -34.90 -10.61
CA THR A 623 -13.05 -33.51 -10.58
C THR A 623 -11.85 -33.33 -11.51
N GLY A 624 -11.50 -34.39 -12.23
CA GLY A 624 -10.38 -34.32 -13.16
C GLY A 624 -10.74 -33.53 -14.40
N HIS A 625 -9.98 -32.46 -14.68
CA HIS A 625 -10.21 -31.68 -15.89
C HIS A 625 -9.92 -32.48 -17.15
N LEU A 626 -9.01 -33.47 -17.05
CA LEU A 626 -8.69 -34.32 -18.20
C LEU A 626 -9.92 -35.06 -18.71
N LEU A 627 -10.84 -35.43 -17.82
CA LEU A 627 -12.05 -36.13 -18.24
C LEU A 627 -12.94 -35.22 -19.09
N ALA A 628 -13.16 -33.99 -18.62
CA ALA A 628 -13.95 -33.03 -19.38
C ALA A 628 -13.25 -32.66 -20.69
N LYS A 629 -11.92 -32.49 -20.64
CA LYS A 629 -11.15 -32.24 -21.85
C LYS A 629 -11.30 -33.37 -22.85
N ILE A 630 -11.29 -34.61 -22.38
CA ILE A 630 -11.48 -35.76 -23.26
C ILE A 630 -12.87 -35.73 -23.87
N LEU A 631 -13.88 -35.37 -23.08
CA LEU A 631 -15.26 -35.31 -23.57
C LEU A 631 -15.40 -34.29 -24.70
N VAL A 632 -14.93 -33.07 -24.46
CA VAL A 632 -15.09 -32.00 -25.45
C VAL A 632 -14.24 -32.29 -26.68
N SER A 633 -13.04 -32.85 -26.49
CA SER A 633 -12.18 -33.17 -27.63
C SER A 633 -12.77 -34.29 -28.48
N SER A 634 -13.45 -35.25 -27.86
CA SER A 634 -14.14 -36.29 -28.62
C SER A 634 -15.28 -35.72 -29.44
N LEU A 635 -16.04 -34.79 -28.86
CA LEU A 635 -17.13 -34.14 -29.60
C LEU A 635 -16.60 -33.37 -30.80
N TYR A 636 -15.48 -32.65 -30.62
CA TYR A 636 -14.98 -31.77 -31.67
C TYR A 636 -14.19 -32.53 -32.73
N ARG A 637 -13.54 -33.64 -32.35
CA ARG A 637 -12.69 -34.38 -33.29
C ARG A 637 -13.47 -34.85 -34.51
N PHE A 638 -14.70 -35.32 -34.31
CA PHE A 638 -15.56 -35.65 -35.44
C PHE A 638 -16.44 -34.47 -35.84
N LYS A 639 -17.30 -34.02 -34.90
CA LYS A 639 -18.18 -32.85 -35.05
C LYS A 639 -19.07 -32.93 -36.28
N ASP A 640 -19.26 -34.11 -36.87
CA ASP A 640 -20.08 -34.25 -38.06
C ASP A 640 -20.98 -35.48 -38.02
N VAL A 641 -21.04 -36.18 -36.89
CA VAL A 641 -21.94 -37.32 -36.72
C VAL A 641 -23.14 -36.86 -35.89
N ALA A 642 -24.32 -36.94 -36.49
CA ALA A 642 -25.54 -36.41 -35.90
C ALA A 642 -25.80 -36.95 -34.50
N GLU A 643 -25.64 -38.26 -34.30
CA GLU A 643 -26.06 -38.88 -33.05
C GLU A 643 -25.12 -38.56 -31.88
N ILE A 644 -23.81 -38.55 -32.12
CA ILE A 644 -22.88 -38.34 -31.01
C ILE A 644 -22.99 -36.91 -30.48
N GLN A 645 -23.33 -35.96 -31.36
CA GLN A 645 -23.51 -34.57 -30.93
C GLN A 645 -24.66 -34.45 -29.94
N THR A 646 -25.82 -34.99 -30.30
CA THR A 646 -26.97 -34.93 -29.40
C THR A 646 -26.71 -35.74 -28.13
N LYS A 647 -26.07 -36.90 -28.27
CA LYS A 647 -25.75 -37.73 -27.11
C LYS A 647 -24.79 -37.01 -26.17
N GLY A 648 -23.71 -36.45 -26.73
CA GLY A 648 -22.76 -35.71 -25.93
C GLY A 648 -23.32 -34.46 -25.30
N PHE A 649 -24.27 -33.81 -25.97
CA PHE A 649 -24.93 -32.64 -25.40
C PHE A 649 -25.79 -33.03 -24.20
N GLN A 650 -26.50 -34.14 -24.31
CA GLN A 650 -27.23 -34.67 -23.16
C GLN A 650 -26.29 -35.00 -22.00
N THR A 651 -25.12 -35.58 -22.31
CA THR A 651 -24.17 -35.93 -21.27
C THR A 651 -23.63 -34.70 -20.54
N ILE A 652 -23.22 -33.69 -21.30
CA ILE A 652 -22.67 -32.48 -20.68
C ILE A 652 -23.76 -31.72 -19.91
N LEU A 653 -25.01 -31.76 -20.40
CA LEU A 653 -26.12 -31.17 -19.67
C LEU A 653 -26.33 -31.82 -18.31
N ALA A 654 -26.27 -33.14 -18.25
CA ALA A 654 -26.43 -33.85 -16.98
C ALA A 654 -25.36 -33.46 -15.97
N ILE A 655 -24.09 -33.41 -16.39
CA ILE A 655 -23.01 -33.19 -15.43
C ILE A 655 -22.98 -31.75 -14.93
N LEU A 656 -23.38 -30.79 -15.75
CA LEU A 656 -23.48 -29.41 -15.27
C LEU A 656 -24.63 -29.22 -14.29
N LYS A 657 -25.72 -29.97 -14.46
CA LYS A 657 -26.77 -30.00 -13.46
C LYS A 657 -26.26 -30.57 -12.13
N LEU A 658 -25.29 -31.48 -12.20
CA LEU A 658 -24.70 -32.03 -10.97
C LEU A 658 -23.82 -31.00 -10.26
N SER A 659 -23.06 -30.22 -11.02
CA SER A 659 -22.15 -29.24 -10.45
C SER A 659 -22.06 -28.03 -11.36
N ALA A 660 -22.31 -26.85 -10.80
CA ALA A 660 -22.19 -25.61 -11.56
C ALA A 660 -20.74 -25.21 -11.83
N SER A 661 -19.80 -25.68 -11.01
CA SER A 661 -18.38 -25.40 -11.26
C SER A 661 -17.89 -26.05 -12.55
N PHE A 662 -18.61 -27.04 -13.07
CA PHE A 662 -18.26 -27.64 -14.36
C PHE A 662 -18.33 -26.62 -15.50
N SER A 663 -19.24 -25.65 -15.40
CA SER A 663 -19.39 -24.65 -16.46
C SER A 663 -18.13 -23.81 -16.64
N LYS A 664 -17.46 -23.47 -15.53
CA LYS A 664 -16.25 -22.66 -15.60
C LYS A 664 -15.17 -23.36 -16.42
N LEU A 665 -14.79 -24.57 -16.02
CA LEU A 665 -13.77 -25.33 -16.74
C LEU A 665 -14.21 -25.66 -18.17
N LEU A 666 -15.51 -25.81 -18.39
CA LEU A 666 -16.02 -26.16 -19.72
C LEU A 666 -15.73 -25.06 -20.73
N VAL A 667 -16.19 -23.84 -20.44
CA VAL A 667 -15.93 -22.68 -21.30
C VAL A 667 -14.45 -22.33 -21.33
N HIS A 668 -13.68 -22.80 -20.35
CA HIS A 668 -12.26 -22.49 -20.30
C HIS A 668 -11.48 -23.24 -21.38
N HIS A 669 -11.73 -24.53 -21.54
CA HIS A 669 -10.87 -25.35 -22.38
C HIS A 669 -11.21 -25.23 -23.87
N SER A 670 -12.38 -25.73 -24.28
CA SER A 670 -12.66 -25.75 -25.71
C SER A 670 -14.12 -25.53 -26.07
N PHE A 671 -15.01 -25.16 -25.13
CA PHE A 671 -16.45 -25.17 -25.36
C PHE A 671 -16.84 -24.32 -26.56
N ASP A 672 -16.19 -23.16 -26.72
CA ASP A 672 -16.51 -22.26 -27.82
C ASP A 672 -16.23 -22.89 -29.18
N LEU A 673 -15.06 -23.54 -29.31
CA LEU A 673 -14.61 -24.05 -30.60
C LEU A 673 -15.60 -25.05 -31.22
N VAL A 674 -16.36 -25.76 -30.39
CA VAL A 674 -17.35 -26.71 -30.88
C VAL A 674 -18.75 -26.10 -30.92
N ILE A 675 -19.10 -25.23 -29.96
CA ILE A 675 -20.45 -24.69 -29.87
C ILE A 675 -20.73 -23.75 -31.04
N PHE A 676 -19.81 -22.80 -31.28
CA PHE A 676 -19.97 -21.87 -32.39
C PHE A 676 -19.97 -22.61 -33.72
N HIS A 677 -19.14 -23.64 -33.85
CA HIS A 677 -19.07 -24.40 -35.10
C HIS A 677 -20.40 -25.10 -35.40
N GLN A 678 -21.02 -25.70 -34.39
CA GLN A 678 -22.25 -26.45 -34.65
C GLN A 678 -23.44 -25.52 -34.84
N MET A 679 -23.49 -24.40 -34.11
CA MET A 679 -24.63 -23.49 -34.22
C MET A 679 -24.54 -22.58 -35.44
N SER A 680 -23.38 -22.44 -36.06
CA SER A 680 -23.25 -21.63 -37.27
C SER A 680 -23.19 -22.46 -38.54
N SER A 681 -23.13 -23.77 -38.45
CA SER A 681 -23.08 -24.64 -39.64
C SER A 681 -24.49 -24.99 -40.11
N ASN A 682 -25.24 -23.93 -40.45
CA ASN A 682 -26.62 -24.04 -40.95
C ASN A 682 -27.50 -24.80 -39.97
N ILE A 683 -27.42 -24.42 -38.69
CA ILE A 683 -28.25 -25.06 -37.67
C ILE A 683 -29.72 -24.81 -37.91
N MET A 684 -30.06 -23.68 -38.56
CA MET A 684 -31.44 -23.40 -38.92
C MET A 684 -31.80 -24.14 -40.19
N GLU A 685 -33.07 -24.01 -40.60
CA GLU A 685 -33.62 -24.62 -41.82
C GLU A 685 -33.49 -26.14 -41.80
N GLN A 686 -33.49 -26.74 -40.61
CA GLN A 686 -33.40 -28.18 -40.45
C GLN A 686 -34.39 -28.63 -39.38
N LYS A 687 -35.00 -29.79 -39.60
CA LYS A 687 -35.99 -30.34 -38.66
C LYS A 687 -35.30 -30.98 -37.45
N ASP A 688 -34.53 -30.16 -36.74
CA ASP A 688 -33.79 -30.59 -35.56
C ASP A 688 -34.26 -29.80 -34.34
N GLN A 689 -35.57 -29.63 -34.19
CA GLN A 689 -36.12 -28.79 -33.13
C GLN A 689 -35.70 -29.27 -31.74
N GLN A 690 -35.74 -30.58 -31.51
CA GLN A 690 -35.27 -31.13 -30.24
C GLN A 690 -33.77 -30.92 -30.07
N PHE A 691 -33.00 -31.07 -31.14
CA PHE A 691 -31.56 -30.83 -31.08
C PHE A 691 -31.25 -29.40 -30.64
N LEU A 692 -31.84 -28.41 -31.34
CA LEU A 692 -31.65 -27.01 -30.97
C LEU A 692 -32.11 -26.74 -29.54
N ASN A 693 -33.19 -27.41 -29.10
CA ASN A 693 -33.69 -27.22 -27.74
C ASN A 693 -32.64 -27.59 -26.71
N LEU A 694 -31.95 -28.72 -26.90
CA LEU A 694 -30.91 -29.12 -25.96
C LEU A 694 -29.74 -28.15 -25.98
N CYS A 695 -29.35 -27.67 -27.18
CA CYS A 695 -28.26 -26.71 -27.27
C CYS A 695 -28.62 -25.41 -26.56
N CYS A 696 -29.85 -24.94 -26.72
CA CYS A 696 -30.28 -23.73 -26.04
C CYS A 696 -30.42 -23.94 -24.54
N LYS A 697 -30.79 -25.15 -24.11
CA LYS A 697 -30.79 -25.45 -22.68
C LYS A 697 -29.38 -25.36 -22.12
N CYS A 698 -28.39 -25.91 -22.83
CA CYS A 698 -27.00 -25.77 -22.41
C CYS A 698 -26.57 -24.31 -22.42
N PHE A 699 -27.02 -23.53 -23.41
CA PHE A 699 -26.73 -22.10 -23.47
C PHE A 699 -27.23 -21.38 -22.22
N ALA A 700 -28.51 -21.58 -21.89
CA ALA A 700 -29.06 -20.95 -20.68
C ALA A 700 -28.35 -21.41 -19.42
N LYS A 701 -27.81 -22.64 -19.43
CA LYS A 701 -27.07 -23.13 -18.27
C LYS A 701 -25.74 -22.40 -18.11
N VAL A 702 -25.01 -22.19 -19.21
CA VAL A 702 -23.74 -21.48 -19.12
C VAL A 702 -23.91 -19.97 -19.11
N ALA A 703 -25.13 -19.48 -19.34
CA ALA A 703 -25.36 -18.04 -19.35
C ALA A 703 -25.17 -17.41 -17.96
N MET A 704 -25.26 -18.20 -16.90
CA MET A 704 -25.01 -17.69 -15.56
C MET A 704 -23.54 -17.29 -15.43
N ASP A 705 -23.24 -16.50 -14.40
CA ASP A 705 -21.90 -15.96 -14.14
C ASP A 705 -21.40 -15.18 -15.36
N ASP A 706 -22.08 -14.05 -15.60
CA ASP A 706 -21.93 -13.23 -16.80
C ASP A 706 -20.48 -12.90 -17.17
N TYR A 707 -19.54 -13.00 -16.22
CA TYR A 707 -18.12 -12.93 -16.55
C TYR A 707 -17.74 -13.94 -17.63
N LEU A 708 -18.28 -15.15 -17.53
CA LEU A 708 -18.08 -16.17 -18.57
C LEU A 708 -18.64 -15.72 -19.91
N LYS A 709 -19.76 -15.00 -19.92
CA LYS A 709 -20.30 -14.46 -21.15
C LYS A 709 -19.33 -13.49 -21.81
N ASN A 710 -18.65 -12.67 -21.00
CA ASN A 710 -17.64 -11.77 -21.54
C ASN A 710 -16.49 -12.55 -22.16
N VAL A 711 -16.09 -13.67 -21.54
CA VAL A 711 -15.09 -14.54 -22.13
C VAL A 711 -15.58 -15.08 -23.47
N MET A 712 -16.85 -15.51 -23.53
CA MET A 712 -17.42 -16.03 -24.78
C MET A 712 -17.43 -14.95 -25.85
N LEU A 713 -17.73 -13.70 -25.46
CA LEU A 713 -17.73 -12.60 -26.40
C LEU A 713 -16.34 -12.34 -26.95
N GLU A 714 -15.33 -12.33 -26.07
CA GLU A 714 -13.95 -12.15 -26.51
C GLU A 714 -13.53 -13.22 -27.50
N ARG A 715 -13.89 -14.48 -27.23
CA ARG A 715 -13.54 -15.56 -28.14
C ARG A 715 -14.34 -15.49 -29.43
N ALA A 716 -15.60 -15.04 -29.35
CA ALA A 716 -16.44 -14.93 -30.53
C ALA A 716 -16.02 -13.77 -31.42
N CYS A 717 -15.36 -12.76 -30.86
CA CYS A 717 -14.83 -11.66 -31.64
C CYS A 717 -13.44 -11.95 -32.19
N ASP A 718 -12.65 -12.76 -31.48
CA ASP A 718 -11.35 -13.18 -32.00
C ASP A 718 -11.48 -13.91 -33.33
N GLN A 719 -12.56 -14.68 -33.50
CA GLN A 719 -12.91 -15.23 -34.80
C GLN A 719 -13.96 -14.35 -35.48
N ASN A 720 -14.09 -14.53 -36.79
CA ASN A 720 -15.00 -13.71 -37.60
C ASN A 720 -16.33 -14.43 -37.76
N ASN A 721 -17.12 -14.42 -36.68
CA ASN A 721 -18.45 -15.08 -36.66
C ASN A 721 -19.46 -14.07 -36.12
N SER A 722 -19.98 -13.22 -37.01
CA SER A 722 -20.94 -12.21 -36.60
C SER A 722 -22.34 -12.77 -36.36
N ILE A 723 -22.54 -14.07 -36.57
CA ILE A 723 -23.86 -14.65 -36.44
C ILE A 723 -24.24 -14.81 -34.98
N MET A 724 -23.26 -15.14 -34.13
CA MET A 724 -23.53 -15.38 -32.71
C MET A 724 -23.15 -14.24 -31.79
N VAL A 725 -22.27 -13.32 -32.23
CA VAL A 725 -21.94 -12.14 -31.43
C VAL A 725 -23.19 -11.35 -31.09
N GLU A 726 -24.13 -11.24 -32.04
CA GLU A 726 -25.38 -10.52 -31.79
C GLU A 726 -26.16 -11.16 -30.66
N CYS A 727 -26.22 -12.51 -30.64
CA CYS A 727 -26.89 -13.20 -29.55
C CYS A 727 -26.26 -12.90 -28.20
N LEU A 728 -24.91 -12.93 -28.13
CA LEU A 728 -24.24 -12.62 -26.87
C LEU A 728 -24.52 -11.20 -26.41
N LEU A 729 -24.59 -10.25 -27.35
CA LEU A 729 -24.91 -8.87 -26.99
C LEU A 729 -26.34 -8.74 -26.51
N LEU A 730 -27.26 -9.48 -27.15
CA LEU A 730 -28.67 -9.40 -26.80
C LEU A 730 -28.93 -10.00 -25.42
N LEU A 731 -28.26 -11.11 -25.08
CA LEU A 731 -28.39 -11.66 -23.74
C LEU A 731 -27.82 -10.74 -22.67
N GLY A 732 -26.98 -9.79 -23.07
CA GLY A 732 -26.40 -8.84 -22.14
C GLY A 732 -24.94 -9.13 -21.87
N ALA A 733 -24.05 -8.41 -22.56
CA ALA A 733 -22.62 -8.59 -22.40
C ALA A 733 -21.94 -7.23 -22.46
N ASP A 734 -21.07 -6.95 -21.49
CA ASP A 734 -20.39 -5.67 -21.40
C ASP A 734 -19.36 -5.58 -22.51
N ALA A 735 -19.74 -4.96 -23.63
CA ALA A 735 -18.83 -4.78 -24.75
C ALA A 735 -17.65 -3.88 -24.43
N ASN A 736 -17.68 -3.15 -23.31
CA ASN A 736 -16.55 -2.35 -22.86
C ASN A 736 -15.73 -3.06 -21.78
N GLN A 737 -15.64 -4.39 -21.85
CA GLN A 737 -15.00 -5.16 -20.78
C GLN A 737 -13.49 -4.93 -20.77
N ALA A 738 -12.81 -5.27 -21.86
CA ALA A 738 -11.36 -5.18 -21.92
C ALA A 738 -10.94 -3.75 -22.24
N SER A 742 -6.46 -2.16 -24.33
CA SER A 742 -6.95 -2.61 -25.63
C SER A 742 -8.35 -3.17 -25.52
N SER A 743 -9.34 -2.30 -25.72
CA SER A 743 -10.75 -2.69 -25.62
C SER A 743 -11.12 -3.64 -26.77
N LEU A 744 -12.36 -4.11 -26.73
CA LEU A 744 -12.83 -5.09 -27.69
C LEU A 744 -12.78 -4.55 -29.11
N ILE A 745 -13.27 -3.32 -29.31
CA ILE A 745 -13.43 -2.77 -30.65
C ILE A 745 -12.07 -2.61 -31.32
N CYS A 746 -11.05 -2.19 -30.56
CA CYS A 746 -9.70 -2.10 -31.12
C CYS A 746 -9.16 -3.46 -31.53
N GLN A 747 -9.47 -4.50 -30.75
CA GLN A 747 -9.03 -5.85 -31.09
C GLN A 747 -9.69 -6.33 -32.38
N VAL A 748 -11.02 -6.20 -32.48
CA VAL A 748 -11.76 -6.61 -33.66
C VAL A 748 -11.25 -5.86 -34.89
N CYS A 749 -11.01 -4.56 -34.75
CA CYS A 749 -10.62 -3.76 -35.91
C CYS A 749 -9.16 -4.00 -36.30
N GLU A 750 -8.31 -4.38 -35.34
CA GLU A 750 -6.90 -4.62 -35.65
C GLU A 750 -6.74 -5.76 -36.66
N LYS A 751 -7.28 -6.93 -36.33
CA LYS A 751 -7.35 -8.04 -37.27
C LYS A 751 -8.43 -7.80 -38.32
N GLU A 752 -8.28 -8.48 -39.46
CA GLU A 752 -9.27 -8.38 -40.52
C GLU A 752 -10.61 -8.94 -40.07
N SER A 753 -11.63 -8.09 -40.04
CA SER A 753 -12.95 -8.45 -39.57
C SER A 753 -13.99 -8.10 -40.64
N SER A 754 -15.25 -8.37 -40.32
CA SER A 754 -16.39 -8.13 -41.19
C SER A 754 -17.14 -6.88 -40.76
N PRO A 755 -17.69 -6.14 -41.74
CA PRO A 755 -18.49 -4.95 -41.40
C PRO A 755 -19.65 -5.23 -40.46
N LYS A 756 -20.26 -6.42 -40.53
CA LYS A 756 -21.38 -6.74 -39.66
C LYS A 756 -20.96 -6.77 -38.19
N LEU A 757 -19.76 -7.30 -37.91
CA LEU A 757 -19.30 -7.44 -36.53
C LEU A 757 -19.03 -6.09 -35.88
N VAL A 758 -18.27 -5.22 -36.56
CA VAL A 758 -17.98 -3.89 -36.02
C VAL A 758 -19.26 -3.08 -35.85
N GLU A 759 -20.21 -3.26 -36.77
CA GLU A 759 -21.51 -2.57 -36.65
C GLU A 759 -22.24 -2.99 -35.38
N LEU A 760 -22.29 -4.31 -35.11
CA LEU A 760 -22.97 -4.79 -33.92
C LEU A 760 -22.30 -4.32 -32.65
N LEU A 761 -20.98 -4.11 -32.68
CA LEU A 761 -20.27 -3.61 -31.51
C LEU A 761 -20.51 -2.12 -31.30
N LEU A 762 -20.63 -1.36 -32.38
CA LEU A 762 -20.91 0.07 -32.27
C LEU A 762 -22.33 0.33 -31.79
N ASN A 763 -23.28 -0.50 -32.25
CA ASN A 763 -24.68 -0.32 -31.86
C ASN A 763 -24.86 -0.54 -30.36
N SER A 764 -24.18 -1.54 -29.81
CA SER A 764 -24.12 -1.69 -28.37
C SER A 764 -23.16 -0.66 -27.79
N GLY A 765 -23.29 -0.41 -26.49
CA GLY A 765 -22.51 0.65 -25.86
C GLY A 765 -21.03 0.32 -25.85
N SER A 766 -20.22 1.29 -26.24
CA SER A 766 -18.78 1.17 -26.19
C SER A 766 -18.16 2.55 -26.05
N ARG A 767 -17.18 2.66 -25.15
CA ARG A 767 -16.62 3.94 -24.74
C ARG A 767 -16.13 4.74 -25.95
N GLU A 768 -16.31 6.06 -25.89
CA GLU A 768 -15.95 6.93 -27.01
C GLU A 768 -14.44 6.92 -27.26
N GLN A 769 -13.64 6.89 -26.19
CA GLN A 769 -12.19 6.83 -26.34
C GLN A 769 -11.76 5.55 -27.06
N ASP A 770 -12.40 4.43 -26.75
CA ASP A 770 -12.10 3.18 -27.45
C ASP A 770 -12.41 3.29 -28.94
N VAL A 771 -13.56 3.89 -29.29
CA VAL A 771 -13.93 4.07 -30.69
C VAL A 771 -12.93 4.97 -31.40
N ARG A 772 -12.45 6.02 -30.71
CA ARG A 772 -11.46 6.91 -31.29
C ARG A 772 -10.16 6.18 -31.60
N LYS A 773 -9.69 5.36 -30.65
CA LYS A 773 -8.49 4.56 -30.89
C LYS A 773 -8.69 3.58 -32.04
N ALA A 774 -9.89 3.02 -32.16
CA ALA A 774 -10.19 2.11 -33.26
C ALA A 774 -10.18 2.83 -34.61
N LEU A 775 -10.60 4.09 -34.64
CA LEU A 775 -10.53 4.86 -35.88
C LEU A 775 -9.09 5.08 -36.32
N THR A 776 -8.21 5.43 -35.38
CA THR A 776 -6.79 5.56 -35.68
C THR A 776 -6.22 4.25 -36.24
N ILE A 777 -6.57 3.12 -35.63
CA ILE A 777 -6.10 1.82 -36.09
C ILE A 777 -6.53 1.59 -37.54
N SER A 778 -7.82 1.71 -37.81
CA SER A 778 -8.35 1.46 -39.15
C SER A 778 -7.84 2.46 -40.18
N ILE A 779 -7.40 3.65 -39.74
CA ILE A 779 -6.73 4.57 -40.64
C ILE A 779 -5.39 3.99 -41.10
N GLY A 780 -4.64 3.38 -40.17
CA GLY A 780 -3.39 2.74 -40.51
C GLY A 780 -3.53 1.65 -41.56
N LYS A 781 -4.40 0.68 -41.30
CA LYS A 781 -4.70 -0.39 -42.25
C LYS A 781 -5.89 0.07 -43.07
N GLY A 782 -5.60 0.76 -44.18
CA GLY A 782 -6.61 1.42 -44.99
C GLY A 782 -7.75 0.54 -45.48
N ASP A 783 -8.94 0.78 -44.93
CA ASP A 783 -10.13 0.00 -45.30
C ASP A 783 -11.33 0.93 -45.23
N SER A 784 -11.86 1.32 -46.40
CA SER A 784 -12.91 2.32 -46.46
C SER A 784 -14.16 1.89 -45.70
N GLN A 785 -14.45 0.58 -45.69
CA GLN A 785 -15.69 0.08 -45.13
C GLN A 785 -15.75 0.30 -43.62
N ILE A 786 -14.72 -0.11 -42.90
CA ILE A 786 -14.70 0.03 -41.45
C ILE A 786 -14.56 1.49 -41.05
N ILE A 787 -13.85 2.29 -41.87
CA ILE A 787 -13.72 3.72 -41.60
C ILE A 787 -15.08 4.40 -41.60
N SER A 788 -15.88 4.15 -42.64
CA SER A 788 -17.24 4.70 -42.71
C SER A 788 -18.12 4.20 -41.57
N LEU A 789 -18.00 2.92 -41.21
CA LEU A 789 -18.78 2.36 -40.11
C LEU A 789 -18.55 3.12 -38.81
N LEU A 790 -17.31 3.54 -38.56
CA LEU A 790 -16.98 4.24 -37.32
C LEU A 790 -17.40 5.71 -37.40
N LEU A 791 -17.11 6.37 -38.52
CA LEU A 791 -17.47 7.78 -38.68
C LEU A 791 -18.97 8.01 -38.63
N ARG A 792 -19.77 7.00 -38.98
CA ARG A 792 -21.22 7.11 -38.83
C ARG A 792 -21.66 7.14 -37.38
N ARG A 793 -20.77 6.85 -36.45
CA ARG A 793 -21.05 6.91 -35.02
C ARG A 793 -20.40 8.08 -34.33
N LEU A 794 -19.16 8.41 -34.71
CA LEU A 794 -18.44 9.48 -34.03
C LEU A 794 -18.88 10.86 -34.49
N ALA A 795 -19.09 11.04 -35.79
CA ALA A 795 -19.18 12.36 -36.40
C ALA A 795 -20.36 12.44 -37.37
N LEU A 796 -21.54 12.05 -36.90
CA LEU A 796 -22.74 12.22 -37.71
C LEU A 796 -23.94 12.48 -36.82
N ASP A 797 -24.63 13.59 -37.08
CA ASP A 797 -25.85 13.96 -36.37
C ASP A 797 -26.93 14.16 -37.43
N VAL A 798 -27.88 13.22 -37.50
CA VAL A 798 -28.88 13.27 -38.56
C VAL A 798 -29.88 14.40 -38.33
N ALA A 799 -30.07 14.80 -37.08
CA ALA A 799 -30.99 15.90 -36.78
C ALA A 799 -30.53 17.20 -37.41
N ASN A 800 -29.24 17.54 -37.23
CA ASN A 800 -28.68 18.77 -37.78
C ASN A 800 -28.34 18.67 -39.26
N ASN A 801 -28.22 17.46 -39.82
CA ASN A 801 -27.69 17.23 -41.17
C ASN A 801 -26.28 17.81 -41.29
N SER A 802 -25.37 17.27 -40.47
CA SER A 802 -24.02 17.79 -40.42
C SER A 802 -23.02 16.69 -40.09
N ILE A 803 -21.90 16.71 -40.79
CA ILE A 803 -20.73 15.91 -40.44
C ILE A 803 -19.82 16.75 -39.57
N CYS A 804 -19.36 16.17 -38.46
CA CYS A 804 -18.65 16.94 -37.44
C CYS A 804 -17.24 16.42 -37.22
N LEU A 805 -16.50 16.20 -38.32
CA LEU A 805 -15.13 15.67 -38.25
C LEU A 805 -14.15 16.75 -37.80
N GLY A 806 -14.32 17.19 -36.56
CA GLY A 806 -13.48 18.24 -36.04
C GLY A 806 -12.49 17.78 -34.99
N GLY A 807 -11.21 17.79 -35.33
CA GLY A 807 -10.18 17.43 -34.38
C GLY A 807 -9.85 15.96 -34.27
N PHE A 808 -10.12 15.17 -35.31
CA PHE A 808 -9.84 13.74 -35.28
C PHE A 808 -8.45 13.38 -35.77
N CYS A 809 -7.69 14.36 -36.29
CA CYS A 809 -6.34 14.16 -36.80
C CYS A 809 -6.28 13.08 -37.88
N ILE A 810 -7.31 13.04 -38.71
CA ILE A 810 -7.28 12.19 -39.90
C ILE A 810 -6.38 12.84 -40.95
N GLY A 811 -5.14 12.36 -41.04
CA GLY A 811 -4.10 12.97 -41.86
C GLY A 811 -4.43 13.11 -43.34
N LYS A 812 -5.51 12.49 -43.80
CA LYS A 812 -5.91 12.57 -45.20
C LYS A 812 -7.43 12.59 -45.26
N VAL A 813 -7.98 12.49 -46.47
CA VAL A 813 -9.43 12.43 -46.66
C VAL A 813 -9.73 11.77 -48.00
N GLU A 814 -10.63 10.79 -47.99
CA GLU A 814 -11.00 10.05 -49.19
C GLU A 814 -12.51 10.06 -49.37
N PRO A 815 -12.98 10.22 -50.60
CA PRO A 815 -14.43 10.21 -50.84
C PRO A 815 -15.09 8.87 -50.54
N SER A 816 -14.35 7.77 -50.62
CA SER A 816 -14.89 6.45 -50.32
C SER A 816 -15.26 6.27 -48.86
N TRP A 817 -14.81 7.17 -47.98
CA TRP A 817 -15.14 7.11 -46.56
C TRP A 817 -16.42 7.88 -46.26
N LEU A 818 -16.49 9.14 -46.69
CA LEU A 818 -17.66 9.97 -46.50
C LEU A 818 -18.84 9.56 -47.38
N GLY A 819 -18.71 8.49 -48.17
CA GLY A 819 -19.77 8.04 -49.03
C GLY A 819 -21.02 7.64 -48.28
N PRO A 820 -20.94 6.58 -47.46
CA PRO A 820 -22.13 6.14 -46.71
C PRO A 820 -22.57 7.10 -45.63
N LEU A 821 -21.76 8.11 -45.29
CA LEU A 821 -22.20 9.11 -44.32
C LEU A 821 -23.35 9.95 -44.88
N PHE A 822 -23.25 10.35 -46.15
CA PHE A 822 -24.32 11.10 -46.78
C PHE A 822 -25.55 10.20 -46.95
N PRO A 823 -26.76 10.78 -46.93
CA PRO A 823 -27.98 9.93 -46.89
C PRO A 823 -28.08 8.89 -47.98
N ASP A 824 -27.74 9.24 -49.22
CA ASP A 824 -27.80 8.34 -50.38
C ASP A 824 -29.17 7.67 -50.49
N LYS A 825 -30.17 8.50 -50.80
CA LYS A 825 -31.58 8.14 -50.71
C LYS A 825 -31.99 6.88 -51.46
N THR A 826 -31.12 6.39 -52.36
CA THR A 826 -31.40 5.12 -53.04
C THR A 826 -31.50 3.97 -52.06
N SER A 827 -30.75 4.04 -50.97
CA SER A 827 -30.73 2.99 -49.96
C SER A 827 -32.09 2.89 -49.26
N ASN A 828 -32.38 1.70 -48.76
CA ASN A 828 -33.65 1.41 -48.10
C ASN A 828 -33.37 0.59 -46.85
N LEU A 829 -34.42 0.06 -46.24
CA LEU A 829 -34.32 -0.76 -45.05
C LEU A 829 -34.77 -2.17 -45.38
N ARG A 830 -33.96 -3.16 -44.99
CA ARG A 830 -34.28 -4.55 -45.24
C ARG A 830 -33.69 -5.41 -44.11
N LYS A 831 -34.53 -6.26 -43.53
CA LYS A 831 -34.09 -7.20 -42.50
C LYS A 831 -33.43 -8.37 -43.18
N GLN A 832 -32.10 -8.41 -43.15
CA GLN A 832 -31.36 -9.47 -43.82
C GLN A 832 -31.57 -10.82 -43.15
N THR A 833 -31.54 -10.86 -41.82
CA THR A 833 -31.74 -12.10 -41.10
C THR A 833 -32.36 -11.79 -39.74
N ASN A 834 -32.94 -12.82 -39.14
CA ASN A 834 -33.54 -12.70 -37.82
C ASN A 834 -33.24 -13.89 -36.92
N ILE A 835 -32.44 -14.85 -37.40
CA ILE A 835 -32.18 -16.08 -36.65
C ILE A 835 -31.51 -15.80 -35.31
N ALA A 836 -30.67 -14.77 -35.24
CA ALA A 836 -29.96 -14.47 -34.00
C ALA A 836 -30.89 -13.96 -32.92
N SER A 837 -31.83 -13.09 -33.29
CA SER A 837 -32.76 -12.53 -32.30
C SER A 837 -33.71 -13.60 -31.78
N THR A 838 -34.20 -14.48 -32.66
CA THR A 838 -35.09 -15.56 -32.22
C THR A 838 -34.33 -16.55 -31.35
N LEU A 839 -33.10 -16.90 -31.74
CA LEU A 839 -32.25 -17.74 -30.89
C LEU A 839 -32.07 -17.12 -29.51
N ALA A 840 -31.84 -15.81 -29.46
CA ALA A 840 -31.68 -15.11 -28.18
C ALA A 840 -32.97 -15.13 -27.37
N ARG A 841 -34.11 -14.98 -28.05
CA ARG A 841 -35.39 -15.01 -27.35
C ARG A 841 -35.66 -16.35 -26.68
N MET A 842 -35.39 -17.46 -27.38
CA MET A 842 -35.68 -18.78 -26.81
C MET A 842 -34.69 -19.17 -25.73
N VAL A 843 -33.41 -18.76 -25.83
CA VAL A 843 -32.49 -19.07 -24.73
C VAL A 843 -32.85 -18.25 -23.50
N ILE A 844 -33.35 -17.03 -23.69
CA ILE A 844 -33.81 -16.23 -22.56
C ILE A 844 -35.03 -16.86 -21.91
N ARG A 845 -35.95 -17.37 -22.73
CA ARG A 845 -37.12 -18.09 -22.19
C ARG A 845 -36.69 -19.33 -21.43
N TYR A 846 -35.70 -20.06 -21.96
CA TYR A 846 -35.22 -21.26 -21.27
C TYR A 846 -34.51 -20.91 -19.97
N GLN A 847 -33.75 -19.81 -19.97
CA GLN A 847 -33.12 -19.35 -18.74
C GLN A 847 -34.16 -18.94 -17.71
N MET A 848 -35.21 -18.23 -18.14
CA MET A 848 -36.28 -17.85 -17.23
C MET A 848 -37.01 -19.07 -16.70
N LYS A 849 -37.23 -20.07 -17.56
CA LYS A 849 -37.90 -21.29 -17.12
C LYS A 849 -37.01 -22.09 -16.18
N SER A 850 -35.70 -22.09 -16.42
CA SER A 850 -34.77 -22.77 -15.52
C SER A 850 -34.68 -22.05 -14.17
N ALA A 851 -34.82 -20.73 -14.16
CA ALA A 851 -34.84 -20.00 -12.91
C ALA A 851 -36.12 -20.27 -12.13
N VAL A 852 -37.25 -20.41 -12.84
CA VAL A 852 -38.51 -20.72 -12.16
C VAL A 852 -38.53 -22.15 -11.66
N GLU A 853 -37.91 -23.07 -12.41
CA GLU A 853 -37.87 -24.48 -12.02
C GLU A 853 -37.00 -24.70 -10.80
N ARG A 981 -34.52 13.43 -50.18
CA ARG A 981 -34.36 14.77 -49.62
C ARG A 981 -33.56 14.73 -48.32
N GLU A 982 -33.50 15.88 -47.65
CA GLU A 982 -32.78 16.05 -46.38
C GLU A 982 -31.30 15.72 -46.54
N TYR A 983 -30.65 16.45 -47.44
CA TYR A 983 -29.21 16.31 -47.64
C TYR A 983 -28.45 16.82 -46.42
N ILE A 984 -27.13 16.58 -46.44
CA ILE A 984 -26.23 17.08 -45.41
C ILE A 984 -25.80 18.49 -45.81
N THR A 985 -26.04 19.46 -44.92
CA THR A 985 -25.77 20.85 -45.20
C THR A 985 -24.59 21.40 -44.39
N SER A 986 -23.64 20.53 -44.02
CA SER A 986 -22.44 20.97 -43.32
C SER A 986 -21.39 19.88 -43.42
N LEU A 987 -20.12 20.31 -43.42
CA LEU A 987 -19.01 19.36 -43.47
C LEU A 987 -17.83 20.03 -42.76
N ASP A 988 -17.65 19.67 -41.48
CA ASP A 988 -16.58 20.21 -40.66
C ASP A 988 -15.36 19.32 -40.84
N LEU A 989 -14.31 19.85 -41.46
CA LEU A 989 -13.03 19.15 -41.57
C LEU A 989 -11.94 19.87 -40.80
N SER A 990 -12.32 20.75 -39.88
CA SER A 990 -11.35 21.58 -39.17
C SER A 990 -10.45 20.75 -38.26
N ALA A 991 -9.17 21.12 -38.23
CA ALA A 991 -8.20 20.58 -37.27
C ALA A 991 -7.98 19.08 -37.44
N ASN A 992 -8.01 18.61 -38.69
CA ASN A 992 -7.71 17.22 -38.98
C ASN A 992 -6.30 17.02 -39.51
N GLU A 993 -5.44 18.04 -39.41
CA GLU A 993 -4.04 17.99 -39.87
C GLU A 993 -3.92 17.59 -41.34
N LEU A 994 -4.90 17.99 -42.16
CA LEU A 994 -4.84 17.75 -43.59
C LEU A 994 -3.64 18.43 -44.23
N ARG A 995 -3.34 18.01 -45.46
CA ARG A 995 -2.27 18.60 -46.24
C ARG A 995 -2.67 18.87 -47.68
N ASP A 996 -3.84 18.42 -48.10
CA ASP A 996 -4.44 18.64 -49.41
C ASP A 996 -5.82 18.00 -49.39
N ILE A 997 -6.68 18.43 -50.32
CA ILE A 997 -7.99 17.83 -50.49
C ILE A 997 -8.17 17.46 -51.96
N ASP A 998 -7.04 17.27 -52.66
CA ASP A 998 -7.05 16.92 -54.08
C ASP A 998 -7.82 15.64 -54.38
N ALA A 999 -7.97 14.75 -53.39
CA ALA A 999 -8.67 13.48 -53.57
C ALA A 999 -10.17 13.64 -53.75
N LEU A 1000 -10.70 14.85 -53.80
CA LEU A 1000 -12.12 15.11 -54.02
C LEU A 1000 -12.27 15.66 -55.44
N SER A 1001 -12.42 14.75 -56.40
CA SER A 1001 -12.49 15.12 -57.81
C SER A 1001 -13.16 13.98 -58.56
N GLN A 1002 -14.33 14.27 -59.16
CA GLN A 1002 -15.18 13.27 -59.79
C GLN A 1002 -15.43 12.09 -58.85
N LYS A 1003 -15.74 12.42 -57.60
CA LYS A 1003 -15.71 11.47 -56.51
C LYS A 1003 -16.74 10.36 -56.68
N CYS A 1004 -16.53 9.28 -55.91
CA CYS A 1004 -17.44 8.14 -55.91
C CYS A 1004 -18.70 8.49 -55.15
N CYS A 1005 -19.74 8.94 -55.86
CA CYS A 1005 -21.07 9.23 -55.34
C CYS A 1005 -21.07 10.37 -54.33
N ILE A 1006 -19.92 11.00 -54.11
CA ILE A 1006 -19.85 12.17 -53.24
C ILE A 1006 -19.99 13.47 -54.02
N SER A 1007 -19.78 13.44 -55.35
CA SER A 1007 -19.89 14.65 -56.16
C SER A 1007 -21.33 15.16 -56.18
N VAL A 1008 -22.30 14.27 -56.34
CA VAL A 1008 -23.70 14.67 -56.40
C VAL A 1008 -24.18 15.18 -55.05
N HIS A 1009 -23.49 14.84 -53.96
CA HIS A 1009 -23.89 15.29 -52.63
C HIS A 1009 -23.24 16.61 -52.24
N LEU A 1010 -22.04 16.90 -52.74
CA LEU A 1010 -21.40 18.17 -52.45
C LEU A 1010 -22.12 19.36 -53.09
N GLU A 1011 -22.91 19.13 -54.13
CA GLU A 1011 -23.66 20.19 -54.78
C GLU A 1011 -24.71 20.82 -53.86
N HIS A 1012 -25.05 20.17 -52.74
CA HIS A 1012 -26.04 20.68 -51.81
C HIS A 1012 -25.42 21.04 -50.46
N LEU A 1013 -24.10 21.21 -50.39
CA LEU A 1013 -23.44 21.61 -49.17
C LEU A 1013 -23.61 23.12 -48.96
N GLU A 1014 -23.93 23.51 -47.72
CA GLU A 1014 -24.12 24.91 -47.38
C GLU A 1014 -23.16 25.40 -46.30
N LYS A 1015 -22.07 24.66 -46.05
CA LYS A 1015 -21.03 25.06 -45.13
C LYS A 1015 -19.86 24.09 -45.25
N LEU A 1016 -18.63 24.61 -45.19
CA LEU A 1016 -17.44 23.77 -45.31
C LEU A 1016 -16.34 24.39 -44.44
N GLU A 1017 -16.24 23.92 -43.20
CA GLU A 1017 -15.22 24.39 -42.27
C GLU A 1017 -13.91 23.65 -42.52
N LEU A 1018 -12.90 24.35 -43.03
CA LEU A 1018 -11.60 23.78 -43.32
C LEU A 1018 -10.49 24.46 -42.53
N HIS A 1019 -10.83 25.09 -41.42
CA HIS A 1019 -9.86 25.91 -40.70
C HIS A 1019 -8.97 25.08 -39.79
N GLN A 1020 -7.86 25.72 -39.37
CA GLN A 1020 -6.82 25.14 -38.52
C GLN A 1020 -6.16 23.91 -39.13
N ASN A 1021 -6.29 23.70 -40.44
CA ASN A 1021 -5.52 22.68 -41.13
C ASN A 1021 -4.24 23.29 -41.67
N ALA A 1022 -3.53 22.54 -42.53
CA ALA A 1022 -2.39 23.05 -43.29
C ALA A 1022 -2.58 22.69 -44.76
N LEU A 1023 -3.36 23.50 -45.47
CA LEU A 1023 -3.55 23.38 -46.90
C LEU A 1023 -2.59 24.33 -47.62
N THR A 1024 -2.57 24.24 -48.94
CA THR A 1024 -1.81 25.23 -49.70
C THR A 1024 -2.63 25.80 -50.86
N SER A 1025 -3.58 25.04 -51.39
CA SER A 1025 -4.43 25.52 -52.46
C SER A 1025 -5.87 25.09 -52.20
N PHE A 1026 -6.76 25.51 -53.10
CA PHE A 1026 -8.14 25.02 -53.12
C PHE A 1026 -8.43 24.51 -54.53
N PRO A 1027 -8.64 23.20 -54.70
CA PRO A 1027 -8.81 22.64 -56.04
C PRO A 1027 -9.97 23.27 -56.81
N GLN A 1028 -9.66 23.73 -58.02
CA GLN A 1028 -10.62 24.50 -58.80
C GLN A 1028 -11.84 23.65 -59.16
N GLN A 1029 -11.62 22.38 -59.53
CA GLN A 1029 -12.74 21.47 -59.80
C GLN A 1029 -13.71 21.38 -58.63
N LEU A 1030 -13.20 21.48 -57.40
CA LEU A 1030 -14.07 21.51 -56.23
C LEU A 1030 -14.86 22.82 -56.14
N CYS A 1031 -14.24 23.93 -56.57
CA CYS A 1031 -14.93 25.23 -56.55
C CYS A 1031 -16.19 25.21 -57.41
N GLU A 1032 -16.11 24.62 -58.60
CA GLU A 1032 -17.30 24.59 -59.44
C GLU A 1032 -18.26 23.48 -59.04
N THR A 1033 -17.78 22.43 -58.37
CA THR A 1033 -18.68 21.39 -57.91
C THR A 1033 -19.54 21.89 -56.75
N LEU A 1034 -18.94 22.66 -55.84
CA LEU A 1034 -19.64 23.16 -54.67
C LEU A 1034 -20.56 24.30 -55.06
N LYS A 1035 -21.64 23.99 -55.78
CA LYS A 1035 -22.53 24.97 -56.38
C LYS A 1035 -23.55 25.56 -55.40
N SER A 1036 -23.44 25.29 -54.10
CA SER A 1036 -24.41 25.88 -53.19
C SER A 1036 -23.82 26.35 -51.86
N LEU A 1037 -22.51 26.59 -51.77
CA LEU A 1037 -21.94 27.02 -50.51
C LEU A 1037 -22.41 28.43 -50.17
N THR A 1038 -22.47 28.72 -48.88
CA THR A 1038 -22.64 30.08 -48.41
C THR A 1038 -21.57 30.47 -47.40
N HIS A 1039 -21.16 29.55 -46.53
CA HIS A 1039 -20.15 29.83 -45.52
C HIS A 1039 -18.95 28.93 -45.82
N LEU A 1040 -17.84 29.53 -46.20
CA LEU A 1040 -16.60 28.83 -46.45
C LEU A 1040 -15.56 29.36 -45.48
N ASP A 1041 -14.86 28.46 -44.81
CA ASP A 1041 -13.88 28.84 -43.80
C ASP A 1041 -12.53 28.25 -44.15
N LEU A 1042 -11.51 29.11 -44.24
CA LEU A 1042 -10.17 28.70 -44.64
C LEU A 1042 -9.09 29.31 -43.75
N HIS A 1043 -9.44 29.76 -42.55
CA HIS A 1043 -8.46 30.50 -41.77
C HIS A 1043 -7.53 29.57 -40.99
N SER A 1044 -6.34 30.08 -40.66
CA SER A 1044 -5.24 29.37 -40.02
C SER A 1044 -4.63 28.28 -40.90
N ASN A 1045 -4.92 28.27 -42.19
CA ASN A 1045 -4.20 27.39 -43.10
C ASN A 1045 -2.86 28.01 -43.48
N LYS A 1046 -2.20 27.44 -44.49
CA LYS A 1046 -0.92 27.97 -44.99
C LYS A 1046 -1.07 28.30 -46.47
N PHE A 1047 -1.60 29.47 -46.75
CA PHE A 1047 -1.79 29.92 -48.13
C PHE A 1047 -0.69 30.90 -48.51
N THR A 1048 -0.51 31.07 -49.82
CA THR A 1048 0.52 31.94 -50.35
C THR A 1048 0.01 32.92 -51.39
N SER A 1049 -1.09 32.62 -52.08
CA SER A 1049 -1.71 33.56 -53.00
C SER A 1049 -3.19 33.25 -53.07
N PHE A 1050 -4.00 34.30 -53.10
CA PHE A 1050 -5.45 34.15 -53.10
C PHE A 1050 -5.92 33.47 -54.38
N PRO A 1051 -6.59 32.32 -54.29
CA PRO A 1051 -7.16 31.72 -55.50
C PRO A 1051 -8.37 32.51 -55.97
N SER A 1052 -8.20 33.26 -57.07
CA SER A 1052 -9.25 34.17 -57.52
C SER A 1052 -10.53 33.44 -57.89
N TYR A 1053 -10.42 32.21 -58.38
CA TYR A 1053 -11.59 31.45 -58.81
C TYR A 1053 -12.51 31.05 -57.65
N LEU A 1054 -12.08 31.23 -56.39
CA LEU A 1054 -12.99 31.06 -55.25
C LEU A 1054 -14.24 31.91 -55.39
N LEU A 1055 -14.11 33.11 -55.96
CA LEU A 1055 -15.22 34.02 -56.17
C LEU A 1055 -16.06 33.67 -57.40
N LYS A 1056 -15.87 32.49 -57.98
CA LYS A 1056 -16.74 32.00 -59.05
C LYS A 1056 -17.91 31.16 -58.54
N MET A 1057 -17.87 30.75 -57.28
CA MET A 1057 -18.94 29.94 -56.71
C MET A 1057 -20.29 30.66 -56.82
N SER A 1058 -21.33 29.88 -57.15
CA SER A 1058 -22.61 30.46 -57.53
C SER A 1058 -23.27 31.25 -56.42
N CYS A 1059 -23.10 30.82 -55.16
CA CYS A 1059 -23.86 31.43 -54.06
C CYS A 1059 -22.99 31.72 -52.84
N ILE A 1060 -21.67 31.83 -53.01
CA ILE A 1060 -20.79 32.09 -51.88
C ILE A 1060 -21.13 33.44 -51.24
N ALA A 1061 -21.26 33.43 -49.91
CA ALA A 1061 -21.74 34.61 -49.20
C ALA A 1061 -20.97 34.93 -47.93
N ASN A 1062 -19.99 34.11 -47.53
CA ASN A 1062 -19.19 34.42 -46.34
C ASN A 1062 -17.84 33.72 -46.56
N LEU A 1063 -16.87 34.46 -47.07
CA LEU A 1063 -15.52 33.95 -47.27
C LEU A 1063 -14.61 34.41 -46.14
N ASP A 1064 -13.80 33.49 -45.64
CA ASP A 1064 -12.92 33.76 -44.51
C ASP A 1064 -11.56 33.16 -44.87
N VAL A 1065 -10.64 33.98 -45.36
CA VAL A 1065 -9.24 33.59 -45.53
C VAL A 1065 -8.41 34.51 -44.66
N SER A 1066 -8.20 34.10 -43.42
CA SER A 1066 -7.49 34.88 -42.42
C SER A 1066 -6.39 34.04 -41.81
N ARG A 1067 -5.41 34.71 -41.20
CA ARG A 1067 -4.28 34.09 -40.51
C ARG A 1067 -3.42 33.20 -41.42
N ASN A 1068 -3.65 33.22 -42.73
CA ASN A 1068 -2.72 32.60 -43.66
C ASN A 1068 -1.57 33.55 -43.97
N ASP A 1069 -0.59 33.05 -44.71
CA ASP A 1069 0.51 33.90 -45.18
C ASP A 1069 0.26 34.36 -46.61
N ILE A 1070 -0.88 35.00 -46.81
CA ILE A 1070 -1.22 35.55 -48.12
C ILE A 1070 -0.47 36.87 -48.27
N GLY A 1071 0.03 37.14 -49.48
CA GLY A 1071 0.71 38.37 -49.75
C GLY A 1071 1.47 38.33 -51.07
N PRO A 1072 2.14 39.43 -51.40
CA PRO A 1072 2.18 40.71 -50.67
C PRO A 1072 1.07 41.64 -51.13
N SER A 1073 0.23 41.16 -52.05
CA SER A 1073 -0.85 41.95 -52.60
C SER A 1073 -1.86 41.00 -53.23
N VAL A 1074 -3.13 41.24 -52.94
CA VAL A 1074 -4.23 40.45 -53.51
C VAL A 1074 -4.78 41.21 -54.70
N VAL A 1075 -4.80 40.58 -55.87
CA VAL A 1075 -5.34 41.20 -57.08
C VAL A 1075 -6.46 40.32 -57.60
N LEU A 1076 -7.70 40.75 -57.38
CA LEU A 1076 -8.88 40.03 -57.85
C LEU A 1076 -9.10 40.31 -59.33
N ASP A 1077 -9.31 39.26 -60.11
CA ASP A 1077 -9.33 39.44 -61.56
C ASP A 1077 -10.62 40.11 -61.98
N PRO A 1078 -10.56 41.17 -62.79
CA PRO A 1078 -11.78 41.94 -63.13
C PRO A 1078 -12.84 41.14 -63.88
N THR A 1079 -12.46 40.06 -64.58
CA THR A 1079 -13.43 39.25 -65.31
C THR A 1079 -14.40 38.50 -64.40
N VAL A 1080 -14.10 38.38 -63.11
CA VAL A 1080 -14.92 37.63 -62.18
C VAL A 1080 -15.87 38.60 -61.48
N LYS A 1081 -17.16 38.31 -61.49
CA LYS A 1081 -18.17 39.14 -60.86
C LYS A 1081 -18.92 38.30 -59.82
N CYS A 1082 -18.68 38.61 -58.55
CA CYS A 1082 -19.27 37.90 -57.41
C CYS A 1082 -20.20 38.83 -56.65
N PRO A 1083 -21.47 38.95 -57.07
CA PRO A 1083 -22.40 39.86 -56.39
C PRO A 1083 -23.05 39.30 -55.14
N THR A 1084 -22.72 38.07 -54.72
CA THR A 1084 -23.32 37.49 -53.53
C THR A 1084 -22.41 37.45 -52.32
N LEU A 1085 -21.19 37.99 -52.42
CA LEU A 1085 -20.23 37.93 -51.31
C LEU A 1085 -20.54 39.06 -50.35
N LYS A 1086 -21.16 38.73 -49.21
CA LYS A 1086 -21.56 39.72 -48.22
C LYS A 1086 -20.68 39.68 -46.97
N GLN A 1087 -19.44 39.22 -47.12
CA GLN A 1087 -18.42 39.25 -46.07
C GLN A 1087 -17.09 38.83 -46.68
N PHE A 1088 -16.00 39.33 -46.12
CA PHE A 1088 -14.67 39.08 -46.64
C PHE A 1088 -13.68 39.35 -45.53
N ASN A 1089 -13.03 38.30 -45.03
CA ASN A 1089 -12.13 38.41 -43.90
C ASN A 1089 -10.73 38.03 -44.36
N LEU A 1090 -9.88 39.03 -44.60
CA LEU A 1090 -8.49 38.83 -45.00
C LEU A 1090 -7.54 39.24 -43.88
N SER A 1091 -7.93 38.99 -42.64
CA SER A 1091 -7.17 39.47 -41.49
C SER A 1091 -5.90 38.66 -41.30
N TYR A 1092 -4.94 39.28 -40.61
CA TYR A 1092 -3.70 38.63 -40.13
C TYR A 1092 -2.92 37.93 -41.24
N ASN A 1093 -3.05 38.41 -42.48
CA ASN A 1093 -2.18 37.98 -43.55
C ASN A 1093 -0.97 38.92 -43.63
N GLN A 1094 -0.21 38.83 -44.73
CA GLN A 1094 0.88 39.77 -45.00
C GLN A 1094 0.57 40.69 -46.19
N LEU A 1095 -0.68 41.12 -46.30
CA LEU A 1095 -1.05 42.12 -47.30
C LEU A 1095 -0.27 43.41 -47.09
N SER A 1096 0.14 44.04 -48.19
CA SER A 1096 0.76 45.35 -48.12
C SER A 1096 -0.01 46.42 -48.88
N PHE A 1097 -1.23 46.10 -49.32
CA PHE A 1097 -2.14 47.06 -49.92
C PHE A 1097 -3.56 46.63 -49.57
N VAL A 1098 -4.52 47.46 -49.93
CA VAL A 1098 -5.92 47.02 -49.92
C VAL A 1098 -6.08 46.08 -51.11
N PRO A 1099 -6.92 45.05 -51.02
CA PRO A 1099 -7.20 44.21 -52.20
C PRO A 1099 -7.72 45.02 -53.38
N GLU A 1100 -6.97 44.99 -54.49
CA GLU A 1100 -7.32 45.79 -55.63
C GLU A 1100 -8.53 45.18 -56.36
N ASN A 1101 -9.15 46.00 -57.21
CA ASN A 1101 -10.33 45.62 -58.00
C ASN A 1101 -11.47 45.09 -57.15
N LEU A 1102 -11.56 45.56 -55.90
CA LEU A 1102 -12.58 45.08 -54.97
C LEU A 1102 -13.96 45.64 -55.28
N THR A 1103 -14.04 46.76 -56.01
CA THR A 1103 -15.32 47.36 -56.33
C THR A 1103 -16.00 46.67 -57.51
N ASP A 1104 -15.25 46.38 -58.56
CA ASP A 1104 -15.82 45.75 -59.73
C ASP A 1104 -16.17 44.29 -59.48
N VAL A 1105 -15.44 43.62 -58.59
CA VAL A 1105 -15.60 42.18 -58.41
C VAL A 1105 -16.57 41.88 -57.27
N VAL A 1106 -16.21 42.30 -56.06
CA VAL A 1106 -17.08 42.11 -54.89
C VAL A 1106 -17.96 43.35 -54.80
N GLU A 1107 -19.07 43.33 -55.53
CA GLU A 1107 -19.90 44.53 -55.66
C GLU A 1107 -20.58 44.87 -54.35
N LYS A 1108 -21.38 43.94 -53.81
CA LYS A 1108 -22.15 44.20 -52.59
C LYS A 1108 -21.46 43.52 -51.41
N LEU A 1109 -20.45 44.21 -50.87
CA LEU A 1109 -19.73 43.75 -49.70
C LEU A 1109 -20.24 44.47 -48.46
N GLU A 1110 -20.38 43.73 -47.36
CA GLU A 1110 -20.82 44.31 -46.09
C GLU A 1110 -19.68 44.54 -45.11
N GLN A 1111 -18.91 43.49 -44.81
CA GLN A 1111 -17.85 43.56 -43.82
C GLN A 1111 -16.51 43.25 -44.46
N LEU A 1112 -15.66 44.27 -44.59
CA LEU A 1112 -14.30 44.11 -45.10
C LEU A 1112 -13.33 44.22 -43.93
N ILE A 1113 -12.79 43.08 -43.51
CA ILE A 1113 -11.92 43.02 -42.35
C ILE A 1113 -10.50 42.76 -42.82
N LEU A 1114 -9.62 43.74 -42.65
CA LEU A 1114 -8.22 43.65 -43.05
C LEU A 1114 -7.30 43.86 -41.86
N GLU A 1115 -7.70 43.41 -40.69
CA GLU A 1115 -6.93 43.62 -39.47
C GLU A 1115 -5.61 42.85 -39.51
N GLY A 1116 -4.61 43.38 -38.81
CA GLY A 1116 -3.37 42.67 -38.57
C GLY A 1116 -2.34 42.70 -39.69
N ASN A 1117 -2.76 42.93 -40.93
CA ASN A 1117 -1.84 42.99 -42.05
C ASN A 1117 -0.93 44.22 -41.93
N LYS A 1118 0.10 44.26 -42.78
CA LYS A 1118 1.02 45.40 -42.82
C LYS A 1118 0.69 46.24 -44.05
N ILE A 1119 -0.32 47.07 -43.93
CA ILE A 1119 -0.74 47.97 -45.01
C ILE A 1119 -0.05 49.31 -44.84
N SER A 1120 0.62 49.76 -45.90
CA SER A 1120 1.47 50.94 -45.82
C SER A 1120 0.63 52.20 -45.67
N GLY A 1121 -0.23 52.47 -46.65
CA GLY A 1121 -1.08 53.64 -46.62
C GLY A 1121 -1.98 53.74 -47.84
N ILE A 1122 -3.26 54.02 -47.60
CA ILE A 1122 -4.27 53.90 -48.65
C ILE A 1122 -4.09 55.02 -49.66
N CYS A 1123 -4.28 54.70 -50.94
CA CYS A 1123 -4.25 55.69 -52.00
C CYS A 1123 -5.41 55.59 -52.97
N SER A 1124 -6.10 54.45 -53.03
CA SER A 1124 -7.21 54.29 -53.95
C SER A 1124 -8.52 54.30 -53.19
N PRO A 1125 -9.49 55.13 -53.58
CA PRO A 1125 -10.73 55.24 -52.79
C PRO A 1125 -11.64 54.03 -53.01
N LEU A 1126 -12.12 53.46 -51.91
CA LEU A 1126 -13.12 52.42 -51.98
C LEU A 1126 -14.41 52.97 -52.59
N ARG A 1127 -15.11 52.12 -53.33
CA ARG A 1127 -16.35 52.52 -53.99
C ARG A 1127 -17.49 51.55 -53.66
N LEU A 1128 -17.37 50.82 -52.56
CA LEU A 1128 -18.38 49.82 -52.18
C LEU A 1128 -19.60 50.55 -51.65
N LYS A 1129 -20.61 50.66 -52.52
CA LYS A 1129 -21.86 51.34 -52.19
C LYS A 1129 -22.60 50.71 -51.01
N GLU A 1130 -22.27 49.48 -50.63
CA GLU A 1130 -23.03 48.76 -49.63
C GLU A 1130 -22.19 48.36 -48.41
N LEU A 1131 -21.00 48.92 -48.25
CA LEU A 1131 -20.17 48.60 -47.09
C LEU A 1131 -20.89 48.99 -45.80
N LYS A 1132 -20.66 48.20 -44.75
CA LYS A 1132 -21.28 48.52 -43.47
C LYS A 1132 -20.32 48.45 -42.29
N ILE A 1133 -19.25 47.66 -42.38
CA ILE A 1133 -18.26 47.52 -41.31
C ILE A 1133 -16.88 47.40 -41.93
N LEU A 1134 -16.04 48.40 -41.73
CA LEU A 1134 -14.64 48.35 -42.14
C LEU A 1134 -13.79 48.14 -40.90
N ASN A 1135 -12.63 47.50 -41.08
CA ASN A 1135 -11.79 47.14 -39.93
C ASN A 1135 -10.35 47.04 -40.43
N LEU A 1136 -9.57 48.08 -40.17
CA LEU A 1136 -8.15 48.15 -40.56
C LEU A 1136 -7.25 48.24 -39.33
N SER A 1137 -7.63 47.60 -38.23
CA SER A 1137 -6.86 47.68 -37.00
C SER A 1137 -5.51 46.98 -37.14
N LYS A 1138 -4.57 47.40 -36.30
CA LYS A 1138 -3.22 46.82 -36.19
C LYS A 1138 -2.52 46.77 -37.55
N ASN A 1139 -2.44 47.93 -38.19
CA ASN A 1139 -1.74 48.04 -39.47
C ASN A 1139 -0.67 49.14 -39.39
N HIS A 1140 -0.06 49.47 -40.52
CA HIS A 1140 1.01 50.46 -40.56
C HIS A 1140 0.57 51.78 -41.18
N ILE A 1141 -0.75 52.00 -41.32
CA ILE A 1141 -1.26 53.20 -41.95
C ILE A 1141 -0.85 54.43 -41.15
N SER A 1142 -0.46 55.49 -41.86
CA SER A 1142 -0.11 56.76 -41.23
C SER A 1142 -0.98 57.93 -41.67
N SER A 1143 -1.69 57.83 -42.79
CA SER A 1143 -2.52 58.91 -43.28
C SER A 1143 -3.48 58.36 -44.32
N LEU A 1144 -4.78 58.57 -44.10
CA LEU A 1144 -5.80 58.11 -45.02
C LEU A 1144 -6.11 59.19 -46.06
N SER A 1145 -6.29 58.76 -47.31
CA SER A 1145 -6.52 59.69 -48.41
C SER A 1145 -7.80 60.49 -48.17
N GLU A 1146 -7.77 61.76 -48.61
CA GLU A 1146 -8.80 62.72 -48.25
C GLU A 1146 -10.18 62.41 -48.83
N ASN A 1147 -10.28 61.45 -49.75
CA ASN A 1147 -11.57 61.05 -50.32
C ASN A 1147 -11.64 59.53 -50.49
N PHE A 1148 -11.06 58.79 -49.55
CA PHE A 1148 -11.00 57.35 -49.69
C PHE A 1148 -12.29 56.65 -49.25
N LEU A 1149 -13.08 57.28 -48.40
CA LEU A 1149 -14.34 56.72 -47.92
C LEU A 1149 -15.57 57.49 -48.39
N GLU A 1150 -15.38 58.50 -49.23
CA GLU A 1150 -16.50 59.33 -49.68
C GLU A 1150 -17.52 58.56 -50.51
N ALA A 1151 -17.09 57.54 -51.26
CA ALA A 1151 -17.99 56.81 -52.14
C ALA A 1151 -18.59 55.57 -51.48
N CYS A 1152 -18.54 55.46 -50.15
CA CYS A 1152 -19.24 54.43 -49.40
C CYS A 1152 -20.19 55.09 -48.42
N PRO A 1153 -21.44 55.32 -48.81
CA PRO A 1153 -22.35 56.14 -47.99
C PRO A 1153 -23.04 55.39 -46.86
N LYS A 1154 -22.82 54.08 -46.71
CA LYS A 1154 -23.53 53.29 -45.71
C LYS A 1154 -22.64 52.82 -44.57
N VAL A 1155 -21.41 53.32 -44.46
CA VAL A 1155 -20.48 52.86 -43.43
C VAL A 1155 -21.02 53.23 -42.05
N GLU A 1156 -21.02 52.25 -41.14
CA GLU A 1156 -21.43 52.50 -39.76
C GLU A 1156 -20.29 52.28 -38.78
N SER A 1157 -19.63 51.14 -38.83
CA SER A 1157 -18.47 50.87 -37.99
C SER A 1157 -17.19 51.10 -38.78
N PHE A 1158 -16.17 51.63 -38.10
CA PHE A 1158 -14.87 51.84 -38.74
C PHE A 1158 -13.78 51.78 -37.67
N SER A 1159 -13.02 50.69 -37.66
CA SER A 1159 -11.98 50.47 -36.66
C SER A 1159 -10.62 50.65 -37.32
N ALA A 1160 -9.79 51.51 -36.74
CA ALA A 1160 -8.46 51.79 -37.26
C ALA A 1160 -7.45 51.89 -36.12
N ARG A 1161 -7.55 50.99 -35.15
CA ARG A 1161 -6.65 51.01 -34.00
C ARG A 1161 -5.21 50.74 -34.42
N MET A 1162 -4.29 51.01 -33.48
CA MET A 1162 -2.88 50.64 -33.56
C MET A 1162 -2.24 50.95 -34.92
N ASN A 1163 -2.57 52.12 -35.47
CA ASN A 1163 -1.88 52.67 -36.63
C ASN A 1163 -1.08 53.92 -36.23
N PHE A 1164 -0.50 54.58 -37.23
CA PHE A 1164 0.19 55.86 -37.06
C PHE A 1164 -0.64 57.02 -37.62
N LEU A 1165 -1.96 56.93 -37.48
CA LEU A 1165 -2.88 57.93 -37.99
C LEU A 1165 -2.71 59.27 -37.28
N ALA A 1166 -2.73 60.36 -38.03
CA ALA A 1166 -2.64 61.68 -37.44
C ALA A 1166 -3.76 62.61 -37.85
N ALA A 1167 -4.40 62.40 -39.00
CA ALA A 1167 -5.50 63.21 -39.46
C ALA A 1167 -6.59 62.29 -39.99
N MET A 1168 -7.85 62.68 -39.79
CA MET A 1168 -8.96 61.87 -40.25
C MET A 1168 -9.68 62.60 -41.38
N PRO A 1169 -9.80 62.01 -42.57
CA PRO A 1169 -10.44 62.71 -43.69
C PRO A 1169 -11.95 62.79 -43.57
N PHE A 1170 -12.60 63.29 -44.62
CA PHE A 1170 -14.05 63.33 -44.67
C PHE A 1170 -14.65 61.94 -44.57
N LEU A 1171 -15.65 61.79 -43.70
CA LEU A 1171 -16.29 60.51 -43.44
C LEU A 1171 -17.78 60.61 -43.80
N PRO A 1172 -18.42 59.48 -44.10
CA PRO A 1172 -19.85 59.52 -44.38
C PRO A 1172 -20.64 59.82 -43.11
N PRO A 1173 -21.78 60.50 -43.23
CA PRO A 1173 -22.53 60.90 -42.03
C PRO A 1173 -23.27 59.76 -41.35
N SER A 1174 -23.30 58.58 -41.95
CA SER A 1174 -23.97 57.43 -41.36
C SER A 1174 -23.11 56.66 -40.37
N MET A 1175 -21.85 57.06 -40.18
CA MET A 1175 -20.96 56.34 -39.29
C MET A 1175 -21.46 56.41 -37.85
N THR A 1176 -21.74 55.26 -37.27
CA THR A 1176 -22.28 55.20 -35.91
C THR A 1176 -21.22 54.84 -34.88
N ILE A 1177 -20.44 53.81 -35.13
CA ILE A 1177 -19.34 53.42 -34.25
C ILE A 1177 -18.05 53.85 -34.91
N LEU A 1178 -17.10 54.32 -34.11
CA LEU A 1178 -15.82 54.78 -34.64
C LEU A 1178 -14.78 54.58 -33.53
N LYS A 1179 -14.00 53.50 -33.66
CA LYS A 1179 -13.03 53.12 -32.64
C LYS A 1179 -11.62 53.35 -33.16
N LEU A 1180 -11.10 54.55 -32.94
CA LEU A 1180 -9.72 54.87 -33.29
C LEU A 1180 -8.92 54.97 -31.99
N SER A 1181 -8.27 53.89 -31.59
CA SER A 1181 -7.49 53.93 -30.36
C SER A 1181 -6.01 53.70 -30.65
N GLN A 1182 -5.18 54.03 -29.65
CA GLN A 1182 -3.73 53.76 -29.67
C GLN A 1182 -3.04 54.25 -30.94
N ASN A 1183 -3.56 55.27 -31.62
CA ASN A 1183 -3.03 55.61 -32.93
C ASN A 1183 -2.74 57.10 -33.12
N LYS A 1184 -1.88 57.63 -32.26
CA LYS A 1184 -1.19 58.92 -32.40
C LYS A 1184 -2.04 60.13 -32.79
N PHE A 1185 -3.17 60.37 -32.13
CA PHE A 1185 -3.91 61.60 -32.38
C PHE A 1185 -3.60 62.64 -31.31
N SER A 1186 -2.94 63.73 -31.73
CA SER A 1186 -2.61 64.83 -30.82
C SER A 1186 -3.85 65.59 -30.36
N CYS A 1187 -4.91 65.57 -31.16
CA CYS A 1187 -6.14 66.28 -30.81
C CYS A 1187 -7.29 65.65 -31.58
N ILE A 1188 -8.49 65.78 -31.03
CA ILE A 1188 -9.71 65.27 -31.66
C ILE A 1188 -9.92 65.98 -33.00
N PRO A 1189 -10.04 65.24 -34.10
CA PRO A 1189 -10.19 65.88 -35.41
C PRO A 1189 -11.49 66.65 -35.53
N GLU A 1190 -11.50 67.66 -36.39
CA GLU A 1190 -12.71 68.43 -36.63
C GLU A 1190 -13.72 67.67 -37.49
N ALA A 1191 -13.25 66.69 -38.25
CA ALA A 1191 -14.12 65.90 -39.13
C ALA A 1191 -14.99 64.91 -38.36
N ILE A 1192 -14.64 64.61 -37.11
CA ILE A 1192 -15.42 63.66 -36.32
C ILE A 1192 -16.38 64.33 -35.34
N LEU A 1193 -16.18 65.61 -35.04
CA LEU A 1193 -17.11 66.36 -34.21
C LEU A 1193 -18.38 66.76 -34.94
N ASN A 1194 -18.45 66.55 -36.25
CA ASN A 1194 -19.61 66.91 -37.05
C ASN A 1194 -20.41 65.70 -37.52
N LEU A 1195 -20.11 64.52 -37.00
CA LEU A 1195 -20.84 63.31 -37.37
C LEU A 1195 -22.27 63.41 -36.83
N PRO A 1196 -23.30 63.34 -37.68
CA PRO A 1196 -24.67 63.52 -37.18
C PRO A 1196 -25.12 62.47 -36.17
N HIS A 1197 -24.76 61.21 -36.37
CA HIS A 1197 -25.19 60.13 -35.47
C HIS A 1197 -23.97 59.31 -35.06
N LEU A 1198 -23.27 59.75 -34.02
CA LEU A 1198 -22.07 59.07 -33.55
C LEU A 1198 -22.38 58.50 -32.17
N ARG A 1199 -22.81 57.23 -32.14
CA ARG A 1199 -23.19 56.60 -30.89
C ARG A 1199 -21.98 56.35 -30.00
N SER A 1200 -21.01 55.57 -30.47
CA SER A 1200 -19.85 55.21 -29.68
C SER A 1200 -18.59 55.84 -30.27
N LEU A 1201 -17.63 56.12 -29.39
CA LEU A 1201 -16.35 56.64 -29.82
C LEU A 1201 -15.29 56.20 -28.82
N ASP A 1202 -14.16 55.70 -29.32
CA ASP A 1202 -13.06 55.25 -28.48
C ASP A 1202 -11.79 55.86 -29.06
N MET A 1203 -11.07 56.62 -28.25
CA MET A 1203 -9.78 57.19 -28.62
C MET A 1203 -8.76 57.02 -27.51
N SER A 1204 -8.72 55.83 -26.90
CA SER A 1204 -7.83 55.55 -25.81
C SER A 1204 -6.37 55.57 -26.25
N SER A 1205 -5.47 55.78 -25.28
CA SER A 1205 -4.02 55.69 -25.44
C SER A 1205 -3.48 56.57 -26.58
N ASN A 1206 -4.18 57.64 -26.91
CA ASN A 1206 -3.62 58.69 -27.75
C ASN A 1206 -2.93 59.72 -26.86
N ASP A 1207 -2.61 60.88 -27.41
CA ASP A 1207 -2.13 62.03 -26.63
C ASP A 1207 -3.11 63.17 -26.89
N ILE A 1208 -4.23 63.17 -26.17
CA ILE A 1208 -5.30 64.14 -26.36
C ILE A 1208 -5.18 65.22 -25.30
N GLN A 1209 -5.11 66.48 -25.73
CA GLN A 1209 -4.91 67.57 -24.77
C GLN A 1209 -6.22 68.09 -24.20
N TYR A 1210 -7.21 68.34 -25.05
CA TYR A 1210 -8.44 68.98 -24.58
C TYR A 1210 -9.63 68.42 -25.37
N LEU A 1211 -10.56 67.77 -24.66
CA LEU A 1211 -11.75 67.44 -25.44
C LEU A 1211 -12.78 68.56 -25.34
N PRO A 1212 -13.48 68.84 -26.44
CA PRO A 1212 -14.45 69.93 -26.43
C PRO A 1212 -15.65 69.62 -25.56
N GLY A 1213 -16.36 70.68 -25.18
CA GLY A 1213 -17.57 70.55 -24.40
C GLY A 1213 -18.73 70.05 -25.23
N PRO A 1214 -19.83 69.68 -24.58
CA PRO A 1214 -20.99 69.13 -25.31
C PRO A 1214 -21.61 70.07 -26.33
N ALA A 1215 -21.20 71.34 -26.39
CA ALA A 1215 -21.78 72.26 -27.37
C ALA A 1215 -21.12 72.09 -28.73
N HIS A 1216 -19.88 71.63 -28.77
CA HIS A 1216 -19.14 71.51 -30.03
C HIS A 1216 -19.52 70.25 -30.81
N TRP A 1217 -20.01 69.21 -30.13
CA TRP A 1217 -20.32 67.96 -30.82
C TRP A 1217 -21.68 68.08 -31.50
N LYS A 1218 -21.74 67.66 -32.76
CA LYS A 1218 -22.98 67.77 -33.51
C LYS A 1218 -23.96 66.64 -33.21
N SER A 1219 -23.46 65.49 -32.77
CA SER A 1219 -24.33 64.34 -32.58
C SER A 1219 -25.31 64.57 -31.43
N LEU A 1220 -26.30 63.67 -31.33
CA LEU A 1220 -27.24 63.67 -30.22
C LEU A 1220 -27.40 62.33 -29.54
N ASN A 1221 -26.89 61.24 -30.12
CA ASN A 1221 -27.01 59.90 -29.56
C ASN A 1221 -25.70 59.39 -28.97
N LEU A 1222 -24.84 60.30 -28.53
CA LEU A 1222 -23.58 59.93 -27.87
C LEU A 1222 -23.87 59.03 -26.67
N ARG A 1223 -23.42 57.79 -26.73
CA ARG A 1223 -23.78 56.79 -25.72
C ARG A 1223 -22.59 56.07 -25.10
N GLU A 1224 -21.37 56.26 -25.60
CA GLU A 1224 -20.19 55.66 -24.99
C GLU A 1224 -18.97 56.44 -25.46
N LEU A 1225 -18.23 57.01 -24.52
CA LEU A 1225 -17.01 57.75 -24.80
C LEU A 1225 -15.85 57.13 -24.03
N LEU A 1226 -14.77 56.81 -24.75
CA LEU A 1226 -13.58 56.21 -24.18
C LEU A 1226 -12.40 57.10 -24.48
N PHE A 1227 -11.76 57.63 -23.43
CA PHE A 1227 -10.61 58.52 -23.61
C PHE A 1227 -9.53 58.26 -22.56
N SER A 1228 -9.42 57.02 -22.09
CA SER A 1228 -8.40 56.67 -21.10
C SER A 1228 -7.00 56.87 -21.68
N HIS A 1229 -6.03 57.07 -20.77
CA HIS A 1229 -4.62 57.22 -21.12
C HIS A 1229 -4.40 58.38 -22.09
N ASN A 1230 -4.96 59.53 -21.74
CA ASN A 1230 -4.72 60.75 -22.50
C ASN A 1230 -4.20 61.83 -21.57
N GLN A 1231 -3.62 62.88 -22.17
CA GLN A 1231 -3.13 64.03 -21.41
C GLN A 1231 -4.22 65.10 -21.30
N ILE A 1232 -5.30 64.74 -20.63
CA ILE A 1232 -6.46 65.62 -20.48
C ILE A 1232 -6.39 66.28 -19.12
N SER A 1233 -6.55 67.60 -19.10
CA SER A 1233 -6.43 68.38 -17.86
C SER A 1233 -7.78 68.75 -17.28
N ILE A 1234 -8.62 69.43 -18.06
CA ILE A 1234 -9.86 70.00 -17.56
C ILE A 1234 -11.00 69.47 -18.41
N LEU A 1235 -11.80 68.56 -17.84
CA LEU A 1235 -13.04 68.13 -18.48
C LEU A 1235 -14.03 69.29 -18.48
N ASP A 1236 -14.47 69.71 -19.66
CA ASP A 1236 -15.32 70.88 -19.79
C ASP A 1236 -16.77 70.43 -19.95
N LEU A 1237 -17.64 70.91 -19.05
CA LEU A 1237 -19.06 70.61 -19.13
C LEU A 1237 -19.92 71.82 -18.77
N SER A 1238 -19.38 73.03 -18.91
CA SER A 1238 -20.08 74.22 -18.43
C SER A 1238 -21.30 74.54 -19.29
N GLU A 1239 -21.12 74.55 -20.61
CA GLU A 1239 -22.14 75.02 -21.54
C GLU A 1239 -22.89 73.83 -22.13
N LYS A 1240 -24.23 73.84 -21.95
CA LYS A 1240 -25.15 72.89 -22.59
C LYS A 1240 -24.77 71.44 -22.28
N ALA A 1241 -24.57 71.14 -21.00
CA ALA A 1241 -24.23 69.79 -20.58
C ALA A 1241 -25.38 68.79 -20.74
N TYR A 1242 -26.58 69.26 -21.07
CA TYR A 1242 -27.71 68.35 -21.24
C TYR A 1242 -27.68 67.62 -22.57
N LEU A 1243 -26.85 68.06 -23.51
CA LEU A 1243 -26.75 67.40 -24.81
C LEU A 1243 -26.19 65.98 -24.69
N TRP A 1244 -25.39 65.73 -23.65
CA TRP A 1244 -24.84 64.40 -23.37
C TRP A 1244 -25.72 63.57 -22.45
N SER A 1245 -27.02 63.88 -22.37
CA SER A 1245 -27.91 63.20 -21.43
C SER A 1245 -28.07 61.71 -21.71
N ARG A 1246 -27.64 61.21 -22.87
CA ARG A 1246 -27.78 59.81 -23.21
C ARG A 1246 -26.50 59.01 -23.03
N VAL A 1247 -25.40 59.66 -22.62
CA VAL A 1247 -24.11 58.99 -22.46
C VAL A 1247 -24.26 57.90 -21.40
N GLU A 1248 -23.82 56.68 -21.75
CA GLU A 1248 -23.91 55.55 -20.84
C GLU A 1248 -22.56 54.99 -20.41
N LYS A 1249 -21.45 55.60 -20.85
CA LYS A 1249 -20.11 55.18 -20.42
C LYS A 1249 -19.15 56.31 -20.74
N LEU A 1250 -18.47 56.82 -19.72
CA LEU A 1250 -17.49 57.89 -19.90
C LEU A 1250 -16.23 57.53 -19.12
N HIS A 1251 -15.17 57.15 -19.84
CA HIS A 1251 -13.91 56.76 -19.24
C HIS A 1251 -12.90 57.88 -19.42
N LEU A 1252 -12.22 58.26 -18.33
CA LEU A 1252 -11.18 59.27 -18.36
C LEU A 1252 -10.00 58.87 -17.49
N SER A 1253 -9.80 57.57 -17.28
CA SER A 1253 -8.73 57.09 -16.42
C SER A 1253 -7.36 57.45 -17.00
N HIS A 1254 -6.37 57.53 -16.11
CA HIS A 1254 -4.96 57.75 -16.47
C HIS A 1254 -4.79 59.07 -17.22
N ASN A 1255 -5.47 60.11 -16.75
CA ASN A 1255 -5.31 61.45 -17.28
C ASN A 1255 -4.79 62.38 -16.17
N LYS A 1256 -4.71 63.66 -16.49
CA LYS A 1256 -4.32 64.71 -15.54
C LYS A 1256 -5.51 65.51 -15.06
N LEU A 1257 -6.65 64.85 -14.85
CA LEU A 1257 -7.86 65.53 -14.38
C LEU A 1257 -7.62 66.17 -13.02
N LYS A 1258 -8.14 67.39 -12.85
CA LYS A 1258 -7.96 68.14 -11.61
C LYS A 1258 -9.20 68.13 -10.72
N GLU A 1259 -10.38 68.34 -11.30
CA GLU A 1259 -11.61 68.40 -10.52
C GLU A 1259 -12.79 68.05 -11.40
N ILE A 1260 -13.60 67.10 -10.95
CA ILE A 1260 -14.85 66.76 -11.64
C ILE A 1260 -15.79 67.96 -11.57
N PRO A 1261 -16.32 68.44 -12.70
CA PRO A 1261 -17.16 69.63 -12.67
C PRO A 1261 -18.42 69.39 -11.87
N PRO A 1262 -18.95 70.42 -11.21
CA PRO A 1262 -20.21 70.27 -10.47
C PRO A 1262 -21.42 69.99 -11.35
N GLU A 1263 -21.34 70.27 -12.64
CA GLU A 1263 -22.44 70.00 -13.56
C GLU A 1263 -22.52 68.53 -14.00
N ILE A 1264 -21.63 67.67 -13.52
CA ILE A 1264 -21.62 66.26 -13.91
C ILE A 1264 -22.94 65.55 -13.56
N GLY A 1265 -23.68 66.07 -12.57
CA GLY A 1265 -24.96 65.49 -12.21
C GLY A 1265 -26.03 65.60 -13.28
N CYS A 1266 -25.80 66.41 -14.32
CA CYS A 1266 -26.78 66.57 -15.38
C CYS A 1266 -26.81 65.37 -16.32
N LEU A 1267 -25.70 64.64 -16.42
CA LEU A 1267 -25.63 63.43 -17.23
C LEU A 1267 -26.36 62.27 -16.55
N GLU A 1268 -27.68 62.38 -16.45
CA GLU A 1268 -28.53 61.55 -15.60
C GLU A 1268 -28.59 60.09 -16.03
N ASN A 1269 -27.90 59.67 -17.09
CA ASN A 1269 -28.02 58.30 -17.58
C ASN A 1269 -26.68 57.56 -17.58
N LEU A 1270 -25.68 58.08 -16.87
CA LEU A 1270 -24.40 57.39 -16.77
C LEU A 1270 -24.56 56.04 -16.10
N THR A 1271 -23.91 55.02 -16.65
CA THR A 1271 -23.83 53.73 -15.99
C THR A 1271 -22.42 53.35 -15.56
N SER A 1272 -21.40 53.97 -16.13
CA SER A 1272 -20.02 53.79 -15.67
C SER A 1272 -19.28 55.10 -15.81
N LEU A 1273 -18.40 55.38 -14.86
CA LEU A 1273 -17.55 56.57 -14.93
C LEU A 1273 -16.21 56.21 -14.32
N ASP A 1274 -15.17 56.14 -15.15
CA ASP A 1274 -13.86 55.64 -14.74
C ASP A 1274 -12.90 56.83 -14.68
N VAL A 1275 -12.79 57.43 -13.50
CA VAL A 1275 -11.88 58.54 -13.29
C VAL A 1275 -10.71 58.07 -12.42
N SER A 1276 -10.43 56.77 -12.47
CA SER A 1276 -9.36 56.19 -11.68
C SER A 1276 -7.99 56.70 -12.16
N TYR A 1277 -6.96 56.39 -11.36
CA TYR A 1277 -5.56 56.75 -11.65
C TYR A 1277 -5.40 58.22 -12.04
N ASN A 1278 -6.16 59.09 -11.38
CA ASN A 1278 -6.01 60.54 -11.50
C ASN A 1278 -5.49 61.08 -10.16
N LEU A 1279 -4.16 61.10 -10.02
CA LEU A 1279 -3.53 61.50 -8.76
C LEU A 1279 -3.90 62.93 -8.38
N GLU A 1280 -3.91 63.84 -9.36
CA GLU A 1280 -4.24 65.24 -9.09
C GLU A 1280 -5.70 65.43 -8.64
N LEU A 1281 -6.57 64.48 -8.96
CA LEU A 1281 -7.96 64.55 -8.51
C LEU A 1281 -8.01 64.41 -6.98
N ARG A 1282 -8.79 65.27 -6.33
CA ARG A 1282 -8.81 65.34 -4.88
C ARG A 1282 -10.13 64.86 -4.28
N SER A 1283 -11.25 65.43 -4.70
CA SER A 1283 -12.52 65.11 -4.06
C SER A 1283 -13.64 65.16 -5.08
N PHE A 1284 -14.68 64.36 -4.83
CA PHE A 1284 -15.85 64.31 -5.70
C PHE A 1284 -16.83 65.42 -5.32
N PRO A 1285 -17.43 66.09 -6.30
CA PRO A 1285 -18.47 67.07 -5.98
C PRO A 1285 -19.74 66.40 -5.50
N ASN A 1286 -20.48 67.12 -4.65
CA ASN A 1286 -21.72 66.59 -4.09
C ASN A 1286 -22.73 66.24 -5.18
N GLU A 1287 -22.85 67.11 -6.19
CA GLU A 1287 -23.87 66.98 -7.23
C GLU A 1287 -23.82 65.66 -7.99
N MET A 1288 -22.71 64.92 -7.91
CA MET A 1288 -22.59 63.61 -8.53
C MET A 1288 -23.63 62.62 -8.00
N GLY A 1289 -24.20 62.88 -6.82
CA GLY A 1289 -25.11 61.94 -6.18
C GLY A 1289 -26.42 61.71 -6.92
N LYS A 1290 -26.71 62.47 -7.98
CA LYS A 1290 -27.95 62.30 -8.73
C LYS A 1290 -27.85 61.26 -9.83
N LEU A 1291 -26.64 60.76 -10.12
CA LEU A 1291 -26.44 59.73 -11.14
C LEU A 1291 -26.86 58.38 -10.58
N SER A 1292 -28.18 58.23 -10.39
CA SER A 1292 -28.75 57.06 -9.72
C SER A 1292 -28.56 55.78 -10.50
N LYS A 1293 -28.26 55.86 -11.79
CA LYS A 1293 -28.12 54.67 -12.63
C LYS A 1293 -26.69 54.15 -12.70
N ILE A 1294 -25.75 54.82 -12.04
CA ILE A 1294 -24.36 54.35 -12.03
C ILE A 1294 -24.27 53.04 -11.26
N TRP A 1295 -23.55 52.07 -11.82
CA TRP A 1295 -23.27 50.83 -11.12
C TRP A 1295 -21.78 50.49 -11.11
N ASP A 1296 -20.94 51.26 -11.78
CA ASP A 1296 -19.49 51.05 -11.76
C ASP A 1296 -18.79 52.37 -11.55
N LEU A 1297 -17.87 52.41 -10.60
CA LEU A 1297 -17.13 53.62 -10.25
C LEU A 1297 -15.78 53.22 -9.70
N PRO A 1298 -14.83 52.85 -10.57
CA PRO A 1298 -13.52 52.41 -10.09
C PRO A 1298 -12.77 53.51 -9.37
N LEU A 1299 -12.11 53.14 -8.27
CA LEU A 1299 -11.40 54.10 -7.42
C LEU A 1299 -9.95 53.69 -7.18
N ASP A 1300 -9.40 52.84 -8.03
CA ASP A 1300 -8.04 52.33 -7.82
C ASP A 1300 -7.02 53.47 -7.92
N GLU A 1301 -6.07 53.47 -6.98
CA GLU A 1301 -4.97 54.44 -6.94
C GLU A 1301 -5.49 55.87 -6.96
N LEU A 1302 -6.58 56.11 -6.23
CA LEU A 1302 -7.24 57.42 -6.20
C LEU A 1302 -7.16 57.96 -4.78
N HIS A 1303 -6.15 58.80 -4.52
CA HIS A 1303 -5.93 59.37 -3.20
C HIS A 1303 -6.97 60.46 -2.94
N LEU A 1304 -8.12 60.06 -2.39
CA LEU A 1304 -9.26 60.96 -2.22
C LEU A 1304 -9.15 61.73 -0.91
N ASN A 1305 -9.47 63.03 -0.98
CA ASN A 1305 -9.57 63.83 0.23
C ASN A 1305 -10.79 63.41 1.05
N PHE A 1306 -11.95 63.43 0.42
CA PHE A 1306 -13.18 62.95 1.07
C PHE A 1306 -13.03 61.48 1.43
N ASP A 1307 -13.22 61.17 2.72
CA ASP A 1307 -12.98 59.82 3.21
C ASP A 1307 -14.21 58.96 2.95
N PHE A 1308 -14.02 57.88 2.19
CA PHE A 1308 -15.03 56.83 2.04
C PHE A 1308 -14.52 55.48 2.51
N LYS A 1309 -13.43 55.48 3.29
CA LYS A 1309 -12.92 54.24 3.87
C LYS A 1309 -13.97 53.54 4.74
N HIS A 1310 -14.88 54.31 5.32
CA HIS A 1310 -16.00 53.74 6.05
C HIS A 1310 -17.07 53.19 5.13
N ILE A 1311 -17.21 53.77 3.93
CA ILE A 1311 -18.19 53.28 2.97
C ILE A 1311 -17.69 52.00 2.31
N GLY A 1312 -16.46 52.01 1.80
CA GLY A 1312 -15.92 50.87 1.09
C GLY A 1312 -15.70 51.12 -0.38
N CYS A 1313 -16.09 50.17 -1.22
CA CYS A 1313 -15.87 50.27 -2.66
C CYS A 1313 -17.14 50.15 -3.49
N LYS A 1314 -18.28 49.83 -2.88
CA LYS A 1314 -19.55 49.72 -3.61
C LYS A 1314 -19.93 51.06 -4.21
N ALA A 1315 -20.15 51.06 -5.53
CA ALA A 1315 -20.42 52.31 -6.24
C ALA A 1315 -21.76 52.91 -5.83
N LYS A 1316 -22.79 52.06 -5.70
CA LYS A 1316 -24.12 52.54 -5.32
C LYS A 1316 -24.09 53.22 -3.95
N ASP A 1317 -23.25 52.72 -3.04
CA ASP A 1317 -23.11 53.33 -1.73
C ASP A 1317 -22.49 54.72 -1.82
N ILE A 1318 -21.46 54.89 -2.65
CA ILE A 1318 -20.87 56.20 -2.88
C ILE A 1318 -21.91 57.19 -3.38
N ILE A 1319 -22.73 56.77 -4.35
CA ILE A 1319 -23.73 57.66 -4.94
C ILE A 1319 -24.79 58.04 -3.92
N ARG A 1320 -25.27 57.06 -3.14
CA ARG A 1320 -26.28 57.34 -2.13
C ARG A 1320 -25.73 58.25 -1.04
N PHE A 1321 -24.46 58.05 -0.65
CA PHE A 1321 -23.83 58.92 0.33
C PHE A 1321 -23.80 60.36 -0.15
N LEU A 1322 -23.34 60.58 -1.38
CA LEU A 1322 -23.35 61.93 -1.96
C LEU A 1322 -24.76 62.48 -2.07
N GLN A 1323 -25.74 61.61 -2.35
CA GLN A 1323 -27.12 62.05 -2.49
C GLN A 1323 -27.67 62.60 -1.17
N GLN A 1324 -27.28 61.99 -0.04
CA GLN A 1324 -27.71 62.51 1.25
C GLN A 1324 -27.00 63.82 1.58
N ARG A 1325 -25.73 63.95 1.20
CA ARG A 1325 -25.01 65.20 1.43
C ARG A 1325 -25.54 66.35 0.57
N LEU A 1326 -26.30 66.06 -0.48
CA LEU A 1326 -26.98 67.11 -1.23
C LEU A 1326 -27.96 67.89 -0.35
N LYS A 1327 -28.78 67.16 0.41
CA LYS A 1327 -29.81 67.79 1.23
C LYS A 1327 -29.21 68.73 2.27
N LYS A 1328 -28.21 68.26 3.01
CA LYS A 1328 -27.63 69.02 4.10
C LYS A 1328 -26.29 68.39 4.46
N ALA A 1329 -25.33 69.22 4.85
CA ALA A 1329 -24.01 68.76 5.27
C ALA A 1329 -23.56 69.60 6.45
N VAL A 1330 -23.26 68.94 7.57
CA VAL A 1330 -22.81 69.61 8.78
C VAL A 1330 -21.40 69.15 9.12
N PRO A 1331 -20.58 69.99 9.74
CA PRO A 1331 -19.23 69.56 10.13
C PRO A 1331 -19.28 68.63 11.34
N TYR A 1332 -18.48 67.56 11.27
CA TYR A 1332 -18.41 66.56 12.34
C TYR A 1332 -17.21 66.87 13.22
N ASN A 1333 -17.47 67.44 14.39
CA ASN A 1333 -16.42 67.80 15.34
C ASN A 1333 -16.31 66.70 16.39
N ARG A 1334 -15.65 65.60 16.02
CA ARG A 1334 -15.50 64.47 16.91
C ARG A 1334 -14.30 63.65 16.47
N MET A 1335 -13.43 63.31 17.43
CA MET A 1335 -12.21 62.56 17.14
C MET A 1335 -11.83 61.75 18.37
N LYS A 1336 -11.15 60.62 18.13
CA LYS A 1336 -10.75 59.74 19.21
C LYS A 1336 -9.40 60.14 19.78
N LEU A 1337 -9.34 60.22 21.11
CA LEU A 1337 -8.11 60.39 21.88
C LEU A 1337 -7.82 59.10 22.60
N MET A 1338 -6.66 58.51 22.36
CA MET A 1338 -6.31 57.21 22.92
C MET A 1338 -5.18 57.43 23.92
N ILE A 1339 -5.35 56.92 25.13
CA ILE A 1339 -4.36 57.10 26.17
C ILE A 1339 -3.64 55.78 26.43
N VAL A 1340 -2.56 55.58 25.71
CA VAL A 1340 -1.70 54.41 25.84
C VAL A 1340 -0.69 54.64 26.96
N GLY A 1341 -0.12 53.54 27.47
CA GLY A 1341 0.90 53.62 28.49
C GLY A 1341 1.18 52.26 29.08
N ASN A 1342 2.10 52.26 30.05
CA ASN A 1342 2.51 51.06 30.76
C ASN A 1342 1.79 50.97 32.10
N THR A 1343 1.87 49.80 32.72
CA THR A 1343 1.15 49.57 33.98
C THR A 1343 1.69 50.52 35.04
N GLY A 1344 0.82 50.92 35.96
CA GLY A 1344 1.22 51.72 37.11
C GLY A 1344 1.50 53.18 36.78
N SER A 1345 1.89 53.44 35.54
CA SER A 1345 2.09 54.81 35.08
C SER A 1345 0.76 55.54 34.97
N GLY A 1346 0.77 56.81 35.38
CA GLY A 1346 -0.45 57.56 35.56
C GLY A 1346 -1.22 57.84 34.28
N LYS A 1347 -2.36 57.17 34.10
CA LYS A 1347 -3.25 57.45 32.98
C LYS A 1347 -4.59 58.01 33.46
N THR A 1348 -5.30 57.29 34.32
CA THR A 1348 -6.59 57.77 34.79
C THR A 1348 -6.46 59.02 35.66
N THR A 1349 -5.35 59.15 36.39
CA THR A 1349 -5.11 60.37 37.14
C THR A 1349 -4.78 61.55 36.24
N LEU A 1350 -3.96 61.33 35.21
CA LEU A 1350 -3.73 62.37 34.22
C LEU A 1350 -5.03 62.77 33.53
N LEU A 1351 -5.89 61.78 33.25
CA LEU A 1351 -7.18 62.05 32.63
C LEU A 1351 -8.11 62.80 33.56
N GLN A 1352 -8.11 62.45 34.86
CA GLN A 1352 -8.93 63.18 35.82
C GLN A 1352 -8.49 64.63 35.96
N GLN A 1353 -7.21 64.91 35.73
CA GLN A 1353 -6.71 66.28 35.79
C GLN A 1353 -6.74 67.00 34.44
N LEU A 1354 -6.96 66.26 33.35
CA LEU A 1354 -7.09 66.90 32.05
C LEU A 1354 -8.51 67.40 31.82
N MET A 1355 -9.51 66.64 32.26
CA MET A 1355 -10.90 67.05 32.17
C MET A 1355 -11.36 67.85 33.39
N LYS A 1356 -10.46 68.10 34.34
CA LYS A 1356 -10.75 68.86 35.56
C LYS A 1356 -11.83 68.20 36.40
N THR A 1357 -11.88 66.88 36.40
CA THR A 1357 -12.93 66.12 37.10
C THR A 1357 -12.43 65.72 38.49
N LYS A 1358 -12.33 66.73 39.36
CA LYS A 1358 -11.96 66.51 40.75
C LYS A 1358 -13.07 65.78 41.51
N SER A 1366 -6.97 52.64 41.99
CA SER A 1366 -7.96 51.79 41.30
C SER A 1366 -7.45 51.39 39.92
N ALA A 1367 -7.12 50.12 39.77
CA ALA A 1367 -6.58 49.63 38.51
C ALA A 1367 -7.65 49.58 37.44
N THR A 1368 -7.28 50.01 36.23
CA THR A 1368 -8.21 50.01 35.11
C THR A 1368 -8.49 48.58 34.65
N VAL A 1369 -9.75 48.31 34.34
CA VAL A 1369 -10.20 47.00 33.87
C VAL A 1369 -10.99 47.23 32.59
N GLY A 1370 -10.47 46.75 31.48
CA GLY A 1370 -11.03 47.05 30.16
C GLY A 1370 -10.28 48.22 29.53
N ILE A 1371 -11.03 49.17 28.99
CA ILE A 1371 -10.40 50.32 28.34
C ILE A 1371 -11.02 51.61 28.81
N ASP A 1372 -12.15 51.53 29.52
CA ASP A 1372 -12.72 52.63 30.31
C ASP A 1372 -12.98 53.86 29.41
N VAL A 1373 -13.93 53.70 28.51
CA VAL A 1373 -14.25 54.76 27.57
C VAL A 1373 -14.95 55.90 28.30
N LYS A 1374 -14.63 57.14 27.90
CA LYS A 1374 -15.34 58.33 28.33
C LYS A 1374 -15.40 59.29 27.14
N ASP A 1375 -15.76 60.54 27.42
CA ASP A 1375 -15.72 61.61 26.42
C ASP A 1375 -15.83 62.98 27.07
N TRP A 1376 -14.92 63.89 26.75
CA TRP A 1376 -15.01 65.24 27.27
C TRP A 1376 -15.12 66.27 26.14
N PRO A 1377 -16.01 67.25 26.27
CA PRO A 1377 -16.15 68.28 25.23
C PRO A 1377 -15.26 69.50 25.48
N ILE A 1378 -14.49 69.89 24.47
CA ILE A 1378 -13.57 71.02 24.58
C ILE A 1378 -14.20 72.22 23.90
N GLN A 1379 -14.60 73.22 24.70
CA GLN A 1379 -15.17 74.46 24.19
C GLN A 1379 -14.04 75.45 23.96
N ILE A 1380 -13.50 75.45 22.74
CA ILE A 1380 -12.40 76.34 22.42
C ILE A 1380 -12.89 77.78 22.37
N ARG A 1381 -12.24 78.65 23.14
CA ARG A 1381 -12.70 80.02 23.31
C ARG A 1381 -12.15 80.97 22.26
N ASP A 1382 -11.38 80.49 21.29
CA ASP A 1382 -10.83 81.35 20.26
C ASP A 1382 -11.92 81.85 19.31
N LYS A 1383 -11.52 82.69 18.36
CA LYS A 1383 -12.45 83.17 17.33
C LYS A 1383 -13.07 82.02 16.55
N ARG A 1384 -12.30 80.96 16.32
CA ARG A 1384 -12.81 79.71 15.76
C ARG A 1384 -13.27 78.84 16.93
N LYS A 1385 -14.49 79.16 17.40
CA LYS A 1385 -15.08 78.43 18.53
C LYS A 1385 -15.60 77.06 18.10
N ARG A 1386 -14.66 76.21 17.70
CA ARG A 1386 -14.96 74.86 17.22
C ARG A 1386 -15.05 73.95 18.43
N ASP A 1387 -16.27 73.78 18.93
CA ASP A 1387 -16.54 72.93 20.09
C ASP A 1387 -16.35 71.47 19.70
N LEU A 1388 -15.19 70.92 20.03
CA LEU A 1388 -14.87 69.54 19.72
C LEU A 1388 -15.03 68.64 20.93
N VAL A 1389 -15.29 67.36 20.67
CA VAL A 1389 -15.53 66.37 21.70
C VAL A 1389 -14.56 65.22 21.48
N LEU A 1390 -13.53 65.12 22.32
CA LEU A 1390 -12.69 63.94 22.30
C LEU A 1390 -13.36 62.87 23.14
N ASN A 1391 -13.34 61.63 22.65
CA ASN A 1391 -13.75 60.49 23.47
C ASN A 1391 -12.51 59.68 23.79
N VAL A 1392 -12.16 59.65 25.07
CA VAL A 1392 -10.92 59.03 25.50
C VAL A 1392 -11.09 57.52 25.60
N TRP A 1393 -9.96 56.81 25.50
CA TRP A 1393 -9.95 55.36 25.63
C TRP A 1393 -8.77 55.06 26.55
N ASP A 1394 -9.03 55.03 27.86
CA ASP A 1394 -7.97 54.84 28.84
C ASP A 1394 -7.50 53.39 28.86
N PHE A 1395 -6.57 53.04 27.96
CA PHE A 1395 -6.14 51.66 27.83
C PHE A 1395 -5.52 51.16 29.14
N ALA A 1396 -5.86 49.93 29.51
CA ALA A 1396 -5.30 49.31 30.70
C ALA A 1396 -3.88 48.83 30.45
N GLY A 1397 -3.00 49.11 31.41
CA GLY A 1397 -1.60 48.78 31.25
C GLY A 1397 -1.25 47.32 31.47
N ARG A 1398 -2.06 46.61 32.26
CA ARG A 1398 -1.71 45.25 32.66
C ARG A 1398 -1.67 44.32 31.44
N GLU A 1399 -0.80 43.32 31.52
CA GLU A 1399 -0.45 42.55 30.32
C GLU A 1399 -1.58 41.63 29.86
N GLU A 1400 -2.35 41.07 30.80
CA GLU A 1400 -3.33 40.04 30.46
C GLU A 1400 -4.41 40.51 29.48
N PHE A 1401 -4.61 41.82 29.37
CA PHE A 1401 -5.60 42.40 28.47
C PHE A 1401 -5.06 42.71 27.09
N TYR A 1402 -3.75 42.51 26.86
CA TYR A 1402 -3.11 42.94 25.62
C TYR A 1402 -3.67 42.26 24.38
N SER A 1403 -4.34 41.11 24.53
CA SER A 1403 -4.91 40.41 23.39
C SER A 1403 -6.05 41.16 22.72
N THR A 1404 -6.81 41.96 23.48
CA THR A 1404 -7.98 42.63 22.93
C THR A 1404 -7.73 44.07 22.50
N HIS A 1405 -6.60 44.64 22.86
CA HIS A 1405 -6.34 46.05 22.51
C HIS A 1405 -6.24 46.31 21.00
N PRO A 1406 -5.53 45.52 20.18
CA PRO A 1406 -5.44 45.87 18.74
C PRO A 1406 -6.76 45.94 18.01
N HIS A 1407 -7.87 45.56 18.63
CA HIS A 1407 -9.18 45.73 18.00
C HIS A 1407 -9.69 47.15 18.12
N PHE A 1408 -9.14 47.93 19.04
CA PHE A 1408 -9.63 49.28 19.34
C PHE A 1408 -8.55 50.32 19.05
N MET A 1409 -7.65 50.03 18.12
CA MET A 1409 -6.63 50.97 17.66
C MET A 1409 -6.89 51.26 16.19
N THR A 1410 -7.35 52.46 15.89
CA THR A 1410 -7.70 52.86 14.54
C THR A 1410 -6.80 54.00 14.08
N GLN A 1411 -6.94 54.35 12.80
CA GLN A 1411 -6.08 55.38 12.22
C GLN A 1411 -6.52 56.78 12.65
N ARG A 1412 -7.81 57.08 12.49
CA ARG A 1412 -8.30 58.43 12.74
C ARG A 1412 -8.37 58.70 14.24
N ALA A 1413 -7.22 58.75 14.90
CA ALA A 1413 -7.17 58.93 16.35
C ALA A 1413 -5.79 59.41 16.74
N LEU A 1414 -5.75 60.19 17.82
CA LEU A 1414 -4.50 60.66 18.40
C LEU A 1414 -4.18 59.79 19.60
N TYR A 1415 -2.89 59.64 19.88
CA TYR A 1415 -2.43 58.77 20.96
C TYR A 1415 -1.67 59.59 21.99
N LEU A 1416 -1.84 59.23 23.26
CA LEU A 1416 -0.93 59.63 24.32
C LEU A 1416 -0.10 58.43 24.74
N ALA A 1417 1.00 58.69 25.44
CA ALA A 1417 1.87 57.61 25.88
C ALA A 1417 2.61 58.03 27.15
N VAL A 1418 2.13 57.56 28.32
CA VAL A 1418 2.65 58.02 29.60
C VAL A 1418 3.64 56.99 30.14
N TYR A 1419 4.74 57.46 30.73
CA TYR A 1419 5.82 56.53 30.98
C TYR A 1419 6.61 56.71 32.29
N ASP A 1420 6.05 57.41 33.29
CA ASP A 1420 6.52 57.32 34.68
C ASP A 1420 8.01 57.67 34.81
N LEU A 1421 8.30 58.97 34.63
CA LEU A 1421 9.66 59.53 34.76
C LEU A 1421 10.46 59.02 35.96
N SER A 1422 9.78 58.61 37.03
CA SER A 1422 10.42 58.23 38.29
C SER A 1422 11.53 57.20 38.07
N LYS A 1423 11.20 56.07 37.44
CA LYS A 1423 12.19 55.07 37.07
C LYS A 1423 12.82 55.46 35.73
N GLY A 1424 13.55 56.57 35.77
CA GLY A 1424 14.06 57.17 34.55
C GLY A 1424 15.12 56.31 33.87
N GLN A 1425 15.31 56.60 32.58
CA GLN A 1425 16.35 56.04 31.71
C GLN A 1425 16.09 54.57 31.37
N ALA A 1426 15.09 53.96 32.00
CA ALA A 1426 14.70 52.60 31.70
C ALA A 1426 13.21 52.43 31.46
N GLU A 1427 12.37 53.33 31.98
CA GLU A 1427 10.95 53.32 31.65
C GLU A 1427 10.71 53.82 30.23
N VAL A 1428 11.64 54.58 29.66
CA VAL A 1428 11.54 54.98 28.26
C VAL A 1428 11.82 53.79 27.36
N ASP A 1429 12.87 53.03 27.66
CA ASP A 1429 13.17 51.82 26.91
C ASP A 1429 12.19 50.67 27.21
N ALA A 1430 11.28 50.86 28.16
CA ALA A 1430 10.25 49.88 28.48
C ALA A 1430 8.94 50.11 27.74
N MET A 1431 8.75 51.27 27.10
CA MET A 1431 7.53 51.55 26.36
C MET A 1431 7.73 51.51 24.85
N LYS A 1432 8.92 51.14 24.38
CA LYS A 1432 9.10 50.91 22.95
C LYS A 1432 8.16 49.85 22.36
N PRO A 1433 7.80 48.75 23.04
CA PRO A 1433 6.75 47.88 22.47
C PRO A 1433 5.45 48.58 22.18
N TRP A 1434 4.97 49.43 23.10
CA TRP A 1434 3.72 50.15 22.87
C TRP A 1434 3.82 51.05 21.63
N LEU A 1435 4.93 51.78 21.50
CA LEU A 1435 5.11 52.69 20.37
C LEU A 1435 5.23 51.92 19.06
N PHE A 1436 5.92 50.78 19.10
CA PHE A 1436 6.02 49.94 17.93
C PHE A 1436 4.65 49.43 17.50
N ASN A 1437 3.76 49.22 18.46
CA ASN A 1437 2.43 48.72 18.13
C ASN A 1437 1.55 49.81 17.56
N ILE A 1438 1.68 51.03 18.09
CA ILE A 1438 1.04 52.19 17.47
C ILE A 1438 1.54 52.38 16.04
N LYS A 1439 2.82 52.07 15.81
CA LYS A 1439 3.39 52.17 14.46
C LYS A 1439 2.79 51.11 13.54
N ALA A 1440 2.63 49.89 14.04
CA ALA A 1440 2.12 48.80 13.22
C ALA A 1440 0.64 49.01 12.87
N ARG A 1441 -0.17 49.36 13.87
CA ARG A 1441 -1.62 49.46 13.65
C ARG A 1441 -2.00 50.77 12.96
N ALA A 1442 -1.61 51.89 13.53
CA ALA A 1442 -1.94 53.21 12.99
C ALA A 1442 -0.66 53.93 12.60
N SER A 1443 -0.17 53.68 11.39
CA SER A 1443 1.16 54.11 11.01
C SER A 1443 1.28 55.63 10.86
N SER A 1444 0.18 56.33 10.63
CA SER A 1444 0.24 57.78 10.38
C SER A 1444 -0.60 58.55 11.40
N SER A 1445 -0.49 58.17 12.67
CA SER A 1445 -1.19 58.89 13.73
C SER A 1445 -0.20 59.52 14.70
N PRO A 1446 -0.44 60.75 15.14
CA PRO A 1446 0.50 61.42 16.05
C PRO A 1446 0.58 60.72 17.40
N VAL A 1447 1.63 61.05 18.14
CA VAL A 1447 1.90 60.49 19.45
C VAL A 1447 2.45 61.60 20.33
N ILE A 1448 1.83 61.82 21.49
CA ILE A 1448 2.24 62.87 22.40
C ILE A 1448 2.79 62.25 23.67
N LEU A 1449 4.12 62.08 23.72
CA LEU A 1449 4.78 61.53 24.89
C LEU A 1449 4.51 62.38 26.12
N VAL A 1450 4.17 61.72 27.23
CA VAL A 1450 3.86 62.40 28.48
C VAL A 1450 4.65 61.73 29.60
N GLY A 1451 5.42 62.52 30.33
CA GLY A 1451 6.18 61.95 31.44
C GLY A 1451 5.60 62.32 32.79
N THR A 1452 4.98 61.36 33.48
CA THR A 1452 4.33 61.64 34.75
C THR A 1452 5.37 61.64 35.88
N HIS A 1453 4.89 61.69 37.13
CA HIS A 1453 5.71 61.54 38.34
C HIS A 1453 6.88 62.53 38.39
N LEU A 1454 6.69 63.75 37.88
CA LEU A 1454 7.75 64.75 37.95
C LEU A 1454 8.06 65.19 39.39
N ASP A 1455 7.13 65.01 40.33
CA ASP A 1455 7.40 65.35 41.72
C ASP A 1455 8.59 64.58 42.28
N VAL A 1456 8.54 63.25 42.19
CA VAL A 1456 9.67 62.42 42.58
C VAL A 1456 10.73 62.46 41.48
N SER A 1457 11.95 62.86 41.85
CA SER A 1457 13.07 63.10 40.92
C SER A 1457 12.71 64.13 39.85
N LYS A 1463 15.62 63.10 37.53
CA LYS A 1463 15.90 62.21 36.42
C LYS A 1463 15.29 62.72 35.13
N ALA A 1464 15.06 64.04 35.07
CA ALA A 1464 14.49 64.70 33.90
C ALA A 1464 15.38 64.65 32.66
N CYS A 1465 16.58 64.08 32.75
CA CYS A 1465 17.46 63.89 31.61
C CYS A 1465 17.09 62.66 30.77
N MET A 1466 15.92 62.08 30.98
CA MET A 1466 15.35 61.11 30.04
C MET A 1466 15.03 61.72 28.69
N SER A 1467 15.00 63.05 28.56
CA SER A 1467 14.86 63.68 27.25
C SER A 1467 16.03 63.36 26.32
N LYS A 1468 17.18 62.95 26.86
CA LYS A 1468 18.31 62.55 26.03
C LYS A 1468 17.99 61.34 25.17
N ILE A 1469 17.57 60.24 25.81
CA ILE A 1469 17.23 59.03 25.06
C ILE A 1469 16.00 59.25 24.19
N THR A 1470 15.05 60.06 24.67
CA THR A 1470 13.89 60.42 23.85
C THR A 1470 14.29 61.15 22.58
N LYS A 1471 15.31 62.01 22.67
CA LYS A 1471 15.72 62.82 21.52
C LYS A 1471 16.77 62.15 20.64
N GLU A 1472 17.31 61.00 21.06
CA GLU A 1472 18.31 60.29 20.29
C GLU A 1472 17.80 58.98 19.70
N LEU A 1473 17.23 58.10 20.52
CA LEU A 1473 16.87 56.77 20.08
C LEU A 1473 15.40 56.63 19.74
N LEU A 1474 14.54 57.48 20.28
CA LEU A 1474 13.09 57.32 20.17
C LEU A 1474 12.45 58.24 19.15
N ASN A 1475 13.23 58.84 18.25
CA ASN A 1475 12.68 59.90 17.42
C ASN A 1475 12.20 59.40 16.06
N LYS A 1476 13.05 58.71 15.30
CA LYS A 1476 12.72 58.37 13.93
C LYS A 1476 13.08 56.94 13.54
N ARG A 1477 13.66 56.15 14.44
CA ARG A 1477 14.16 54.83 14.10
C ARG A 1477 13.04 53.80 14.25
N GLY A 1478 12.18 53.74 13.24
CA GLY A 1478 11.08 52.80 13.25
C GLY A 1478 10.05 53.04 14.34
N PHE A 1479 9.44 54.23 14.36
CA PHE A 1479 8.57 54.63 15.45
C PHE A 1479 7.51 55.57 14.88
N PRO A 1480 6.35 55.71 15.55
CA PRO A 1480 5.19 56.34 14.89
C PRO A 1480 5.13 57.86 15.01
N ALA A 1481 6.18 58.54 14.53
CA ALA A 1481 6.18 59.98 14.23
C ALA A 1481 5.75 60.82 15.43
N ILE A 1482 6.66 60.90 16.40
CA ILE A 1482 6.37 61.60 17.64
C ILE A 1482 6.38 63.10 17.38
N ARG A 1483 5.41 63.82 17.96
CA ARG A 1483 5.21 65.23 17.63
C ARG A 1483 5.21 66.15 18.84
N ASP A 1484 5.37 65.62 20.05
CA ASP A 1484 5.62 66.42 21.25
C ASP A 1484 5.91 65.49 22.42
N TYR A 1485 6.53 66.05 23.45
CA TYR A 1485 7.02 65.28 24.60
C TYR A 1485 6.99 66.24 25.78
N HIS A 1486 6.29 65.86 26.85
CA HIS A 1486 6.11 66.75 27.98
C HIS A 1486 6.48 66.04 29.27
N PHE A 1487 7.03 66.81 30.21
CA PHE A 1487 7.31 66.34 31.57
C PHE A 1487 6.28 66.94 32.52
N VAL A 1488 5.16 66.23 32.72
CA VAL A 1488 4.03 66.81 33.42
C VAL A 1488 3.92 66.16 34.79
N ASN A 1489 3.27 66.88 35.71
CA ASN A 1489 2.83 66.31 36.97
C ASN A 1489 1.36 65.90 36.86
N ALA A 1490 0.90 65.09 37.80
CA ALA A 1490 -0.51 64.80 37.96
C ALA A 1490 -1.00 65.27 39.33
N THR A 1491 -2.26 64.95 39.64
CA THR A 1491 -2.92 65.18 40.93
C THR A 1491 -3.06 66.66 41.28
N GLU A 1492 -2.67 67.55 40.37
CA GLU A 1492 -2.77 68.99 40.57
C GLU A 1492 -2.55 69.70 39.25
N GLU A 1493 -3.36 70.70 38.97
CA GLU A 1493 -3.24 71.46 37.73
C GLU A 1493 -2.21 72.56 37.89
N SER A 1494 -1.43 72.79 36.85
CA SER A 1494 -0.37 73.78 36.86
C SER A 1494 -0.12 74.22 35.42
N ASP A 1495 0.96 75.00 35.23
CA ASP A 1495 1.35 75.43 33.89
C ASP A 1495 1.81 74.26 33.02
N ALA A 1496 2.28 73.17 33.64
CA ALA A 1496 2.66 71.98 32.88
C ALA A 1496 1.44 71.33 32.25
N LEU A 1497 0.45 70.97 33.07
CA LEU A 1497 -0.79 70.39 32.55
C LEU A 1497 -1.52 71.33 31.62
N ALA A 1498 -1.45 72.64 31.89
CA ALA A 1498 -2.09 73.61 31.00
C ALA A 1498 -1.46 73.57 29.61
N LYS A 1499 -0.13 73.55 29.55
CA LYS A 1499 0.54 73.46 28.26
C LYS A 1499 0.26 72.12 27.59
N LEU A 1500 0.17 71.04 28.38
CA LEU A 1500 -0.11 69.72 27.83
C LEU A 1500 -1.51 69.66 27.23
N ARG A 1501 -2.49 70.24 27.94
CA ARG A 1501 -3.86 70.24 27.43
C ARG A 1501 -3.99 71.07 26.16
N LYS A 1502 -3.36 72.25 26.14
CA LYS A 1502 -3.38 73.08 24.94
C LYS A 1502 -2.66 72.41 23.77
N THR A 1503 -1.63 71.62 24.05
CA THR A 1503 -0.93 70.92 22.97
C THR A 1503 -1.77 69.80 22.38
N ILE A 1504 -2.49 69.07 23.24
CA ILE A 1504 -3.44 68.05 22.76
C ILE A 1504 -4.48 68.67 21.85
N ILE A 1505 -5.04 69.83 22.26
CA ILE A 1505 -6.05 70.51 21.46
C ILE A 1505 -5.49 70.89 20.08
N ASN A 1506 -4.40 71.66 20.08
CA ASN A 1506 -3.78 72.11 18.83
C ASN A 1506 -3.41 70.93 17.92
N GLU A 1507 -2.62 69.99 18.45
CA GLU A 1507 -2.18 68.84 17.65
C GLU A 1507 -3.34 67.99 17.16
N SER A 1508 -4.50 68.06 17.82
CA SER A 1508 -5.69 67.38 17.31
C SER A 1508 -6.21 68.06 16.06
N LEU A 1509 -6.47 69.37 16.13
CA LEU A 1509 -7.10 70.10 15.03
C LEU A 1509 -6.29 70.00 13.74
N ASN A 1510 -4.97 69.98 13.85
CA ASN A 1510 -4.10 69.95 12.68
C ASN A 1510 -3.65 68.51 12.40
N PHE A 1511 -4.64 67.65 12.15
CA PHE A 1511 -4.35 66.24 11.93
C PHE A 1511 -3.91 66.00 10.49
N LYS A 1512 -4.82 66.22 9.54
CA LYS A 1512 -4.53 66.30 8.10
C LYS A 1512 -3.85 65.03 7.58
N ILE A 1513 -4.59 63.92 7.61
CA ILE A 1513 -4.14 62.72 6.91
C ILE A 1513 -4.29 62.95 5.41
N ARG A 1514 -3.15 63.13 4.72
CA ARG A 1514 -3.11 63.45 3.29
C ARG A 1514 -3.92 64.71 2.98
N ASP A 1515 -3.79 65.72 3.84
CA ASP A 1515 -4.48 67.01 3.71
C ASP A 1515 -6.00 66.81 3.67
N GLN A 1516 -6.54 66.32 4.78
CA GLN A 1516 -7.96 66.06 4.88
C GLN A 1516 -8.65 66.83 6.00
N LEU A 1517 -7.94 67.19 7.07
CA LEU A 1517 -8.47 67.92 8.22
C LEU A 1517 -9.65 67.19 8.85
N VAL A 1518 -9.32 66.05 9.45
CA VAL A 1518 -10.32 65.12 10.00
C VAL A 1518 -11.31 65.83 10.89
N VAL A 1519 -10.84 66.82 11.66
CA VAL A 1519 -11.65 67.44 12.70
C VAL A 1519 -12.78 68.28 12.13
N GLY A 1520 -12.73 68.62 10.84
CA GLY A 1520 -13.74 69.50 10.29
C GLY A 1520 -14.33 69.05 8.98
N GLN A 1521 -14.35 67.73 8.75
CA GLN A 1521 -14.90 67.21 7.51
C GLN A 1521 -16.42 67.29 7.54
N LEU A 1522 -17.04 67.01 6.39
CA LEU A 1522 -18.48 67.13 6.22
C LEU A 1522 -19.14 65.76 6.21
N ILE A 1523 -20.38 65.72 6.70
CA ILE A 1523 -21.14 64.47 6.78
C ILE A 1523 -22.59 64.78 6.48
N PRO A 1524 -23.36 63.78 6.03
CA PRO A 1524 -24.81 63.96 5.90
C PRO A 1524 -25.44 64.26 7.25
N ASP A 1525 -26.36 65.25 7.26
CA ASP A 1525 -26.96 65.69 8.51
C ASP A 1525 -27.69 64.55 9.23
N CYS A 1526 -28.19 63.56 8.48
CA CYS A 1526 -28.86 62.43 9.10
C CYS A 1526 -27.93 61.63 10.02
N TYR A 1527 -26.62 61.64 9.72
CA TYR A 1527 -25.66 60.92 10.56
C TYR A 1527 -25.59 61.52 11.96
N VAL A 1528 -25.46 62.85 12.04
CA VAL A 1528 -25.36 63.49 13.35
C VAL A 1528 -26.71 63.42 14.07
N GLU A 1529 -27.81 63.40 13.31
CA GLU A 1529 -29.12 63.21 13.92
C GLU A 1529 -29.23 61.82 14.54
N LEU A 1530 -28.76 60.79 13.83
CA LEU A 1530 -28.74 59.44 14.35
C LEU A 1530 -27.89 59.34 15.62
N GLU A 1531 -26.77 60.07 15.65
CA GLU A 1531 -25.90 60.05 16.82
C GLU A 1531 -26.59 60.66 18.04
N LYS A 1532 -27.35 61.75 17.85
CA LYS A 1532 -28.06 62.36 18.96
C LYS A 1532 -29.15 61.47 19.53
N ILE A 1533 -29.89 60.75 18.67
CA ILE A 1533 -30.93 59.87 19.20
C ILE A 1533 -30.33 58.67 19.92
N ILE A 1534 -29.13 58.22 19.51
CA ILE A 1534 -28.46 57.15 20.23
C ILE A 1534 -28.01 57.65 21.61
N LEU A 1535 -27.47 58.87 21.67
CA LEU A 1535 -27.06 59.46 22.94
C LEU A 1535 -28.22 59.59 23.91
N SER A 1536 -29.41 59.92 23.41
CA SER A 1536 -30.58 59.98 24.28
C SER A 1536 -31.00 58.59 24.72
N GLU A 1537 -30.88 57.61 23.82
CA GLU A 1537 -31.19 56.22 24.15
C GLU A 1537 -30.22 55.62 25.16
N ARG A 1538 -29.04 56.23 25.32
CA ARG A 1538 -28.09 55.79 26.33
C ARG A 1538 -28.67 55.86 27.74
N LYS A 1539 -29.54 56.85 27.99
CA LYS A 1539 -30.11 57.02 29.32
C LYS A 1539 -31.28 56.08 29.55
N ASN A 1540 -32.13 55.88 28.54
CA ASN A 1540 -33.34 55.07 28.66
C ASN A 1540 -33.07 53.65 28.17
N VAL A 1541 -32.37 52.87 29.00
CA VAL A 1541 -32.01 51.50 28.69
C VAL A 1541 -31.55 50.85 29.99
N PRO A 1542 -31.88 49.57 30.25
CA PRO A 1542 -31.47 48.94 31.51
C PRO A 1542 -29.96 48.95 31.71
N ILE A 1543 -29.55 49.29 32.94
CA ILE A 1543 -28.12 49.35 33.25
C ILE A 1543 -27.49 47.97 33.25
N GLU A 1544 -28.24 46.94 33.66
CA GLU A 1544 -27.69 45.59 33.69
C GLU A 1544 -27.42 45.05 32.30
N PHE A 1545 -28.11 45.58 31.28
CA PHE A 1545 -27.91 45.14 29.90
C PHE A 1545 -28.20 46.35 29.01
N PRO A 1546 -27.17 47.06 28.55
CA PRO A 1546 -27.39 48.26 27.73
C PRO A 1546 -27.58 47.97 26.25
N VAL A 1547 -27.49 46.71 25.84
CA VAL A 1547 -27.60 46.37 24.43
C VAL A 1547 -28.99 46.70 23.90
N ILE A 1548 -29.05 47.12 22.64
CA ILE A 1548 -30.29 47.48 21.98
C ILE A 1548 -30.46 46.55 20.78
N ASP A 1549 -31.72 46.38 20.35
CA ASP A 1549 -32.08 45.46 19.29
C ASP A 1549 -32.26 46.21 17.97
N ARG A 1550 -31.87 45.56 16.87
CA ARG A 1550 -32.05 46.15 15.54
C ARG A 1550 -33.50 46.53 15.29
N LYS A 1551 -34.45 45.71 15.76
CA LYS A 1551 -35.86 46.08 15.68
C LYS A 1551 -36.16 47.31 16.52
N ARG A 1552 -35.53 47.41 17.70
CA ARG A 1552 -35.71 48.60 18.54
C ARG A 1552 -35.12 49.83 17.87
N LEU A 1553 -34.00 49.67 17.15
CA LEU A 1553 -33.42 50.77 16.41
C LEU A 1553 -34.34 51.20 15.28
N LEU A 1554 -34.87 50.23 14.52
CA LEU A 1554 -35.82 50.54 13.45
C LEU A 1554 -37.04 51.26 14.00
N GLN A 1555 -37.54 50.82 15.16
CA GLN A 1555 -38.67 51.48 15.78
C GLN A 1555 -38.31 52.92 16.19
N LEU A 1556 -37.06 53.12 16.63
CA LEU A 1556 -36.62 54.43 17.07
C LEU A 1556 -36.43 55.40 15.91
N VAL A 1557 -35.81 54.95 14.81
CA VAL A 1557 -35.59 55.82 13.66
C VAL A 1557 -36.92 56.17 12.99
N ARG A 1558 -37.90 55.26 13.07
CA ARG A 1558 -39.22 55.57 12.52
C ARG A 1558 -40.01 56.48 13.45
N GLU A 1559 -39.89 56.29 14.77
CA GLU A 1559 -40.63 57.09 15.73
C GLU A 1559 -40.30 58.58 15.66
N ASN A 1560 -39.12 58.95 15.17
CA ASN A 1560 -38.78 60.35 14.92
C ASN A 1560 -38.68 60.60 13.42
N GLN A 1561 -38.39 61.84 13.06
CA GLN A 1561 -38.46 62.30 11.68
C GLN A 1561 -37.21 61.97 10.86
N LEU A 1562 -36.31 61.14 11.39
CA LEU A 1562 -35.09 60.77 10.69
C LEU A 1562 -35.40 60.08 9.36
N GLN A 1563 -35.02 60.71 8.25
CA GLN A 1563 -35.37 60.25 6.92
C GLN A 1563 -34.39 59.21 6.38
N LEU A 1564 -33.67 58.51 7.25
CA LEU A 1564 -32.72 57.50 6.82
C LEU A 1564 -33.44 56.25 6.34
N ASP A 1565 -33.23 55.89 5.08
CA ASP A 1565 -33.84 54.70 4.50
C ASP A 1565 -33.25 53.43 5.13
N GLU A 1566 -33.94 52.31 4.92
CA GLU A 1566 -33.47 51.04 5.44
C GLU A 1566 -32.14 50.63 4.81
N ASN A 1567 -31.98 50.89 3.51
CA ASN A 1567 -30.74 50.56 2.81
C ASN A 1567 -29.59 51.49 3.18
N GLU A 1568 -29.87 52.61 3.85
CA GLU A 1568 -28.82 53.53 4.25
C GLU A 1568 -28.26 53.22 5.63
N LEU A 1569 -29.02 52.54 6.48
CA LEU A 1569 -28.59 52.27 7.85
C LEU A 1569 -27.23 51.60 8.00
N PRO A 1570 -26.83 50.60 7.18
CA PRO A 1570 -25.49 50.02 7.37
C PRO A 1570 -24.35 51.03 7.28
N HIS A 1571 -24.40 51.91 6.28
CA HIS A 1571 -23.35 52.92 6.12
C HIS A 1571 -23.31 53.86 7.33
N ALA A 1572 -24.47 54.33 7.77
CA ALA A 1572 -24.54 55.26 8.90
C ALA A 1572 -24.03 54.61 10.17
N VAL A 1573 -24.52 53.42 10.50
CA VAL A 1573 -24.13 52.77 11.75
C VAL A 1573 -22.66 52.38 11.75
N HIS A 1574 -22.10 52.07 10.57
CA HIS A 1574 -20.67 51.78 10.50
C HIS A 1574 -19.83 53.04 10.71
N PHE A 1575 -20.31 54.18 10.25
CA PHE A 1575 -19.58 55.43 10.45
C PHE A 1575 -19.58 55.83 11.92
N LEU A 1576 -20.72 55.69 12.59
CA LEU A 1576 -20.79 55.95 14.03
C LEU A 1576 -19.89 54.97 14.79
N ASN A 1577 -19.74 53.76 14.27
CA ASN A 1577 -18.78 52.82 14.85
C ASN A 1577 -17.36 53.35 14.77
N GLU A 1578 -16.97 53.90 13.62
CA GLU A 1578 -15.62 54.42 13.45
C GLU A 1578 -15.33 55.59 14.40
N SER A 1579 -16.34 56.36 14.76
CA SER A 1579 -16.17 57.49 15.67
C SER A 1579 -16.24 57.09 17.14
N GLY A 1580 -16.48 55.82 17.44
CA GLY A 1580 -16.52 55.38 18.82
C GLY A 1580 -17.74 55.80 19.60
N VAL A 1581 -18.89 55.88 18.95
CA VAL A 1581 -20.15 56.20 19.62
C VAL A 1581 -20.77 54.90 20.08
N LEU A 1582 -21.06 54.02 19.13
CA LEU A 1582 -21.57 52.69 19.39
C LEU A 1582 -20.73 51.68 18.65
N LEU A 1583 -20.64 50.45 19.18
CA LEU A 1583 -19.93 49.37 18.51
C LEU A 1583 -20.93 48.40 17.93
N HIS A 1584 -20.60 47.85 16.77
CA HIS A 1584 -21.42 46.82 16.15
C HIS A 1584 -20.56 46.01 15.19
N PHE A 1585 -21.02 44.79 14.91
CA PHE A 1585 -20.29 43.84 14.06
C PHE A 1585 -21.27 43.29 13.03
N GLN A 1586 -21.29 43.92 11.85
CA GLN A 1586 -22.21 43.56 10.78
C GLN A 1586 -21.88 42.22 10.12
N ASP A 1587 -20.79 41.58 10.52
CA ASP A 1587 -20.40 40.30 9.94
C ASP A 1587 -21.47 39.24 10.19
N PRO A 1588 -21.92 38.53 9.15
CA PRO A 1588 -22.96 37.51 9.35
C PRO A 1588 -22.45 36.21 9.94
N ALA A 1589 -21.13 36.00 9.97
CA ALA A 1589 -20.58 34.83 10.65
C ALA A 1589 -20.96 34.79 12.13
N LEU A 1590 -21.20 35.95 12.73
CA LEU A 1590 -21.72 36.06 14.08
C LEU A 1590 -23.22 36.29 14.04
N GLN A 1591 -23.88 35.93 15.15
CA GLN A 1591 -25.31 36.17 15.32
C GLN A 1591 -25.60 37.45 16.07
N LEU A 1592 -24.71 38.43 15.97
CA LEU A 1592 -24.81 39.67 16.73
C LEU A 1592 -25.37 40.84 15.92
N SER A 1593 -25.49 40.70 14.60
CA SER A 1593 -25.87 41.83 13.75
C SER A 1593 -27.28 42.35 14.04
N ASP A 1594 -28.07 41.64 14.84
CA ASP A 1594 -29.35 42.18 15.32
C ASP A 1594 -29.20 43.00 16.59
N LEU A 1595 -28.04 42.94 17.25
CA LEU A 1595 -27.78 43.68 18.47
C LEU A 1595 -26.72 44.73 18.21
N TYR A 1596 -27.02 45.98 18.54
CA TYR A 1596 -26.12 47.10 18.28
C TYR A 1596 -25.67 47.65 19.62
N PHE A 1597 -24.41 47.35 19.98
CA PHE A 1597 -23.88 47.70 21.30
C PHE A 1597 -23.79 49.22 21.43
N VAL A 1598 -24.70 49.80 22.20
CA VAL A 1598 -24.60 51.17 22.63
C VAL A 1598 -23.87 51.19 23.97
N GLU A 1599 -23.23 52.33 24.30
CA GLU A 1599 -22.45 52.49 25.52
C GLU A 1599 -21.35 51.44 25.54
N PRO A 1600 -20.32 51.60 24.71
CA PRO A 1600 -19.36 50.50 24.49
C PRO A 1600 -18.51 50.16 25.71
N LYS A 1601 -18.33 51.10 26.65
CA LYS A 1601 -17.51 50.83 27.82
C LYS A 1601 -18.03 49.64 28.62
N TRP A 1602 -19.35 49.41 28.62
CA TRP A 1602 -19.90 48.25 29.31
C TRP A 1602 -19.48 46.95 28.64
N LEU A 1603 -19.55 46.88 27.31
CA LEU A 1603 -19.14 45.68 26.60
C LEU A 1603 -17.69 45.33 26.89
N CYS A 1604 -16.80 46.34 26.80
CA CYS A 1604 -15.38 46.13 26.96
C CYS A 1604 -15.04 45.70 28.39
N LYS A 1605 -15.64 46.37 29.38
CA LYS A 1605 -15.40 46.00 30.78
C LYS A 1605 -15.87 44.58 31.06
N ILE A 1606 -17.08 44.23 30.59
CA ILE A 1606 -17.64 42.90 30.83
C ILE A 1606 -16.77 41.83 30.17
N MET A 1607 -16.29 42.11 28.95
CA MET A 1607 -15.45 41.16 28.24
C MET A 1607 -14.11 40.96 28.92
N ALA A 1608 -13.52 42.01 29.48
CA ALA A 1608 -12.26 41.87 30.20
C ALA A 1608 -12.43 41.34 31.62
N GLN A 1609 -13.66 41.07 32.04
CA GLN A 1609 -13.87 40.56 33.40
C GLN A 1609 -13.22 39.20 33.60
N ILE A 1610 -13.30 38.32 32.59
CA ILE A 1610 -12.87 36.94 32.81
C ILE A 1610 -11.36 36.81 32.78
N LEU A 1611 -10.65 37.82 32.27
CA LEU A 1611 -9.19 37.76 32.21
C LEU A 1611 -8.54 38.03 33.55
N THR A 1612 -9.29 38.48 34.55
CA THR A 1612 -8.76 38.61 35.91
C THR A 1612 -9.12 37.44 36.81
N VAL A 1613 -10.09 36.61 36.42
CA VAL A 1613 -10.48 35.45 37.21
C VAL A 1613 -9.81 34.19 36.67
N PRO A 1642 -28.13 37.75 31.56
CA PRO A 1642 -28.65 37.48 30.21
C PRO A 1642 -28.43 36.04 29.77
N LYS A 1643 -29.16 35.11 30.38
CA LYS A 1643 -29.06 33.69 30.05
C LYS A 1643 -29.54 33.35 28.64
N ASN A 1644 -30.06 34.32 27.89
CA ASN A 1644 -30.50 34.05 26.52
C ASN A 1644 -29.32 34.09 25.57
N TYR A 1645 -28.43 35.07 25.74
CA TYR A 1645 -27.35 35.36 24.81
C TYR A 1645 -26.05 34.66 25.19
N MET A 1646 -26.13 33.52 25.88
CA MET A 1646 -24.94 32.78 26.27
C MET A 1646 -24.13 32.34 25.05
N THR A 1647 -24.80 31.83 24.01
CA THR A 1647 -24.07 31.38 22.83
C THR A 1647 -23.46 32.56 22.08
N GLN A 1648 -24.20 33.66 21.94
CA GLN A 1648 -23.65 34.88 21.34
C GLN A 1648 -22.50 35.44 22.19
N TYR A 1649 -22.63 35.35 23.52
CA TYR A 1649 -21.55 35.76 24.42
C TYR A 1649 -20.25 35.04 24.07
N PHE A 1650 -20.33 33.72 23.89
CA PHE A 1650 -19.16 32.91 23.59
C PHE A 1650 -18.62 33.21 22.19
N LYS A 1651 -19.53 33.46 21.23
CA LYS A 1651 -19.11 33.77 19.86
C LYS A 1651 -18.25 35.03 19.81
N LEU A 1652 -18.73 36.11 20.43
CA LEU A 1652 -17.96 37.35 20.46
C LEU A 1652 -16.79 37.27 21.41
N LEU A 1653 -16.83 36.33 22.37
CA LEU A 1653 -15.65 36.05 23.18
C LEU A 1653 -14.51 35.51 22.31
N GLU A 1654 -14.83 34.63 21.37
CA GLU A 1654 -13.83 34.21 20.39
C GLU A 1654 -13.45 35.34 19.45
N LYS A 1655 -14.39 36.24 19.15
CA LYS A 1655 -14.10 37.37 18.27
C LYS A 1655 -13.13 38.33 18.92
N PHE A 1656 -13.12 38.40 20.24
CA PHE A 1656 -12.15 39.18 21.00
C PHE A 1656 -10.89 38.38 21.30
N GLN A 1657 -10.82 37.14 20.81
CA GLN A 1657 -9.73 36.19 21.07
C GLN A 1657 -9.59 35.88 22.56
N ILE A 1658 -10.69 35.40 23.14
CA ILE A 1658 -10.71 34.92 24.51
C ILE A 1658 -11.06 33.44 24.59
N ALA A 1659 -11.52 32.83 23.51
CA ALA A 1659 -11.86 31.41 23.50
C ALA A 1659 -11.71 30.82 22.11
N LEU A 1668 -10.60 27.24 25.89
CA LEU A 1668 -9.19 27.53 25.64
C LEU A 1668 -8.97 29.04 25.61
N VAL A 1669 -8.31 29.55 26.64
CA VAL A 1669 -7.99 30.97 26.76
C VAL A 1669 -6.59 31.18 26.19
N PRO A 1670 -6.44 31.82 25.03
CA PRO A 1670 -5.10 31.99 24.43
C PRO A 1670 -4.11 32.73 25.30
N SER A 1671 -4.55 33.58 26.21
CA SER A 1671 -3.65 34.15 27.20
C SER A 1671 -3.56 33.22 28.41
N SER A 1672 -2.50 33.43 29.20
CA SER A 1672 -2.17 32.56 30.34
C SER A 1672 -1.99 31.12 29.88
N LEU A 1673 -0.96 30.92 29.05
CA LEU A 1673 -0.62 29.60 28.53
C LEU A 1673 0.80 29.22 28.91
N SER A 1674 1.22 29.63 30.10
CA SER A 1674 2.40 29.14 30.83
C SER A 1674 3.72 29.61 30.26
N ASP A 1675 3.71 30.20 29.06
CA ASP A 1675 4.83 31.00 28.53
C ASP A 1675 6.15 30.22 28.40
N HIS A 1676 6.14 28.94 28.74
CA HIS A 1676 7.35 28.13 28.85
C HIS A 1676 7.33 27.05 27.78
N ARG A 1677 8.29 27.12 26.86
CA ARG A 1677 8.45 26.11 25.83
C ARG A 1677 8.67 24.74 26.47
N PRO A 1678 7.86 23.74 26.12
CA PRO A 1678 8.14 22.38 26.59
C PRO A 1678 9.14 21.71 25.67
N VAL A 1679 10.05 20.94 26.28
CA VAL A 1679 11.11 20.26 25.53
C VAL A 1679 10.50 19.42 24.43
N ILE A 1680 11.03 19.55 23.22
CA ILE A 1680 10.53 18.83 22.05
C ILE A 1680 11.72 18.28 21.30
N GLU A 1681 11.87 16.96 21.30
CA GLU A 1681 12.93 16.29 20.55
C GLU A 1681 12.31 15.86 19.23
N LEU A 1682 12.55 16.65 18.19
CA LEU A 1682 11.98 16.37 16.89
C LEU A 1682 12.53 15.06 16.33
N PRO A 1683 11.77 14.38 15.47
CA PRO A 1683 12.29 13.13 14.88
C PRO A 1683 13.47 13.33 13.94
N HIS A 1684 13.53 14.45 13.24
CA HIS A 1684 14.49 14.64 12.16
C HIS A 1684 15.49 15.74 12.47
N CYS A 1685 16.73 15.35 12.72
CA CYS A 1685 17.87 16.26 12.69
C CYS A 1685 18.35 16.27 11.25
N GLU A 1686 19.60 16.71 10.98
CA GLU A 1686 20.20 16.72 9.66
C GLU A 1686 19.66 17.89 8.85
N ASN A 1687 20.54 18.79 8.41
CA ASN A 1687 20.11 20.03 7.78
C ASN A 1687 19.50 19.80 6.40
N SER A 1688 19.59 18.60 5.85
CA SER A 1688 19.15 18.32 4.50
C SER A 1688 17.83 17.58 4.50
N GLU A 1689 17.10 17.62 5.62
CA GLU A 1689 15.86 16.87 5.79
C GLU A 1689 14.78 17.73 6.44
N ILE A 1690 15.04 19.01 6.67
CA ILE A 1690 14.07 19.94 7.27
C ILE A 1690 14.17 21.25 6.52
N ILE A 1691 13.09 22.03 6.58
CA ILE A 1691 13.02 23.33 5.93
C ILE A 1691 12.68 24.36 6.99
N ILE A 1692 13.54 25.37 7.14
CA ILE A 1692 13.38 26.42 8.14
C ILE A 1692 13.02 27.71 7.44
N ARG A 1693 12.17 28.52 8.08
CA ARG A 1693 11.95 29.89 7.65
C ARG A 1693 11.77 30.74 8.89
N LEU A 1694 12.47 31.87 8.94
CA LEU A 1694 12.34 32.80 10.04
C LEU A 1694 11.46 33.97 9.64
N TYR A 1695 11.15 34.81 10.63
CA TYR A 1695 10.36 36.02 10.42
C TYR A 1695 10.83 37.01 11.48
N GLU A 1696 11.62 37.99 11.06
CA GLU A 1696 12.27 38.89 12.00
C GLU A 1696 11.45 40.17 12.11
N MET A 1697 11.31 40.66 13.34
CA MET A 1697 10.63 41.91 13.64
C MET A 1697 11.12 42.39 14.99
N PRO A 1698 11.10 43.71 15.25
CA PRO A 1698 11.64 44.20 16.52
C PRO A 1698 10.91 43.67 17.74
N TYR A 1699 9.58 43.57 17.68
CA TYR A 1699 8.82 42.93 18.73
C TYR A 1699 7.63 42.22 18.09
N PHE A 1700 7.08 41.25 18.81
CA PHE A 1700 5.81 40.68 18.41
C PHE A 1700 4.70 41.68 18.68
N PRO A 1701 3.79 41.94 17.74
CA PRO A 1701 2.65 42.81 18.02
C PRO A 1701 1.80 42.26 19.17
N MET A 1702 0.89 43.10 19.66
CA MET A 1702 0.21 42.82 20.93
C MET A 1702 -0.53 41.49 20.89
N GLY A 1703 -1.53 41.37 20.03
CA GLY A 1703 -2.32 40.17 20.00
C GLY A 1703 -1.90 39.25 18.87
N PHE A 1704 -0.62 39.32 18.49
CA PHE A 1704 -0.15 38.62 17.30
C PHE A 1704 -0.35 37.11 17.45
N TRP A 1705 0.22 36.54 18.50
CA TRP A 1705 0.26 35.09 18.64
C TRP A 1705 -1.13 34.51 18.87
N SER A 1706 -2.00 35.25 19.54
CA SER A 1706 -3.37 34.78 19.75
C SER A 1706 -4.12 34.62 18.43
N ARG A 1707 -4.15 35.67 17.61
CA ARG A 1707 -4.83 35.59 16.31
C ARG A 1707 -4.20 34.52 15.43
N LEU A 1708 -2.87 34.36 15.50
CA LEU A 1708 -2.19 33.37 14.67
C LEU A 1708 -2.59 31.96 15.09
N ILE A 1709 -2.50 31.65 16.38
CA ILE A 1709 -2.92 30.35 16.89
C ILE A 1709 -4.36 30.07 16.48
N ASN A 1710 -5.23 31.05 16.66
CA ASN A 1710 -6.64 30.91 16.26
C ASN A 1710 -6.77 30.66 14.77
N ARG A 1711 -5.94 31.32 13.97
CA ARG A 1711 -6.03 31.18 12.52
C ARG A 1711 -5.51 29.83 12.08
N LEU A 1712 -4.47 29.34 12.74
CA LEU A 1712 -3.84 28.07 12.40
C LEU A 1712 -4.57 26.89 13.02
N LEU A 1713 -5.72 27.12 13.63
CA LEU A 1713 -6.42 26.08 14.38
C LEU A 1713 -6.98 25.07 13.38
N GLU A 1714 -6.21 24.04 13.05
CA GLU A 1714 -6.62 22.93 12.19
C GLU A 1714 -7.02 23.38 10.78
N ILE A 1715 -6.83 24.66 10.45
CA ILE A 1715 -7.11 25.18 9.11
C ILE A 1715 -5.96 24.98 8.14
N SER A 1716 -4.92 24.27 8.54
CA SER A 1716 -3.79 23.97 7.67
C SER A 1716 -3.51 22.48 7.69
N PRO A 1717 -4.29 21.68 6.97
CA PRO A 1717 -4.04 20.23 6.93
C PRO A 1717 -3.12 19.82 5.80
N TYR A 1718 -2.27 18.82 6.09
CA TYR A 1718 -1.38 18.27 5.07
C TYR A 1718 -2.18 17.71 3.90
N MET A 1719 -3.19 16.90 4.18
CA MET A 1719 -4.07 16.36 3.16
C MET A 1719 -5.23 17.32 2.90
N LEU A 1720 -6.05 16.97 1.92
CA LEU A 1720 -7.20 17.78 1.55
C LEU A 1720 -8.49 17.21 2.15
N ALA A 1726 -10.92 15.46 7.70
CA ALA A 1726 -10.09 14.28 7.50
C ALA A 1726 -9.50 13.79 8.81
N LEU A 1727 -8.19 13.95 8.96
CA LEU A 1727 -7.48 13.53 10.17
C LEU A 1727 -7.19 14.75 11.04
N ARG A 1728 -7.47 14.62 12.33
CA ARG A 1728 -7.09 15.65 13.29
C ARG A 1728 -5.68 15.39 13.77
N PRO A 1729 -4.80 16.39 13.78
CA PRO A 1729 -3.43 16.18 14.23
C PRO A 1729 -3.25 16.46 15.72
N ASN A 1730 -2.17 15.88 16.25
CA ASN A 1730 -1.74 16.20 17.60
C ASN A 1730 -1.30 17.65 17.68
N ARG A 1731 -1.58 18.28 18.81
CA ARG A 1731 -1.29 19.70 19.00
C ARG A 1731 -0.79 19.93 20.42
N MET A 1732 0.28 20.70 20.56
CA MET A 1732 0.91 21.01 21.84
C MET A 1732 1.09 22.53 21.87
N TYR A 1733 0.06 23.23 22.31
CA TYR A 1733 0.09 24.68 22.36
C TYR A 1733 0.88 25.20 23.55
N TRP A 1734 1.50 26.36 23.37
CA TRP A 1734 1.89 27.23 24.46
C TRP A 1734 1.59 28.66 24.03
N ARG A 1735 2.09 29.63 24.79
CA ARG A 1735 1.71 31.03 24.54
C ARG A 1735 2.25 31.55 23.22
N GLN A 1736 3.27 30.92 22.66
CA GLN A 1736 3.96 31.39 21.45
C GLN A 1736 4.27 30.22 20.52
N GLY A 1737 3.30 29.35 20.28
CA GLY A 1737 3.52 28.25 19.35
C GLY A 1737 2.29 27.39 19.25
N ILE A 1738 2.29 26.52 18.23
CA ILE A 1738 1.19 25.59 18.02
C ILE A 1738 1.66 24.14 17.93
N TYR A 1739 2.57 23.85 17.00
CA TYR A 1739 3.12 22.50 16.77
C TYR A 1739 2.02 21.48 16.47
N LEU A 1740 1.41 21.64 15.31
CA LEU A 1740 0.63 20.54 14.75
C LEU A 1740 1.55 19.40 14.33
N ASN A 1741 1.10 18.16 14.52
CA ASN A 1741 1.96 17.01 14.26
C ASN A 1741 1.10 15.83 13.82
N TRP A 1742 1.14 15.52 12.51
CA TRP A 1742 0.49 14.31 12.01
C TRP A 1742 1.38 13.09 12.20
N SER A 1743 2.53 13.07 11.55
CA SER A 1743 3.37 11.87 11.46
C SER A 1743 4.82 12.28 11.63
N PRO A 1744 5.79 11.37 11.76
CA PRO A 1744 7.19 11.81 11.86
C PRO A 1744 7.73 12.45 10.60
N GLU A 1745 6.96 12.50 9.51
CA GLU A 1745 7.38 13.15 8.27
C GLU A 1745 6.34 14.15 7.79
N ALA A 1746 5.34 14.46 8.60
CA ALA A 1746 4.24 15.35 8.24
C ALA A 1746 3.89 16.26 9.41
N TYR A 1747 4.90 16.84 10.03
CA TYR A 1747 4.70 17.72 11.18
C TYR A 1747 4.88 19.17 10.76
N CYS A 1748 4.62 20.08 11.70
CA CYS A 1748 4.78 21.51 11.48
C CYS A 1748 4.85 22.19 12.83
N LEU A 1749 5.96 22.89 13.07
CA LEU A 1749 6.20 23.55 14.36
C LEU A 1749 6.40 25.03 14.09
N VAL A 1750 5.44 25.84 14.50
CA VAL A 1750 5.60 27.27 14.54
C VAL A 1750 5.90 27.67 15.98
N GLY A 1751 6.70 28.71 16.15
CA GLY A 1751 7.04 29.11 17.50
C GLY A 1751 8.20 30.07 17.62
N SER A 1752 8.08 31.03 18.55
CA SER A 1752 9.12 32.03 18.75
C SER A 1752 10.46 31.36 19.10
N GLU A 1753 11.53 31.85 18.49
CA GLU A 1753 12.87 31.35 18.78
C GLU A 1753 13.80 32.54 18.91
N VAL A 1754 14.52 32.63 20.03
CA VAL A 1754 15.39 33.77 20.30
C VAL A 1754 16.82 33.37 19.96
N LEU A 1755 17.55 34.31 19.35
CA LEU A 1755 18.93 34.08 18.93
C LEU A 1755 19.89 34.92 19.76
N ASP A 1756 21.15 34.53 19.75
CA ASP A 1756 22.17 35.24 20.49
C ASP A 1756 22.63 36.48 19.73
N ASN A 1757 22.97 37.53 20.49
CA ASN A 1757 23.46 38.80 19.97
C ASN A 1757 22.47 39.41 18.97
N HIS A 1758 21.19 39.28 19.28
CA HIS A 1758 20.11 39.84 18.45
C HIS A 1758 18.95 40.20 19.36
N PRO A 1759 18.76 41.50 19.64
CA PRO A 1759 17.62 41.89 20.49
C PRO A 1759 16.27 41.75 19.80
N GLU A 1760 16.26 41.52 18.49
CA GLU A 1760 15.03 41.36 17.74
C GLU A 1760 14.34 40.05 18.12
N SER A 1761 13.16 39.84 17.55
CA SER A 1761 12.36 38.65 17.79
C SER A 1761 12.20 37.88 16.50
N PHE A 1762 12.06 36.56 16.61
CA PHE A 1762 12.01 35.70 15.44
C PHE A 1762 10.86 34.72 15.59
N LEU A 1763 10.46 34.14 14.46
CA LEU A 1763 9.29 33.27 14.36
C LEU A 1763 9.64 32.01 13.57
N LYS A 1764 10.72 31.34 13.98
CA LYS A 1764 11.22 30.15 13.27
C LYS A 1764 10.13 29.13 13.04
N ILE A 1765 10.06 28.61 11.82
CA ILE A 1765 9.11 27.59 11.40
C ILE A 1765 9.88 26.38 10.91
N THR A 1766 9.62 25.22 11.50
CA THR A 1766 10.31 24.00 11.11
C THR A 1766 9.28 23.07 10.49
N VAL A 1767 9.70 22.31 9.48
CA VAL A 1767 8.85 21.54 8.56
C VAL A 1767 9.71 20.50 7.87
N PRO A 1768 9.24 19.26 7.66
CA PRO A 1768 10.07 18.28 6.96
C PRO A 1768 10.16 18.59 5.47
N SER A 1769 11.22 18.07 4.85
CA SER A 1769 11.52 18.38 3.46
C SER A 1769 10.67 17.61 2.45
N CYS A 1770 9.81 16.70 2.89
CA CYS A 1770 9.06 15.86 1.97
C CYS A 1770 7.93 16.65 1.31
N ARG A 1771 7.11 15.95 0.52
CA ARG A 1771 6.00 16.58 -0.18
C ARG A 1771 4.97 17.15 0.78
N LYS A 1772 4.49 16.32 1.72
CA LYS A 1772 3.51 16.77 2.71
C LYS A 1772 4.02 17.97 3.50
N GLY A 1773 5.32 17.98 3.80
CA GLY A 1773 5.92 19.14 4.45
C GLY A 1773 5.77 20.41 3.63
N CYS A 1774 6.07 20.31 2.33
CA CYS A 1774 5.96 21.45 1.43
C CYS A 1774 4.55 22.03 1.41
N ILE A 1775 3.53 21.16 1.42
CA ILE A 1775 2.15 21.64 1.45
C ILE A 1775 1.90 22.47 2.70
N LEU A 1776 2.30 21.95 3.87
CA LEU A 1776 2.10 22.67 5.13
C LEU A 1776 2.79 24.02 5.14
N LEU A 1777 4.03 24.09 4.65
CA LEU A 1777 4.77 25.34 4.65
C LEU A 1777 4.09 26.40 3.79
N GLY A 1778 3.55 26.01 2.64
CA GLY A 1778 2.81 26.96 1.82
C GLY A 1778 1.63 27.57 2.54
N GLN A 1779 0.79 26.73 3.15
CA GLN A 1779 -0.40 27.22 3.84
C GLN A 1779 -0.04 28.14 4.99
N VAL A 1780 0.97 27.77 5.78
CA VAL A 1780 1.33 28.57 6.96
C VAL A 1780 1.85 29.94 6.56
N VAL A 1781 2.72 30.00 5.55
CA VAL A 1781 3.26 31.28 5.12
C VAL A 1781 2.16 32.19 4.57
N ASP A 1782 1.22 31.60 3.82
CA ASP A 1782 0.11 32.40 3.30
C ASP A 1782 -0.77 32.92 4.43
N HIS A 1783 -1.03 32.07 5.42
CA HIS A 1783 -1.84 32.47 6.56
C HIS A 1783 -1.18 33.60 7.35
N ILE A 1784 0.13 33.46 7.61
CA ILE A 1784 0.85 34.49 8.34
C ILE A 1784 0.86 35.80 7.57
N ASP A 1785 1.22 35.74 6.28
CA ASP A 1785 1.27 36.94 5.44
C ASP A 1785 -0.07 37.64 5.36
N SER A 1786 -1.16 36.86 5.26
CA SER A 1786 -2.50 37.44 5.22
C SER A 1786 -2.81 38.18 6.51
N LEU A 1787 -2.50 37.55 7.66
CA LEU A 1787 -2.74 38.19 8.95
C LEU A 1787 -1.98 39.51 9.07
N MET A 1788 -0.72 39.54 8.64
CA MET A 1788 0.07 40.77 8.70
C MET A 1788 -0.56 41.86 7.85
N GLU A 1789 -0.93 41.52 6.61
CA GLU A 1789 -1.52 42.50 5.71
C GLU A 1789 -2.90 42.96 6.17
N GLU A 1790 -3.59 42.15 6.97
CA GLU A 1790 -4.95 42.48 7.38
C GLU A 1790 -4.99 43.28 8.67
N TRP A 1791 -4.14 42.96 9.64
CA TRP A 1791 -4.21 43.57 10.96
C TRP A 1791 -3.08 44.57 11.23
N PHE A 1792 -1.85 44.26 10.83
CA PHE A 1792 -0.68 45.10 11.12
C PHE A 1792 -0.05 45.59 9.82
N PRO A 1793 -0.71 46.52 9.12
CA PRO A 1793 -0.16 46.98 7.84
C PRO A 1793 1.14 47.75 7.99
N GLY A 1794 1.33 48.49 9.08
CA GLY A 1794 2.53 49.27 9.29
C GLY A 1794 3.81 48.46 9.36
N LEU A 1795 3.70 47.15 9.57
CA LEU A 1795 4.89 46.30 9.55
C LEU A 1795 5.33 45.91 8.15
N LEU A 1796 4.60 46.31 7.12
CA LEU A 1796 4.99 46.01 5.75
C LEU A 1796 5.20 47.26 4.89
N GLU A 1797 4.95 48.44 5.44
CA GLU A 1797 5.05 49.68 4.67
C GLU A 1797 6.51 49.97 4.36
N ILE A 1798 6.84 50.08 3.08
CA ILE A 1798 8.21 50.36 2.66
C ILE A 1798 8.46 51.85 2.72
N ASP A 1799 9.62 52.23 3.23
CA ASP A 1799 9.98 53.64 3.38
C ASP A 1799 10.65 54.17 2.12
N GLY A 1804 15.24 50.91 2.99
CA GLY A 1804 13.96 50.45 3.50
C GLY A 1804 14.04 49.11 4.18
N GLU A 1805 14.38 49.13 5.48
CA GLU A 1805 14.51 47.90 6.25
C GLU A 1805 13.18 47.14 6.36
N THR A 1806 12.05 47.83 6.20
CA THR A 1806 10.68 47.31 6.17
C THR A 1806 10.21 46.73 7.49
N LEU A 1807 11.05 46.67 8.53
CA LEU A 1807 10.68 46.24 9.87
C LEU A 1807 10.22 44.78 9.94
N LEU A 1808 10.24 44.07 8.81
CA LEU A 1808 9.84 42.67 8.76
C LEU A 1808 10.61 42.04 7.60
N LYS A 1809 11.64 41.28 7.94
CA LYS A 1809 12.54 40.67 6.96
C LYS A 1809 12.39 39.15 7.03
N LYS A 1810 11.79 38.57 6.00
CA LYS A 1810 11.57 37.14 5.97
C LYS A 1810 12.84 36.44 5.50
N TRP A 1811 13.44 35.63 6.36
CA TRP A 1811 14.65 34.91 6.00
C TRP A 1811 14.32 33.50 5.52
N ALA A 1812 15.30 32.87 4.88
CA ALA A 1812 15.23 31.46 4.51
C ALA A 1812 16.57 30.80 4.78
N LEU A 1813 16.57 29.78 5.62
CA LEU A 1813 17.82 29.17 6.09
C LEU A 1813 18.19 28.03 5.15
N TYR A 1814 19.28 28.21 4.40
CA TYR A 1814 19.83 27.16 3.55
C TYR A 1814 21.21 26.79 4.05
N SER A 1815 21.63 25.58 3.68
CA SER A 1815 22.92 25.03 4.15
C SER A 1815 23.63 24.39 2.97
N PHE A 1816 24.54 25.13 2.33
CA PHE A 1816 25.41 24.58 1.29
C PHE A 1816 26.31 23.46 1.81
N ASN A 1817 26.34 23.24 3.12
CA ASN A 1817 27.35 22.45 3.82
C ASN A 1817 27.08 20.96 3.77
N ASP A 1818 26.33 20.48 2.79
CA ASP A 1818 26.04 19.07 2.51
C ASP A 1818 25.09 18.45 3.53
N GLY A 1819 24.47 19.26 4.39
CA GLY A 1819 23.59 18.72 5.40
C GLY A 1819 24.26 18.20 6.67
N GLU A 1820 25.45 17.59 6.53
CA GLU A 1820 26.21 17.17 7.70
C GLU A 1820 26.61 18.36 8.56
N GLU A 1821 27.39 19.28 8.02
CA GLU A 1821 27.78 20.49 8.76
C GLU A 1821 26.57 21.41 8.97
N HIS A 1822 26.81 22.53 9.62
CA HIS A 1822 25.75 23.32 10.23
C HIS A 1822 26.04 24.80 9.97
N GLN A 1823 25.36 25.66 10.76
CA GLN A 1823 25.36 27.12 10.62
C GLN A 1823 24.78 27.54 9.27
N LYS A 1824 23.48 27.23 9.14
CA LYS A 1824 22.68 27.56 7.97
C LYS A 1824 22.79 29.02 7.56
N ILE A 1825 23.31 29.26 6.36
CA ILE A 1825 23.43 30.61 5.82
C ILE A 1825 22.04 31.18 5.57
N LEU A 1826 21.80 32.40 6.03
CA LEU A 1826 20.47 33.01 5.96
C LEU A 1826 20.42 34.02 4.82
N LEU A 1827 19.40 33.90 3.97
CA LEU A 1827 19.27 34.73 2.77
C LEU A 1827 17.90 35.39 2.75
N ASP A 1828 17.89 36.72 2.65
CA ASP A 1828 16.65 37.49 2.56
C ASP A 1828 15.77 36.96 1.43
N ASP A 1829 14.46 36.94 1.66
CA ASP A 1829 13.56 36.26 0.74
C ASP A 1829 13.44 37.03 -0.57
N LEU A 1830 13.43 38.37 -0.52
CA LEU A 1830 13.29 39.16 -1.74
C LEU A 1830 14.48 38.95 -2.67
N MET A 1831 15.68 38.79 -2.10
CA MET A 1831 16.86 38.51 -2.91
C MET A 1831 16.72 37.16 -3.62
N LYS A 1832 16.17 36.17 -2.92
CA LYS A 1832 15.95 34.86 -3.53
C LYS A 1832 14.85 34.91 -4.58
N LYS A 1833 13.83 35.73 -4.33
CA LYS A 1833 12.79 35.98 -5.33
C LYS A 1833 13.39 36.54 -6.62
N ALA A 1834 14.32 37.50 -6.49
CA ALA A 1834 15.05 38.00 -7.64
C ALA A 1834 15.99 36.96 -8.25
N GLU A 1835 16.28 35.88 -7.53
CA GLU A 1835 17.06 34.76 -8.06
C GLU A 1835 16.18 33.68 -8.66
N GLU A 1836 14.99 34.04 -9.15
CA GLU A 1836 14.12 33.10 -9.83
C GLU A 1836 14.51 32.88 -11.29
N GLY A 1837 15.38 33.74 -11.84
CA GLY A 1837 15.86 33.55 -13.20
C GLY A 1837 16.39 32.16 -13.48
N ASP A 1838 17.13 31.59 -12.53
CA ASP A 1838 17.56 30.21 -12.62
C ASP A 1838 16.68 29.34 -11.73
N LEU A 1839 17.02 28.06 -11.60
CA LEU A 1839 16.32 27.15 -10.71
C LEU A 1839 17.25 26.53 -9.68
N LEU A 1840 18.38 27.19 -9.41
CA LEU A 1840 19.35 26.70 -8.44
C LEU A 1840 19.99 27.90 -7.75
N VAL A 1841 20.55 27.65 -6.57
CA VAL A 1841 21.39 28.61 -5.88
C VAL A 1841 22.81 28.06 -5.83
N ASN A 1842 23.80 28.94 -5.99
CA ASN A 1842 25.18 28.52 -6.13
C ASN A 1842 26.12 29.44 -5.36
N PRO A 1843 27.07 28.88 -4.62
CA PRO A 1843 27.99 29.71 -3.82
C PRO A 1843 29.14 30.26 -4.64
N ASP A 1844 30.10 30.89 -3.95
CA ASP A 1844 31.33 31.34 -4.61
C ASP A 1844 32.06 30.20 -5.32
N GLN A 1845 32.03 28.99 -4.75
CA GLN A 1845 32.57 27.81 -5.41
C GLN A 1845 31.44 27.07 -6.10
N PRO A 1846 31.22 27.28 -7.41
CA PRO A 1846 29.99 26.79 -8.04
C PRO A 1846 29.90 25.28 -8.24
N ARG A 1847 30.86 24.51 -7.71
CA ARG A 1847 30.73 23.06 -7.74
C ARG A 1847 29.56 22.59 -6.87
N LEU A 1848 29.22 23.36 -5.84
CA LEU A 1848 28.10 23.06 -4.97
C LEU A 1848 26.84 23.75 -5.49
N THR A 1849 25.69 23.13 -5.24
CA THR A 1849 24.42 23.73 -5.64
C THR A 1849 23.31 23.12 -4.81
N ILE A 1850 22.22 23.88 -4.68
CA ILE A 1850 21.02 23.43 -3.98
C ILE A 1850 19.82 23.92 -4.78
N PRO A 1851 18.83 23.08 -5.05
CA PRO A 1851 17.63 23.57 -5.74
C PRO A 1851 16.79 24.43 -4.81
N ILE A 1852 16.25 25.51 -5.36
CA ILE A 1852 15.47 26.47 -4.58
C ILE A 1852 14.16 25.85 -4.08
N SER A 1853 13.78 24.68 -4.59
CA SER A 1853 12.60 23.98 -4.08
C SER A 1853 12.82 23.55 -2.64
N GLN A 1854 13.96 22.92 -2.35
CA GLN A 1854 14.26 22.42 -1.01
C GLN A 1854 14.73 23.52 -0.06
N ILE A 1855 14.58 24.78 -0.45
CA ILE A 1855 14.85 25.93 0.40
C ILE A 1855 13.58 26.75 0.65
N ALA A 1856 12.85 27.06 -0.42
CA ALA A 1856 11.67 27.92 -0.34
C ALA A 1856 10.64 27.42 -1.35
N PRO A 1857 9.97 26.30 -1.05
CA PRO A 1857 9.05 25.71 -2.04
C PRO A 1857 7.75 26.46 -2.22
N ASP A 1858 7.62 27.63 -1.59
CA ASP A 1858 6.49 28.50 -1.87
C ASP A 1858 6.73 29.43 -3.06
N LEU A 1859 7.98 29.71 -3.41
CA LEU A 1859 8.25 30.52 -4.59
C LEU A 1859 8.15 29.71 -5.87
N ILE A 1860 9.03 28.72 -6.04
CA ILE A 1860 8.85 27.74 -7.10
C ILE A 1860 7.64 26.89 -6.77
N LEU A 1861 6.78 26.65 -7.77
CA LEU A 1861 5.50 26.03 -7.50
C LEU A 1861 5.66 24.56 -7.13
N ALA A 1862 6.13 24.31 -5.91
CA ALA A 1862 6.33 22.96 -5.40
C ALA A 1862 5.49 22.64 -4.18
N ASP A 1863 4.95 23.67 -3.49
CA ASP A 1863 4.16 23.42 -2.29
C ASP A 1863 2.84 22.72 -2.61
N LEU A 1864 2.35 22.89 -3.83
CA LEU A 1864 1.11 22.24 -4.22
C LEU A 1864 1.32 20.74 -4.31
N PRO A 1865 0.23 19.96 -4.28
CA PRO A 1865 0.35 18.55 -4.69
C PRO A 1865 0.57 18.47 -6.19
N ARG A 1866 1.02 17.30 -6.65
CA ARG A 1866 1.09 16.97 -8.07
C ARG A 1866 1.93 17.99 -8.82
N ASN A 1867 3.27 17.83 -8.80
CA ASN A 1867 4.24 18.67 -9.52
C ASN A 1867 3.69 19.22 -10.83
N ILE A 1868 3.63 20.54 -10.92
CA ILE A 1868 2.99 21.22 -12.02
C ILE A 1868 3.97 22.01 -12.91
N MET A 1869 5.26 21.66 -12.85
CA MET A 1869 6.31 22.27 -13.68
C MET A 1869 5.88 22.44 -15.15
N LEU A 1870 6.44 23.43 -15.85
CA LEU A 1870 5.95 23.69 -17.19
C LEU A 1870 6.69 22.88 -18.26
N ASN A 1871 7.97 22.58 -18.03
CA ASN A 1871 8.84 21.95 -19.04
C ASN A 1871 8.91 22.81 -20.30
N ASN A 1872 9.56 23.98 -20.12
CA ASN A 1872 9.60 25.05 -21.11
C ASN A 1872 10.03 24.59 -22.50
N ASP A 1873 10.69 23.43 -22.61
CA ASP A 1873 11.11 22.93 -23.92
C ASP A 1873 9.91 22.65 -24.82
N GLU A 1874 8.84 22.06 -24.26
CA GLU A 1874 7.68 21.69 -25.07
C GLU A 1874 6.92 22.92 -25.56
N LEU A 1875 6.95 24.02 -24.81
CA LEU A 1875 6.12 25.17 -25.11
C LEU A 1875 6.56 25.84 -26.40
N GLU A 1876 5.59 26.36 -27.15
CA GLU A 1876 5.84 27.17 -28.35
C GLU A 1876 5.14 28.51 -28.25
N PHE A 1877 5.02 29.04 -27.04
CA PHE A 1877 4.26 30.25 -26.78
C PHE A 1877 4.86 31.45 -27.50
N GLU A 1878 3.99 32.32 -28.04
CA GLU A 1878 4.39 33.59 -28.63
C GLU A 1878 3.92 34.72 -27.72
N GLN A 1879 4.85 35.60 -27.35
CA GLN A 1879 4.67 36.53 -26.23
C GLN A 1879 3.43 37.42 -26.40
N ALA A 1880 3.44 38.29 -27.40
CA ALA A 1880 2.32 39.19 -27.65
C ALA A 1880 2.35 39.75 -29.06
N PRO A 1881 2.14 38.94 -30.10
CA PRO A 1881 2.15 39.46 -31.47
C PRO A 1881 0.87 40.18 -31.89
N GLU A 1882 -0.02 40.51 -30.95
CA GLU A 1882 -1.42 40.86 -31.25
C GLU A 1882 -2.07 39.77 -32.10
N PHE A 1883 -1.64 38.53 -31.85
CA PHE A 1883 -1.91 37.38 -32.70
C PHE A 1883 -1.73 36.15 -31.83
N LEU A 1884 -2.33 35.03 -32.25
CA LEU A 1884 -2.49 33.84 -31.41
C LEU A 1884 -3.20 34.18 -30.10
N LEU A 1885 -4.03 35.22 -30.14
CA LEU A 1885 -4.78 35.68 -28.98
C LEU A 1885 -6.03 34.82 -28.83
N GLY A 1886 -6.40 34.53 -27.58
CA GLY A 1886 -7.55 33.69 -27.26
C GLY A 1886 -8.88 34.06 -27.90
N ASP A 1887 -8.95 35.25 -28.49
CA ASP A 1887 -10.01 35.83 -29.33
C ASP A 1887 -11.07 36.56 -28.51
N GLY A 1888 -11.07 36.44 -27.19
CA GLY A 1888 -12.14 37.04 -26.41
C GLY A 1888 -11.65 38.12 -25.47
N SER A 1889 -10.33 38.30 -25.41
CA SER A 1889 -9.69 39.33 -24.58
C SER A 1889 -10.17 39.32 -23.13
N PHE A 1890 -10.56 38.16 -22.62
CA PHE A 1890 -11.04 38.06 -21.25
C PHE A 1890 -9.95 38.49 -20.27
N GLY A 1891 -8.75 37.96 -20.45
CA GLY A 1891 -7.56 38.36 -19.73
C GLY A 1891 -6.50 38.46 -20.80
N SER A 1892 -5.25 38.15 -20.47
CA SER A 1892 -4.23 38.08 -21.52
C SER A 1892 -3.94 36.61 -21.83
N VAL A 1893 -4.98 35.92 -22.30
CA VAL A 1893 -4.90 34.48 -22.53
C VAL A 1893 -4.55 34.27 -24.00
N TYR A 1894 -3.26 34.08 -24.28
CA TYR A 1894 -2.85 33.77 -25.64
C TYR A 1894 -3.07 32.28 -25.93
N ARG A 1895 -2.84 31.91 -27.19
CA ARG A 1895 -3.01 30.56 -27.68
C ARG A 1895 -1.64 29.98 -28.02
N ALA A 1896 -1.41 28.72 -27.68
CA ALA A 1896 -0.13 28.10 -27.96
C ALA A 1896 -0.30 26.59 -28.09
N ALA A 1897 0.82 25.91 -28.31
CA ALA A 1897 0.87 24.45 -28.39
C ALA A 1897 1.80 23.92 -27.32
N TYR A 1898 1.30 22.99 -26.51
CA TYR A 1898 2.07 22.36 -25.45
C TYR A 1898 1.77 20.88 -25.45
N GLU A 1899 2.80 20.05 -25.23
CA GLU A 1899 2.69 18.59 -25.19
C GLU A 1899 2.06 18.03 -26.48
N GLY A 1900 2.23 18.75 -27.58
CA GLY A 1900 1.70 18.31 -28.86
C GLY A 1900 0.26 18.67 -29.12
N GLU A 1901 -0.38 19.45 -28.26
CA GLU A 1901 -1.78 19.82 -28.42
C GLU A 1901 -1.93 21.31 -28.21
N GLU A 1902 -2.94 21.89 -28.86
CA GLU A 1902 -3.22 23.31 -28.69
C GLU A 1902 -3.80 23.58 -27.30
N VAL A 1903 -3.34 24.68 -26.68
CA VAL A 1903 -3.72 25.04 -25.33
C VAL A 1903 -3.82 26.56 -25.25
N ALA A 1904 -4.50 27.02 -24.21
CA ALA A 1904 -4.65 28.46 -23.95
C ALA A 1904 -3.85 28.83 -22.70
N VAL A 1905 -2.96 29.80 -22.84
CA VAL A 1905 -2.02 30.17 -21.80
C VAL A 1905 -2.40 31.54 -21.29
N LYS A 1906 -2.84 31.63 -20.04
CA LYS A 1906 -3.05 32.92 -19.40
C LYS A 1906 -1.73 33.43 -18.82
N ILE A 1907 -1.35 34.64 -19.22
CA ILE A 1907 -0.09 35.27 -18.81
C ILE A 1907 -0.37 36.12 -17.57
N PHE A 1908 -0.11 35.53 -16.40
CA PHE A 1908 -0.30 36.25 -15.15
C PHE A 1908 0.74 37.35 -14.95
N ASN A 1909 1.90 37.24 -15.60
CA ASN A 1909 3.04 38.13 -15.41
C ASN A 1909 2.64 39.59 -15.50
N LYS A 1910 2.81 40.30 -14.39
CA LYS A 1910 2.46 41.72 -14.28
C LYS A 1910 3.13 42.27 -13.04
N HIS A 1911 2.76 43.50 -12.67
CA HIS A 1911 3.25 44.13 -11.45
C HIS A 1911 2.81 43.41 -10.18
N THR A 1912 1.80 42.56 -10.25
CA THR A 1912 1.34 41.83 -9.09
C THR A 1912 2.35 40.75 -8.68
N SER A 1913 2.29 40.37 -7.41
CA SER A 1913 3.17 39.36 -6.84
C SER A 1913 2.64 37.97 -7.17
N LEU A 1914 3.20 36.95 -6.52
CA LEU A 1914 2.81 35.57 -6.77
C LEU A 1914 1.81 35.03 -5.76
N ARG A 1915 1.31 35.89 -4.85
CA ARG A 1915 0.28 35.46 -3.92
C ARG A 1915 -0.95 34.96 -4.67
N LEU A 1916 -1.59 35.88 -5.41
CA LEU A 1916 -2.82 35.56 -6.14
C LEU A 1916 -2.62 34.39 -7.10
N LEU A 1917 -1.43 34.28 -7.70
CA LEU A 1917 -1.12 33.14 -8.55
C LEU A 1917 -1.18 31.84 -7.76
N ARG A 1918 -0.61 31.83 -6.56
CA ARG A 1918 -0.64 30.64 -5.73
C ARG A 1918 -2.06 30.31 -5.30
N GLN A 1919 -2.86 31.34 -4.99
CA GLN A 1919 -4.26 31.13 -4.61
C GLN A 1919 -5.03 30.47 -5.75
N GLU A 1920 -4.88 31.00 -6.97
CA GLU A 1920 -5.53 30.40 -8.13
C GLU A 1920 -5.08 28.96 -8.29
N LEU A 1921 -3.75 28.75 -8.29
CA LEU A 1921 -3.19 27.43 -8.54
C LEU A 1921 -3.71 26.41 -7.55
N VAL A 1922 -3.82 26.80 -6.27
CA VAL A 1922 -4.35 25.91 -5.24
C VAL A 1922 -5.81 25.58 -5.51
N VAL A 1923 -6.64 26.61 -5.74
CA VAL A 1923 -8.07 26.38 -5.91
C VAL A 1923 -8.33 25.47 -7.11
N LEU A 1924 -7.62 25.72 -8.22
CA LEU A 1924 -7.78 24.97 -9.45
C LEU A 1924 -7.00 23.65 -9.47
N CYS A 1925 -6.06 23.45 -8.54
CA CYS A 1925 -5.23 22.25 -8.54
C CYS A 1925 -5.93 21.03 -7.95
N HIS A 1926 -6.80 21.21 -6.96
CA HIS A 1926 -7.64 20.11 -6.48
C HIS A 1926 -9.10 20.52 -6.56
N LEU A 1927 -9.64 20.45 -7.76
CA LEU A 1927 -11.08 20.28 -7.97
C LEU A 1927 -11.36 19.05 -8.83
N HIS A 1928 -10.76 18.97 -10.01
CA HIS A 1928 -10.73 17.76 -10.86
C HIS A 1928 -12.13 17.17 -11.10
N HIS A 1929 -12.95 17.94 -11.79
CA HIS A 1929 -14.25 17.43 -12.24
C HIS A 1929 -14.36 17.70 -13.73
N PRO A 1930 -14.98 16.78 -14.49
CA PRO A 1930 -15.02 16.94 -15.96
C PRO A 1930 -15.69 18.23 -16.42
N SER A 1931 -16.73 18.68 -15.72
CA SER A 1931 -17.37 19.95 -16.05
C SER A 1931 -16.42 21.12 -15.85
N LEU A 1932 -15.63 21.08 -14.77
CA LEU A 1932 -14.71 22.17 -14.49
C LEU A 1932 -13.51 22.13 -15.44
N ILE A 1933 -13.01 23.31 -15.80
CA ILE A 1933 -11.83 23.41 -16.65
C ILE A 1933 -10.63 22.86 -15.88
N SER A 1934 -9.82 22.05 -16.55
CA SER A 1934 -8.68 21.39 -15.92
C SER A 1934 -7.38 22.05 -16.33
N LEU A 1935 -6.45 22.14 -15.38
CA LEU A 1935 -5.18 22.83 -15.59
C LEU A 1935 -4.12 21.81 -15.99
N LEU A 1936 -3.52 22.02 -17.17
CA LEU A 1936 -2.48 21.12 -17.65
C LEU A 1936 -1.15 21.37 -16.94
N ALA A 1937 -0.75 22.63 -16.80
CA ALA A 1937 0.55 22.94 -16.22
C ALA A 1937 0.56 24.39 -15.75
N ALA A 1938 1.69 24.78 -15.16
CA ALA A 1938 1.94 26.15 -14.74
C ALA A 1938 3.44 26.41 -14.79
N GLY A 1939 3.81 27.67 -14.87
CA GLY A 1939 5.22 28.00 -15.00
C GLY A 1939 5.64 29.33 -14.41
N ILE A 1940 6.85 29.36 -13.86
CA ILE A 1940 7.36 30.51 -13.13
C ILE A 1940 8.02 31.52 -14.06
N ARG A 1941 8.72 31.05 -15.09
CA ARG A 1941 9.50 31.91 -15.98
C ARG A 1941 8.93 31.88 -17.38
N PRO A 1942 8.16 32.90 -17.79
CA PRO A 1942 7.56 33.96 -16.97
C PRO A 1942 6.34 33.40 -16.26
N ARG A 1943 5.74 34.14 -15.33
CA ARG A 1943 4.60 33.64 -14.58
C ARG A 1943 3.40 33.38 -15.49
N MET A 1944 3.12 32.10 -15.77
CA MET A 1944 1.99 31.72 -16.59
C MET A 1944 1.43 30.41 -16.09
N LEU A 1945 0.22 30.11 -16.55
CA LEU A 1945 -0.48 28.87 -16.24
C LEU A 1945 -1.18 28.38 -17.51
N VAL A 1946 -1.06 27.09 -17.78
CA VAL A 1946 -1.44 26.49 -19.06
C VAL A 1946 -2.72 25.69 -18.85
N MET A 1947 -3.79 26.11 -19.53
CA MET A 1947 -5.10 25.49 -19.40
C MET A 1947 -5.47 24.76 -20.69
N GLU A 1948 -6.33 23.75 -20.54
CA GLU A 1948 -6.89 23.06 -21.69
C GLU A 1948 -7.75 24.02 -22.52
N LEU A 1949 -7.65 23.88 -23.84
CA LEU A 1949 -8.28 24.83 -24.75
C LEU A 1949 -9.72 24.43 -25.03
N ALA A 1950 -10.62 25.40 -24.95
CA ALA A 1950 -12.01 25.22 -25.35
C ALA A 1950 -12.15 25.60 -26.82
N SER A 1951 -12.48 24.63 -27.66
CA SER A 1951 -12.41 24.82 -29.11
C SER A 1951 -13.38 25.90 -29.60
N LYS A 1952 -14.61 25.87 -29.11
CA LYS A 1952 -15.66 26.73 -29.65
C LYS A 1952 -15.81 28.04 -28.90
N GLY A 1953 -14.97 28.30 -27.91
CA GLY A 1953 -15.00 29.58 -27.23
C GLY A 1953 -16.15 29.73 -26.25
N SER A 1954 -16.33 30.96 -25.78
CA SER A 1954 -17.32 31.27 -24.77
C SER A 1954 -18.74 31.09 -25.33
N LEU A 1955 -19.67 30.72 -24.42
CA LEU A 1955 -21.06 30.55 -24.81
C LEU A 1955 -21.70 31.87 -25.24
N ASP A 1956 -21.21 32.99 -24.70
CA ASP A 1956 -21.80 34.30 -25.00
C ASP A 1956 -21.71 34.62 -26.48
N ARG A 1957 -20.54 34.42 -27.07
CA ARG A 1957 -20.37 34.66 -28.51
C ARG A 1957 -21.24 33.70 -29.32
N LEU A 1958 -21.32 32.45 -28.87
CA LEU A 1958 -22.10 31.45 -29.59
C LEU A 1958 -23.58 31.83 -29.63
N LEU A 1959 -24.12 32.29 -28.51
CA LEU A 1959 -25.53 32.69 -28.50
C LEU A 1959 -25.75 34.02 -29.21
N GLN A 1960 -24.74 34.90 -29.18
CA GLN A 1960 -24.91 36.21 -29.81
C GLN A 1960 -24.86 36.12 -31.33
N GLN A 1961 -24.02 35.23 -31.88
CA GLN A 1961 -23.79 35.21 -33.31
C GLN A 1961 -24.16 33.91 -34.00
N ASP A 1962 -24.36 32.82 -33.27
CA ASP A 1962 -24.64 31.50 -33.85
C ASP A 1962 -25.85 30.86 -33.18
N LYS A 1963 -26.92 31.65 -33.07
CA LYS A 1963 -28.13 31.17 -32.38
C LYS A 1963 -28.75 29.97 -33.06
N ALA A 1964 -28.63 29.87 -34.40
CA ALA A 1964 -29.23 28.76 -35.12
C ALA A 1964 -28.57 27.43 -34.81
N SER A 1965 -27.33 27.43 -34.31
CA SER A 1965 -26.61 26.19 -34.06
C SER A 1965 -27.15 25.42 -32.86
N LEU A 1966 -27.90 26.08 -31.98
CA LEU A 1966 -28.36 25.46 -30.74
C LEU A 1966 -29.64 24.66 -30.98
N THR A 1967 -29.53 23.34 -30.98
CA THR A 1967 -30.68 22.46 -30.98
C THR A 1967 -31.13 22.25 -29.53
N ARG A 1968 -32.34 21.68 -29.38
CA ARG A 1968 -32.88 21.45 -28.04
C ARG A 1968 -32.00 20.48 -27.24
N THR A 1969 -31.51 19.43 -27.90
CA THR A 1969 -30.63 18.49 -27.23
C THR A 1969 -29.33 19.15 -26.77
N LEU A 1970 -28.77 20.02 -27.62
CA LEU A 1970 -27.54 20.73 -27.23
C LEU A 1970 -27.77 21.65 -26.05
N GLN A 1971 -28.90 22.36 -26.03
CA GLN A 1971 -29.25 23.20 -24.89
C GLN A 1971 -29.38 22.38 -23.62
N HIS A 1972 -30.05 21.23 -23.72
CA HIS A 1972 -30.21 20.38 -22.53
C HIS A 1972 -28.87 19.85 -22.04
N ARG A 1973 -27.98 19.48 -22.97
CA ARG A 1973 -26.65 19.00 -22.57
C ARG A 1973 -25.84 20.09 -21.89
N ILE A 1974 -25.90 21.32 -22.41
CA ILE A 1974 -25.20 22.45 -21.78
C ILE A 1974 -25.74 22.68 -20.37
N ALA A 1975 -27.07 22.67 -20.24
CA ALA A 1975 -27.68 22.86 -18.93
C ALA A 1975 -27.28 21.75 -17.96
N LEU A 1976 -27.25 20.51 -18.45
CA LEU A 1976 -26.87 19.37 -17.61
C LEU A 1976 -25.43 19.49 -17.15
N HIS A 1977 -24.53 19.89 -18.06
CA HIS A 1977 -23.12 20.02 -17.68
C HIS A 1977 -22.92 21.14 -16.67
N VAL A 1978 -23.61 22.27 -16.86
CA VAL A 1978 -23.49 23.38 -15.91
C VAL A 1978 -24.05 22.96 -14.54
N ALA A 1979 -25.17 22.23 -14.54
CA ALA A 1979 -25.75 21.76 -13.28
C ALA A 1979 -24.83 20.77 -12.59
N ASP A 1980 -24.17 19.90 -13.36
CA ASP A 1980 -23.20 18.97 -12.78
C ASP A 1980 -22.03 19.73 -12.16
N GLY A 1981 -21.57 20.79 -12.83
CA GLY A 1981 -20.51 21.61 -12.26
C GLY A 1981 -20.93 22.27 -10.97
N LEU A 1982 -22.14 22.83 -10.94
CA LEU A 1982 -22.64 23.47 -9.73
C LEU A 1982 -22.78 22.45 -8.60
N ARG A 1983 -23.26 21.25 -8.93
CA ARG A 1983 -23.39 20.18 -7.93
C ARG A 1983 -22.03 19.80 -7.35
N TYR A 1984 -21.02 19.65 -8.21
CA TYR A 1984 -19.69 19.31 -7.71
C TYR A 1984 -19.12 20.45 -6.85
N LEU A 1985 -19.31 21.70 -7.27
CA LEU A 1985 -18.81 22.82 -6.49
C LEU A 1985 -19.48 22.88 -5.13
N HIS A 1986 -20.80 22.69 -5.08
CA HIS A 1986 -21.52 22.72 -3.82
C HIS A 1986 -21.20 21.52 -2.95
N SER A 1987 -20.78 20.41 -3.56
CA SER A 1987 -20.33 19.25 -2.78
C SER A 1987 -19.09 19.60 -1.96
N ALA A 1988 -18.16 20.35 -2.53
CA ALA A 1988 -16.96 20.79 -1.85
C ALA A 1988 -17.14 22.08 -1.07
N MET A 1989 -18.40 22.51 -0.87
CA MET A 1989 -18.73 23.71 -0.11
C MET A 1989 -18.07 24.96 -0.69
N ILE A 1990 -18.33 25.19 -1.98
CA ILE A 1990 -17.80 26.34 -2.70
C ILE A 1990 -18.97 27.01 -3.42
N ILE A 1991 -19.02 28.35 -3.34
CA ILE A 1991 -20.06 29.15 -3.97
C ILE A 1991 -19.43 29.83 -5.18
N TYR A 1992 -19.94 29.51 -6.37
CA TYR A 1992 -19.41 30.09 -7.60
C TYR A 1992 -19.84 31.54 -7.80
N ARG A 1993 -20.84 32.02 -7.05
CA ARG A 1993 -21.34 33.38 -7.12
C ARG A 1993 -21.78 33.75 -8.53
N ASP A 1994 -21.07 34.66 -9.18
CA ASP A 1994 -21.43 35.12 -10.51
C ASP A 1994 -21.32 33.99 -11.52
N LEU A 1995 -22.43 33.67 -12.19
CA LEU A 1995 -22.48 32.64 -13.22
C LEU A 1995 -23.28 33.20 -14.38
N LYS A 1996 -22.61 33.49 -15.48
CA LYS A 1996 -23.19 34.18 -16.61
C LYS A 1996 -22.80 33.46 -17.90
N PRO A 1997 -23.55 33.67 -18.99
CA PRO A 1997 -23.22 32.98 -20.25
C PRO A 1997 -21.82 33.28 -20.76
N HIS A 1998 -21.26 34.44 -20.41
CA HIS A 1998 -19.88 34.77 -20.76
C HIS A 1998 -18.88 33.81 -20.11
N ASN A 1999 -19.25 33.13 -19.02
CA ASN A 1999 -18.34 32.26 -18.29
C ASN A 1999 -18.65 30.79 -18.51
N VAL A 2000 -19.16 30.42 -19.68
CA VAL A 2000 -19.40 29.03 -20.03
C VAL A 2000 -18.68 28.74 -21.35
N LEU A 2001 -17.83 27.72 -21.34
CA LEU A 2001 -17.01 27.38 -22.50
C LEU A 2001 -17.56 26.15 -23.20
N LEU A 2002 -17.46 26.14 -24.52
CA LEU A 2002 -17.95 25.04 -25.35
C LEU A 2002 -16.76 24.35 -26.01
N PHE A 2003 -16.70 23.03 -25.88
CA PHE A 2003 -15.61 22.26 -26.48
C PHE A 2003 -15.99 21.66 -27.83
N THR A 2004 -17.23 21.22 -28.00
CA THR A 2004 -17.69 20.67 -29.27
C THR A 2004 -19.17 20.96 -29.42
N LEU A 2005 -19.63 21.00 -30.67
CA LEU A 2005 -21.03 21.20 -30.97
C LEU A 2005 -21.77 19.91 -31.26
N TYR A 2006 -21.11 18.77 -31.18
CA TYR A 2006 -21.76 17.49 -31.42
C TYR A 2006 -22.62 17.12 -30.22
N PRO A 2007 -23.94 16.96 -30.39
CA PRO A 2007 -24.81 16.68 -29.22
C PRO A 2007 -24.45 15.40 -28.48
N ASN A 2008 -24.03 14.35 -29.19
CA ASN A 2008 -23.70 13.08 -28.56
C ASN A 2008 -22.20 13.02 -28.25
N ALA A 2009 -21.82 13.83 -27.26
CA ALA A 2009 -20.42 13.95 -26.86
C ALA A 2009 -20.31 13.80 -25.35
N ALA A 2010 -19.15 13.32 -24.90
CA ALA A 2010 -18.91 13.15 -23.47
C ALA A 2010 -18.86 14.49 -22.75
N ILE A 2011 -18.11 15.44 -23.30
CA ILE A 2011 -17.97 16.78 -22.74
C ILE A 2011 -18.34 17.79 -23.80
N ILE A 2012 -19.27 18.69 -23.47
CA ILE A 2012 -19.75 19.72 -24.40
C ILE A 2012 -19.57 21.11 -23.80
N ALA A 2013 -19.98 21.30 -22.55
CA ALA A 2013 -19.96 22.61 -21.91
C ALA A 2013 -19.13 22.54 -20.63
N LYS A 2014 -18.45 23.64 -20.33
CA LYS A 2014 -17.58 23.70 -19.17
C LYS A 2014 -17.70 25.06 -18.50
N ILE A 2015 -17.38 25.10 -17.22
CA ILE A 2015 -17.49 26.29 -16.38
C ILE A 2015 -16.08 26.81 -16.08
N ALA A 2016 -15.93 28.13 -16.12
CA ALA A 2016 -14.64 28.75 -15.82
C ALA A 2016 -14.86 30.12 -15.20
N ASP A 2017 -14.10 30.41 -14.15
CA ASP A 2017 -14.10 31.70 -13.46
C ASP A 2017 -12.91 32.52 -13.94
N TYR A 2018 -13.12 33.32 -14.98
CA TYR A 2018 -12.08 34.04 -15.72
C TYR A 2018 -11.12 34.89 -14.89
N GLY A 2019 -11.41 35.09 -13.61
CA GLY A 2019 -10.48 35.77 -12.73
C GLY A 2019 -10.43 37.28 -12.88
N ILE A 2020 -11.25 37.86 -13.74
CA ILE A 2020 -11.34 39.31 -13.85
C ILE A 2020 -12.35 39.86 -12.85
N GLY A 2034 -23.91 39.98 -8.24
CA GLY A 2034 -22.76 40.37 -9.01
C GLY A 2034 -23.09 41.37 -10.11
N THR A 2035 -22.99 40.92 -11.36
CA THR A 2035 -23.30 41.78 -12.49
C THR A 2035 -24.78 42.16 -12.48
N PRO A 2036 -25.12 43.37 -12.94
CA PRO A 2036 -26.52 43.82 -12.89
C PRO A 2036 -27.49 42.93 -13.64
N GLY A 2037 -27.07 42.34 -14.76
CA GLY A 2037 -27.96 41.49 -15.52
C GLY A 2037 -28.33 40.21 -14.82
N PHE A 2038 -27.37 39.60 -14.11
CA PHE A 2038 -27.56 38.26 -13.55
C PHE A 2038 -27.39 38.23 -12.03
N ARG A 2039 -27.59 39.36 -11.36
CA ARG A 2039 -27.44 39.41 -9.91
C ARG A 2039 -28.58 38.66 -9.23
N ALA A 2040 -28.23 37.82 -8.27
CA ALA A 2040 -29.24 37.17 -7.45
C ALA A 2040 -29.87 38.20 -6.52
N PRO A 2041 -31.18 38.12 -6.27
CA PRO A 2041 -31.84 39.15 -5.43
C PRO A 2041 -31.25 39.25 -4.03
N GLU A 2042 -30.86 38.12 -3.43
CA GLU A 2042 -30.21 38.16 -2.12
C GLU A 2042 -28.87 38.86 -2.22
N VAL A 2043 -28.09 38.57 -3.26
CA VAL A 2043 -26.81 39.23 -3.46
C VAL A 2043 -27.02 40.70 -3.86
N ALA A 2044 -28.03 40.96 -4.70
CA ALA A 2044 -28.30 42.33 -5.13
C ALA A 2044 -28.66 43.22 -3.93
N ARG A 2045 -29.49 42.72 -3.03
CA ARG A 2045 -29.77 43.45 -1.80
C ARG A 2045 -28.53 43.55 -0.94
N GLY A 2046 -27.75 42.47 -0.86
CA GLY A 2046 -26.52 42.40 -0.12
C GLY A 2046 -26.66 42.13 1.37
N ASN A 2047 -27.87 42.20 1.92
CA ASN A 2047 -28.07 41.86 3.33
C ASN A 2047 -28.20 40.35 3.52
N VAL A 2048 -27.30 39.58 2.91
CA VAL A 2048 -27.40 38.13 2.90
C VAL A 2048 -26.02 37.49 3.08
N ILE A 2049 -26.04 36.24 3.53
CA ILE A 2049 -24.85 35.43 3.69
C ILE A 2049 -24.88 34.36 2.60
N TYR A 2050 -23.71 34.09 2.00
CA TYR A 2050 -23.64 33.17 0.89
C TYR A 2050 -24.14 31.78 1.27
N ASN A 2051 -24.95 31.19 0.40
CA ASN A 2051 -25.53 29.87 0.58
C ASN A 2051 -25.53 29.16 -0.76
N GLN A 2052 -25.34 27.83 -0.72
CA GLN A 2052 -25.46 26.95 -1.89
C GLN A 2052 -26.64 27.31 -2.78
N GLN A 2053 -27.77 27.67 -2.16
CA GLN A 2053 -28.99 28.03 -2.88
C GLN A 2053 -28.85 29.30 -3.71
N ALA A 2054 -27.89 30.18 -3.38
CA ALA A 2054 -27.75 31.45 -4.08
C ALA A 2054 -27.44 31.23 -5.56
N ASP A 2055 -26.60 30.23 -5.87
CA ASP A 2055 -26.22 29.98 -7.25
C ASP A 2055 -27.39 29.45 -8.09
N VAL A 2056 -28.43 28.94 -7.45
CA VAL A 2056 -29.55 28.35 -8.18
C VAL A 2056 -30.30 29.43 -8.96
N TYR A 2057 -30.41 30.63 -8.41
CA TYR A 2057 -31.04 31.73 -9.12
C TYR A 2057 -30.24 32.10 -10.37
N SER A 2058 -28.92 32.15 -10.26
CA SER A 2058 -28.08 32.42 -11.42
C SER A 2058 -28.21 31.30 -12.45
N PHE A 2059 -28.30 30.06 -11.99
CA PHE A 2059 -28.48 28.93 -12.92
C PHE A 2059 -29.82 29.05 -13.65
N GLY A 2060 -30.88 29.44 -12.95
CA GLY A 2060 -32.16 29.65 -13.60
C GLY A 2060 -32.12 30.79 -14.60
N LEU A 2061 -31.38 31.86 -14.26
CA LEU A 2061 -31.19 32.93 -15.23
C LEU A 2061 -30.45 32.44 -16.46
N LEU A 2062 -29.45 31.57 -16.26
CA LEU A 2062 -28.75 30.96 -17.38
C LEU A 2062 -29.71 30.13 -18.24
N LEU A 2063 -30.59 29.37 -17.59
CA LEU A 2063 -31.59 28.59 -18.32
C LEU A 2063 -32.50 29.50 -19.13
N TYR A 2064 -32.92 30.62 -18.55
CA TYR A 2064 -33.77 31.56 -19.27
C TYR A 2064 -33.04 32.14 -20.47
N ASP A 2065 -31.75 32.47 -20.32
CA ASP A 2065 -30.98 32.98 -21.44
C ASP A 2065 -30.85 31.94 -22.55
N ILE A 2066 -30.61 30.68 -22.18
CA ILE A 2066 -30.51 29.62 -23.17
C ILE A 2066 -31.84 29.42 -23.90
N LEU A 2067 -32.94 29.44 -23.16
CA LEU A 2067 -34.26 29.28 -23.78
C LEU A 2067 -34.57 30.44 -24.72
N THR A 2068 -34.22 31.66 -24.33
CA THR A 2068 -34.46 32.83 -25.16
C THR A 2068 -33.34 33.06 -26.18
N THR A 2069 -32.31 32.21 -26.19
CA THR A 2069 -31.16 32.33 -27.08
C THR A 2069 -30.51 33.71 -26.95
N GLY A 2070 -30.34 34.15 -25.71
CA GLY A 2070 -29.75 35.45 -25.45
C GLY A 2070 -30.62 36.62 -25.85
N GLY A 2071 -31.94 36.44 -25.87
CA GLY A 2071 -32.83 37.55 -26.16
C GLY A 2071 -32.76 38.64 -25.12
N ARG A 2072 -32.65 38.27 -23.85
CA ARG A 2072 -32.49 39.25 -22.79
C ARG A 2072 -31.15 39.98 -22.91
N ILE A 2073 -30.12 39.30 -23.43
CA ILE A 2073 -28.81 39.91 -23.57
C ILE A 2073 -28.86 41.09 -24.54
N VAL A 2074 -29.53 40.91 -25.66
CA VAL A 2074 -29.65 41.97 -26.67
C VAL A 2074 -31.12 42.25 -26.95
N LYS A 2091 -39.69 38.07 -11.38
CA LYS A 2091 -40.62 38.97 -12.04
C LYS A 2091 -40.32 39.06 -13.54
N LEU A 2092 -39.55 38.09 -14.03
CA LEU A 2092 -39.21 38.06 -15.44
C LEU A 2092 -40.45 37.74 -16.29
N PRO A 2093 -40.50 38.23 -17.53
CA PRO A 2093 -41.66 37.95 -18.38
C PRO A 2093 -41.75 36.49 -18.77
N ASP A 2094 -42.89 36.14 -19.34
CA ASP A 2094 -43.13 34.77 -19.80
C ASP A 2094 -42.15 34.43 -20.91
N PRO A 2095 -41.41 33.32 -20.80
CA PRO A 2095 -40.39 33.00 -21.83
C PRO A 2095 -40.97 32.84 -23.24
N VAL A 2096 -42.16 32.26 -23.35
CA VAL A 2096 -42.77 32.08 -24.66
C VAL A 2096 -43.33 33.41 -25.18
N LYS A 2097 -44.02 34.16 -24.32
CA LYS A 2097 -44.67 35.39 -24.75
C LYS A 2097 -43.66 36.48 -25.09
N GLU A 2098 -42.66 36.68 -24.23
CA GLU A 2098 -41.70 37.76 -24.42
C GLU A 2098 -40.90 37.58 -25.70
N TYR A 2099 -40.44 36.36 -25.97
CA TYR A 2099 -39.66 36.07 -27.17
C TYR A 2099 -40.15 34.77 -27.77
N GLY A 2100 -40.34 34.75 -29.09
CA GLY A 2100 -40.81 33.57 -29.77
C GLY A 2100 -39.86 32.39 -29.67
N CYS A 2101 -40.35 31.29 -29.09
CA CYS A 2101 -39.56 30.07 -28.92
C CYS A 2101 -40.51 28.92 -28.68
N ALA A 2102 -39.98 27.71 -28.85
CA ALA A 2102 -40.76 26.51 -28.55
C ALA A 2102 -41.06 26.47 -27.06
N PRO A 2103 -42.26 26.00 -26.65
CA PRO A 2103 -42.60 25.97 -25.22
C PRO A 2103 -41.64 25.14 -24.39
N TRP A 2104 -41.51 23.84 -24.72
CA TRP A 2104 -40.57 22.90 -24.09
C TRP A 2104 -40.79 22.97 -22.59
N PRO A 2105 -41.97 22.52 -22.09
CA PRO A 2105 -42.56 23.09 -20.87
C PRO A 2105 -41.83 22.82 -19.57
N MET A 2106 -41.47 21.57 -19.26
CA MET A 2106 -40.99 21.27 -17.92
C MET A 2106 -39.72 22.04 -17.57
N VAL A 2107 -38.96 22.49 -18.56
CA VAL A 2107 -37.88 23.44 -18.29
C VAL A 2107 -38.43 24.79 -17.87
N GLU A 2108 -39.54 25.23 -18.47
CA GLU A 2108 -40.19 26.46 -18.02
C GLU A 2108 -40.68 26.32 -16.58
N LYS A 2109 -41.22 25.14 -16.25
CA LYS A 2109 -41.62 24.87 -14.87
C LYS A 2109 -40.42 24.90 -13.93
N LEU A 2110 -39.29 24.35 -14.36
CA LEU A 2110 -38.07 24.39 -13.57
C LEU A 2110 -37.62 25.84 -13.34
N ILE A 2111 -37.69 26.67 -14.39
CA ILE A 2111 -37.32 28.08 -14.27
C ILE A 2111 -38.24 28.78 -13.27
N LYS A 2112 -39.55 28.50 -13.36
CA LYS A 2112 -40.50 29.09 -12.43
C LYS A 2112 -40.22 28.67 -11.00
N GLN A 2113 -39.88 27.39 -10.80
CA GLN A 2113 -39.64 26.87 -9.46
C GLN A 2113 -38.36 27.46 -8.85
N CYS A 2114 -37.27 27.46 -9.62
CA CYS A 2114 -35.99 27.91 -9.08
C CYS A 2114 -35.98 29.42 -8.87
N LEU A 2115 -36.52 30.18 -9.82
CA LEU A 2115 -36.58 31.65 -9.72
C LEU A 2115 -37.68 32.04 -8.73
N LYS A 2116 -37.39 31.80 -7.46
CA LYS A 2116 -38.32 32.09 -6.37
C LYS A 2116 -37.64 32.98 -5.35
N GLU A 2117 -38.38 33.97 -4.84
CA GLU A 2117 -37.81 34.91 -3.88
C GLU A 2117 -37.42 34.20 -2.58
N ASN A 2118 -38.24 33.27 -2.12
CA ASN A 2118 -37.94 32.55 -0.89
C ASN A 2118 -36.76 31.61 -1.10
N PRO A 2119 -35.70 31.72 -0.31
CA PRO A 2119 -34.53 30.84 -0.48
C PRO A 2119 -34.86 29.35 -0.29
N GLN A 2120 -35.77 29.03 0.63
CA GLN A 2120 -36.12 27.63 0.86
C GLN A 2120 -36.80 27.01 -0.36
N GLU A 2121 -37.45 27.82 -1.19
CA GLU A 2121 -38.11 27.30 -2.38
C GLU A 2121 -37.13 26.85 -3.45
N ARG A 2122 -35.91 27.38 -3.43
CA ARG A 2122 -34.91 27.01 -4.43
C ARG A 2122 -34.51 25.55 -4.25
N PRO A 2123 -34.60 24.73 -5.30
CA PRO A 2123 -34.19 23.33 -5.17
C PRO A 2123 -32.69 23.20 -4.97
N THR A 2124 -32.29 22.11 -4.31
CA THR A 2124 -30.88 21.83 -4.14
C THR A 2124 -30.24 21.47 -5.48
N SER A 2125 -28.93 21.66 -5.56
CA SER A 2125 -28.21 21.43 -6.81
C SER A 2125 -28.33 19.97 -7.27
N ALA A 2126 -28.24 19.03 -6.33
CA ALA A 2126 -28.45 17.63 -6.66
C ALA A 2126 -29.87 17.39 -7.20
N GLN A 2127 -30.87 18.03 -6.59
CA GLN A 2127 -32.23 17.90 -7.08
C GLN A 2127 -32.36 18.47 -8.49
N VAL A 2128 -31.72 19.61 -8.75
CA VAL A 2128 -31.74 20.20 -10.08
C VAL A 2128 -31.12 19.25 -11.10
N PHE A 2129 -29.98 18.66 -10.75
CA PHE A 2129 -29.34 17.71 -11.66
C PHE A 2129 -30.23 16.50 -11.91
N ASP A 2130 -30.88 15.98 -10.87
CA ASP A 2130 -31.74 14.81 -11.04
C ASP A 2130 -32.93 15.12 -11.93
N ILE A 2131 -33.57 16.28 -11.73
CA ILE A 2131 -34.72 16.60 -12.58
C ILE A 2131 -34.28 17.01 -13.98
N LEU A 2132 -33.01 17.41 -14.14
CA LEU A 2132 -32.45 17.66 -15.46
C LEU A 2132 -31.98 16.38 -16.14
N ASN A 2133 -31.87 15.28 -15.41
CA ASN A 2133 -31.40 14.01 -15.94
C ASN A 2133 -32.52 13.20 -16.57
N SER A 2134 -33.74 13.72 -16.58
CA SER A 2134 -34.90 13.00 -17.11
C SER A 2134 -34.98 13.20 -18.62
N ALA A 2135 -35.04 12.08 -19.35
CA ALA A 2135 -35.17 12.16 -20.81
C ALA A 2135 -36.53 12.69 -21.23
N GLU A 2136 -37.55 12.56 -20.37
CA GLU A 2136 -38.85 13.16 -20.66
C GLU A 2136 -38.74 14.67 -20.82
N LEU A 2137 -37.77 15.28 -20.14
CA LEU A 2137 -37.55 16.72 -20.26
C LEU A 2137 -37.21 17.10 -21.70
N VAL A 2138 -36.32 16.33 -22.32
CA VAL A 2138 -35.97 16.57 -23.71
C VAL A 2138 -37.11 16.19 -24.64
N CYS A 2139 -37.79 15.07 -24.35
CA CYS A 2139 -38.78 14.56 -25.30
C CYS A 2139 -40.05 15.40 -25.31
N LEU A 2140 -40.49 15.88 -24.15
CA LEU A 2140 -41.74 16.63 -24.07
C LEU A 2140 -41.58 17.98 -24.77
N THR A 2141 -42.22 18.13 -25.91
CA THR A 2141 -42.07 19.33 -26.72
C THR A 2141 -43.09 20.41 -26.37
N ARG A 2142 -44.36 20.03 -26.25
CA ARG A 2142 -45.41 21.00 -25.96
C ARG A 2142 -46.49 20.31 -25.13
N ARG A 2143 -47.20 21.10 -24.34
CA ARG A 2143 -48.31 20.61 -23.55
C ARG A 2143 -49.44 21.64 -23.60
N ILE A 2144 -50.64 21.17 -23.93
CA ILE A 2144 -51.81 22.03 -24.04
C ILE A 2144 -52.86 21.54 -23.05
N LEU A 2145 -53.41 22.47 -22.28
CA LEU A 2145 -54.47 22.19 -21.32
C LEU A 2145 -55.76 22.77 -21.86
N LEU A 2146 -56.64 21.90 -22.35
CA LEU A 2146 -57.93 22.33 -22.84
C LEU A 2146 -58.76 22.92 -21.69
N PRO A 2147 -59.53 23.97 -21.93
CA PRO A 2147 -60.40 24.51 -20.88
C PRO A 2147 -61.43 23.49 -20.41
N LYS A 2148 -62.00 23.75 -19.23
CA LYS A 2148 -62.92 22.84 -18.57
C LYS A 2148 -64.10 22.49 -19.46
N ASN A 2149 -64.16 21.23 -19.87
CA ASN A 2149 -65.20 20.72 -20.76
C ASN A 2149 -65.12 19.20 -20.71
N VAL A 2150 -66.10 18.56 -21.36
CA VAL A 2150 -66.11 17.10 -21.44
C VAL A 2150 -64.87 16.63 -22.18
N ILE A 2151 -64.23 15.59 -21.63
CA ILE A 2151 -63.00 15.07 -22.23
C ILE A 2151 -63.31 14.46 -23.59
N VAL A 2152 -62.35 14.56 -24.50
CA VAL A 2152 -62.50 14.15 -25.89
C VAL A 2152 -61.72 12.85 -26.11
N GLU A 2153 -62.44 11.76 -26.40
CA GLU A 2153 -61.76 10.57 -26.88
C GLU A 2153 -61.44 10.68 -28.37
N CYS A 2154 -62.22 11.47 -29.10
CA CYS A 2154 -62.00 11.66 -30.53
C CYS A 2154 -60.74 12.49 -30.77
N MET A 2155 -59.95 12.06 -31.76
CA MET A 2155 -58.71 12.75 -32.13
C MET A 2155 -58.43 12.50 -33.60
N VAL A 2156 -58.06 13.56 -34.33
CA VAL A 2156 -57.68 13.48 -35.72
C VAL A 2156 -56.39 14.28 -35.88
N ALA A 2157 -55.67 14.01 -36.98
CA ALA A 2157 -54.45 14.73 -37.31
C ALA A 2157 -54.62 15.44 -38.64
N THR A 2158 -53.79 16.45 -38.86
CA THR A 2158 -53.86 17.27 -40.07
C THR A 2158 -52.79 16.84 -41.06
N HIS A 2159 -53.22 16.63 -42.32
CA HIS A 2159 -52.27 16.30 -43.38
C HIS A 2159 -51.60 17.54 -43.96
N HIS A 2160 -52.13 18.73 -43.70
CA HIS A 2160 -51.57 19.95 -44.25
C HIS A 2160 -50.22 20.24 -43.60
N ASN A 2161 -49.24 20.60 -44.43
CA ASN A 2161 -47.91 20.96 -43.95
C ASN A 2161 -47.70 22.46 -43.88
N SER A 2162 -48.75 23.25 -44.12
CA SER A 2162 -48.66 24.70 -44.07
C SER A 2162 -48.74 25.17 -42.62
N ARG A 2163 -48.94 26.47 -42.43
CA ARG A 2163 -49.12 27.01 -41.08
C ARG A 2163 -50.35 26.45 -40.38
N ASN A 2164 -51.33 25.96 -41.14
CA ASN A 2164 -52.53 25.34 -40.57
C ASN A 2164 -52.16 24.00 -39.95
N ALA A 2165 -52.06 23.97 -38.63
CA ALA A 2165 -51.79 22.75 -37.87
C ALA A 2165 -52.82 22.65 -36.76
N SER A 2166 -53.73 21.68 -36.87
CA SER A 2166 -54.85 21.61 -35.95
C SER A 2166 -55.36 20.18 -35.86
N ILE A 2167 -56.22 19.94 -34.86
CA ILE A 2167 -56.83 18.65 -34.62
C ILE A 2167 -58.34 18.83 -34.57
N TRP A 2168 -59.06 17.70 -34.68
CA TRP A 2168 -60.51 17.71 -34.71
C TRP A 2168 -61.12 16.96 -33.53
N LEU A 2169 -60.60 17.24 -32.33
CA LEU A 2169 -61.15 16.69 -31.10
C LEU A 2169 -62.63 17.01 -30.95
N GLY A 2170 -63.39 16.04 -30.43
CA GLY A 2170 -64.82 16.22 -30.25
C GLY A 2170 -65.37 15.60 -28.98
N CYS A 2171 -66.32 16.29 -28.33
CA CYS A 2171 -66.92 15.84 -27.09
C CYS A 2171 -68.44 15.93 -27.18
N GLY A 2172 -69.12 15.10 -26.39
CA GLY A 2172 -70.56 15.14 -26.33
C GLY A 2172 -71.08 15.21 -24.91
N HIS A 2173 -71.73 16.31 -24.55
CA HIS A 2173 -72.32 16.48 -23.23
C HIS A 2173 -73.84 16.32 -23.23
N THR A 2174 -74.46 16.18 -24.39
CA THR A 2174 -75.90 16.08 -24.52
C THR A 2174 -76.21 15.08 -25.63
N ASP A 2175 -77.50 14.98 -25.97
CA ASP A 2175 -77.91 14.09 -27.06
C ASP A 2175 -77.25 14.48 -28.37
N ARG A 2176 -77.33 15.76 -28.73
CA ARG A 2176 -76.69 16.22 -29.96
C ARG A 2176 -75.18 16.25 -29.78
N GLY A 2177 -74.46 16.02 -30.89
CA GLY A 2177 -73.02 16.01 -30.87
C GLY A 2177 -72.42 17.39 -30.81
N GLN A 2178 -71.10 17.41 -30.69
CA GLN A 2178 -70.34 18.66 -30.68
C GLN A 2178 -68.93 18.38 -31.18
N LEU A 2179 -68.34 19.38 -31.84
CA LEU A 2179 -66.99 19.26 -32.37
C LEU A 2179 -66.17 20.46 -31.92
N SER A 2180 -64.86 20.27 -31.87
CA SER A 2180 -63.91 21.32 -31.54
C SER A 2180 -62.82 21.37 -32.59
N PHE A 2181 -62.22 22.54 -32.74
CA PHE A 2181 -61.13 22.76 -33.70
C PHE A 2181 -60.05 23.53 -32.96
N LEU A 2182 -58.94 22.84 -32.65
CA LEU A 2182 -57.88 23.41 -31.83
C LEU A 2182 -56.59 23.47 -32.64
N ASP A 2183 -56.11 24.68 -32.89
CA ASP A 2183 -54.89 24.88 -33.66
C ASP A 2183 -53.70 24.93 -32.71
N LEU A 2184 -52.70 24.09 -32.98
CA LEU A 2184 -51.52 24.03 -32.12
C LEU A 2184 -50.70 25.30 -32.22
N ASN A 2185 -50.63 25.90 -33.41
CA ASN A 2185 -49.82 27.09 -33.60
C ASN A 2185 -50.38 28.28 -32.82
N THR A 2186 -51.69 28.49 -32.87
CA THR A 2186 -52.32 29.62 -32.20
C THR A 2186 -52.73 29.32 -30.76
N GLU A 2187 -52.68 28.05 -30.34
CA GLU A 2187 -53.05 27.61 -28.99
C GLU A 2187 -54.49 27.95 -28.62
N GLY A 2188 -55.34 28.21 -29.61
CA GLY A 2188 -56.73 28.54 -29.36
C GLY A 2188 -57.68 27.56 -30.02
N TYR A 2189 -58.92 27.45 -29.53
CA TYR A 2189 -59.86 26.50 -30.07
C TYR A 2189 -61.24 27.12 -30.16
N THR A 2190 -62.05 26.58 -31.07
CA THR A 2190 -63.45 26.94 -31.22
C THR A 2190 -64.29 25.68 -31.21
N SER A 2191 -65.34 25.67 -30.38
CA SER A 2191 -66.20 24.50 -30.22
C SER A 2191 -67.64 24.91 -30.43
N GLU A 2192 -68.40 24.05 -31.12
CA GLU A 2192 -69.82 24.30 -31.37
C GLU A 2192 -70.52 22.98 -31.63
N GLU A 2193 -71.74 22.85 -31.10
CA GLU A 2193 -72.55 21.66 -31.29
C GLU A 2193 -73.16 21.71 -32.69
N VAL A 2194 -72.77 20.77 -33.55
CA VAL A 2194 -73.17 20.80 -34.96
C VAL A 2194 -73.95 19.56 -35.36
N ALA A 2195 -73.68 18.42 -34.72
CA ALA A 2195 -74.31 17.17 -35.09
C ALA A 2195 -75.50 16.87 -34.20
N ASP A 2196 -76.61 16.43 -34.82
CA ASP A 2196 -77.86 16.18 -34.10
C ASP A 2196 -77.77 15.02 -33.12
N SER A 2197 -76.73 14.19 -33.20
CA SER A 2197 -76.51 13.11 -32.26
C SER A 2197 -75.02 13.04 -31.97
N ARG A 2198 -74.67 12.36 -30.88
CA ARG A 2198 -73.31 12.37 -30.38
C ARG A 2198 -72.35 11.74 -31.39
N ILE A 2199 -71.12 12.23 -31.39
CA ILE A 2199 -70.05 11.67 -32.22
C ILE A 2199 -69.20 10.74 -31.37
N LEU A 2200 -68.72 9.66 -31.97
CA LEU A 2200 -67.93 8.67 -31.25
C LEU A 2200 -66.53 8.47 -31.83
N CYS A 2201 -66.36 8.62 -33.14
CA CYS A 2201 -65.06 8.54 -33.79
C CYS A 2201 -65.10 9.37 -35.07
N LEU A 2202 -63.91 9.65 -35.61
CA LEU A 2202 -63.77 10.50 -36.78
C LEU A 2202 -62.73 9.92 -37.72
N ALA A 2203 -62.83 10.34 -38.98
CA ALA A 2203 -61.84 10.04 -40.00
C ALA A 2203 -61.67 11.26 -40.88
N LEU A 2204 -60.51 11.35 -41.54
CA LEU A 2204 -60.22 12.45 -42.43
C LEU A 2204 -59.71 11.90 -43.76
N VAL A 2205 -60.27 12.42 -44.86
CA VAL A 2205 -59.90 12.02 -46.21
C VAL A 2205 -59.32 13.23 -46.93
N HIS A 2206 -58.21 13.03 -47.64
CA HIS A 2206 -57.55 14.10 -48.37
C HIS A 2206 -57.39 13.70 -49.83
N LEU A 2207 -57.85 14.55 -50.73
CA LEU A 2207 -57.68 14.38 -52.17
C LEU A 2207 -57.14 15.68 -52.73
N PRO A 2208 -55.81 15.88 -52.66
CA PRO A 2208 -55.23 17.14 -53.14
C PRO A 2208 -55.41 17.39 -54.64
N VAL A 2209 -55.60 16.34 -55.44
CA VAL A 2209 -55.85 16.51 -56.87
C VAL A 2209 -57.12 17.32 -57.10
N GLU A 2210 -58.18 16.98 -56.37
CA GLU A 2210 -59.41 17.77 -56.37
C GLU A 2210 -59.42 18.82 -55.27
N LYS A 2211 -58.35 18.91 -54.47
CA LYS A 2211 -58.23 19.85 -53.36
C LYS A 2211 -59.40 19.70 -52.38
N GLU A 2212 -59.81 18.46 -52.14
CA GLU A 2212 -60.94 18.15 -51.29
C GLU A 2212 -60.43 17.52 -50.00
N SER A 2213 -60.48 18.28 -48.91
CA SER A 2213 -60.12 17.79 -47.57
C SER A 2213 -61.37 17.79 -46.71
N TRP A 2214 -61.80 16.60 -46.30
CA TRP A 2214 -63.09 16.43 -45.66
C TRP A 2214 -62.92 15.62 -44.38
N ILE A 2215 -63.80 15.86 -43.42
CA ILE A 2215 -63.80 15.17 -42.13
C ILE A 2215 -65.16 14.51 -41.96
N VAL A 2216 -65.15 13.21 -41.67
CA VAL A 2216 -66.37 12.43 -41.48
C VAL A 2216 -66.43 11.93 -40.05
N SER A 2217 -67.61 12.07 -39.43
CA SER A 2217 -67.86 11.56 -38.09
C SER A 2217 -69.23 10.89 -38.08
N GLY A 2218 -69.40 9.92 -37.19
CA GLY A 2218 -70.59 9.08 -37.17
C GLY A 2218 -71.44 9.31 -35.93
N THR A 2219 -72.74 9.48 -36.15
CA THR A 2219 -73.69 9.73 -35.09
C THR A 2219 -74.07 8.42 -34.40
N GLN A 2220 -74.29 8.49 -33.08
CA GLN A 2220 -74.82 7.35 -32.35
C GLN A 2220 -76.23 6.97 -32.80
N SER A 2221 -76.97 7.91 -33.38
CA SER A 2221 -78.25 7.56 -33.99
C SER A 2221 -78.06 6.65 -35.21
N GLY A 2222 -76.98 6.85 -35.96
CA GLY A 2222 -76.69 5.95 -37.06
C GLY A 2222 -76.48 6.59 -38.41
N THR A 2223 -76.22 7.90 -38.43
CA THR A 2223 -75.88 8.63 -39.64
C THR A 2223 -74.53 9.32 -39.47
N LEU A 2224 -74.03 9.89 -40.57
CA LEU A 2224 -72.71 10.48 -40.56
C LEU A 2224 -72.75 11.85 -41.22
N LEU A 2225 -72.02 12.80 -40.66
CA LEU A 2225 -71.78 14.09 -41.29
C LEU A 2225 -70.39 14.09 -41.91
N VAL A 2226 -70.30 14.55 -43.16
CA VAL A 2226 -69.03 14.89 -43.79
C VAL A 2226 -68.97 16.40 -43.92
N ILE A 2227 -67.89 17.00 -43.41
CA ILE A 2227 -67.75 18.45 -43.32
C ILE A 2227 -66.42 18.85 -43.94
N ASN A 2228 -66.46 19.94 -44.71
CA ASN A 2228 -65.27 20.49 -45.33
C ASN A 2228 -64.58 21.46 -44.38
N THR A 2229 -63.29 21.25 -44.14
CA THR A 2229 -62.54 22.19 -43.33
C THR A 2229 -62.32 23.52 -44.03
N GLU A 2230 -62.50 23.57 -45.36
CA GLU A 2230 -62.38 24.85 -46.07
C GLU A 2230 -63.62 25.71 -45.86
N ASP A 2231 -64.79 25.09 -45.77
CA ASP A 2231 -66.04 25.81 -45.51
C ASP A 2231 -66.91 24.99 -44.58
N GLY A 2232 -67.15 25.50 -43.37
CA GLY A 2232 -67.89 24.81 -42.34
C GLY A 2232 -69.36 24.56 -42.65
N LYS A 2233 -69.90 25.22 -43.67
CA LYS A 2233 -71.29 25.04 -44.06
C LYS A 2233 -71.53 23.85 -44.98
N LYS A 2234 -70.47 23.15 -45.41
CA LYS A 2234 -70.63 21.98 -46.28
C LYS A 2234 -70.90 20.75 -45.41
N ARG A 2235 -72.15 20.64 -44.95
CA ARG A 2235 -72.56 19.59 -44.01
C ARG A 2235 -73.67 18.76 -44.66
N HIS A 2236 -73.38 17.51 -44.96
CA HIS A 2236 -74.38 16.63 -45.55
C HIS A 2236 -74.35 15.26 -44.87
N THR A 2237 -75.49 14.59 -44.89
CA THR A 2237 -75.72 13.38 -44.10
C THR A 2237 -75.79 12.14 -45.00
N LEU A 2238 -75.11 11.08 -44.59
CA LEU A 2238 -75.01 9.85 -45.37
C LEU A 2238 -76.27 9.01 -45.17
N GLU A 2239 -76.22 7.75 -45.61
CA GLU A 2239 -77.30 6.81 -45.35
C GLU A 2239 -77.20 6.25 -43.93
N LYS A 2240 -78.32 5.70 -43.46
CA LYS A 2240 -78.46 5.27 -42.09
C LYS A 2240 -78.08 3.80 -41.95
N MET A 2241 -77.52 3.45 -40.79
CA MET A 2241 -77.32 2.07 -40.39
C MET A 2241 -78.15 1.77 -39.15
N THR A 2242 -78.38 0.47 -38.91
CA THR A 2242 -79.33 0.05 -37.90
C THR A 2242 -78.89 0.47 -36.49
N ASP A 2243 -77.60 0.30 -36.18
CA ASP A 2243 -77.10 0.57 -34.84
C ASP A 2243 -76.00 1.63 -34.92
N SER A 2244 -75.52 2.06 -33.76
CA SER A 2244 -74.56 3.13 -33.64
C SER A 2244 -73.22 2.78 -34.32
N VAL A 2245 -72.34 3.78 -34.37
CA VAL A 2245 -71.08 3.68 -35.07
C VAL A 2245 -69.99 3.40 -34.03
N THR A 2246 -69.09 2.47 -34.35
CA THR A 2246 -67.99 2.14 -33.46
C THR A 2246 -66.66 2.76 -33.85
N CYS A 2247 -66.29 2.67 -35.13
CA CYS A 2247 -64.98 3.14 -35.57
C CYS A 2247 -65.04 3.58 -37.02
N LEU A 2248 -64.11 4.44 -37.40
CA LEU A 2248 -63.93 4.85 -38.78
C LEU A 2248 -62.46 4.73 -39.16
N TYR A 2249 -62.19 4.73 -40.46
CA TYR A 2249 -60.83 4.68 -40.97
C TYR A 2249 -60.85 5.14 -42.42
N CYS A 2250 -59.79 5.83 -42.84
CA CYS A 2250 -59.60 6.26 -44.22
C CYS A 2250 -58.33 5.63 -44.75
N ASN A 2251 -58.46 4.77 -45.75
CA ASN A 2251 -57.37 3.93 -46.21
C ASN A 2251 -56.79 4.50 -47.50
N SER A 2252 -55.48 4.71 -47.51
CA SER A 2252 -54.74 5.10 -48.71
C SER A 2252 -53.90 3.93 -49.17
N PHE A 2253 -54.11 3.49 -50.42
CA PHE A 2253 -53.40 2.36 -50.99
C PHE A 2253 -52.06 2.80 -51.57
N SER A 2254 -51.23 3.39 -50.71
CA SER A 2254 -49.91 3.96 -51.01
C SER A 2254 -49.99 5.14 -51.97
N LYS A 2255 -48.96 5.99 -51.95
CA LYS A 2255 -48.92 7.18 -52.80
C LYS A 2255 -48.32 6.90 -54.17
N GLN A 2256 -47.83 5.69 -54.42
CA GLN A 2256 -47.24 5.33 -55.70
C GLN A 2256 -48.13 4.38 -56.50
N SER A 2257 -49.41 4.29 -56.15
CA SER A 2257 -50.35 3.40 -56.82
C SER A 2257 -51.56 4.19 -57.28
N LYS A 2258 -52.19 3.69 -58.35
CA LYS A 2258 -53.36 4.33 -58.93
C LYS A 2258 -54.67 3.86 -58.30
N GLN A 2259 -54.60 3.01 -57.28
CA GLN A 2259 -55.80 2.55 -56.59
C GLN A 2259 -56.50 3.72 -55.91
N LYS A 2260 -57.83 3.67 -55.90
CA LYS A 2260 -58.63 4.74 -55.32
C LYS A 2260 -58.85 4.50 -53.82
N ASN A 2261 -58.82 5.58 -53.06
CA ASN A 2261 -58.97 5.52 -51.61
C ASN A 2261 -60.42 5.21 -51.23
N PHE A 2262 -60.60 4.70 -50.02
CA PHE A 2262 -61.91 4.31 -49.53
C PHE A 2262 -62.06 4.70 -48.08
N LEU A 2263 -63.28 5.10 -47.71
CA LEU A 2263 -63.65 5.37 -46.31
C LEU A 2263 -64.29 4.12 -45.72
N LEU A 2264 -63.52 3.39 -44.93
CA LEU A 2264 -64.06 2.25 -44.21
C LEU A 2264 -64.73 2.69 -42.91
N VAL A 2265 -65.86 2.05 -42.59
CA VAL A 2265 -66.58 2.30 -41.34
C VAL A 2265 -66.97 0.95 -40.74
N GLY A 2266 -66.91 0.88 -39.41
CA GLY A 2266 -67.33 -0.32 -38.69
C GLY A 2266 -68.40 -0.02 -37.67
N THR A 2267 -69.55 -0.69 -37.76
CA THR A 2267 -70.68 -0.41 -36.90
C THR A 2267 -70.82 -1.48 -35.82
N ALA A 2268 -71.83 -1.30 -34.96
CA ALA A 2268 -72.08 -2.22 -33.87
C ALA A 2268 -72.88 -3.46 -34.28
N ASP A 2269 -73.52 -3.45 -35.45
CA ASP A 2269 -74.21 -4.63 -35.94
C ASP A 2269 -73.34 -5.47 -36.87
N GLY A 2270 -72.02 -5.38 -36.74
CA GLY A 2270 -71.13 -6.11 -37.61
C GLY A 2270 -71.06 -5.61 -39.03
N LYS A 2271 -71.77 -4.52 -39.35
CA LYS A 2271 -71.79 -4.00 -40.70
C LYS A 2271 -70.48 -3.29 -40.98
N LEU A 2272 -69.72 -3.80 -41.94
CA LEU A 2272 -68.51 -3.15 -42.43
C LEU A 2272 -68.86 -2.55 -43.78
N ALA A 2273 -69.21 -1.27 -43.77
CA ALA A 2273 -69.64 -0.56 -44.96
C ALA A 2273 -68.50 0.27 -45.52
N ILE A 2274 -68.45 0.36 -46.85
CA ILE A 2274 -67.39 1.05 -47.55
C ILE A 2274 -67.98 2.24 -48.28
N PHE A 2275 -67.50 3.43 -47.94
CA PHE A 2275 -67.87 4.63 -48.69
C PHE A 2275 -66.71 4.99 -49.61
N GLU A 2276 -67.04 5.44 -50.81
CA GLU A 2276 -66.04 5.90 -51.77
C GLU A 2276 -65.80 7.39 -51.58
N ASP A 2277 -64.53 7.78 -51.53
CA ASP A 2277 -64.16 9.16 -51.23
C ASP A 2277 -64.70 10.16 -52.26
N LYS A 2278 -65.06 9.69 -53.46
CA LYS A 2278 -65.74 10.53 -54.44
C LYS A 2278 -67.27 10.41 -54.34
N THR A 2279 -67.77 9.28 -53.87
CA THR A 2279 -69.22 9.10 -53.72
C THR A 2279 -69.78 10.03 -52.65
N VAL A 2280 -69.07 10.18 -51.53
CA VAL A 2280 -69.58 10.97 -50.40
C VAL A 2280 -69.67 12.46 -50.70
N LYS A 2281 -69.16 12.91 -51.85
CA LYS A 2281 -69.18 14.34 -52.16
C LYS A 2281 -70.59 14.85 -52.43
N LEU A 2282 -71.46 13.99 -52.96
CA LEU A 2282 -72.86 14.32 -53.18
C LEU A 2282 -73.70 13.97 -51.96
N LYS A 2283 -74.72 14.78 -51.68
CA LYS A 2283 -75.61 14.52 -50.57
C LYS A 2283 -76.41 13.25 -50.80
N GLY A 2284 -76.70 12.55 -49.70
CA GLY A 2284 -77.39 11.27 -49.81
C GLY A 2284 -76.58 10.20 -50.51
N ALA A 2285 -75.30 10.06 -50.16
CA ALA A 2285 -74.44 9.09 -50.82
C ALA A 2285 -74.62 7.71 -50.22
N ALA A 2286 -74.84 6.73 -51.10
CA ALA A 2286 -75.08 5.31 -50.80
C ALA A 2286 -73.75 4.57 -50.67
N PRO A 2287 -73.52 3.85 -49.56
CA PRO A 2287 -72.34 2.98 -49.47
C PRO A 2287 -72.34 1.94 -50.59
N LEU A 2288 -71.14 1.64 -51.10
CA LEU A 2288 -71.04 0.76 -52.26
C LEU A 2288 -71.09 -0.72 -51.87
N LYS A 2289 -70.46 -1.11 -50.76
CA LYS A 2289 -70.45 -2.50 -50.33
C LYS A 2289 -70.57 -2.56 -48.81
N ILE A 2290 -71.09 -3.68 -48.32
CA ILE A 2290 -71.26 -3.92 -46.89
C ILE A 2290 -70.90 -5.37 -46.60
N LEU A 2291 -70.09 -5.59 -45.57
CA LEU A 2291 -69.77 -6.93 -45.08
C LEU A 2291 -70.38 -7.14 -43.71
N ASN A 2292 -71.16 -8.20 -43.56
CA ASN A 2292 -71.82 -8.52 -42.29
C ASN A 2292 -71.00 -9.50 -41.47
N ILE A 2293 -69.78 -9.06 -41.13
CA ILE A 2293 -68.82 -9.95 -40.47
C ILE A 2293 -69.34 -10.41 -39.11
N GLY A 2294 -69.89 -9.48 -38.33
CA GLY A 2294 -70.38 -9.79 -37.01
C GLY A 2294 -71.82 -9.38 -36.79
N ASN A 2295 -72.20 -9.21 -35.54
CA ASN A 2295 -73.57 -8.86 -35.16
C ASN A 2295 -73.51 -8.02 -33.89
N VAL A 2296 -74.64 -7.88 -33.20
CA VAL A 2296 -74.66 -7.25 -31.90
C VAL A 2296 -73.88 -8.09 -30.88
N SER A 2297 -73.85 -9.41 -31.06
CA SER A 2297 -73.13 -10.29 -30.13
C SER A 2297 -71.64 -10.02 -30.15
N THR A 2298 -71.06 -9.85 -31.33
CA THR A 2298 -69.63 -9.57 -31.51
C THR A 2298 -69.42 -8.35 -32.42
N PRO A 2299 -69.73 -7.16 -31.93
CA PRO A 2299 -69.61 -5.95 -32.76
C PRO A 2299 -68.16 -5.63 -33.12
N LEU A 2300 -67.98 -5.08 -34.31
CA LEU A 2300 -66.65 -4.67 -34.76
C LEU A 2300 -66.22 -3.40 -34.05
N MET A 2301 -64.97 -3.39 -33.58
CA MET A 2301 -64.43 -2.31 -32.75
C MET A 2301 -63.43 -1.41 -33.45
N CYS A 2302 -62.47 -1.96 -34.20
CA CYS A 2302 -61.37 -1.14 -34.69
C CYS A 2302 -60.83 -1.70 -36.00
N LEU A 2303 -60.04 -0.86 -36.69
CA LEU A 2303 -59.35 -1.23 -37.91
C LEU A 2303 -57.88 -0.85 -37.76
N SER A 2304 -57.03 -1.45 -38.61
CA SER A 2304 -55.61 -1.12 -38.61
C SER A 2304 -55.03 -1.49 -39.97
N GLU A 2305 -53.86 -0.92 -40.26
CA GLU A 2305 -53.14 -1.17 -41.49
C GLU A 2305 -51.79 -1.81 -41.18
N SER A 2306 -51.33 -2.66 -42.10
CA SER A 2306 -50.07 -3.35 -41.91
C SER A 2306 -48.90 -2.38 -42.01
N THR A 2307 -48.00 -2.44 -41.01
CA THR A 2307 -46.84 -1.55 -41.00
C THR A 2307 -45.90 -1.87 -42.16
N ASN A 2308 -45.64 -3.15 -42.39
CA ASN A 2308 -44.74 -3.56 -43.46
C ASN A 2308 -45.41 -3.37 -44.81
N SER A 2309 -44.59 -3.04 -45.81
CA SER A 2309 -45.10 -2.85 -47.17
C SER A 2309 -45.51 -4.16 -47.83
N THR A 2310 -45.09 -5.31 -47.28
CA THR A 2310 -45.42 -6.60 -47.89
C THR A 2310 -46.88 -6.97 -47.70
N GLU A 2311 -47.59 -6.34 -46.75
CA GLU A 2311 -48.99 -6.65 -46.50
C GLU A 2311 -49.86 -5.39 -46.51
N ARG A 2312 -49.40 -4.32 -47.15
CA ARG A 2312 -50.17 -3.07 -47.18
C ARG A 2312 -51.50 -3.22 -47.90
N ASN A 2313 -51.62 -4.20 -48.80
CA ASN A 2313 -52.90 -4.49 -49.45
C ASN A 2313 -53.80 -5.38 -48.61
N VAL A 2314 -53.33 -5.82 -47.44
CA VAL A 2314 -54.11 -6.64 -46.53
C VAL A 2314 -54.47 -5.77 -45.33
N MET A 2315 -55.77 -5.59 -45.10
CA MET A 2315 -56.25 -4.76 -44.01
C MET A 2315 -56.87 -5.63 -42.92
N TRP A 2316 -56.59 -5.29 -41.67
CA TRP A 2316 -57.01 -6.08 -40.54
C TRP A 2316 -57.95 -5.28 -39.63
N GLY A 2317 -58.79 -6.01 -38.91
CA GLY A 2317 -59.72 -5.38 -37.99
C GLY A 2317 -60.18 -6.37 -36.94
N GLY A 2318 -60.49 -5.86 -35.76
CA GLY A 2318 -60.99 -6.70 -34.68
C GLY A 2318 -62.49 -6.63 -34.56
N CYS A 2319 -63.18 -7.61 -35.16
CA CYS A 2319 -64.64 -7.71 -35.06
C CYS A 2319 -64.99 -8.44 -33.77
N GLY A 2320 -64.97 -7.69 -32.67
CA GLY A 2320 -65.26 -8.24 -31.36
C GLY A 2320 -64.24 -9.27 -30.94
N THR A 2321 -64.66 -10.54 -30.89
CA THR A 2321 -63.76 -11.63 -30.56
C THR A 2321 -63.15 -12.26 -31.80
N LYS A 2322 -63.36 -11.65 -32.96
CA LYS A 2322 -62.86 -12.17 -34.22
C LYS A 2322 -61.88 -11.16 -34.81
N ILE A 2323 -60.90 -11.66 -35.56
CA ILE A 2323 -59.94 -10.85 -36.28
C ILE A 2323 -60.03 -11.21 -37.76
N PHE A 2324 -60.34 -10.23 -38.59
CA PHE A 2324 -60.48 -10.45 -40.02
C PHE A 2324 -59.37 -9.72 -40.75
N SER A 2325 -58.80 -10.39 -41.75
CA SER A 2325 -57.83 -9.78 -42.66
C SER A 2325 -58.35 -9.96 -44.08
N PHE A 2326 -58.48 -8.85 -44.81
CA PHE A 2326 -59.03 -8.88 -46.15
C PHE A 2326 -58.17 -8.07 -47.10
N SER A 2327 -58.12 -8.54 -48.35
CA SER A 2327 -57.27 -7.93 -49.37
C SER A 2327 -57.98 -6.72 -49.96
N ASN A 2328 -57.40 -6.14 -51.01
CA ASN A 2328 -58.00 -4.98 -51.67
C ASN A 2328 -59.30 -5.31 -52.39
N ASP A 2329 -59.63 -6.59 -52.55
CA ASP A 2329 -60.86 -7.02 -53.18
C ASP A 2329 -62.02 -7.13 -52.19
N PHE A 2330 -61.80 -6.74 -50.93
CA PHE A 2330 -62.82 -6.79 -49.87
C PHE A 2330 -63.30 -8.21 -49.61
N THR A 2331 -62.46 -9.20 -49.90
CA THR A 2331 -62.73 -10.60 -49.57
C THR A 2331 -61.83 -11.02 -48.41
N ILE A 2332 -62.44 -11.65 -47.40
CA ILE A 2332 -61.68 -12.07 -46.22
C ILE A 2332 -60.59 -13.05 -46.61
N GLN A 2333 -59.38 -12.84 -46.08
CA GLN A 2333 -58.26 -13.74 -46.30
C GLN A 2333 -57.96 -14.63 -45.10
N LYS A 2334 -58.11 -14.11 -43.88
CA LYS A 2334 -57.84 -14.90 -42.68
C LYS A 2334 -58.78 -14.50 -41.57
N LEU A 2335 -59.19 -15.50 -40.77
CA LEU A 2335 -59.99 -15.29 -39.57
C LEU A 2335 -59.31 -15.94 -38.38
N ILE A 2336 -59.24 -15.21 -37.27
CA ILE A 2336 -58.62 -15.68 -36.04
C ILE A 2336 -59.63 -15.56 -34.92
N GLU A 2337 -59.73 -16.60 -34.09
CA GLU A 2337 -60.69 -16.65 -33.00
C GLU A 2337 -59.97 -16.38 -31.68
N THR A 2338 -60.50 -15.42 -30.92
CA THR A 2338 -59.93 -15.04 -29.63
C THR A 2338 -60.34 -15.99 -28.50
N ARG A 2339 -61.34 -16.86 -28.72
CA ARG A 2339 -61.80 -17.77 -27.68
C ARG A 2339 -60.78 -18.84 -27.31
N THR A 2340 -59.69 -18.97 -28.07
CA THR A 2340 -58.60 -19.86 -27.69
C THR A 2340 -57.65 -19.23 -26.68
N SER A 2341 -57.83 -17.95 -26.34
CA SER A 2341 -56.87 -17.25 -25.48
C SER A 2341 -57.02 -17.63 -24.02
N GLN A 2342 -58.24 -17.89 -23.55
CA GLN A 2342 -58.43 -18.15 -22.12
C GLN A 2342 -57.94 -19.53 -21.69
N LEU A 2343 -57.50 -20.38 -22.63
CA LEU A 2343 -56.95 -21.68 -22.26
C LEU A 2343 -55.71 -21.53 -21.39
N PHE A 2344 -54.97 -20.45 -21.55
CA PHE A 2344 -53.77 -20.17 -20.76
C PHE A 2344 -53.95 -19.03 -19.77
N SER A 2345 -54.64 -17.96 -20.16
CA SER A 2345 -54.80 -16.78 -19.32
C SER A 2345 -56.16 -16.83 -18.61
N TYR A 2346 -56.49 -15.76 -17.91
CA TYR A 2346 -57.75 -15.70 -17.17
C TYR A 2346 -58.94 -15.62 -18.14
N ALA A 2347 -60.02 -16.30 -17.78
CA ALA A 2347 -61.17 -16.39 -18.67
C ALA A 2347 -61.93 -15.08 -18.78
N ALA A 2348 -62.13 -14.39 -17.64
CA ALA A 2348 -62.94 -13.18 -17.63
C ALA A 2348 -62.34 -12.08 -18.50
N PHE A 2349 -61.03 -11.86 -18.40
CA PHE A 2349 -60.37 -10.87 -19.25
C PHE A 2349 -60.47 -11.26 -20.72
N SER A 2350 -60.21 -12.53 -21.02
CA SER A 2350 -60.23 -13.00 -22.41
C SER A 2350 -61.63 -12.95 -23.02
N ASP A 2351 -62.67 -13.06 -22.19
CA ASP A 2351 -64.05 -13.03 -22.67
C ASP A 2351 -64.53 -11.59 -22.85
N SER A 2352 -63.83 -10.86 -23.71
CA SER A 2352 -64.15 -9.46 -23.99
C SER A 2352 -63.71 -9.14 -25.40
N ASN A 2353 -64.30 -8.07 -25.94
CA ASN A 2353 -63.99 -7.66 -27.31
C ASN A 2353 -62.63 -6.99 -27.39
N ILE A 2354 -61.99 -7.14 -28.54
CA ILE A 2354 -60.68 -6.52 -28.79
C ILE A 2354 -60.89 -5.06 -29.12
N ILE A 2355 -60.16 -4.18 -28.43
CA ILE A 2355 -60.32 -2.75 -28.60
C ILE A 2355 -59.30 -2.17 -29.56
N THR A 2356 -58.04 -2.60 -29.47
CA THR A 2356 -56.97 -2.09 -30.33
C THR A 2356 -56.24 -3.25 -30.98
N VAL A 2357 -55.84 -3.06 -32.24
CA VAL A 2357 -55.09 -4.05 -32.99
C VAL A 2357 -53.92 -3.37 -33.69
N VAL A 2358 -52.74 -3.97 -33.60
CA VAL A 2358 -51.53 -3.47 -34.25
C VAL A 2358 -51.04 -4.55 -35.20
N VAL A 2359 -50.87 -4.20 -36.46
CA VAL A 2359 -50.53 -5.16 -37.51
C VAL A 2359 -49.06 -5.00 -37.87
N ASP A 2360 -48.30 -6.07 -37.67
CA ASP A 2360 -46.87 -6.11 -37.99
C ASP A 2360 -46.54 -7.56 -38.33
N THR A 2361 -45.25 -7.91 -38.29
CA THR A 2361 -44.84 -9.31 -38.44
C THR A 2361 -45.55 -10.20 -37.43
N ALA A 2362 -45.80 -9.69 -36.22
CA ALA A 2362 -46.62 -10.36 -35.23
C ALA A 2362 -47.74 -9.42 -34.80
N LEU A 2363 -48.95 -9.95 -34.72
CA LEU A 2363 -50.09 -9.15 -34.29
C LEU A 2363 -50.03 -8.88 -32.80
N TYR A 2364 -50.26 -7.63 -32.41
CA TYR A 2364 -50.37 -7.25 -31.00
C TYR A 2364 -51.82 -6.92 -30.72
N ILE A 2365 -52.38 -7.53 -29.67
CA ILE A 2365 -53.81 -7.48 -29.40
C ILE A 2365 -54.03 -7.01 -27.98
N ALA A 2366 -54.89 -6.00 -27.82
CA ALA A 2366 -55.36 -5.55 -26.51
C ALA A 2366 -56.88 -5.53 -26.55
N LYS A 2367 -57.51 -6.10 -25.53
CA LYS A 2367 -58.96 -6.22 -25.47
C LYS A 2367 -59.50 -5.46 -24.26
N GLN A 2368 -60.81 -5.23 -24.29
CA GLN A 2368 -61.47 -4.33 -23.35
C GLN A 2368 -61.28 -4.79 -21.91
N ASN A 2369 -60.93 -3.84 -21.03
CA ASN A 2369 -60.80 -4.05 -19.59
C ASN A 2369 -59.83 -5.20 -19.28
N SER A 2370 -58.70 -5.21 -19.97
CA SER A 2370 -57.70 -6.25 -19.77
C SER A 2370 -56.33 -5.62 -19.52
N PRO A 2371 -55.55 -6.18 -18.59
CA PRO A 2371 -54.18 -5.68 -18.38
C PRO A 2371 -53.09 -6.46 -19.10
N VAL A 2372 -53.45 -7.38 -20.00
CA VAL A 2372 -52.48 -8.23 -20.67
C VAL A 2372 -52.61 -8.04 -22.17
N VAL A 2373 -51.50 -8.25 -22.88
CA VAL A 2373 -51.43 -8.07 -24.33
C VAL A 2373 -51.09 -9.42 -24.95
N GLU A 2374 -51.83 -9.79 -26.00
CA GLU A 2374 -51.65 -11.05 -26.69
C GLU A 2374 -50.85 -10.84 -27.96
N VAL A 2375 -50.08 -11.85 -28.33
CA VAL A 2375 -49.29 -11.84 -29.57
C VAL A 2375 -49.74 -12.99 -30.44
N TRP A 2376 -50.23 -12.68 -31.64
CA TRP A 2376 -50.65 -13.67 -32.61
C TRP A 2376 -49.69 -13.71 -33.79
N ASP A 2377 -49.72 -14.82 -34.52
CA ASP A 2377 -48.94 -14.99 -35.74
C ASP A 2377 -49.91 -15.07 -36.92
N LYS A 2378 -49.62 -14.28 -37.97
CA LYS A 2378 -50.46 -14.28 -39.15
C LYS A 2378 -50.37 -15.56 -39.96
N LYS A 2379 -49.42 -16.45 -39.66
CA LYS A 2379 -49.28 -17.71 -40.37
C LYS A 2379 -49.92 -18.88 -39.61
N THR A 2380 -49.51 -19.09 -38.36
CA THR A 2380 -50.00 -20.21 -37.58
C THR A 2380 -51.33 -19.93 -36.87
N GLU A 2381 -51.76 -18.67 -36.83
CA GLU A 2381 -52.99 -18.24 -36.14
C GLU A 2381 -53.01 -18.72 -34.69
N LYS A 2382 -51.84 -18.65 -34.03
CA LYS A 2382 -51.68 -19.19 -32.70
C LYS A 2382 -50.98 -18.15 -31.82
N LEU A 2383 -51.27 -18.21 -30.52
CA LEU A 2383 -50.62 -17.33 -29.54
C LEU A 2383 -49.12 -17.52 -29.57
N CYS A 2384 -48.40 -16.39 -29.59
CA CYS A 2384 -46.94 -16.40 -29.63
C CYS A 2384 -46.28 -15.80 -28.40
N GLY A 2385 -46.98 -14.93 -27.68
CA GLY A 2385 -46.40 -14.33 -26.48
C GLY A 2385 -47.43 -13.54 -25.73
N LEU A 2386 -47.15 -13.33 -24.45
CA LEU A 2386 -47.99 -12.55 -23.56
C LEU A 2386 -47.18 -11.42 -22.95
N ILE A 2387 -47.77 -10.24 -22.89
CA ILE A 2387 -47.15 -9.07 -22.29
C ILE A 2387 -47.97 -8.72 -21.04
N ASP A 2388 -47.36 -8.88 -19.88
CA ASP A 2388 -48.04 -8.67 -18.60
C ASP A 2388 -47.68 -7.28 -18.09
N CYS A 2389 -48.52 -6.30 -18.43
CA CYS A 2389 -48.33 -4.94 -17.95
C CYS A 2389 -48.47 -4.81 -16.43
N VAL A 2390 -49.13 -5.77 -15.79
CA VAL A 2390 -49.30 -5.75 -14.34
C VAL A 2390 -47.93 -5.83 -13.65
N HIS A 2391 -47.08 -6.75 -14.11
CA HIS A 2391 -45.76 -6.90 -13.53
C HIS A 2391 -44.92 -5.64 -13.74
N PHE A 2392 -44.99 -5.06 -14.95
CA PHE A 2392 -44.24 -3.85 -15.25
C PHE A 2392 -44.67 -2.69 -14.36
N LEU A 2393 -45.99 -2.53 -14.16
CA LEU A 2393 -46.46 -1.46 -13.28
C LEU A 2393 -46.07 -1.72 -11.83
N ARG A 2394 -46.14 -2.98 -11.38
CA ARG A 2394 -45.74 -3.29 -10.01
C ARG A 2394 -44.24 -3.15 -9.79
N GLU A 2395 -43.44 -3.20 -10.87
CA GLU A 2395 -42.01 -2.99 -10.74
C GLU A 2395 -41.70 -1.59 -10.21
N VAL A 2396 -42.48 -0.59 -10.64
CA VAL A 2396 -42.32 0.77 -10.14
C VAL A 2396 -43.21 1.00 -8.93
N SER A 2411 -54.95 0.25 -11.77
CA SER A 2411 -55.68 -0.93 -12.23
C SER A 2411 -54.86 -1.70 -13.25
N GLY A 2412 -54.15 -0.97 -14.11
CA GLY A 2412 -53.27 -1.58 -15.09
C GLY A 2412 -53.92 -1.97 -16.40
N ARG A 2413 -55.18 -1.59 -16.62
CA ARG A 2413 -55.85 -1.94 -17.87
C ARG A 2413 -55.26 -1.16 -19.03
N VAL A 2414 -54.92 -1.86 -20.10
CA VAL A 2414 -54.38 -1.23 -21.31
C VAL A 2414 -55.53 -0.62 -22.09
N LYS A 2415 -55.27 0.54 -22.71
CA LYS A 2415 -56.32 1.27 -23.41
C LYS A 2415 -56.04 1.46 -24.89
N THR A 2416 -54.82 1.82 -25.27
CA THR A 2416 -54.51 2.12 -26.66
C THR A 2416 -53.06 1.77 -26.96
N LEU A 2417 -52.77 1.57 -28.24
CA LEU A 2417 -51.47 1.14 -28.71
C LEU A 2417 -51.06 1.96 -29.93
N CYS A 2418 -49.76 2.02 -30.16
CA CYS A 2418 -49.20 2.57 -31.39
C CYS A 2418 -47.80 2.01 -31.59
N LEU A 2419 -47.41 1.85 -32.84
CA LEU A 2419 -46.13 1.24 -33.21
C LEU A 2419 -45.46 2.09 -34.29
N GLN A 2420 -44.13 2.04 -34.32
CA GLN A 2420 -43.33 2.82 -35.25
C GLN A 2420 -42.31 1.92 -35.94
N LYS A 2421 -41.53 2.52 -36.85
CA LYS A 2421 -40.62 1.77 -37.70
C LYS A 2421 -39.43 1.20 -36.92
N ASN A 2422 -39.00 1.87 -35.84
CA ASN A 2422 -37.75 1.53 -35.18
C ASN A 2422 -37.90 0.43 -34.14
N THR A 2423 -38.90 -0.45 -34.30
CA THR A 2423 -39.14 -1.61 -33.42
C THR A 2423 -39.33 -1.19 -31.96
N ALA A 2424 -40.05 -0.10 -31.75
CA ALA A 2424 -40.41 0.36 -30.41
C ALA A 2424 -41.92 0.51 -30.34
N LEU A 2425 -42.52 -0.04 -29.30
CA LEU A 2425 -43.97 -0.04 -29.12
C LEU A 2425 -44.35 0.83 -27.93
N TRP A 2426 -45.38 1.64 -28.11
CA TRP A 2426 -45.91 2.51 -27.06
C TRP A 2426 -47.21 1.93 -26.55
N ILE A 2427 -47.36 1.85 -25.23
CA ILE A 2427 -48.53 1.26 -24.59
C ILE A 2427 -49.19 2.31 -23.71
N GLY A 2428 -50.48 2.55 -23.95
CA GLY A 2428 -51.27 3.42 -23.10
C GLY A 2428 -52.07 2.60 -22.11
N THR A 2429 -51.97 2.98 -20.83
CA THR A 2429 -52.67 2.29 -19.76
C THR A 2429 -53.85 3.13 -19.28
N GLY A 2430 -54.79 2.44 -18.62
CA GLY A 2430 -55.94 3.10 -18.03
C GLY A 2430 -55.63 3.84 -16.74
N GLY A 2431 -54.45 3.62 -16.16
CA GLY A 2431 -54.03 4.31 -14.96
C GLY A 2431 -53.25 5.58 -15.19
N GLY A 2432 -53.19 6.07 -16.43
CA GLY A 2432 -52.42 7.26 -16.73
C GLY A 2432 -50.93 7.01 -16.86
N HIS A 2433 -50.54 5.82 -17.28
CA HIS A 2433 -49.14 5.47 -17.47
C HIS A 2433 -48.90 5.14 -18.93
N ILE A 2434 -47.67 5.37 -19.37
CA ILE A 2434 -47.26 5.07 -20.74
C ILE A 2434 -46.05 4.15 -20.68
N LEU A 2435 -46.11 3.04 -21.40
CA LEU A 2435 -45.07 2.03 -21.39
C LEU A 2435 -44.34 2.04 -22.72
N LEU A 2436 -43.02 1.98 -22.67
CA LEU A 2436 -42.18 1.87 -23.87
C LEU A 2436 -41.51 0.51 -23.89
N LEU A 2437 -41.71 -0.24 -24.97
CA LEU A 2437 -41.09 -1.53 -25.15
C LEU A 2437 -40.36 -1.56 -26.48
N ASP A 2438 -39.39 -2.44 -26.58
CA ASP A 2438 -38.64 -2.67 -27.82
C ASP A 2438 -39.04 -4.03 -28.39
N LEU A 2439 -39.39 -4.05 -29.67
CA LEU A 2439 -39.77 -5.31 -30.31
C LEU A 2439 -38.60 -6.28 -30.40
N SER A 2440 -37.37 -5.77 -30.36
CA SER A 2440 -36.19 -6.63 -30.47
C SER A 2440 -36.08 -7.59 -29.29
N THR A 2441 -36.32 -7.10 -28.06
CA THR A 2441 -36.13 -7.93 -26.88
C THR A 2441 -37.35 -8.05 -25.98
N ARG A 2442 -38.44 -7.34 -26.30
CA ARG A 2442 -39.65 -7.30 -25.47
C ARG A 2442 -39.32 -6.88 -24.03
N ARG A 2443 -38.39 -5.93 -23.90
CA ARG A 2443 -37.96 -5.41 -22.62
C ARG A 2443 -38.57 -4.04 -22.36
N LEU A 2444 -38.54 -3.63 -21.10
CA LEU A 2444 -39.11 -2.34 -20.71
C LEU A 2444 -38.05 -1.27 -20.94
N ILE A 2445 -38.44 -0.21 -21.65
CA ILE A 2445 -37.53 0.91 -21.89
C ILE A 2445 -37.72 2.01 -20.86
N ARG A 2446 -38.96 2.44 -20.65
CA ARG A 2446 -39.26 3.48 -19.67
C ARG A 2446 -40.74 3.44 -19.35
N VAL A 2447 -41.08 3.97 -18.16
CA VAL A 2447 -42.45 4.11 -17.71
C VAL A 2447 -42.69 5.59 -17.46
N ILE A 2448 -43.74 6.13 -18.05
CA ILE A 2448 -44.05 7.55 -17.99
C ILE A 2448 -45.33 7.73 -17.20
N TYR A 2449 -45.32 8.64 -16.24
CA TYR A 2449 -46.48 8.91 -15.39
C TYR A 2449 -46.41 10.38 -14.97
N ASN A 2450 -47.15 10.72 -13.91
CA ASN A 2450 -47.20 12.05 -13.28
C ASN A 2450 -47.45 13.18 -14.30
N PHE A 2451 -48.15 12.85 -15.38
CA PHE A 2451 -48.58 13.86 -16.36
C PHE A 2451 -50.06 13.77 -16.72
N CYS A 2452 -50.72 12.63 -16.50
CA CYS A 2452 -52.14 12.51 -16.74
C CYS A 2452 -52.70 11.40 -15.85
N ASN A 2453 -54.02 11.40 -15.70
CA ASN A 2453 -54.68 10.42 -14.83
C ASN A 2453 -55.10 9.15 -15.56
N SER A 2454 -55.46 9.24 -16.84
CA SER A 2454 -55.87 8.06 -17.59
C SER A 2454 -55.77 8.37 -19.08
N VAL A 2455 -54.91 7.64 -19.80
CA VAL A 2455 -54.75 7.84 -21.23
C VAL A 2455 -55.98 7.30 -21.95
N ARG A 2456 -56.61 8.15 -22.76
CA ARG A 2456 -57.75 7.70 -23.56
C ARG A 2456 -57.30 7.17 -24.93
N VAL A 2457 -56.71 8.04 -25.74
CA VAL A 2457 -56.18 7.68 -27.06
C VAL A 2457 -54.79 8.27 -27.20
N MET A 2458 -54.01 7.68 -28.09
CA MET A 2458 -52.65 8.16 -28.34
C MET A 2458 -52.22 7.64 -29.70
N MET A 2459 -51.72 8.55 -30.54
CA MET A 2459 -51.52 8.25 -31.95
C MET A 2459 -50.45 9.18 -32.52
N THR A 2460 -49.84 8.73 -33.61
CA THR A 2460 -48.75 9.47 -34.25
C THR A 2460 -49.28 10.52 -35.21
N ALA A 2461 -48.51 11.59 -35.37
CA ALA A 2461 -48.92 12.71 -36.22
C ALA A 2461 -47.68 13.42 -36.74
N GLN A 2462 -47.90 14.25 -37.77
CA GLN A 2462 -46.88 15.10 -38.35
C GLN A 2462 -47.36 16.54 -38.33
N LEU A 2463 -46.52 17.45 -37.86
CA LEU A 2463 -46.90 18.85 -37.75
C LEU A 2463 -46.48 19.60 -39.02
N GLY A 2464 -46.57 20.92 -38.98
CA GLY A 2464 -46.25 21.75 -40.14
C GLY A 2464 -44.77 21.86 -40.47
N SER A 2465 -43.89 21.45 -39.55
CA SER A 2465 -42.46 21.44 -39.80
C SER A 2465 -41.96 20.08 -40.27
N LEU A 2466 -42.86 19.20 -40.67
CA LEU A 2466 -42.61 17.85 -41.20
C LEU A 2466 -42.05 16.88 -40.16
N LYS A 2467 -41.89 17.31 -38.91
CA LYS A 2467 -41.41 16.41 -37.87
C LYS A 2467 -42.54 15.49 -37.41
N ASN A 2468 -42.15 14.31 -36.96
CA ASN A 2468 -43.10 13.32 -36.45
C ASN A 2468 -43.08 13.34 -34.93
N VAL A 2469 -44.26 13.41 -34.33
CA VAL A 2469 -44.42 13.49 -32.88
C VAL A 2469 -45.55 12.55 -32.46
N MET A 2470 -45.67 12.36 -31.15
CA MET A 2470 -46.71 11.52 -30.58
C MET A 2470 -47.66 12.38 -29.76
N LEU A 2471 -48.95 12.29 -30.06
CA LEU A 2471 -49.98 13.03 -29.34
C LEU A 2471 -50.67 12.09 -28.37
N VAL A 2472 -50.69 12.45 -27.09
CA VAL A 2472 -51.28 11.65 -26.04
C VAL A 2472 -52.32 12.50 -25.33
N LEU A 2473 -53.50 11.93 -25.10
CA LEU A 2473 -54.58 12.62 -24.40
C LEU A 2473 -54.95 11.86 -23.14
N GLY A 2474 -54.97 12.56 -22.00
CA GLY A 2474 -55.17 11.93 -20.72
C GLY A 2474 -56.09 12.74 -19.83
N TYR A 2475 -56.51 12.11 -18.74
CA TYR A 2475 -57.35 12.76 -17.75
C TYR A 2475 -56.49 13.54 -16.76
N ASN A 2476 -57.13 14.46 -16.05
CA ASN A 2476 -56.49 15.19 -14.96
C ASN A 2476 -57.52 15.82 -14.04
N ILE A 2489 -63.14 16.46 -13.99
CA ILE A 2489 -62.00 15.85 -14.66
C ILE A 2489 -61.54 16.74 -15.82
N GLN A 2490 -60.25 17.04 -15.87
CA GLN A 2490 -59.67 17.92 -16.87
C GLN A 2490 -58.94 17.10 -17.92
N SER A 2491 -58.96 17.59 -19.15
CA SER A 2491 -58.29 16.93 -20.27
C SER A 2491 -56.99 17.65 -20.60
N CYS A 2492 -55.90 16.87 -20.64
CA CYS A 2492 -54.57 17.40 -20.90
C CYS A 2492 -54.00 16.73 -22.14
N LEU A 2493 -53.46 17.53 -23.04
CA LEU A 2493 -52.84 17.04 -24.27
C LEU A 2493 -51.33 17.21 -24.17
N THR A 2494 -50.60 16.16 -24.47
CA THR A 2494 -49.14 16.17 -24.45
C THR A 2494 -48.59 15.77 -25.80
N VAL A 2495 -47.49 16.40 -26.20
CA VAL A 2495 -46.82 16.12 -27.48
C VAL A 2495 -45.41 15.63 -27.16
N TRP A 2496 -45.10 14.41 -27.58
CA TRP A 2496 -43.81 13.80 -27.30
C TRP A 2496 -42.99 13.63 -28.59
N ASP A 2497 -41.68 13.75 -28.44
CA ASP A 2497 -40.76 13.51 -29.55
C ASP A 2497 -40.78 12.03 -29.94
N ILE A 2498 -40.76 11.78 -31.25
CA ILE A 2498 -40.81 10.41 -31.77
C ILE A 2498 -39.54 9.63 -31.44
N ASN A 2499 -38.44 10.30 -31.11
CA ASN A 2499 -37.18 9.66 -30.77
C ASN A 2499 -37.05 9.35 -29.28
N LEU A 2500 -38.17 9.19 -28.57
CA LEU A 2500 -38.13 8.99 -27.12
C LEU A 2500 -37.31 7.78 -26.69
N PRO A 2501 -37.47 6.56 -27.27
CA PRO A 2501 -36.61 5.46 -26.80
C PRO A 2501 -35.13 5.66 -27.12
N HIS A 2502 -34.82 6.14 -28.33
CA HIS A 2502 -33.44 6.43 -28.68
C HIS A 2502 -32.85 7.51 -27.79
N GLU A 2503 -33.64 8.55 -27.50
CA GLU A 2503 -33.17 9.60 -26.59
C GLU A 2503 -32.91 9.05 -25.19
N VAL A 2504 -33.78 8.15 -24.71
CA VAL A 2504 -33.59 7.56 -23.40
C VAL A 2504 -32.29 6.76 -23.36
N GLN A 2505 -32.07 5.92 -24.37
CA GLN A 2505 -30.86 5.10 -24.41
C GLN A 2505 -29.60 5.96 -24.51
N ASN A 2506 -29.64 6.98 -25.37
CA ASN A 2506 -28.49 7.86 -25.53
C ASN A 2506 -28.18 8.61 -24.24
N LEU A 2507 -29.21 9.13 -23.57
CA LEU A 2507 -29.00 9.85 -22.32
C LEU A 2507 -28.45 8.94 -21.25
N GLU A 2508 -28.97 7.71 -21.16
CA GLU A 2508 -28.46 6.76 -20.16
C GLU A 2508 -27.00 6.43 -20.40
N LYS A 2509 -26.64 6.15 -21.66
CA LYS A 2509 -25.25 5.84 -21.97
C LYS A 2509 -24.34 7.05 -21.70
N HIS A 2510 -24.80 8.25 -22.07
CA HIS A 2510 -24.00 9.45 -21.88
C HIS A 2510 -23.78 9.75 -20.41
N ILE A 2511 -24.83 9.62 -19.58
CA ILE A 2511 -24.66 9.90 -18.16
C ILE A 2511 -23.79 8.85 -17.50
N GLU A 2512 -23.90 7.58 -17.94
CA GLU A 2512 -23.01 6.55 -17.42
C GLU A 2512 -21.55 6.85 -17.77
N VAL A 2513 -21.30 7.28 -19.01
CA VAL A 2513 -19.95 7.61 -19.44
C VAL A 2513 -19.40 8.78 -18.63
N ARG A 2514 -20.22 9.82 -18.44
CA ARG A 2514 -19.79 10.98 -17.66
C ARG A 2514 -19.48 10.60 -16.22
N LYS A 2515 -20.34 9.78 -15.60
CA LYS A 2515 -20.10 9.35 -14.22
C LYS A 2515 -18.82 8.54 -14.12
N GLU A 2516 -18.59 7.62 -15.06
CA GLU A 2516 -17.38 6.81 -15.03
C GLU A 2516 -16.14 7.67 -15.20
N LEU A 2517 -16.18 8.63 -16.13
CA LEU A 2517 -15.03 9.51 -16.33
C LEU A 2517 -14.77 10.37 -15.10
N ALA A 2518 -15.83 10.91 -14.50
CA ALA A 2518 -15.68 11.73 -13.31
C ALA A 2518 -15.06 10.94 -12.16
N GLU A 2519 -15.57 9.73 -11.92
CA GLU A 2519 -15.02 8.89 -10.86
C GLU A 2519 -13.58 8.52 -11.12
N LYS A 2520 -13.26 8.14 -12.37
CA LYS A 2520 -11.90 7.75 -12.71
C LYS A 2520 -10.92 8.91 -12.52
N MET A 2521 -11.29 10.11 -12.98
CA MET A 2521 -10.37 11.23 -12.86
C MET A 2521 -10.27 11.72 -11.42
N ARG A 2522 -11.36 11.66 -10.66
CA ARG A 2522 -11.29 12.00 -9.25
C ARG A 2522 -10.39 11.05 -8.48
N ARG A 2523 -10.50 9.75 -8.76
CA ARG A 2523 -9.60 8.77 -8.15
C ARG A 2523 -8.15 8.99 -8.57
N THR A 2524 -7.92 9.35 -9.84
CA THR A 2524 -6.58 9.66 -10.30
C THR A 2524 -6.01 10.88 -9.57
N SER A 2525 -6.83 11.92 -9.38
CA SER A 2525 -6.40 13.10 -8.65
C SER A 2525 -6.07 12.77 -7.20
N VAL A 2526 -6.91 11.97 -6.54
CA VAL A 2526 -6.63 11.56 -5.16
C VAL A 2526 -5.35 10.73 -5.10
N GLU A 2527 -5.17 9.81 -6.04
CA GLU A 2527 -3.97 9.00 -6.11
C GLU A 2527 -2.76 9.83 -6.53
N GLY B 558 -6.67 -17.00 -59.64
CA GLY B 558 -5.81 -18.10 -60.09
C GLY B 558 -4.48 -17.64 -60.63
N ILE B 559 -4.45 -16.42 -61.19
CA ILE B 559 -3.23 -15.88 -61.76
C ILE B 559 -2.19 -15.54 -60.69
N GLN B 560 -2.57 -15.58 -59.41
CA GLN B 560 -1.62 -15.25 -58.34
C GLN B 560 -0.47 -16.24 -58.24
N LYS B 561 -0.63 -17.47 -58.74
CA LYS B 561 0.47 -18.43 -58.71
C LYS B 561 1.60 -18.00 -59.64
N CYS B 562 1.28 -17.78 -60.93
CA CYS B 562 2.27 -17.31 -61.89
C CYS B 562 2.71 -15.89 -61.59
N GLY B 563 1.85 -15.10 -60.93
CA GLY B 563 2.25 -13.79 -60.45
C GLY B 563 3.36 -13.85 -59.43
N LEU B 564 3.27 -14.78 -58.48
CA LEU B 564 4.35 -14.98 -57.51
C LEU B 564 5.62 -15.49 -58.18
N LYS B 565 5.51 -16.20 -59.30
CA LYS B 565 6.69 -16.59 -60.06
C LYS B 565 7.41 -15.35 -60.61
N VAL B 566 6.65 -14.42 -61.18
CA VAL B 566 7.22 -13.15 -61.65
C VAL B 566 7.80 -12.35 -60.47
N ILE B 567 7.14 -12.43 -59.31
CA ILE B 567 7.65 -11.77 -58.12
C ILE B 567 9.01 -12.33 -57.72
N SER B 568 9.14 -13.66 -57.71
CA SER B 568 10.44 -14.28 -57.43
C SER B 568 11.51 -13.86 -58.43
N SER B 569 11.12 -13.60 -59.67
CA SER B 569 12.09 -13.11 -60.67
C SER B 569 12.57 -11.70 -60.38
N ILE B 570 11.69 -10.82 -59.89
CA ILE B 570 12.07 -9.41 -59.75
C ILE B 570 12.76 -9.11 -58.42
N VAL B 571 12.58 -9.93 -57.39
CA VAL B 571 13.21 -9.66 -56.10
C VAL B 571 14.74 -9.70 -56.17
N HIS B 572 15.31 -10.33 -57.19
CA HIS B 572 16.76 -10.35 -57.31
C HIS B 572 17.31 -9.00 -57.74
N PHE B 573 16.48 -8.13 -58.32
CA PHE B 573 16.93 -6.82 -58.74
C PHE B 573 17.16 -5.93 -57.53
N PRO B 574 18.17 -5.06 -57.56
CA PRO B 574 18.38 -4.14 -56.43
C PRO B 574 17.24 -3.14 -56.27
N ASP B 575 16.99 -2.79 -55.00
CA ASP B 575 15.95 -1.83 -54.60
C ASP B 575 14.56 -2.25 -55.10
N ALA B 576 14.12 -3.41 -54.62
CA ALA B 576 12.80 -3.92 -54.97
C ALA B 576 11.67 -3.14 -54.31
N LEU B 577 11.98 -2.28 -53.34
CA LEU B 577 10.96 -1.49 -52.66
C LEU B 577 10.67 -0.19 -53.42
N GLY B 584 3.85 -1.05 -50.11
CA GLY B 584 4.71 -2.20 -49.86
C GLY B 584 4.14 -3.50 -50.39
N ALA B 585 5.01 -4.36 -50.91
CA ALA B 585 4.58 -5.65 -51.44
C ALA B 585 4.38 -6.70 -50.37
N MET B 586 4.74 -6.41 -49.11
CA MET B 586 4.59 -7.41 -48.06
C MET B 586 3.12 -7.69 -47.75
N ASP B 587 2.29 -6.63 -47.73
CA ASP B 587 0.87 -6.80 -47.46
C ASP B 587 0.19 -7.63 -48.55
N SER B 588 0.60 -7.43 -49.80
CA SER B 588 0.02 -8.17 -50.93
C SER B 588 0.27 -9.67 -50.81
N VAL B 589 1.54 -10.07 -50.71
CA VAL B 589 1.90 -11.48 -50.65
C VAL B 589 1.34 -12.14 -49.40
N LEU B 590 1.18 -11.38 -48.31
CA LEU B 590 0.55 -11.91 -47.11
C LEU B 590 -0.90 -12.28 -47.36
N HIS B 591 -1.65 -11.44 -48.08
CA HIS B 591 -3.03 -11.74 -48.41
C HIS B 591 -3.13 -12.96 -49.32
N THR B 592 -2.19 -13.09 -50.26
CA THR B 592 -2.17 -14.26 -51.15
C THR B 592 -1.86 -15.54 -50.37
N LEU B 593 -0.86 -15.49 -49.48
CA LEU B 593 -0.52 -16.66 -48.68
C LEU B 593 -1.68 -17.10 -47.81
N GLN B 594 -2.42 -16.16 -47.23
CA GLN B 594 -3.63 -16.50 -46.49
C GLN B 594 -4.70 -17.08 -47.40
N MET B 595 -4.68 -16.72 -48.69
CA MET B 595 -5.63 -17.28 -49.64
C MET B 595 -5.18 -18.63 -50.17
N TYR B 596 -3.92 -18.75 -50.60
CA TYR B 596 -3.42 -20.00 -51.14
C TYR B 596 -2.52 -20.69 -50.12
N PRO B 597 -2.97 -21.78 -49.49
CA PRO B 597 -2.16 -22.40 -48.43
C PRO B 597 -0.97 -23.19 -48.95
N ASP B 598 -1.15 -23.93 -50.05
CA ASP B 598 -0.17 -24.93 -50.46
C ASP B 598 0.82 -24.37 -51.50
N ASP B 599 0.31 -23.92 -52.64
CA ASP B 599 1.19 -23.59 -53.76
C ASP B 599 1.98 -22.31 -53.51
N GLN B 600 1.31 -21.26 -53.01
CA GLN B 600 1.99 -20.00 -52.76
C GLN B 600 3.06 -20.14 -51.67
N GLU B 601 2.77 -20.93 -50.64
CA GLU B 601 3.74 -21.14 -49.57
C GLU B 601 4.99 -21.86 -50.06
N ILE B 602 4.86 -22.69 -51.11
CA ILE B 602 6.01 -23.37 -51.69
C ILE B 602 7.01 -22.38 -52.25
N GLN B 603 6.55 -21.21 -52.68
CA GLN B 603 7.43 -20.16 -53.20
C GLN B 603 7.53 -18.95 -52.28
N CYS B 604 6.92 -19.01 -51.09
CA CYS B 604 6.96 -17.95 -50.10
C CYS B 604 8.35 -17.72 -49.52
N LEU B 605 9.34 -18.55 -49.86
CA LEU B 605 10.73 -18.30 -49.46
C LEU B 605 11.27 -16.97 -49.99
N GLY B 606 10.69 -16.44 -51.06
CA GLY B 606 11.09 -15.14 -51.59
C GLY B 606 10.88 -13.97 -50.63
N LEU B 607 10.14 -14.17 -49.54
CA LEU B 607 9.91 -13.13 -48.55
C LEU B 607 11.21 -12.68 -47.90
N SER B 608 11.65 -11.47 -48.24
CA SER B 608 12.86 -10.89 -47.69
C SER B 608 12.51 -9.95 -46.54
N LEU B 609 13.49 -9.18 -46.10
CA LEU B 609 13.27 -8.20 -45.02
C LEU B 609 12.39 -7.09 -45.56
N ILE B 610 11.10 -7.14 -45.22
CA ILE B 610 10.15 -6.11 -45.61
C ILE B 610 9.36 -5.68 -44.39
N GLY B 611 8.99 -4.40 -44.36
CA GLY B 611 8.29 -3.82 -43.24
C GLY B 611 9.16 -3.31 -42.12
N TYR B 612 10.48 -3.44 -42.24
CA TYR B 612 11.40 -2.94 -41.23
C TYR B 612 12.59 -2.24 -41.86
N THR B 623 5.14 -4.85 -38.24
CA THR B 623 4.91 -5.04 -36.81
C THR B 623 3.60 -5.78 -36.55
N GLY B 624 2.94 -6.18 -37.64
CA GLY B 624 1.68 -6.90 -37.53
C GLY B 624 1.91 -8.32 -37.06
N HIS B 625 1.28 -8.70 -35.94
CA HIS B 625 1.39 -10.06 -35.45
C HIS B 625 0.71 -11.05 -36.39
N LEU B 626 -0.29 -10.59 -37.15
CA LEU B 626 -0.97 -11.45 -38.12
C LEU B 626 0.00 -11.99 -39.18
N LEU B 627 1.00 -11.20 -39.55
CA LEU B 627 1.98 -11.66 -40.53
C LEU B 627 2.81 -12.81 -39.98
N ALA B 628 3.32 -12.67 -38.75
CA ALA B 628 4.07 -13.74 -38.12
C ALA B 628 3.20 -14.96 -37.88
N LYS B 629 1.95 -14.72 -37.46
CA LYS B 629 1.00 -15.82 -37.28
C LYS B 629 0.77 -16.56 -38.59
N ILE B 630 0.66 -15.83 -39.69
CA ILE B 630 0.48 -16.45 -41.00
C ILE B 630 1.71 -17.29 -41.36
N LEU B 631 2.90 -16.77 -41.06
CA LEU B 631 4.14 -17.49 -41.35
C LEU B 631 4.21 -18.81 -40.60
N VAL B 632 3.99 -18.76 -39.28
CA VAL B 632 4.11 -19.97 -38.47
C VAL B 632 3.00 -20.96 -38.81
N SER B 633 1.80 -20.46 -39.10
CA SER B 633 0.68 -21.34 -39.45
C SER B 633 0.91 -22.02 -40.79
N SER B 634 1.55 -21.33 -41.73
CA SER B 634 1.89 -21.95 -43.01
C SER B 634 2.92 -23.05 -42.83
N LEU B 635 3.92 -22.83 -41.97
CA LEU B 635 4.91 -23.87 -41.70
C LEU B 635 4.27 -25.10 -41.07
N TYR B 636 3.35 -24.90 -40.14
CA TYR B 636 2.80 -26.02 -39.38
C TYR B 636 1.69 -26.73 -40.15
N ARG B 637 0.96 -26.02 -41.02
CA ARG B 637 -0.17 -26.62 -41.73
C ARG B 637 0.24 -27.82 -42.56
N PHE B 638 1.40 -27.74 -43.21
CA PHE B 638 1.93 -28.92 -43.91
C PHE B 638 2.88 -29.70 -43.02
N LYS B 639 3.97 -29.05 -42.59
CA LYS B 639 4.98 -29.59 -41.67
C LYS B 639 5.59 -30.91 -42.15
N ASP B 640 5.43 -31.25 -43.43
CA ASP B 640 5.95 -32.52 -43.94
C ASP B 640 6.62 -32.35 -45.30
N VAL B 641 6.81 -31.13 -45.78
CA VAL B 641 7.50 -30.86 -47.03
C VAL B 641 8.90 -30.35 -46.70
N ALA B 642 9.91 -31.11 -47.13
CA ALA B 642 11.30 -30.86 -46.76
C ALA B 642 11.74 -29.43 -47.08
N GLU B 643 11.40 -28.93 -48.27
CA GLU B 643 11.95 -27.66 -48.72
C GLU B 643 11.34 -26.45 -48.00
N ILE B 644 10.02 -26.47 -47.76
CA ILE B 644 9.39 -25.29 -47.16
C ILE B 644 9.85 -25.13 -45.71
N GLN B 645 10.17 -26.24 -45.03
CA GLN B 645 10.65 -26.15 -43.66
C GLN B 645 11.98 -25.41 -43.59
N THR B 646 12.94 -25.83 -44.43
CA THR B 646 14.24 -25.17 -44.45
C THR B 646 14.12 -23.73 -44.93
N LYS B 647 13.26 -23.50 -45.94
CA LYS B 647 13.05 -22.15 -46.46
C LYS B 647 12.44 -21.25 -45.39
N GLY B 648 11.39 -21.73 -44.72
CA GLY B 648 10.75 -20.95 -43.67
C GLY B 648 11.65 -20.71 -42.47
N PHE B 649 12.54 -21.66 -42.17
CA PHE B 649 13.49 -21.46 -41.08
C PHE B 649 14.49 -20.37 -41.42
N GLN B 650 14.97 -20.35 -42.66
CA GLN B 650 15.82 -19.26 -43.11
C GLN B 650 15.10 -17.92 -43.02
N THR B 651 13.82 -17.89 -43.38
CA THR B 651 13.05 -16.65 -43.34
C THR B 651 12.89 -16.13 -41.92
N ILE B 652 12.51 -17.00 -40.99
CA ILE B 652 12.32 -16.58 -39.60
C ILE B 652 13.64 -16.19 -38.96
N LEU B 653 14.74 -16.85 -39.34
CA LEU B 653 16.06 -16.47 -38.86
C LEU B 653 16.44 -15.05 -39.28
N ALA B 654 16.17 -14.69 -40.54
CA ALA B 654 16.47 -13.35 -41.03
C ALA B 654 15.71 -12.28 -40.25
N ILE B 655 14.41 -12.48 -40.01
CA ILE B 655 13.59 -11.42 -39.42
C ILE B 655 13.91 -11.24 -37.94
N LEU B 656 14.30 -12.31 -37.23
CA LEU B 656 14.70 -12.15 -35.84
C LEU B 656 16.04 -11.43 -35.72
N LYS B 657 16.94 -11.62 -36.68
CA LYS B 657 18.15 -10.81 -36.74
C LYS B 657 17.84 -9.33 -36.94
N LEU B 658 16.73 -9.03 -37.63
CA LEU B 658 16.33 -7.64 -37.82
C LEU B 658 15.79 -7.04 -36.53
N SER B 659 15.02 -7.81 -35.76
CA SER B 659 14.43 -7.32 -34.53
C SER B 659 14.35 -8.45 -33.52
N ALA B 660 14.90 -8.20 -32.32
CA ALA B 660 14.84 -9.19 -31.25
C ALA B 660 13.46 -9.30 -30.61
N SER B 661 12.63 -8.25 -30.71
CA SER B 661 11.26 -8.33 -30.22
C SER B 661 10.41 -9.35 -30.97
N PHE B 662 10.84 -9.75 -32.16
CA PHE B 662 10.14 -10.81 -32.90
C PHE B 662 10.15 -12.13 -32.15
N SER B 663 11.22 -12.41 -31.39
CA SER B 663 11.32 -13.67 -30.65
C SER B 663 10.21 -13.81 -29.61
N LYS B 664 9.83 -12.72 -28.94
CA LYS B 664 8.78 -12.76 -27.93
C LYS B 664 7.45 -13.21 -28.53
N LEU B 665 6.96 -12.50 -29.55
CA LEU B 665 5.72 -12.87 -30.20
C LEU B 665 5.79 -14.24 -30.87
N LEU B 666 6.98 -14.64 -31.32
CA LEU B 666 7.15 -15.92 -32.00
C LEU B 666 6.84 -17.09 -31.07
N VAL B 667 7.55 -17.15 -29.93
CA VAL B 667 7.31 -18.18 -28.93
C VAL B 667 5.94 -18.04 -28.29
N HIS B 668 5.31 -16.88 -28.41
CA HIS B 668 4.00 -16.66 -27.82
C HIS B 668 2.91 -17.41 -28.57
N HIS B 669 2.91 -17.32 -29.89
CA HIS B 669 1.75 -17.82 -30.65
C HIS B 669 1.81 -19.32 -30.88
N SER B 670 2.76 -19.81 -31.68
CA SER B 670 2.74 -21.23 -32.01
C SER B 670 4.12 -21.87 -32.18
N PHE B 671 5.22 -21.18 -31.83
CA PHE B 671 6.57 -21.64 -32.17
C PHE B 671 6.84 -23.04 -31.65
N ASP B 672 6.37 -23.35 -30.44
CA ASP B 672 6.62 -24.65 -29.83
C ASP B 672 5.96 -25.77 -30.63
N LEU B 673 4.70 -25.57 -31.05
CA LEU B 673 3.92 -26.62 -31.69
C LEU B 673 4.59 -27.16 -32.95
N VAL B 674 5.37 -26.33 -33.64
CA VAL B 674 6.07 -26.75 -34.85
C VAL B 674 7.51 -27.16 -34.56
N ILE B 675 8.18 -26.47 -33.61
CA ILE B 675 9.60 -26.74 -33.35
C ILE B 675 9.79 -28.11 -32.70
N PHE B 676 9.01 -28.39 -31.65
CA PHE B 676 9.10 -29.69 -31.00
C PHE B 676 8.70 -30.82 -31.94
N HIS B 677 7.70 -30.57 -32.80
CA HIS B 677 7.25 -31.60 -33.73
C HIS B 677 8.34 -31.97 -34.73
N GLN B 678 9.05 -30.98 -35.26
CA GLN B 678 10.06 -31.26 -36.28
C GLN B 678 11.33 -31.85 -35.66
N MET B 679 11.72 -31.40 -34.47
CA MET B 679 12.93 -31.88 -33.84
C MET B 679 12.75 -33.24 -33.17
N SER B 680 11.52 -33.68 -32.92
CA SER B 680 11.28 -34.98 -32.32
C SER B 680 10.82 -36.03 -33.34
N SER B 681 10.57 -35.64 -34.59
CA SER B 681 10.14 -36.58 -35.62
C SER B 681 11.34 -37.19 -36.33
N ASN B 682 12.16 -37.88 -35.53
CA ASN B 682 13.37 -38.56 -36.00
C ASN B 682 14.30 -37.61 -36.74
N ILE B 683 14.56 -36.45 -36.11
CA ILE B 683 15.46 -35.46 -36.71
C ILE B 683 16.88 -36.00 -36.80
N MET B 684 17.26 -36.92 -35.91
CA MET B 684 18.55 -37.56 -35.99
C MET B 684 18.52 -38.68 -37.01
N GLU B 685 19.68 -39.32 -37.22
CA GLU B 685 19.85 -40.44 -38.14
C GLU B 685 19.48 -40.07 -39.58
N GLN B 686 19.63 -38.79 -39.93
CA GLN B 686 19.34 -38.30 -41.27
C GLN B 686 20.44 -37.34 -41.70
N LYS B 687 20.79 -37.39 -42.98
CA LYS B 687 21.85 -36.54 -43.53
C LYS B 687 21.32 -35.12 -43.78
N ASP B 688 20.86 -34.50 -42.70
CA ASP B 688 20.33 -33.14 -42.75
C ASP B 688 21.14 -32.23 -41.86
N GLN B 689 22.48 -32.33 -41.94
CA GLN B 689 23.36 -31.58 -41.04
C GLN B 689 23.16 -30.08 -41.17
N GLN B 690 23.04 -29.57 -42.40
CA GLN B 690 22.75 -28.15 -42.59
C GLN B 690 21.37 -27.78 -42.06
N PHE B 691 20.39 -28.66 -42.25
CA PHE B 691 19.04 -28.42 -41.70
C PHE B 691 19.07 -28.26 -40.19
N LEU B 692 19.65 -29.23 -39.48
CA LEU B 692 19.79 -29.15 -38.03
C LEU B 692 20.56 -27.90 -37.60
N ASN B 693 21.57 -27.51 -38.39
CA ASN B 693 22.37 -26.33 -38.05
C ASN B 693 21.50 -25.08 -38.02
N LEU B 694 20.62 -24.92 -39.00
CA LEU B 694 19.73 -23.75 -39.00
C LEU B 694 18.76 -23.79 -37.84
N CYS B 695 18.22 -24.97 -37.51
CA CYS B 695 17.30 -25.09 -36.38
C CYS B 695 18.00 -24.75 -35.07
N CYS B 696 19.24 -25.21 -34.90
CA CYS B 696 20.00 -24.88 -33.70
C CYS B 696 20.40 -23.42 -33.66
N LYS B 697 20.65 -22.81 -34.82
CA LYS B 697 20.88 -21.38 -34.86
C LYS B 697 19.66 -20.61 -34.37
N CYS B 698 18.48 -21.02 -34.83
CA CYS B 698 17.24 -20.42 -34.34
C CYS B 698 17.06 -20.66 -32.85
N PHE B 699 17.43 -21.86 -32.37
CA PHE B 699 17.37 -22.17 -30.95
C PHE B 699 18.23 -21.22 -30.14
N ALA B 700 19.50 -21.06 -30.53
CA ALA B 700 20.38 -20.13 -29.83
C ALA B 700 19.88 -18.71 -29.90
N LYS B 701 19.16 -18.36 -30.96
CA LYS B 701 18.58 -17.02 -31.08
C LYS B 701 17.46 -16.80 -30.07
N VAL B 702 16.57 -17.78 -29.92
CA VAL B 702 15.47 -17.65 -28.95
C VAL B 702 15.90 -18.00 -27.54
N ALA B 703 17.11 -18.53 -27.35
CA ALA B 703 17.57 -18.88 -26.02
C ALA B 703 17.77 -17.66 -25.12
N MET B 704 17.95 -16.48 -25.72
CA MET B 704 18.05 -15.26 -24.92
C MET B 704 16.73 -14.97 -24.23
N ASP B 705 16.78 -14.10 -23.21
CA ASP B 705 15.63 -13.75 -22.39
C ASP B 705 15.02 -15.01 -21.74
N ASP B 706 15.82 -15.59 -20.85
CA ASP B 706 15.55 -16.91 -20.25
C ASP B 706 14.13 -17.09 -19.70
N TYR B 707 13.41 -16.00 -19.44
CA TYR B 707 11.98 -16.10 -19.14
C TYR B 707 11.23 -16.86 -20.24
N LEU B 708 11.57 -16.59 -21.50
CA LEU B 708 11.01 -17.32 -22.62
C LEU B 708 11.34 -18.81 -22.54
N LYS B 709 12.54 -19.16 -22.07
CA LYS B 709 12.89 -20.56 -21.89
C LYS B 709 11.97 -21.23 -20.88
N ASN B 710 11.62 -20.51 -19.80
CA ASN B 710 10.68 -21.05 -18.82
C ASN B 710 9.32 -21.29 -19.47
N VAL B 711 8.88 -20.38 -20.34
CA VAL B 711 7.64 -20.60 -21.10
C VAL B 711 7.76 -21.86 -21.95
N MET B 712 8.90 -22.03 -22.64
CA MET B 712 9.11 -23.22 -23.47
C MET B 712 9.08 -24.48 -22.62
N LEU B 713 9.66 -24.42 -21.42
CA LEU B 713 9.66 -25.57 -20.52
C LEU B 713 8.24 -25.92 -20.09
N GLU B 714 7.44 -24.91 -19.72
CA GLU B 714 6.06 -25.15 -19.34
C GLU B 714 5.28 -25.81 -20.47
N ARG B 715 5.47 -25.33 -21.70
CA ARG B 715 4.77 -25.91 -22.83
C ARG B 715 5.31 -27.30 -23.17
N ALA B 716 6.61 -27.53 -22.98
CA ALA B 716 7.20 -28.82 -23.26
C ALA B 716 6.82 -29.86 -22.22
N CYS B 717 6.46 -29.42 -21.02
CA CYS B 717 5.97 -30.33 -19.99
C CYS B 717 4.47 -30.59 -20.10
N ASP B 718 3.72 -29.59 -20.58
CA ASP B 718 2.29 -29.78 -20.82
C ASP B 718 2.03 -30.93 -21.79
N GLN B 719 2.91 -31.10 -22.78
CA GLN B 719 2.90 -32.29 -23.62
C GLN B 719 3.92 -33.30 -23.11
N ASN B 720 3.75 -34.55 -23.54
CA ASN B 720 4.59 -35.65 -23.09
C ASN B 720 5.72 -35.87 -24.08
N ASN B 721 6.72 -34.97 -24.04
CA ASN B 721 7.88 -35.03 -24.93
C ASN B 721 9.14 -34.90 -24.05
N SER B 722 9.59 -36.01 -23.50
CA SER B 722 10.77 -36.00 -22.65
C SER B 722 12.08 -35.88 -23.43
N ILE B 723 12.01 -35.83 -24.76
CA ILE B 723 13.23 -35.79 -25.57
C ILE B 723 13.85 -34.40 -25.53
N MET B 724 13.02 -33.36 -25.49
CA MET B 724 13.52 -31.99 -25.51
C MET B 724 13.53 -31.29 -24.16
N VAL B 725 12.74 -31.77 -23.20
CA VAL B 725 12.78 -31.21 -21.84
C VAL B 725 14.19 -31.26 -21.26
N GLU B 726 14.92 -32.35 -21.53
CA GLU B 726 16.29 -32.47 -21.04
C GLU B 726 17.17 -31.38 -21.62
N CYS B 727 17.01 -31.07 -22.92
CA CYS B 727 17.76 -29.98 -23.52
C CYS B 727 17.47 -28.65 -22.85
N LEU B 728 16.19 -28.34 -22.59
CA LEU B 728 15.83 -27.09 -21.93
C LEU B 728 16.44 -27.01 -20.53
N LEU B 729 16.48 -28.13 -19.80
CA LEU B 729 17.08 -28.14 -18.48
C LEU B 729 18.59 -27.94 -18.57
N LEU B 730 19.22 -28.55 -19.58
CA LEU B 730 20.66 -28.47 -19.73
C LEU B 730 21.10 -27.06 -20.11
N LEU B 731 20.33 -26.38 -20.98
CA LEU B 731 20.65 -24.99 -21.30
C LEU B 731 20.47 -24.06 -20.09
N GLY B 732 19.73 -24.51 -19.08
CA GLY B 732 19.52 -23.72 -17.88
C GLY B 732 18.12 -23.15 -17.82
N ALA B 733 17.24 -23.82 -17.07
CA ALA B 733 15.87 -23.39 -16.92
C ALA B 733 15.42 -23.63 -15.49
N ASP B 734 14.83 -22.61 -14.87
CA ASP B 734 14.41 -22.69 -13.48
C ASP B 734 13.20 -23.60 -13.38
N ALA B 735 13.44 -24.88 -13.07
CA ALA B 735 12.37 -25.85 -12.91
C ALA B 735 11.44 -25.54 -11.74
N ASN B 736 11.81 -24.63 -10.84
CA ASN B 736 10.95 -24.17 -9.76
C ASN B 736 10.27 -22.84 -10.09
N GLN B 737 9.95 -22.61 -11.35
CA GLN B 737 9.42 -21.31 -11.77
C GLN B 737 8.01 -21.09 -11.24
N ALA B 738 7.08 -21.95 -11.64
CA ALA B 738 5.68 -21.79 -11.25
C ALA B 738 5.43 -22.34 -9.85
N SER B 742 0.93 -23.96 -7.80
CA SER B 742 1.06 -25.20 -8.56
C SER B 742 2.37 -25.20 -9.37
N SER B 743 3.42 -25.74 -8.77
CA SER B 743 4.73 -25.80 -9.41
C SER B 743 4.71 -26.76 -10.60
N LEU B 744 5.84 -26.82 -11.30
CA LEU B 744 5.93 -27.62 -12.52
C LEU B 744 5.68 -29.09 -12.24
N ILE B 745 6.32 -29.63 -11.19
CA ILE B 745 6.29 -31.07 -10.92
C ILE B 745 4.87 -31.52 -10.61
N CYS B 746 4.10 -30.71 -9.89
CA CYS B 746 2.71 -31.06 -9.62
C CYS B 746 1.87 -31.05 -10.90
N GLN B 747 2.17 -30.13 -11.83
CA GLN B 747 1.46 -30.10 -13.11
C GLN B 747 1.75 -31.36 -13.92
N VAL B 748 3.04 -31.69 -14.08
CA VAL B 748 3.43 -32.86 -14.84
C VAL B 748 2.82 -34.13 -14.24
N CYS B 749 2.83 -34.24 -12.91
CA CYS B 749 2.34 -35.44 -12.28
C CYS B 749 0.81 -35.53 -12.28
N GLU B 750 0.12 -34.39 -12.32
CA GLU B 750 -1.33 -34.38 -12.33
C GLU B 750 -1.88 -35.08 -13.57
N LYS B 751 -1.48 -34.59 -14.75
CA LYS B 751 -1.79 -35.27 -16.01
C LYS B 751 -0.92 -36.51 -16.18
N GLU B 752 -1.40 -37.42 -17.02
CA GLU B 752 -0.66 -38.65 -17.31
C GLU B 752 0.63 -38.32 -18.04
N SER B 753 1.76 -38.64 -17.42
CA SER B 753 3.08 -38.34 -17.95
C SER B 753 3.91 -39.61 -18.01
N SER B 754 5.16 -39.46 -18.47
CA SER B 754 6.10 -40.54 -18.63
C SER B 754 7.13 -40.53 -17.49
N PRO B 755 7.58 -41.71 -17.07
CA PRO B 755 8.61 -41.78 -16.02
C PRO B 755 9.89 -40.99 -16.35
N LYS B 756 10.26 -40.91 -17.63
CA LYS B 756 11.46 -40.19 -18.01
C LYS B 756 11.35 -38.70 -17.68
N LEU B 757 10.16 -38.13 -17.91
CA LEU B 757 9.97 -36.69 -17.70
C LEU B 757 10.05 -36.31 -16.22
N VAL B 758 9.33 -37.03 -15.35
CA VAL B 758 9.38 -36.76 -13.92
C VAL B 758 10.79 -36.98 -13.36
N GLU B 759 11.49 -37.97 -13.90
CA GLU B 759 12.88 -38.22 -13.49
C GLU B 759 13.76 -37.02 -13.81
N LEU B 760 13.65 -36.49 -15.03
CA LEU B 760 14.46 -35.34 -15.42
C LEU B 760 14.15 -34.10 -14.58
N LEU B 761 12.90 -33.98 -14.11
CA LEU B 761 12.55 -32.84 -13.27
C LEU B 761 13.06 -33.00 -11.84
N LEU B 762 13.10 -34.23 -11.34
CA LEU B 762 13.62 -34.48 -10.00
C LEU B 762 15.14 -34.32 -9.97
N ASN B 763 15.82 -34.74 -11.04
CA ASN B 763 17.28 -34.65 -11.08
C ASN B 763 17.72 -33.19 -11.06
N SER B 764 17.02 -32.33 -11.79
CA SER B 764 17.23 -30.89 -11.66
C SER B 764 16.59 -30.40 -10.37
N GLY B 765 17.02 -29.23 -9.92
CA GLY B 765 16.58 -28.72 -8.63
C GLY B 765 15.09 -28.41 -8.64
N SER B 766 14.38 -28.86 -7.61
CA SER B 766 12.98 -28.54 -7.43
C SER B 766 12.65 -28.60 -5.95
N ARG B 767 11.89 -27.60 -5.48
CA ARG B 767 11.65 -27.40 -4.06
C ARG B 767 11.06 -28.64 -3.41
N GLU B 768 11.47 -28.91 -2.16
CA GLU B 768 11.02 -30.11 -1.47
C GLU B 768 9.53 -30.10 -1.21
N GLN B 769 8.97 -28.93 -0.89
CA GLN B 769 7.53 -28.82 -0.68
C GLN B 769 6.75 -29.16 -1.94
N ASP B 770 7.25 -28.73 -3.10
CA ASP B 770 6.62 -29.09 -4.37
C ASP B 770 6.63 -30.59 -4.59
N VAL B 771 7.76 -31.24 -4.31
CA VAL B 771 7.87 -32.69 -4.47
C VAL B 771 6.91 -33.41 -3.52
N ARG B 772 6.77 -32.88 -2.30
CA ARG B 772 5.83 -33.47 -1.34
C ARG B 772 4.40 -33.39 -1.82
N LYS B 773 4.00 -32.23 -2.36
CA LYS B 773 2.66 -32.08 -2.92
C LYS B 773 2.45 -33.02 -4.11
N ALA B 774 3.50 -33.21 -4.92
CA ALA B 774 3.42 -34.12 -6.05
C ALA B 774 3.24 -35.56 -5.62
N LEU B 775 3.86 -35.94 -4.49
CA LEU B 775 3.67 -37.30 -3.96
C LEU B 775 2.22 -37.53 -3.55
N THR B 776 1.62 -36.55 -2.86
CA THR B 776 0.20 -36.65 -2.51
C THR B 776 -0.66 -36.80 -3.75
N ILE B 777 -0.39 -36.02 -4.81
CA ILE B 777 -1.14 -36.11 -6.05
C ILE B 777 -1.06 -37.52 -6.62
N SER B 778 0.17 -38.01 -6.81
CA SER B 778 0.38 -39.34 -7.40
C SER B 778 -0.16 -40.45 -6.52
N ILE B 779 -0.31 -40.22 -5.21
CA ILE B 779 -0.99 -41.18 -4.35
C ILE B 779 -2.46 -41.28 -4.73
N GLY B 780 -3.10 -40.14 -5.00
CA GLY B 780 -4.49 -40.11 -5.43
C GLY B 780 -4.74 -40.90 -6.70
N LYS B 781 -4.00 -40.58 -7.75
CA LYS B 781 -4.08 -41.32 -9.02
C LYS B 781 -3.03 -42.41 -8.96
N GLY B 782 -3.41 -43.58 -8.44
CA GLY B 782 -2.50 -44.67 -8.16
C GLY B 782 -1.63 -45.13 -9.31
N ASP B 783 -0.34 -44.86 -9.24
CA ASP B 783 0.61 -45.23 -10.28
C ASP B 783 1.93 -45.57 -9.62
N SER B 784 2.27 -46.86 -9.56
CA SER B 784 3.44 -47.31 -8.82
C SER B 784 4.72 -46.68 -9.35
N GLN B 785 4.78 -46.45 -10.66
CA GLN B 785 6.02 -46.00 -11.30
C GLN B 785 6.43 -44.61 -10.81
N ILE B 786 5.49 -43.65 -10.87
CA ILE B 786 5.78 -42.28 -10.47
C ILE B 786 5.96 -42.19 -8.96
N ILE B 787 5.25 -43.04 -8.20
CA ILE B 787 5.41 -43.07 -6.74
C ILE B 787 6.84 -43.43 -6.37
N SER B 788 7.38 -44.50 -6.96
CA SER B 788 8.75 -44.90 -6.70
C SER B 788 9.75 -43.84 -7.15
N LEU B 789 9.50 -43.21 -8.30
CA LEU B 789 10.39 -42.16 -8.79
C LEU B 789 10.53 -41.02 -7.78
N LEU B 790 9.45 -40.67 -7.08
CA LEU B 790 9.51 -39.58 -6.12
C LEU B 790 10.13 -40.03 -4.80
N LEU B 791 9.75 -41.21 -4.31
CA LEU B 791 10.29 -41.73 -3.06
C LEU B 791 11.79 -41.97 -3.14
N ARG B 792 12.33 -42.21 -4.34
CA ARG B 792 13.77 -42.33 -4.50
C ARG B 792 14.50 -41.01 -4.29
N ARG B 793 13.77 -39.90 -4.22
CA ARG B 793 14.34 -38.59 -3.97
C ARG B 793 14.04 -38.07 -2.58
N LEU B 794 12.83 -38.31 -2.08
CA LEU B 794 12.43 -37.79 -0.77
C LEU B 794 13.01 -38.61 0.37
N ALA B 795 12.99 -39.93 0.26
CA ALA B 795 13.17 -40.83 1.40
C ALA B 795 14.12 -41.97 1.05
N LEU B 796 15.30 -41.63 0.52
CA LEU B 796 16.33 -42.63 0.29
C LEU B 796 17.70 -42.02 0.46
N ASP B 797 18.50 -42.63 1.34
CA ASP B 797 19.89 -42.23 1.57
C ASP B 797 20.74 -43.47 1.35
N VAL B 798 21.49 -43.49 0.24
CA VAL B 798 22.25 -44.69 -0.11
C VAL B 798 23.44 -44.87 0.81
N ALA B 799 23.97 -43.79 1.38
CA ALA B 799 25.09 -43.91 2.30
C ALA B 799 24.72 -44.72 3.54
N ASN B 800 23.59 -44.40 4.16
CA ASN B 800 23.14 -45.12 5.35
C ASN B 800 22.48 -46.46 5.06
N ASN B 801 22.06 -46.70 3.82
CA ASN B 801 21.23 -47.85 3.46
C ASN B 801 19.94 -47.86 4.27
N SER B 802 19.13 -46.81 4.09
CA SER B 802 17.93 -46.65 4.89
C SER B 802 16.86 -45.93 4.09
N ILE B 803 15.63 -46.42 4.22
CA ILE B 803 14.44 -45.72 3.74
C ILE B 803 13.87 -44.91 4.90
N CYS B 804 13.56 -43.64 4.65
CA CYS B 804 13.21 -42.71 5.71
C CYS B 804 11.80 -42.16 5.54
N LEU B 805 10.83 -43.04 5.27
CA LEU B 805 9.44 -42.64 5.05
C LEU B 805 8.75 -42.29 6.37
N GLY B 806 9.23 -41.21 6.98
CA GLY B 806 8.69 -40.81 8.27
C GLY B 806 7.88 -39.54 8.21
N GLY B 807 6.56 -39.66 8.42
CA GLY B 807 5.69 -38.49 8.45
C GLY B 807 5.17 -38.03 7.12
N PHE B 808 5.09 -38.90 6.11
CA PHE B 808 4.59 -38.50 4.80
C PHE B 808 3.08 -38.68 4.66
N CYS B 809 2.42 -39.27 5.65
CA CYS B 809 0.96 -39.50 5.64
C CYS B 809 0.53 -40.30 4.42
N ILE B 810 1.35 -41.27 4.01
CA ILE B 810 0.95 -42.23 2.99
C ILE B 810 -0.02 -43.21 3.61
N GLY B 811 -1.32 -43.01 3.37
CA GLY B 811 -2.39 -43.76 4.02
C GLY B 811 -2.33 -45.26 3.82
N LYS B 812 -1.48 -45.76 2.92
CA LYS B 812 -1.36 -47.18 2.67
C LYS B 812 0.10 -47.49 2.37
N VAL B 813 0.37 -48.72 1.95
CA VAL B 813 1.71 -49.12 1.56
C VAL B 813 1.63 -50.32 0.61
N GLU B 814 2.34 -50.25 -0.51
CA GLU B 814 2.32 -51.29 -1.51
C GLU B 814 3.75 -51.72 -1.83
N PRO B 815 3.98 -53.03 -2.01
CA PRO B 815 5.34 -53.49 -2.36
C PRO B 815 5.81 -53.01 -3.72
N SER B 816 4.90 -52.72 -4.64
CA SER B 816 5.26 -52.23 -5.97
C SER B 816 5.87 -50.84 -5.95
N TRP B 817 5.75 -50.13 -4.83
CA TRP B 817 6.34 -48.79 -4.70
C TRP B 817 7.77 -48.88 -4.16
N LEU B 818 7.95 -49.56 -3.03
CA LEU B 818 9.27 -49.76 -2.44
C LEU B 818 10.16 -50.69 -3.23
N GLY B 819 9.70 -51.22 -4.37
CA GLY B 819 10.46 -52.12 -5.19
C GLY B 819 11.77 -51.53 -5.69
N PRO B 820 11.67 -50.50 -6.55
CA PRO B 820 12.90 -49.90 -7.09
C PRO B 820 13.72 -49.13 -6.07
N LEU B 821 13.19 -48.89 -4.87
CA LEU B 821 13.99 -48.23 -3.83
C LEU B 821 15.11 -49.15 -3.35
N PHE B 822 14.81 -50.44 -3.17
CA PHE B 822 15.83 -51.40 -2.78
C PHE B 822 16.82 -51.59 -3.92
N PRO B 823 18.09 -51.90 -3.62
CA PRO B 823 19.13 -51.90 -4.66
C PRO B 823 18.82 -52.74 -5.89
N ASP B 824 18.30 -53.95 -5.71
CA ASP B 824 17.96 -54.87 -6.81
C ASP B 824 19.15 -55.06 -7.74
N LYS B 825 20.19 -55.72 -7.20
CA LYS B 825 21.51 -55.79 -7.81
C LYS B 825 21.54 -56.30 -9.25
N THR B 826 20.45 -56.91 -9.73
CA THR B 826 20.37 -57.32 -11.12
C THR B 826 20.48 -56.13 -12.07
N SER B 827 19.99 -54.97 -11.64
CA SER B 827 20.02 -53.77 -12.45
C SER B 827 21.45 -53.31 -12.70
N ASN B 828 21.65 -52.61 -13.82
CA ASN B 828 22.96 -52.13 -14.22
C ASN B 828 22.81 -50.70 -14.73
N LEU B 829 23.86 -50.17 -15.34
CA LEU B 829 23.88 -48.82 -15.89
C LEU B 829 24.01 -48.91 -17.40
N ARG B 830 23.15 -48.18 -18.11
CA ARG B 830 23.18 -48.17 -19.56
C ARG B 830 22.70 -46.81 -20.06
N LYS B 831 23.49 -46.20 -20.94
CA LYS B 831 23.13 -44.93 -21.57
C LYS B 831 22.14 -45.22 -22.69
N GLN B 832 20.86 -44.96 -22.44
CA GLN B 832 19.82 -45.26 -23.43
C GLN B 832 19.94 -44.36 -24.65
N THR B 833 20.18 -43.06 -24.45
CA THR B 833 20.31 -42.13 -25.56
C THR B 833 21.23 -41.00 -25.15
N ASN B 834 21.74 -40.29 -26.15
CA ASN B 834 22.61 -39.15 -25.92
C ASN B 834 22.29 -37.98 -26.84
N ILE B 835 21.27 -38.10 -27.68
CA ILE B 835 20.95 -37.07 -28.68
C ILE B 835 20.64 -35.73 -28.03
N ALA B 836 20.02 -35.75 -26.85
CA ALA B 836 19.62 -34.50 -26.19
C ALA B 836 20.84 -33.73 -25.70
N SER B 837 21.81 -34.43 -25.12
CA SER B 837 23.00 -33.77 -24.59
C SER B 837 23.85 -33.18 -25.73
N THR B 838 24.00 -33.92 -26.82
CA THR B 838 24.75 -33.40 -27.97
C THR B 838 24.02 -32.22 -28.61
N LEU B 839 22.70 -32.32 -28.76
CA LEU B 839 21.91 -31.19 -29.23
C LEU B 839 22.12 -29.96 -28.34
N ALA B 840 22.13 -30.16 -27.03
CA ALA B 840 22.35 -29.06 -26.09
C ALA B 840 23.76 -28.49 -26.23
N ARG B 841 24.74 -29.35 -26.45
CA ARG B 841 26.12 -28.89 -26.61
C ARG B 841 26.28 -28.00 -27.84
N MET B 842 25.70 -28.38 -28.96
CA MET B 842 25.86 -27.60 -30.19
C MET B 842 25.05 -26.30 -30.17
N VAL B 843 23.88 -26.28 -29.52
CA VAL B 843 23.15 -25.01 -29.43
C VAL B 843 23.88 -24.06 -28.49
N ILE B 844 24.54 -24.59 -27.46
CA ILE B 844 25.34 -23.76 -26.57
C ILE B 844 26.56 -23.20 -27.31
N ARG B 845 27.19 -24.04 -28.15
CA ARG B 845 28.30 -23.56 -28.97
C ARG B 845 27.84 -22.48 -29.93
N TYR B 846 26.65 -22.65 -30.53
CA TYR B 846 26.14 -21.66 -31.47
C TYR B 846 25.77 -20.37 -30.75
N GLN B 847 25.22 -20.48 -29.53
CA GLN B 847 24.94 -19.29 -28.73
C GLN B 847 26.23 -18.56 -28.37
N MET B 848 27.27 -19.31 -27.98
CA MET B 848 28.55 -18.69 -27.66
C MET B 848 29.16 -18.03 -28.89
N LYS B 849 29.03 -18.67 -30.05
CA LYS B 849 29.56 -18.10 -31.28
C LYS B 849 28.77 -16.87 -31.70
N SER B 850 27.46 -16.89 -31.48
CA SER B 850 26.64 -15.71 -31.78
C SER B 850 26.94 -14.56 -30.83
N ALA B 851 27.30 -14.86 -29.59
CA ALA B 851 27.71 -13.81 -28.66
C ALA B 851 29.05 -13.22 -29.05
N VAL B 852 29.98 -14.06 -29.53
CA VAL B 852 31.27 -13.55 -29.96
C VAL B 852 31.16 -12.76 -31.26
N GLU B 853 30.26 -13.18 -32.15
CA GLU B 853 30.07 -12.49 -33.42
C GLU B 853 29.42 -11.12 -33.24
N ARG B 981 25.29 -56.88 -3.26
CA ARG B 981 25.49 -56.62 -1.84
C ARG B 981 25.00 -55.22 -1.47
N GLU B 982 25.28 -54.81 -0.23
CA GLU B 982 24.89 -53.51 0.31
C GLU B 982 23.36 -53.33 0.27
N TYR B 983 22.68 -54.25 0.95
CA TYR B 983 21.23 -54.16 1.09
C TYR B 983 20.83 -52.97 1.95
N ILE B 984 19.53 -52.71 1.99
CA ILE B 984 18.95 -51.67 2.84
C ILE B 984 18.69 -52.28 4.21
N THR B 985 19.26 -51.68 5.25
CA THR B 985 19.17 -52.20 6.61
C THR B 985 18.29 -51.34 7.51
N SER B 986 17.31 -50.64 6.94
CA SER B 986 16.36 -49.86 7.73
C SER B 986 15.14 -49.55 6.88
N LEU B 987 13.99 -49.43 7.55
CA LEU B 987 12.75 -49.08 6.87
C LEU B 987 11.87 -48.35 7.88
N ASP B 988 11.89 -47.03 7.81
CA ASP B 988 11.11 -46.18 8.69
C ASP B 988 9.75 -45.96 8.05
N LEU B 989 8.71 -46.50 8.66
CA LEU B 989 7.33 -46.25 8.24
C LEU B 989 6.54 -45.49 9.30
N SER B 990 7.24 -44.85 10.23
CA SER B 990 6.59 -44.19 11.35
C SER B 990 5.76 -42.99 10.89
N ALA B 991 4.58 -42.84 11.52
CA ALA B 991 3.73 -41.65 11.38
C ALA B 991 3.24 -41.47 9.94
N ASN B 992 2.94 -42.57 9.26
CA ASN B 992 2.36 -42.50 7.94
C ASN B 992 0.84 -42.74 7.93
N GLU B 993 0.21 -42.74 9.12
CA GLU B 993 -1.23 -42.95 9.26
C GLU B 993 -1.70 -44.26 8.64
N LEU B 994 -0.87 -45.29 8.67
CA LEU B 994 -1.25 -46.59 8.17
C LEU B 994 -2.43 -47.17 8.96
N ARG B 995 -3.02 -48.21 8.39
CA ARG B 995 -4.12 -48.91 9.04
C ARG B 995 -3.97 -50.43 8.96
N ASP B 996 -3.00 -50.93 8.20
CA ASP B 996 -2.65 -52.33 8.05
C ASP B 996 -1.43 -52.39 7.15
N ILE B 997 -0.71 -53.51 7.22
CA ILE B 997 0.42 -53.75 6.33
C ILE B 997 0.23 -55.11 5.68
N ASP B 998 -1.02 -55.56 5.59
CA ASP B 998 -1.36 -56.85 5.01
C ASP B 998 -0.90 -56.99 3.57
N ALA B 999 -0.72 -55.88 2.86
CA ALA B 999 -0.31 -55.89 1.46
C ALA B 999 1.14 -56.33 1.27
N LEU B 1000 1.85 -56.72 2.32
CA LEU B 1000 3.21 -57.23 2.23
C LEU B 1000 3.16 -58.74 2.49
N SER B 1001 2.95 -59.50 1.41
CA SER B 1001 2.80 -60.94 1.50
C SER B 1001 3.11 -61.54 0.14
N GLN B 1002 4.15 -62.37 0.07
CA GLN B 1002 4.69 -62.90 -1.18
C GLN B 1002 4.92 -61.78 -2.20
N LYS B 1003 5.54 -60.71 -1.72
CA LYS B 1003 5.56 -59.44 -2.42
C LYS B 1003 6.35 -59.53 -3.74
N CYS B 1004 6.13 -58.54 -4.59
CA CYS B 1004 6.81 -58.45 -5.88
C CYS B 1004 8.26 -57.99 -5.65
N CYS B 1005 9.18 -58.95 -5.57
CA CYS B 1005 10.61 -58.72 -5.46
C CYS B 1005 11.01 -58.00 -4.17
N ILE B 1006 10.04 -57.73 -3.30
CA ILE B 1006 10.35 -57.14 -1.99
C ILE B 1006 10.53 -58.20 -0.91
N SER B 1007 10.07 -59.43 -1.15
CA SER B 1007 10.22 -60.49 -0.15
C SER B 1007 11.68 -60.84 0.06
N VAL B 1008 12.44 -60.98 -1.03
CA VAL B 1008 13.84 -61.34 -0.94
C VAL B 1008 14.67 -60.22 -0.31
N HIS B 1009 14.16 -58.99 -0.30
CA HIS B 1009 14.89 -57.88 0.28
C HIS B 1009 14.58 -57.67 1.76
N LEU B 1010 13.35 -58.01 2.20
CA LEU B 1010 13.01 -57.89 3.61
C LEU B 1010 13.78 -58.87 4.49
N GLU B 1011 14.28 -59.97 3.91
CA GLU B 1011 15.05 -60.95 4.68
C GLU B 1011 16.35 -60.37 5.23
N HIS B 1012 16.80 -59.22 4.73
CA HIS B 1012 18.02 -58.59 5.19
C HIS B 1012 17.77 -57.26 5.90
N LEU B 1013 16.53 -57.02 6.34
CA LEU B 1013 16.22 -55.82 7.09
C LEU B 1013 16.66 -55.97 8.54
N GLU B 1014 17.27 -54.92 9.07
CA GLU B 1014 17.75 -54.92 10.45
C GLU B 1014 17.10 -53.83 11.31
N LYS B 1015 15.99 -53.25 10.86
CA LYS B 1015 15.22 -52.28 11.62
C LYS B 1015 13.91 -52.01 10.90
N LEU B 1016 12.82 -51.85 11.65
CA LEU B 1016 11.51 -51.59 11.06
C LEU B 1016 10.73 -50.71 12.04
N GLU B 1017 10.80 -49.40 11.83
CA GLU B 1017 10.08 -48.43 12.65
C GLU B 1017 8.65 -48.29 12.15
N LEU B 1018 7.69 -48.76 12.95
CA LEU B 1018 6.28 -48.69 12.62
C LEU B 1018 5.48 -47.89 13.64
N HIS B 1019 6.15 -47.01 14.39
CA HIS B 1019 5.50 -46.34 15.50
C HIS B 1019 4.69 -45.14 15.06
N GLN B 1020 3.82 -44.69 15.97
CA GLN B 1020 2.89 -43.56 15.79
C GLN B 1020 1.92 -43.77 14.63
N ASN B 1021 1.74 -45.00 14.17
CA ASN B 1021 0.69 -45.33 13.22
C ASN B 1021 -0.56 -45.78 13.97
N ALA B 1022 -1.53 -46.33 13.23
CA ALA B 1022 -2.70 -46.98 13.83
C ALA B 1022 -2.87 -48.36 13.17
N LEU B 1023 -2.11 -49.33 13.65
CA LEU B 1023 -2.24 -50.72 13.23
C LEU B 1023 -3.14 -51.46 14.21
N THR B 1024 -3.43 -52.72 13.90
CA THR B 1024 -4.14 -53.55 14.88
C THR B 1024 -3.49 -54.92 15.05
N SER B 1025 -2.81 -55.41 14.03
CA SER B 1025 -2.12 -56.68 14.12
C SER B 1025 -0.74 -56.57 13.46
N PHE B 1026 0.01 -57.67 13.52
CA PHE B 1026 1.25 -57.82 12.76
C PHE B 1026 1.15 -59.12 11.97
N PRO B 1027 1.09 -59.04 10.64
CA PRO B 1027 0.88 -60.25 9.81
C PRO B 1027 1.95 -61.31 10.05
N GLN B 1028 1.48 -62.53 10.35
CA GLN B 1028 2.39 -63.60 10.74
C GLN B 1028 3.34 -63.98 9.62
N GLN B 1029 2.83 -64.03 8.37
CA GLN B 1029 3.69 -64.29 7.22
C GLN B 1029 4.85 -63.31 7.12
N LEU B 1030 4.63 -62.06 7.54
CA LEU B 1030 5.71 -61.08 7.59
C LEU B 1030 6.71 -61.40 8.71
N CYS B 1031 6.22 -61.94 9.84
CA CYS B 1031 7.10 -62.30 10.94
C CYS B 1031 8.14 -63.34 10.51
N GLU B 1032 7.73 -64.35 9.75
CA GLU B 1032 8.69 -65.35 9.34
C GLU B 1032 9.52 -64.88 8.15
N THR B 1033 9.02 -63.95 7.35
CA THR B 1033 9.82 -63.42 6.25
C THR B 1033 10.95 -62.55 6.77
N LEU B 1034 10.68 -61.74 7.79
CA LEU B 1034 11.67 -60.82 8.35
C LEU B 1034 12.66 -61.61 9.20
N LYS B 1035 13.50 -62.40 8.55
CA LYS B 1035 14.40 -63.35 9.20
C LYS B 1035 15.67 -62.70 9.75
N SER B 1036 15.79 -61.37 9.74
CA SER B 1036 17.01 -60.78 10.29
C SER B 1036 16.80 -59.51 11.09
N LEU B 1037 15.59 -59.26 11.61
CA LEU B 1037 15.36 -58.05 12.37
C LEU B 1037 16.12 -58.11 13.69
N THR B 1038 16.49 -56.94 14.19
CA THR B 1038 16.98 -56.80 15.55
C THR B 1038 16.22 -55.74 16.31
N HIS B 1039 15.84 -54.64 15.65
CA HIS B 1039 15.12 -53.56 16.31
C HIS B 1039 13.76 -53.47 15.63
N LEU B 1040 12.71 -53.79 16.37
CA LEU B 1040 11.34 -53.67 15.90
C LEU B 1040 10.63 -52.67 16.79
N ASP B 1041 9.93 -51.72 16.19
CA ASP B 1041 9.27 -50.66 16.94
C ASP B 1041 7.80 -50.65 16.59
N LEU B 1042 6.95 -50.74 17.61
CA LEU B 1042 5.51 -50.81 17.42
C LEU B 1042 4.75 -49.91 18.39
N HIS B 1043 5.40 -48.91 18.96
CA HIS B 1043 4.74 -48.15 20.02
C HIS B 1043 3.86 -47.06 19.45
N SER B 1044 2.86 -46.66 20.25
CA SER B 1044 1.80 -45.71 19.90
C SER B 1044 0.86 -46.20 18.82
N ASN B 1045 0.87 -47.50 18.50
CA ASN B 1045 -0.14 -48.07 17.63
C ASN B 1045 -1.41 -48.36 18.44
N LYS B 1046 -2.35 -49.10 17.85
CA LYS B 1046 -3.60 -49.49 18.51
C LYS B 1046 -3.70 -51.01 18.53
N PHE B 1047 -3.06 -51.63 19.51
CA PHE B 1047 -3.09 -53.08 19.65
C PHE B 1047 -4.06 -53.48 20.75
N THR B 1048 -4.48 -54.74 20.71
CA THR B 1048 -5.45 -55.26 21.66
C THR B 1048 -5.01 -56.56 22.32
N SER B 1049 -4.13 -57.33 21.70
CA SER B 1049 -3.57 -58.53 22.32
C SER B 1049 -2.20 -58.76 21.71
N PHE B 1050 -1.26 -59.13 22.56
CA PHE B 1050 0.12 -59.34 22.13
C PHE B 1050 0.22 -60.51 21.16
N PRO B 1051 0.69 -60.29 19.93
CA PRO B 1051 0.92 -61.42 19.02
C PRO B 1051 2.12 -62.24 19.45
N SER B 1052 1.88 -63.43 20.02
CA SER B 1052 2.95 -64.23 20.60
C SER B 1052 3.99 -64.64 19.56
N TYR B 1053 3.58 -64.83 18.31
CA TYR B 1053 4.48 -65.27 17.26
C TYR B 1053 5.53 -64.23 16.89
N LEU B 1054 5.41 -62.99 17.38
CA LEU B 1054 6.48 -62.01 17.21
C LEU B 1054 7.81 -62.54 17.75
N LEU B 1055 7.78 -63.31 18.83
CA LEU B 1055 8.95 -63.91 19.44
C LEU B 1055 9.45 -65.15 18.69
N LYS B 1056 8.95 -65.42 17.50
CA LYS B 1056 9.47 -66.48 16.65
C LYS B 1056 10.55 -65.98 15.70
N MET B 1057 10.70 -64.67 15.54
CA MET B 1057 11.72 -64.11 14.65
C MET B 1057 13.11 -64.60 15.03
N SER B 1058 13.91 -64.90 14.02
CA SER B 1058 15.18 -65.61 14.22
C SER B 1058 16.17 -64.82 15.07
N CYS B 1059 16.18 -63.48 14.94
CA CYS B 1059 17.24 -62.69 15.57
C CYS B 1059 16.70 -61.44 16.26
N ILE B 1060 15.41 -61.41 16.62
CA ILE B 1060 14.84 -60.23 17.28
C ILE B 1060 15.54 -59.97 18.61
N ALA B 1061 15.94 -58.72 18.82
CA ALA B 1061 16.74 -58.36 19.98
C ALA B 1061 16.31 -57.07 20.66
N ASN B 1062 15.31 -56.36 20.14
CA ASN B 1062 14.81 -55.15 20.79
C ASN B 1062 13.36 -55.00 20.33
N LEU B 1063 12.44 -55.50 21.16
CA LEU B 1063 11.01 -55.38 20.90
C LEU B 1063 10.43 -54.23 21.72
N ASP B 1064 9.57 -53.43 21.08
CA ASP B 1064 9.00 -52.24 21.72
C ASP B 1064 7.52 -52.25 21.35
N VAL B 1065 6.69 -52.73 22.26
CA VAL B 1065 5.23 -52.59 22.15
C VAL B 1065 4.75 -51.79 23.35
N SER B 1066 4.73 -50.47 23.21
CA SER B 1066 4.37 -49.57 24.28
C SER B 1066 3.28 -48.62 23.80
N ARG B 1067 2.58 -48.02 24.76
CA ARG B 1067 1.53 -47.04 24.52
C ARG B 1067 0.36 -47.59 23.68
N ASN B 1068 0.31 -48.89 23.43
CA ASN B 1068 -0.87 -49.50 22.85
C ASN B 1068 -1.88 -49.81 23.95
N ASP B 1069 -3.06 -50.26 23.53
CA ASP B 1069 -4.09 -50.71 24.47
C ASP B 1069 -4.06 -52.24 24.61
N ILE B 1070 -2.89 -52.75 24.97
CA ILE B 1070 -2.74 -54.18 25.20
C ILE B 1070 -3.29 -54.51 26.58
N GLY B 1071 -3.96 -55.63 26.70
CA GLY B 1071 -4.50 -56.06 27.97
C GLY B 1071 -5.50 -57.19 27.82
N PRO B 1072 -6.04 -57.66 28.95
CA PRO B 1072 -5.74 -57.22 30.32
C PRO B 1072 -4.62 -58.06 30.91
N SER B 1073 -4.06 -58.98 30.12
CA SER B 1073 -3.00 -59.86 30.58
C SER B 1073 -2.30 -60.42 29.36
N VAL B 1074 -0.97 -60.41 29.38
CA VAL B 1074 -0.16 -60.96 28.31
C VAL B 1074 0.27 -62.37 28.72
N VAL B 1075 -0.04 -63.36 27.89
CA VAL B 1075 0.33 -64.74 28.15
C VAL B 1075 1.17 -65.23 26.98
N LEU B 1076 2.48 -65.31 27.20
CA LEU B 1076 3.41 -65.79 26.18
C LEU B 1076 3.38 -67.32 26.14
N ASP B 1077 3.25 -67.87 24.94
CA ASP B 1077 3.02 -69.31 24.82
C ASP B 1077 4.31 -70.08 25.13
N PRO B 1078 4.26 -71.07 26.02
CA PRO B 1078 5.50 -71.77 26.44
C PRO B 1078 6.25 -72.48 25.32
N THR B 1079 5.57 -72.86 24.23
CA THR B 1079 6.22 -73.54 23.13
C THR B 1079 7.21 -72.67 22.37
N VAL B 1080 7.17 -71.36 22.55
CA VAL B 1080 8.04 -70.44 21.84
C VAL B 1080 9.26 -70.14 22.71
N LYS B 1081 10.45 -70.32 22.16
CA LYS B 1081 11.70 -70.06 22.86
C LYS B 1081 12.49 -69.02 22.10
N CYS B 1082 12.58 -67.81 22.67
CA CYS B 1082 13.27 -66.67 22.09
C CYS B 1082 14.49 -66.29 22.92
N PRO B 1083 15.64 -66.92 22.70
CA PRO B 1083 16.83 -66.63 23.51
C PRO B 1083 17.61 -65.40 23.06
N THR B 1084 17.17 -64.69 22.03
CA THR B 1084 17.88 -63.51 21.55
C THR B 1084 17.22 -62.18 21.92
N LEU B 1085 16.12 -62.21 22.68
CA LEU B 1085 15.39 -60.98 23.00
C LEU B 1085 16.06 -60.34 24.21
N LYS B 1086 16.82 -59.27 23.96
CA LYS B 1086 17.56 -58.58 25.01
C LYS B 1086 16.95 -57.23 25.37
N GLN B 1087 15.64 -57.08 25.16
CA GLN B 1087 14.87 -55.90 25.58
C GLN B 1087 13.39 -56.18 25.34
N PHE B 1088 12.57 -55.54 26.16
CA PHE B 1088 11.12 -55.76 26.11
C PHE B 1088 10.46 -54.57 26.78
N ASN B 1089 9.76 -53.75 25.99
CA ASN B 1089 9.16 -52.51 26.47
C ASN B 1089 7.65 -52.64 26.31
N LEU B 1090 6.94 -52.92 27.40
CA LEU B 1090 5.49 -53.01 27.42
C LEU B 1090 4.87 -51.86 28.20
N SER B 1091 5.45 -50.68 28.08
CA SER B 1091 5.02 -49.56 28.91
C SER B 1091 3.69 -48.98 28.43
N TYR B 1092 3.00 -48.31 29.36
CA TYR B 1092 1.79 -47.51 29.08
C TYR B 1092 0.69 -48.30 28.38
N ASN B 1093 0.66 -49.62 28.59
CA ASN B 1093 -0.49 -50.41 28.16
C ASN B 1093 -1.49 -50.51 29.30
N GLN B 1094 -2.46 -51.42 29.18
CA GLN B 1094 -3.41 -51.72 30.25
C GLN B 1094 -3.18 -53.11 30.85
N LEU B 1095 -1.92 -53.52 30.99
CA LEU B 1095 -1.61 -54.77 31.68
C LEU B 1095 -2.10 -54.72 33.12
N SER B 1096 -2.61 -55.84 33.62
CA SER B 1096 -2.97 -55.95 35.02
C SER B 1096 -2.20 -57.04 35.74
N PHE B 1097 -1.18 -57.61 35.11
CA PHE B 1097 -0.26 -58.54 35.73
C PHE B 1097 1.11 -58.34 35.08
N VAL B 1098 2.11 -59.03 35.61
CA VAL B 1098 3.38 -59.16 34.90
C VAL B 1098 3.13 -60.13 33.74
N PRO B 1099 3.79 -59.97 32.60
CA PRO B 1099 3.67 -60.96 31.52
C PRO B 1099 4.08 -62.36 31.98
N GLU B 1100 3.14 -63.29 31.91
CA GLU B 1100 3.38 -64.63 32.41
C GLU B 1100 4.29 -65.40 31.44
N ASN B 1101 4.85 -66.50 31.96
CA ASN B 1101 5.75 -67.38 31.21
C ASN B 1101 6.95 -66.64 30.61
N LEU B 1102 7.38 -65.56 31.25
CA LEU B 1102 8.48 -64.75 30.74
C LEU B 1102 9.84 -65.42 30.93
N THR B 1103 9.94 -66.35 31.87
CA THR B 1103 11.22 -67.02 32.13
C THR B 1103 11.51 -68.12 31.12
N ASP B 1104 10.52 -68.95 30.82
CA ASP B 1104 10.73 -70.05 29.88
C ASP B 1104 10.87 -69.56 28.45
N VAL B 1105 10.25 -68.43 28.10
CA VAL B 1105 10.19 -67.98 26.72
C VAL B 1105 11.32 -66.99 26.43
N VAL B 1106 11.30 -65.84 27.12
CA VAL B 1106 12.34 -64.83 26.97
C VAL B 1106 13.42 -65.16 28.00
N GLU B 1107 14.34 -66.04 27.62
CA GLU B 1107 15.31 -66.56 28.58
C GLU B 1107 16.31 -65.48 29.02
N LYS B 1108 17.03 -64.90 28.06
CA LYS B 1108 18.05 -63.91 28.37
C LYS B 1108 17.52 -62.50 28.08
N LEU B 1109 16.77 -61.97 29.04
CA LEU B 1109 16.24 -60.62 28.96
C LEU B 1109 17.09 -59.68 29.78
N GLU B 1110 17.32 -58.47 29.26
CA GLU B 1110 18.11 -57.46 29.96
C GLU B 1110 17.25 -56.39 30.60
N GLN B 1111 16.40 -55.73 29.82
CA GLN B 1111 15.59 -54.60 30.29
C GLN B 1111 14.11 -54.92 30.14
N LEU B 1112 13.43 -55.14 31.27
CA LEU B 1112 11.99 -55.37 31.28
C LEU B 1112 11.31 -54.11 31.81
N ILE B 1113 10.70 -53.34 30.91
CA ILE B 1113 10.09 -52.07 31.24
C ILE B 1113 8.58 -52.24 31.18
N LEU B 1114 7.92 -52.14 32.34
CA LEU B 1114 6.47 -52.28 32.46
C LEU B 1114 5.83 -51.03 33.06
N GLU B 1115 6.38 -49.86 32.76
CA GLU B 1115 5.92 -48.60 33.33
C GLU B 1115 4.51 -48.26 32.86
N GLY B 1116 3.77 -47.53 33.71
CA GLY B 1116 2.51 -46.93 33.33
C GLY B 1116 1.29 -47.84 33.36
N ASN B 1117 1.47 -49.15 33.26
CA ASN B 1117 0.35 -50.08 33.31
C ASN B 1117 -0.30 -50.07 34.70
N LYS B 1118 -1.46 -50.72 34.80
CA LYS B 1118 -2.15 -50.85 36.08
C LYS B 1118 -1.96 -52.28 36.60
N ILE B 1119 -0.80 -52.52 37.21
CA ILE B 1119 -0.49 -53.83 37.77
C ILE B 1119 -0.87 -53.85 39.24
N SER B 1120 -1.67 -54.86 39.61
CA SER B 1120 -2.25 -54.90 40.95
C SER B 1120 -1.19 -55.19 42.01
N GLY B 1121 -0.54 -56.34 41.90
CA GLY B 1121 0.49 -56.71 42.84
C GLY B 1121 1.13 -58.04 42.53
N ILE B 1122 2.46 -58.09 42.56
CA ILE B 1122 3.20 -59.25 42.06
C ILE B 1122 3.00 -60.42 43.00
N CYS B 1123 2.87 -61.62 42.42
CA CYS B 1123 2.80 -62.85 43.20
C CYS B 1123 3.71 -63.96 42.68
N SER B 1124 4.16 -63.90 41.44
CA SER B 1124 5.02 -64.94 40.89
C SER B 1124 6.44 -64.41 40.76
N PRO B 1125 7.44 -65.11 41.29
CA PRO B 1125 8.81 -64.58 41.28
C PRO B 1125 9.43 -64.67 39.90
N LEU B 1126 10.01 -63.56 39.45
CA LEU B 1126 10.79 -63.57 38.21
C LEU B 1126 12.01 -64.48 38.39
N ARG B 1127 12.40 -65.12 37.29
CA ARG B 1127 13.54 -66.05 37.32
C ARG B 1127 14.54 -65.71 36.22
N LEU B 1128 14.52 -64.47 35.73
CA LEU B 1128 15.41 -64.06 34.63
C LEU B 1128 16.82 -63.90 35.19
N LYS B 1129 17.65 -64.92 34.94
CA LYS B 1129 19.04 -64.94 35.41
C LYS B 1129 19.86 -63.78 34.86
N GLU B 1130 19.41 -63.10 33.82
CA GLU B 1130 20.23 -62.09 33.16
C GLU B 1130 19.61 -60.71 33.16
N LEU B 1131 18.56 -60.48 33.95
CA LEU B 1131 17.92 -59.16 34.02
C LEU B 1131 18.92 -58.11 34.51
N LYS B 1132 18.79 -56.90 33.99
CA LYS B 1132 19.68 -55.83 34.42
C LYS B 1132 18.97 -54.53 34.77
N ILE B 1133 17.79 -54.28 34.19
CA ILE B 1133 17.04 -53.06 34.47
C ILE B 1133 15.55 -53.39 34.49
N LEU B 1134 14.94 -53.29 35.67
CA LEU B 1134 13.51 -53.44 35.83
C LEU B 1134 12.90 -52.06 36.04
N ASN B 1135 11.65 -51.88 35.63
CA ASN B 1135 11.02 -50.57 35.68
C ASN B 1135 9.51 -50.78 35.80
N LEU B 1136 8.98 -50.63 37.02
CA LEU B 1136 7.56 -50.76 37.29
C LEU B 1136 6.96 -49.45 37.80
N SER B 1137 7.45 -48.31 37.31
CA SER B 1137 6.97 -47.02 37.78
C SER B 1137 5.53 -46.78 37.35
N LYS B 1138 4.86 -45.91 38.10
CA LYS B 1138 3.49 -45.45 37.82
C LYS B 1138 2.52 -46.63 37.66
N ASN B 1139 2.49 -47.50 38.67
CA ASN B 1139 1.57 -48.62 38.68
C ASN B 1139 0.74 -48.60 39.95
N HIS B 1140 -0.04 -49.66 40.20
CA HIS B 1140 -0.91 -49.73 41.36
C HIS B 1140 -0.40 -50.70 42.42
N ILE B 1141 0.87 -51.10 42.33
CA ILE B 1141 1.43 -52.07 43.26
C ILE B 1141 1.42 -51.50 44.67
N SER B 1142 1.09 -52.36 45.63
CA SER B 1142 1.09 -51.96 47.04
C SER B 1142 2.04 -52.78 47.91
N SER B 1143 2.47 -53.96 47.46
CA SER B 1143 3.37 -54.80 48.24
C SER B 1143 3.98 -55.84 47.32
N LEU B 1144 5.31 -55.89 47.29
CA LEU B 1144 6.03 -56.86 46.46
C LEU B 1144 6.30 -58.13 47.25
N SER B 1145 6.14 -59.27 46.58
CA SER B 1145 6.31 -60.57 47.22
C SER B 1145 7.73 -60.73 47.76
N GLU B 1146 7.84 -61.42 48.90
CA GLU B 1146 9.07 -61.45 49.69
C GLU B 1146 10.22 -62.18 49.00
N ASN B 1147 9.97 -62.86 47.89
CA ASN B 1147 11.04 -63.54 47.16
C ASN B 1147 10.85 -63.39 45.65
N PHE B 1148 10.36 -62.23 45.22
CA PHE B 1148 10.04 -62.04 43.81
C PHE B 1148 11.26 -61.69 42.96
N LEU B 1149 12.31 -61.14 43.56
CA LEU B 1149 13.52 -60.75 42.84
C LEU B 1149 14.74 -61.57 43.25
N GLU B 1150 14.57 -62.58 44.12
CA GLU B 1150 15.71 -63.36 44.60
C GLU B 1150 16.38 -64.17 43.51
N ALA B 1151 15.64 -64.61 42.49
CA ALA B 1151 16.19 -65.45 41.44
C ALA B 1151 16.69 -64.67 40.23
N CYS B 1152 16.89 -63.36 40.36
CA CYS B 1152 17.53 -62.53 39.34
C CYS B 1152 18.77 -61.88 39.94
N PRO B 1153 19.93 -62.53 39.84
CA PRO B 1153 21.11 -62.07 40.59
C PRO B 1153 21.89 -60.92 39.94
N LYS B 1154 21.49 -60.44 38.77
CA LYS B 1154 22.25 -59.42 38.06
C LYS B 1154 21.56 -58.05 38.01
N VAL B 1155 20.46 -57.87 38.76
CA VAL B 1155 19.72 -56.62 38.72
C VAL B 1155 20.57 -55.47 39.23
N GLU B 1156 20.60 -54.38 38.47
CA GLU B 1156 21.32 -53.18 38.88
C GLU B 1156 20.39 -51.99 39.09
N SER B 1157 19.55 -51.67 38.12
CA SER B 1157 18.55 -50.62 38.26
C SER B 1157 17.20 -51.23 38.60
N PHE B 1158 16.43 -50.53 39.44
CA PHE B 1158 15.09 -50.99 39.79
C PHE B 1158 14.24 -49.78 40.14
N SER B 1159 13.32 -49.42 39.25
CA SER B 1159 12.48 -48.24 39.43
C SER B 1159 11.06 -48.70 39.74
N ALA B 1160 10.52 -48.19 40.85
CA ALA B 1160 9.17 -48.54 41.30
C ALA B 1160 8.45 -47.29 41.80
N ARG B 1161 8.60 -46.17 41.10
CA ARG B 1161 7.98 -44.92 41.52
C ARG B 1161 6.45 -45.02 41.48
N MET B 1162 5.82 -44.02 42.11
CA MET B 1162 4.38 -43.77 42.02
C MET B 1162 3.52 -45.02 42.21
N ASN B 1163 3.91 -45.87 43.16
CA ASN B 1163 3.09 -46.99 43.61
C ASN B 1163 2.61 -46.73 45.04
N PHE B 1164 1.94 -47.74 45.61
CA PHE B 1164 1.54 -47.74 47.02
C PHE B 1164 2.41 -48.67 47.86
N LEU B 1165 3.70 -48.74 47.53
CA LEU B 1165 4.64 -49.62 48.22
C LEU B 1165 4.84 -49.19 49.66
N ALA B 1166 4.89 -50.17 50.57
CA ALA B 1166 5.15 -49.86 51.97
C ALA B 1166 6.31 -50.64 52.56
N ALA B 1167 6.65 -51.81 52.01
CA ALA B 1167 7.77 -52.61 52.48
C ALA B 1167 8.56 -53.10 51.28
N MET B 1168 9.88 -53.18 51.44
CA MET B 1168 10.73 -53.64 50.34
C MET B 1168 11.32 -54.99 50.69
N PRO B 1169 11.10 -56.03 49.88
CA PRO B 1169 11.61 -57.35 50.22
C PRO B 1169 13.11 -57.50 49.99
N PHE B 1170 13.60 -58.73 50.16
CA PHE B 1170 15.01 -59.03 49.89
C PHE B 1170 15.37 -58.73 48.44
N LEU B 1171 16.48 -58.04 48.25
CA LEU B 1171 16.95 -57.61 46.94
C LEU B 1171 18.31 -58.22 46.66
N PRO B 1172 18.67 -58.38 45.37
CA PRO B 1172 20.01 -58.88 45.06
C PRO B 1172 21.08 -57.87 45.41
N PRO B 1173 22.27 -58.32 45.81
CA PRO B 1173 23.31 -57.39 46.25
C PRO B 1173 23.96 -56.61 45.12
N SER B 1174 23.67 -56.93 43.86
CA SER B 1174 24.25 -56.22 42.73
C SER B 1174 23.49 -54.95 42.37
N MET B 1175 22.38 -54.65 43.05
CA MET B 1175 21.58 -53.48 42.72
C MET B 1175 22.38 -52.21 42.97
N THR B 1176 22.57 -51.42 41.93
CA THR B 1176 23.36 -50.20 42.02
C THR B 1176 22.51 -48.95 42.09
N ILE B 1177 21.52 -48.83 41.22
CA ILE B 1177 20.58 -47.72 41.24
C ILE B 1177 19.26 -48.24 41.81
N LEU B 1178 18.58 -47.41 42.61
CA LEU B 1178 17.32 -47.82 43.20
C LEU B 1178 16.51 -46.55 43.43
N LYS B 1179 15.56 -46.29 42.54
CA LYS B 1179 14.76 -45.08 42.55
C LYS B 1179 13.32 -45.40 42.94
N LEU B 1180 13.04 -45.38 44.25
CA LEU B 1180 11.69 -45.57 44.75
C LEU B 1180 11.21 -44.23 45.27
N SER B 1181 10.48 -43.47 44.45
CA SER B 1181 9.99 -42.18 44.87
C SER B 1181 8.46 -42.15 44.89
N GLN B 1182 7.94 -41.12 45.57
CA GLN B 1182 6.50 -40.83 45.60
C GLN B 1182 5.63 -42.02 45.96
N ASN B 1183 6.15 -43.00 46.71
CA ASN B 1183 5.42 -44.25 46.89
C ASN B 1183 5.34 -44.72 48.35
N LYS B 1184 4.77 -43.86 49.19
CA LYS B 1184 4.29 -44.16 50.55
C LYS B 1184 5.23 -44.97 51.46
N PHE B 1185 6.50 -44.57 51.58
CA PHE B 1185 7.36 -45.21 52.57
C PHE B 1185 7.43 -44.35 53.84
N SER B 1186 6.90 -44.90 54.93
CA SER B 1186 6.94 -44.23 56.22
C SER B 1186 8.35 -44.16 56.80
N CYS B 1187 9.22 -45.08 56.42
CA CYS B 1187 10.59 -45.11 56.92
C CYS B 1187 11.44 -45.89 55.94
N ILE B 1188 12.74 -45.58 55.92
CA ILE B 1188 13.70 -46.26 55.08
C ILE B 1188 13.75 -47.74 55.45
N PRO B 1189 13.53 -48.66 54.50
CA PRO B 1189 13.52 -50.08 54.84
C PRO B 1189 14.88 -50.57 55.28
N GLU B 1190 14.87 -51.64 56.10
CA GLU B 1190 16.13 -52.23 56.55
C GLU B 1190 16.80 -53.04 55.46
N ALA B 1191 16.03 -53.49 54.46
CA ALA B 1191 16.57 -54.29 53.36
C ALA B 1191 17.38 -53.45 52.37
N ILE B 1192 17.25 -52.13 52.40
CA ILE B 1192 17.99 -51.29 51.47
C ILE B 1192 19.23 -50.65 52.09
N LEU B 1193 19.32 -50.61 53.42
CA LEU B 1193 20.52 -50.13 54.10
C LEU B 1193 21.65 -51.14 54.08
N ASN B 1194 21.41 -52.36 53.63
CA ASN B 1194 22.43 -53.40 53.59
C ASN B 1194 22.90 -53.73 52.18
N LEU B 1195 22.52 -52.92 51.19
CA LEU B 1195 22.97 -53.15 49.82
C LEU B 1195 24.47 -52.90 49.73
N PRO B 1196 25.28 -53.87 49.30
CA PRO B 1196 26.73 -53.66 49.31
C PRO B 1196 27.21 -52.54 48.40
N HIS B 1197 26.63 -52.39 47.21
CA HIS B 1197 27.07 -51.36 46.27
C HIS B 1197 25.83 -50.60 45.79
N LEU B 1198 25.42 -49.59 46.54
CA LEU B 1198 24.25 -48.78 46.23
C LEU B 1198 24.72 -47.38 45.88
N ARG B 1199 24.94 -47.14 44.58
CA ARG B 1199 25.44 -45.84 44.13
C ARG B 1199 24.41 -44.74 44.32
N SER B 1200 23.26 -44.87 43.67
CA SER B 1200 22.23 -43.84 43.71
C SER B 1200 21.00 -44.34 44.45
N LEU B 1201 20.31 -43.41 45.09
CA LEU B 1201 19.06 -43.71 45.78
C LEU B 1201 18.19 -42.47 45.78
N ASP B 1202 16.91 -42.64 45.42
CA ASP B 1202 15.94 -41.55 45.38
C ASP B 1202 14.70 -42.03 46.10
N MET B 1203 14.30 -41.29 47.14
CA MET B 1203 13.06 -41.59 47.87
C MET B 1203 12.29 -40.30 48.13
N SER B 1204 12.19 -39.45 47.11
CA SER B 1204 11.51 -38.18 47.23
C SER B 1204 10.01 -38.37 47.45
N SER B 1205 9.38 -37.34 48.01
CA SER B 1205 7.92 -37.23 48.18
C SER B 1205 7.31 -38.43 48.92
N ASN B 1206 8.10 -39.12 49.73
CA ASN B 1206 7.56 -40.06 50.70
C ASN B 1206 7.24 -39.33 52.00
N ASP B 1207 7.01 -40.07 53.07
CA ASP B 1207 6.91 -39.50 54.41
C ASP B 1207 7.98 -40.17 55.26
N ILE B 1208 9.21 -39.66 55.16
CA ILE B 1208 10.36 -40.25 55.83
C ILE B 1208 10.65 -39.44 57.09
N GLN B 1209 10.71 -40.12 58.24
CA GLN B 1209 10.89 -39.40 59.49
C GLN B 1209 12.36 -39.17 59.84
N TYR B 1210 13.20 -40.20 59.72
CA TYR B 1210 14.59 -40.09 60.16
C TYR B 1210 15.48 -40.91 59.24
N LEU B 1211 16.41 -40.24 58.55
CA LEU B 1211 17.33 -41.13 57.85
C LEU B 1211 18.54 -41.43 58.75
N PRO B 1212 19.04 -42.66 58.70
CA PRO B 1212 20.16 -43.04 59.55
C PRO B 1212 21.45 -42.34 59.15
N GLY B 1213 22.39 -42.30 60.10
CA GLY B 1213 23.68 -41.72 59.85
C GLY B 1213 24.55 -42.62 58.99
N PRO B 1214 25.69 -42.09 58.52
CA PRO B 1214 26.55 -42.88 57.63
C PRO B 1214 27.11 -44.16 58.23
N ALA B 1215 26.91 -44.42 59.52
CA ALA B 1215 27.42 -45.65 60.11
C ALA B 1215 26.49 -46.83 59.84
N HIS B 1216 25.19 -46.56 59.66
CA HIS B 1216 24.21 -47.62 59.46
C HIS B 1216 24.21 -48.14 58.03
N TRP B 1217 24.63 -47.35 57.05
CA TRP B 1217 24.58 -47.78 55.67
C TRP B 1217 25.77 -48.69 55.37
N LYS B 1218 25.50 -49.82 54.73
CA LYS B 1218 26.57 -50.76 54.44
C LYS B 1218 27.39 -50.39 53.20
N SER B 1219 26.80 -49.64 52.28
CA SER B 1219 27.48 -49.35 51.02
C SER B 1219 28.69 -48.45 51.26
N LEU B 1220 29.52 -48.32 50.23
CA LEU B 1220 30.64 -47.39 50.24
C LEU B 1220 30.72 -46.47 49.03
N ASN B 1221 29.94 -46.73 47.98
CA ASN B 1221 29.96 -45.91 46.77
C ASN B 1221 28.72 -45.02 46.63
N LEU B 1222 28.11 -44.65 47.76
CA LEU B 1222 26.97 -43.74 47.76
C LEU B 1222 27.35 -42.44 47.05
N ARG B 1223 26.71 -42.16 45.92
CA ARG B 1223 27.10 -41.05 45.07
C ARG B 1223 25.97 -40.09 44.71
N GLU B 1224 24.72 -40.40 45.06
CA GLU B 1224 23.61 -39.48 44.83
C GLU B 1224 22.48 -39.89 45.73
N LEU B 1225 22.04 -38.97 46.61
CA LEU B 1225 20.94 -39.20 47.51
C LEU B 1225 19.87 -38.14 47.30
N LEU B 1226 18.63 -38.57 47.09
CA LEU B 1226 17.49 -37.68 46.86
C LEU B 1226 16.44 -37.98 47.92
N PHE B 1227 16.14 -36.99 48.75
CA PHE B 1227 15.15 -37.17 49.81
C PHE B 1227 14.27 -35.93 49.99
N SER B 1228 14.05 -35.18 48.92
CA SER B 1228 13.20 -34.00 48.99
C SER B 1228 11.77 -34.38 49.36
N HIS B 1229 11.04 -33.39 49.92
CA HIS B 1229 9.64 -33.54 50.30
C HIS B 1229 9.42 -34.69 51.29
N ASN B 1230 10.23 -34.70 52.34
CA ASN B 1230 10.07 -35.67 53.42
C ASN B 1230 9.92 -34.94 54.74
N GLN B 1231 9.42 -35.65 55.75
CA GLN B 1231 9.29 -35.11 57.11
C GLN B 1231 10.55 -35.40 57.93
N ILE B 1232 11.66 -34.85 57.48
CA ILE B 1232 12.96 -35.08 58.12
C ILE B 1232 13.26 -33.89 59.03
N SER B 1233 13.64 -34.19 60.28
CA SER B 1233 13.88 -33.14 61.27
C SER B 1233 15.37 -32.88 61.45
N ILE B 1234 16.14 -33.91 61.81
CA ILE B 1234 17.53 -33.76 62.19
C ILE B 1234 18.36 -34.65 61.28
N LEU B 1235 19.09 -34.05 60.35
CA LEU B 1235 20.07 -34.77 59.55
C LEU B 1235 21.22 -35.19 60.47
N ASP B 1236 21.48 -36.49 60.57
CA ASP B 1236 22.47 -37.01 61.50
C ASP B 1236 23.75 -37.30 60.74
N LEU B 1237 24.86 -36.68 61.17
CA LEU B 1237 26.17 -36.93 60.57
C LEU B 1237 27.26 -36.98 61.62
N SER B 1238 26.92 -37.28 62.87
CA SER B 1238 27.90 -37.19 63.96
C SER B 1238 28.94 -38.29 63.86
N GLU B 1239 28.51 -39.53 63.67
CA GLU B 1239 29.38 -40.69 63.74
C GLU B 1239 29.80 -41.12 62.34
N LYS B 1240 31.12 -41.17 62.11
CA LYS B 1240 31.72 -41.72 60.89
C LYS B 1240 31.18 -41.05 59.62
N ALA B 1241 31.20 -39.71 59.62
CA ALA B 1241 30.72 -38.96 58.46
C ALA B 1241 31.64 -39.09 57.25
N TYR B 1242 32.81 -39.70 57.39
CA TYR B 1242 33.72 -39.86 56.26
C TYR B 1242 33.31 -40.98 55.32
N LEU B 1243 32.38 -41.85 55.75
CA LEU B 1243 31.92 -42.95 54.90
C LEU B 1243 31.17 -42.45 53.67
N TRP B 1244 30.56 -41.26 53.77
CA TRP B 1244 29.87 -40.63 52.66
C TRP B 1244 30.76 -39.70 51.84
N SER B 1245 32.08 -39.91 51.88
CA SER B 1245 33.03 -39.01 51.20
C SER B 1245 32.87 -38.99 49.69
N ARG B 1246 32.12 -39.92 49.10
CA ARG B 1246 31.95 -39.97 47.66
C ARG B 1246 30.61 -39.40 47.20
N VAL B 1247 29.76 -38.97 48.13
CA VAL B 1247 28.45 -38.43 47.77
C VAL B 1247 28.61 -37.22 46.87
N GLU B 1248 27.91 -37.21 45.74
CA GLU B 1248 28.00 -36.11 44.79
C GLU B 1248 26.70 -35.34 44.62
N LYS B 1249 25.64 -35.70 45.35
CA LYS B 1249 24.38 -34.96 45.30
C LYS B 1249 23.56 -35.34 46.53
N LEU B 1250 23.21 -34.37 47.35
CA LEU B 1250 22.40 -34.61 48.55
C LEU B 1250 21.29 -33.57 48.60
N HIS B 1251 20.06 -34.01 48.32
CA HIS B 1251 18.90 -33.14 48.32
C HIS B 1251 18.07 -33.39 49.57
N LEU B 1252 17.71 -32.31 50.27
CA LEU B 1252 16.86 -32.39 51.45
C LEU B 1252 15.84 -31.27 51.48
N SER B 1253 15.47 -30.75 50.31
CA SER B 1253 14.54 -29.64 50.22
C SER B 1253 13.15 -30.05 50.73
N HIS B 1254 12.39 -29.03 51.17
CA HIS B 1254 11.00 -29.20 51.61
C HIS B 1254 10.89 -30.19 52.76
N ASN B 1255 11.81 -30.08 53.72
CA ASN B 1255 11.76 -30.86 54.95
C ASN B 1255 11.63 -29.92 56.14
N LYS B 1256 11.69 -30.50 57.33
CA LYS B 1256 11.68 -29.75 58.59
C LYS B 1256 13.07 -29.68 59.21
N LEU B 1257 14.09 -29.52 58.37
CA LEU B 1257 15.47 -29.44 58.86
C LEU B 1257 15.65 -28.23 59.77
N LYS B 1258 16.39 -28.43 60.87
CA LYS B 1258 16.60 -27.38 61.85
C LYS B 1258 17.98 -26.72 61.74
N GLU B 1259 19.03 -27.52 61.58
CA GLU B 1259 20.38 -26.98 61.55
C GLU B 1259 21.30 -27.94 60.79
N ILE B 1260 22.00 -27.42 59.80
CA ILE B 1260 23.02 -28.21 59.09
C ILE B 1260 24.14 -28.57 60.07
N PRO B 1261 24.51 -29.83 60.21
CA PRO B 1261 25.53 -30.20 61.19
C PRO B 1261 26.85 -29.57 60.86
N PRO B 1262 27.67 -29.25 61.87
CA PRO B 1262 29.01 -28.69 61.60
C PRO B 1262 29.96 -29.68 60.93
N GLU B 1263 29.67 -30.97 60.98
CA GLU B 1263 30.51 -31.98 60.32
C GLU B 1263 30.26 -32.09 58.83
N ILE B 1264 29.34 -31.28 58.27
CA ILE B 1264 29.02 -31.35 56.84
C ILE B 1264 30.24 -31.08 55.96
N GLY B 1265 31.25 -30.36 56.48
CA GLY B 1265 32.46 -30.11 55.73
C GLY B 1265 33.29 -31.34 55.42
N CYS B 1266 32.99 -32.47 56.07
CA CYS B 1266 33.75 -33.69 55.82
C CYS B 1266 33.37 -34.33 54.49
N LEU B 1267 32.16 -34.09 54.01
CA LEU B 1267 31.72 -34.59 52.70
C LEU B 1267 32.37 -33.80 51.58
N GLU B 1268 33.69 -33.94 51.44
CA GLU B 1268 34.53 -33.08 50.62
C GLU B 1268 34.27 -33.18 49.12
N ASN B 1269 33.32 -34.00 48.67
CA ASN B 1269 33.11 -34.19 47.23
C ASN B 1269 31.71 -33.81 46.77
N LEU B 1270 30.96 -33.08 47.61
CA LEU B 1270 29.63 -32.63 47.21
C LEU B 1270 29.71 -31.70 46.00
N THR B 1271 28.80 -31.91 45.04
CA THR B 1271 28.66 -30.98 43.93
C THR B 1271 27.32 -30.26 43.92
N SER B 1272 26.31 -30.77 44.62
CA SER B 1272 25.05 -30.07 44.81
C SER B 1272 24.53 -30.36 46.20
N LEU B 1273 23.91 -29.37 46.82
CA LEU B 1273 23.28 -29.55 48.12
C LEU B 1273 22.04 -28.66 48.17
N ASP B 1274 20.86 -29.28 48.17
CA ASP B 1274 19.60 -28.56 48.03
C ASP B 1274 18.89 -28.61 49.39
N VAL B 1275 19.12 -27.58 50.20
CA VAL B 1275 18.47 -27.47 51.50
C VAL B 1275 17.44 -26.35 51.44
N SER B 1276 16.94 -26.05 50.25
CA SER B 1276 15.98 -24.98 50.06
C SER B 1276 14.64 -25.33 50.73
N TYR B 1277 13.76 -24.33 50.80
CA TYR B 1277 12.41 -24.45 51.37
C TYR B 1277 12.41 -25.12 52.74
N ASN B 1278 13.43 -24.81 53.55
CA ASN B 1278 13.50 -25.21 54.95
C ASN B 1278 13.35 -23.96 55.82
N LEU B 1279 12.10 -23.62 56.15
CA LEU B 1279 11.82 -22.38 56.88
C LEU B 1279 12.48 -22.39 58.26
N GLU B 1280 12.43 -23.54 58.96
CA GLU B 1280 13.04 -23.65 60.27
C GLU B 1280 14.56 -23.51 60.24
N LEU B 1281 15.20 -23.76 59.10
CA LEU B 1281 16.63 -23.56 58.97
C LEU B 1281 16.97 -22.07 59.11
N ARG B 1282 18.00 -21.78 59.89
CA ARG B 1282 18.33 -20.39 60.23
C ARG B 1282 19.64 -19.93 59.60
N SER B 1283 20.74 -20.64 59.84
CA SER B 1283 22.03 -20.16 59.40
C SER B 1283 22.92 -21.34 59.02
N PHE B 1284 23.84 -21.10 58.09
CA PHE B 1284 24.78 -22.11 57.65
C PHE B 1284 25.99 -22.16 58.59
N PRO B 1285 26.48 -23.33 58.92
CA PRO B 1285 27.71 -23.43 59.72
C PRO B 1285 28.93 -23.01 58.90
N ASN B 1286 29.93 -22.47 59.60
CA ASN B 1286 31.15 -22.02 58.94
C ASN B 1286 31.84 -23.16 58.21
N GLU B 1287 31.90 -24.33 58.83
CA GLU B 1287 32.66 -25.48 58.32
C GLU B 1287 32.24 -25.91 56.92
N MET B 1288 31.06 -25.48 56.45
CA MET B 1288 30.61 -25.78 55.09
C MET B 1288 31.56 -25.22 54.03
N GLY B 1289 32.38 -24.24 54.38
CA GLY B 1289 33.24 -23.57 53.41
C GLY B 1289 34.31 -24.44 52.79
N LYS B 1290 34.51 -25.67 53.27
CA LYS B 1290 35.52 -26.55 52.72
C LYS B 1290 35.03 -27.38 51.53
N LEU B 1291 33.72 -27.35 51.25
CA LEU B 1291 33.15 -28.07 50.11
C LEU B 1291 33.44 -27.30 48.82
N SER B 1292 34.73 -27.30 48.46
CA SER B 1292 35.23 -26.49 47.34
C SER B 1292 34.67 -26.94 46.00
N LYS B 1293 34.12 -28.15 45.89
CA LYS B 1293 33.63 -28.65 44.63
C LYS B 1293 32.14 -28.37 44.41
N ILE B 1294 31.48 -27.72 45.36
CA ILE B 1294 30.06 -27.39 45.19
C ILE B 1294 29.92 -26.35 44.10
N TRP B 1295 28.96 -26.55 43.20
CA TRP B 1295 28.61 -25.57 42.19
C TRP B 1295 27.13 -25.24 42.17
N ASP B 1296 26.31 -25.91 42.97
CA ASP B 1296 24.89 -25.62 43.05
C ASP B 1296 24.46 -25.61 44.51
N LEU B 1297 23.78 -24.54 44.91
CA LEU B 1297 23.33 -24.35 46.29
C LEU B 1297 22.06 -23.52 46.28
N PRO B 1298 20.92 -24.13 45.96
CA PRO B 1298 19.67 -23.35 45.88
C PRO B 1298 19.28 -22.78 47.24
N LEU B 1299 18.80 -21.53 47.21
CA LEU B 1299 18.44 -20.81 48.43
C LEU B 1299 17.03 -20.25 48.37
N ASP B 1300 16.18 -20.78 47.50
CA ASP B 1300 14.83 -20.25 47.33
C ASP B 1300 14.01 -20.42 48.60
N GLU B 1301 13.29 -19.35 48.97
CA GLU B 1301 12.39 -19.33 50.12
C GLU B 1301 13.12 -19.76 51.41
N LEU B 1302 14.36 -19.30 51.55
CA LEU B 1302 15.23 -19.65 52.67
C LEU B 1302 15.53 -18.40 53.47
N HIS B 1303 14.75 -18.16 54.52
CA HIS B 1303 14.91 -16.98 55.36
C HIS B 1303 16.15 -17.14 56.23
N LEU B 1304 17.30 -16.72 55.71
CA LEU B 1304 18.57 -16.94 56.38
C LEU B 1304 18.87 -15.82 57.37
N ASN B 1305 19.38 -16.21 58.54
CA ASN B 1305 19.85 -15.24 59.52
C ASN B 1305 21.12 -14.57 59.01
N PHE B 1306 22.14 -15.36 58.67
CA PHE B 1306 23.36 -14.84 58.08
C PHE B 1306 23.05 -14.14 56.77
N ASP B 1307 23.44 -12.87 56.66
CA ASP B 1307 23.08 -12.07 55.50
C ASP B 1307 24.08 -12.32 54.37
N PHE B 1308 23.56 -12.78 53.24
CA PHE B 1308 24.33 -12.87 52.00
C PHE B 1308 23.69 -12.03 50.89
N LYS B 1309 22.80 -11.11 51.25
CA LYS B 1309 22.21 -10.20 50.27
C LYS B 1309 23.29 -9.37 49.56
N HIS B 1310 24.42 -9.13 50.22
CA HIS B 1310 25.54 -8.49 49.56
C HIS B 1310 26.29 -9.44 48.64
N ILE B 1311 26.29 -10.74 48.96
CA ILE B 1311 26.95 -11.72 48.11
C ILE B 1311 26.12 -11.98 46.85
N GLY B 1312 24.83 -12.27 47.03
CA GLY B 1312 23.98 -12.61 45.91
C GLY B 1312 23.51 -14.05 45.93
N CYS B 1313 23.55 -14.72 44.78
CA CYS B 1313 23.07 -16.09 44.67
C CYS B 1313 24.10 -17.07 44.14
N LYS B 1314 25.28 -16.60 43.71
CA LYS B 1314 26.32 -17.49 43.22
C LYS B 1314 26.79 -18.42 44.32
N ALA B 1315 26.74 -19.73 44.04
CA ALA B 1315 27.06 -20.72 45.07
C ALA B 1315 28.53 -20.69 45.44
N LYS B 1316 29.42 -20.56 44.45
CA LYS B 1316 30.85 -20.52 44.71
C LYS B 1316 31.21 -19.34 45.62
N ASP B 1317 30.52 -18.21 45.46
CA ASP B 1317 30.75 -17.06 46.32
C ASP B 1317 30.38 -17.34 47.77
N ILE B 1318 29.23 -18.01 47.98
CA ILE B 1318 28.82 -18.41 49.33
C ILE B 1318 29.88 -19.28 49.97
N ILE B 1319 30.40 -20.25 49.22
CA ILE B 1319 31.38 -21.20 49.77
C ILE B 1319 32.68 -20.48 50.11
N ARG B 1320 33.14 -19.61 49.21
CA ARG B 1320 34.38 -18.86 49.45
C ARG B 1320 34.22 -17.93 50.64
N PHE B 1321 33.06 -17.30 50.79
CA PHE B 1321 32.79 -16.43 51.93
C PHE B 1321 32.92 -17.20 53.24
N LEU B 1322 32.25 -18.36 53.32
CA LEU B 1322 32.36 -19.22 54.50
C LEU B 1322 33.80 -19.68 54.74
N GLN B 1323 34.54 -19.92 53.65
CA GLN B 1323 35.92 -20.37 53.77
C GLN B 1323 36.80 -19.31 54.42
N GLN B 1324 36.56 -18.03 54.12
CA GLN B 1324 37.32 -16.97 54.77
C GLN B 1324 36.93 -16.82 56.24
N ARG B 1325 35.65 -17.01 56.56
CA ARG B 1325 35.21 -16.95 57.95
C ARG B 1325 35.74 -18.11 58.79
N LEU B 1326 36.21 -19.18 58.16
CA LEU B 1326 36.89 -20.24 58.91
C LEU B 1326 38.14 -19.72 59.60
N LYS B 1327 38.97 -18.95 58.88
CA LYS B 1327 40.24 -18.48 59.44
C LYS B 1327 40.02 -17.58 60.64
N LYS B 1328 39.11 -16.61 60.51
CA LYS B 1328 38.90 -15.62 61.56
C LYS B 1328 37.58 -14.92 61.29
N ALA B 1329 36.87 -14.56 62.37
CA ALA B 1329 35.61 -13.84 62.26
C ALA B 1329 35.54 -12.81 63.36
N VAL B 1330 35.37 -11.54 62.99
CA VAL B 1330 35.29 -10.45 63.95
C VAL B 1330 33.92 -9.79 63.85
N PRO B 1331 33.39 -9.23 64.94
CA PRO B 1331 32.10 -8.54 64.86
C PRO B 1331 32.22 -7.19 64.17
N TYR B 1332 31.26 -6.90 63.30
CA TYR B 1332 31.23 -5.65 62.54
C TYR B 1332 30.30 -4.67 63.24
N ASN B 1333 30.87 -3.70 63.94
CA ASN B 1333 30.11 -2.70 64.66
C ASN B 1333 30.03 -1.43 63.81
N ARG B 1334 29.13 -1.45 62.83
CA ARG B 1334 28.99 -0.31 61.92
C ARG B 1334 27.61 -0.36 61.30
N MET B 1335 26.90 0.76 61.32
CA MET B 1335 25.55 0.85 60.79
C MET B 1335 25.30 2.27 60.29
N LYS B 1336 24.41 2.39 59.31
CA LYS B 1336 24.10 3.68 58.72
C LYS B 1336 22.98 4.38 59.49
N LEU B 1337 23.21 5.66 59.79
CA LEU B 1337 22.22 6.57 60.34
C LEU B 1337 21.87 7.60 59.28
N MET B 1338 20.60 7.67 58.91
CA MET B 1338 20.18 8.55 57.84
C MET B 1338 19.32 9.64 58.46
N ILE B 1339 19.63 10.90 58.14
CA ILE B 1339 18.92 12.03 58.72
C ILE B 1339 18.05 12.68 57.66
N VAL B 1340 16.82 12.22 57.59
CA VAL B 1340 15.82 12.75 56.68
C VAL B 1340 15.14 13.95 57.30
N GLY B 1341 14.50 14.78 56.47
CA GLY B 1341 13.75 15.92 56.95
C GLY B 1341 13.37 16.83 55.80
N ASN B 1342 12.71 17.92 56.16
CA ASN B 1342 12.26 18.94 55.22
C ASN B 1342 13.23 20.11 55.23
N THR B 1343 13.09 20.99 54.23
CA THR B 1343 14.01 22.11 54.09
C THR B 1343 13.87 23.03 55.30
N GLY B 1344 14.98 23.67 55.67
CA GLY B 1344 14.96 24.67 56.72
C GLY B 1344 14.87 24.09 58.12
N SER B 1345 14.28 22.90 58.24
CA SER B 1345 14.22 22.20 59.51
C SER B 1345 15.59 21.70 59.92
N GLY B 1346 15.89 21.81 61.21
CA GLY B 1346 17.23 21.62 61.73
C GLY B 1346 17.73 20.19 61.60
N LYS B 1347 18.69 19.97 60.69
CA LYS B 1347 19.34 18.67 60.58
C LYS B 1347 20.82 18.76 60.93
N THR B 1348 21.59 19.60 60.24
CA THR B 1348 23.01 19.72 60.53
C THR B 1348 23.26 20.31 61.91
N THR B 1349 22.36 21.19 62.39
CA THR B 1349 22.48 21.70 63.75
C THR B 1349 22.15 20.65 64.80
N LEU B 1350 21.09 19.85 64.57
CA LEU B 1350 20.83 18.73 65.47
C LEU B 1350 22.00 17.75 65.47
N LEU B 1351 22.59 17.51 64.31
CA LEU B 1351 23.74 16.62 64.22
C LEU B 1351 24.97 17.20 64.90
N GLN B 1352 25.19 18.50 64.77
CA GLN B 1352 26.31 19.15 65.45
C GLN B 1352 26.15 19.08 66.97
N GLN B 1353 24.92 19.02 67.46
CA GLN B 1353 24.68 18.91 68.89
C GLN B 1353 24.54 17.47 69.34
N LEU B 1354 24.41 16.52 68.42
CA LEU B 1354 24.38 15.11 68.80
C LEU B 1354 25.79 14.55 68.97
N MET B 1355 26.71 14.96 68.11
CA MET B 1355 28.11 14.57 68.21
C MET B 1355 28.93 15.51 69.09
N LYS B 1356 28.30 16.53 69.68
CA LYS B 1356 28.95 17.49 70.57
C LYS B 1356 30.06 18.28 69.87
N THR B 1357 29.89 18.54 68.57
CA THR B 1357 30.92 19.19 67.77
C THR B 1357 30.67 20.70 67.73
N LYS B 1358 30.90 21.34 68.87
CA LYS B 1358 30.81 22.79 68.97
C LYS B 1358 31.92 23.48 68.20
N SER B 1366 24.03 27.73 56.86
CA SER B 1366 24.67 27.09 55.71
C SER B 1366 23.84 25.93 55.20
N ALA B 1367 23.24 26.11 54.03
CA ALA B 1367 22.37 25.08 53.46
C ALA B 1367 23.17 23.88 52.99
N THR B 1368 22.65 22.70 53.27
CA THR B 1368 23.31 21.46 52.86
C THR B 1368 23.24 21.29 51.34
N VAL B 1369 24.34 20.83 50.76
CA VAL B 1369 24.45 20.59 49.32
C VAL B 1369 25.00 19.18 49.15
N GLY B 1370 24.18 18.30 48.60
CA GLY B 1370 24.50 16.88 48.53
C GLY B 1370 23.85 16.14 49.70
N ILE B 1371 24.63 15.29 50.37
CA ILE B 1371 24.07 14.53 51.48
C ILE B 1371 24.99 14.60 52.69
N ASP B 1372 26.21 15.11 52.49
CA ASP B 1372 27.12 15.52 53.56
C ASP B 1372 27.37 14.37 54.54
N VAL B 1373 28.07 13.35 54.02
CA VAL B 1373 28.36 12.16 54.82
C VAL B 1373 29.38 12.49 55.89
N LYS B 1374 29.20 11.90 57.08
CA LYS B 1374 30.18 11.94 58.16
C LYS B 1374 30.16 10.58 58.85
N ASP B 1375 30.77 10.51 60.03
CA ASP B 1375 30.71 9.33 60.88
C ASP B 1375 31.21 9.64 62.29
N TRP B 1376 30.41 9.30 63.30
CA TRP B 1376 30.82 9.49 64.67
C TRP B 1376 30.86 8.18 65.44
N PRO B 1377 31.92 7.94 66.23
CA PRO B 1377 32.02 6.72 67.02
C PRO B 1377 31.40 6.83 68.41
N ILE B 1378 30.52 5.90 68.77
CA ILE B 1378 29.85 5.92 70.07
C ILE B 1378 30.52 4.90 70.97
N GLN B 1379 31.23 5.40 71.99
CA GLN B 1379 31.89 4.55 72.98
C GLN B 1379 30.89 4.31 74.12
N ILE B 1380 30.14 3.22 74.01
CA ILE B 1380 29.14 2.90 75.02
C ILE B 1380 29.85 2.47 76.30
N ARG B 1381 29.52 3.12 77.41
CA ARG B 1381 30.20 2.92 78.68
C ARG B 1381 29.62 1.78 79.51
N ASP B 1382 28.60 1.08 79.02
CA ASP B 1382 28.00 -0.01 79.78
C ASP B 1382 28.95 -1.20 79.87
N LYS B 1383 28.51 -2.23 80.58
CA LYS B 1383 29.28 -3.48 80.67
C LYS B 1383 29.53 -4.07 79.29
N ARG B 1384 28.55 -3.95 78.39
CA ARG B 1384 28.72 -4.30 76.98
C ARG B 1384 29.27 -3.07 76.27
N LYS B 1385 30.59 -2.87 76.40
CA LYS B 1385 31.27 -1.73 75.80
C LYS B 1385 31.46 -1.93 74.29
N ARG B 1386 30.33 -1.99 73.59
CA ARG B 1386 30.30 -2.21 72.15
C ARG B 1386 30.48 -0.85 71.47
N ASP B 1387 31.72 -0.54 71.14
CA ASP B 1387 32.09 0.70 70.47
C ASP B 1387 31.59 0.66 69.04
N LEU B 1388 30.45 1.30 68.80
CA LEU B 1388 29.84 1.34 67.49
C LEU B 1388 30.09 2.67 66.80
N VAL B 1389 30.07 2.63 65.47
CA VAL B 1389 30.35 3.80 64.64
C VAL B 1389 29.17 4.00 63.70
N LEU B 1390 28.35 5.00 63.98
CA LEU B 1390 27.33 5.38 63.02
C LEU B 1390 27.96 6.31 62.00
N ASN B 1391 27.62 6.11 60.73
CA ASN B 1391 27.99 7.08 59.70
C ASN B 1391 26.72 7.77 59.25
N VAL B 1392 26.65 9.07 59.53
CA VAL B 1392 25.43 9.82 59.29
C VAL B 1392 25.34 10.22 57.82
N TRP B 1393 24.12 10.45 57.35
CA TRP B 1393 23.89 10.91 55.99
C TRP B 1393 22.88 12.05 56.09
N ASP B 1394 23.39 13.28 56.24
CA ASP B 1394 22.54 14.44 56.42
C ASP B 1394 21.87 14.82 55.11
N PHE B 1395 20.74 14.20 54.80
CA PHE B 1395 20.07 14.43 53.52
C PHE B 1395 19.67 15.90 53.39
N ALA B 1396 19.89 16.46 52.20
CA ALA B 1396 19.49 17.84 51.94
C ALA B 1396 17.98 17.94 51.70
N GLY B 1397 17.38 18.96 52.33
CA GLY B 1397 15.94 19.12 52.25
C GLY B 1397 15.42 19.73 50.96
N ARG B 1398 16.26 20.51 50.26
CA ARG B 1398 15.80 21.26 49.11
C ARG B 1398 15.35 20.31 47.98
N GLU B 1399 14.37 20.77 47.20
CA GLU B 1399 13.66 19.85 46.31
C GLU B 1399 14.52 19.43 45.12
N GLU B 1400 15.37 20.32 44.60
CA GLU B 1400 16.08 20.04 43.36
C GLU B 1400 16.99 18.82 43.43
N PHE B 1401 17.37 18.40 44.64
CA PHE B 1401 18.22 17.23 44.84
C PHE B 1401 17.46 15.92 44.99
N TYR B 1402 16.13 15.96 45.01
CA TYR B 1402 15.33 14.79 45.33
C TYR B 1402 15.51 13.65 44.33
N SER B 1403 16.00 13.94 43.13
CA SER B 1403 16.22 12.90 42.12
C SER B 1403 17.31 11.91 42.51
N THR B 1404 18.32 12.33 43.27
CA THR B 1404 19.44 11.47 43.59
C THR B 1404 19.35 10.79 44.95
N HIS B 1405 18.41 11.21 45.79
CA HIS B 1405 18.31 10.61 47.12
C HIS B 1405 17.94 9.12 47.13
N PRO B 1406 16.96 8.62 46.36
CA PRO B 1406 16.62 7.19 46.45
C PRO B 1406 17.76 6.23 46.11
N HIS B 1407 18.90 6.72 45.64
CA HIS B 1407 20.05 5.85 45.42
C HIS B 1407 20.80 5.57 46.72
N PHE B 1408 20.58 6.39 47.74
CA PHE B 1408 21.33 6.30 49.00
C PHE B 1408 20.40 5.99 50.18
N MET B 1409 19.30 5.30 49.91
CA MET B 1409 18.38 4.84 50.94
C MET B 1409 18.37 3.31 50.90
N THR B 1410 18.97 2.69 51.92
CA THR B 1410 19.12 1.24 51.98
C THR B 1410 18.34 0.69 53.17
N GLN B 1411 18.28 -0.64 53.25
CA GLN B 1411 17.51 -1.29 54.30
C GLN B 1411 18.26 -1.25 55.63
N ARG B 1412 19.52 -1.66 55.63
CA ARG B 1412 20.28 -1.79 56.87
C ARG B 1412 20.67 -0.40 57.39
N ALA B 1413 19.68 0.39 57.80
CA ALA B 1413 19.93 1.75 58.25
C ALA B 1413 18.76 2.25 59.07
N LEU B 1414 19.08 3.13 60.02
CA LEU B 1414 18.08 3.79 60.85
C LEU B 1414 17.86 5.19 60.29
N TYR B 1415 16.66 5.72 60.48
CA TYR B 1415 16.28 7.00 59.94
C TYR B 1415 15.91 7.96 61.06
N LEU B 1416 16.28 9.23 60.89
CA LEU B 1416 15.71 10.32 61.65
C LEU B 1416 14.78 11.11 60.74
N ALA B 1417 13.92 11.92 61.34
CA ALA B 1417 12.98 12.71 60.54
C ALA B 1417 12.61 13.99 61.30
N VAL B 1418 13.24 15.11 60.95
CA VAL B 1418 13.09 16.34 61.73
C VAL B 1418 12.08 17.24 61.03
N TYR B 1419 11.21 17.89 61.82
CA TYR B 1419 10.05 18.52 61.18
C TYR B 1419 9.61 19.86 61.76
N ASP B 1420 10.46 20.58 62.50
CA ASP B 1420 10.27 22.01 62.76
C ASP B 1420 8.91 22.30 63.43
N LEU B 1421 8.81 21.89 64.71
CA LEU B 1421 7.61 22.11 65.54
C LEU B 1421 7.00 23.51 65.44
N SER B 1422 7.80 24.52 65.11
CA SER B 1422 7.37 25.91 65.10
C SER B 1422 6.08 26.10 64.30
N LYS B 1423 6.10 25.69 63.03
CA LYS B 1423 4.89 25.70 62.21
C LYS B 1423 4.07 24.44 62.47
N GLY B 1424 3.57 24.35 63.70
CA GLY B 1424 2.92 23.13 64.15
C GLY B 1424 1.63 22.84 63.43
N GLN B 1425 1.21 21.56 63.52
CA GLN B 1425 -0.05 21.02 63.03
C GLN B 1425 -0.12 20.97 61.51
N ALA B 1426 0.87 21.55 60.84
CA ALA B 1426 0.96 21.48 59.38
C ALA B 1426 2.32 21.04 58.88
N GLU B 1427 3.38 21.20 59.67
CA GLU B 1427 4.68 20.65 59.33
C GLU B 1427 4.71 19.13 59.48
N VAL B 1428 3.81 18.58 60.30
CA VAL B 1428 3.69 17.13 60.39
C VAL B 1428 3.03 16.58 59.14
N ASP B 1429 1.96 17.22 58.68
CA ASP B 1429 1.32 16.82 57.43
C ASP B 1429 2.13 17.22 56.21
N ALA B 1430 3.24 17.94 56.38
CA ALA B 1430 4.14 18.30 55.29
C ALA B 1430 5.29 17.33 55.11
N MET B 1431 5.52 16.42 56.06
CA MET B 1431 6.60 15.45 55.94
C MET B 1431 6.10 14.04 55.67
N LYS B 1432 4.80 13.88 55.44
CA LYS B 1432 4.29 12.59 54.98
C LYS B 1432 4.91 12.10 53.68
N PRO B 1433 5.22 12.94 52.67
CA PRO B 1433 5.97 12.42 51.51
C PRO B 1433 7.30 11.76 51.89
N TRP B 1434 8.08 12.37 52.77
CA TRP B 1434 9.36 11.77 53.18
C TRP B 1434 9.14 10.41 53.83
N LEU B 1435 8.15 10.30 54.72
CA LEU B 1435 7.88 9.05 55.42
C LEU B 1435 7.37 7.98 54.47
N PHE B 1436 6.54 8.38 53.51
CA PHE B 1436 6.07 7.44 52.50
C PHE B 1436 7.23 6.91 51.68
N ASN B 1437 8.26 7.73 51.47
CA ASN B 1437 9.40 7.30 50.67
C ASN B 1437 10.31 6.37 51.48
N ILE B 1438 10.48 6.64 52.77
CA ILE B 1438 11.15 5.70 53.66
C ILE B 1438 10.41 4.36 53.68
N LYS B 1439 9.09 4.40 53.59
CA LYS B 1439 8.29 3.17 53.55
C LYS B 1439 8.53 2.39 52.26
N ALA B 1440 8.61 3.11 51.13
CA ALA B 1440 8.77 2.45 49.84
C ALA B 1440 10.15 1.84 49.69
N ARG B 1441 11.20 2.58 50.05
CA ARG B 1441 12.56 2.11 49.83
C ARG B 1441 12.99 1.10 50.88
N ALA B 1442 12.91 1.46 52.15
CA ALA B 1442 13.34 0.59 53.25
C ALA B 1442 12.13 0.29 54.13
N SER B 1443 11.37 -0.75 53.74
CA SER B 1443 10.08 -1.00 54.35
C SER B 1443 10.16 -1.45 55.80
N SER B 1444 11.30 -2.01 56.23
CA SER B 1444 11.42 -2.56 57.57
C SER B 1444 12.55 -1.90 58.34
N SER B 1445 12.64 -0.57 58.24
CA SER B 1445 13.65 0.17 59.00
C SER B 1445 12.98 1.13 59.98
N PRO B 1446 13.50 1.24 61.19
CA PRO B 1446 12.88 2.12 62.19
C PRO B 1446 12.97 3.59 61.78
N VAL B 1447 12.15 4.40 62.45
CA VAL B 1447 12.10 5.84 62.18
C VAL B 1447 11.92 6.54 63.53
N ILE B 1448 12.81 7.49 63.81
CA ILE B 1448 12.78 8.22 65.07
C ILE B 1448 12.42 9.67 64.81
N LEU B 1449 11.14 9.99 64.90
CA LEU B 1449 10.65 11.35 64.72
C LEU B 1449 11.31 12.31 65.70
N VAL B 1450 11.76 13.45 65.19
CA VAL B 1450 12.42 14.45 66.02
C VAL B 1450 11.78 15.80 65.73
N GLY B 1451 11.31 16.47 66.78
CA GLY B 1451 10.72 17.77 66.59
C GLY B 1451 11.60 18.90 67.07
N THR B 1452 12.18 19.68 66.16
CA THR B 1452 13.11 20.73 66.54
C THR B 1452 12.33 21.98 66.95
N HIS B 1453 13.05 23.10 67.14
CA HIS B 1453 12.44 24.42 67.39
C HIS B 1453 11.49 24.45 68.59
N LEU B 1454 11.77 23.66 69.63
CA LEU B 1454 10.92 23.69 70.82
C LEU B 1454 10.98 25.02 71.56
N ASP B 1455 12.03 25.82 71.37
CA ASP B 1455 12.10 27.13 72.02
C ASP B 1455 10.94 28.02 71.60
N VAL B 1456 10.77 28.21 70.30
CA VAL B 1456 9.62 28.95 69.78
C VAL B 1456 8.39 28.06 69.82
N SER B 1457 7.34 28.53 70.50
CA SER B 1457 6.11 27.77 70.78
C SER B 1457 6.41 26.46 71.50
N LYS B 1463 2.98 24.98 70.67
CA LYS B 1463 2.33 24.14 69.68
C LYS B 1463 2.76 22.68 69.82
N ALA B 1464 3.19 22.31 71.02
CA ALA B 1464 3.63 20.95 71.33
C ALA B 1464 2.51 19.91 71.26
N CYS B 1465 1.27 20.32 70.98
CA CYS B 1465 0.16 19.40 70.78
C CYS B 1465 0.12 18.80 69.37
N MET B 1466 1.20 18.94 68.61
CA MET B 1466 1.38 18.15 67.40
C MET B 1466 1.53 16.65 67.66
N SER B 1467 1.76 16.25 68.92
CA SER B 1467 1.74 14.83 69.25
C SER B 1467 0.37 14.19 69.03
N LYS B 1468 -0.70 14.99 68.97
CA LYS B 1468 -2.02 14.45 68.68
C LYS B 1468 -2.09 13.84 67.28
N ILE B 1469 -1.75 14.61 66.26
CA ILE B 1469 -1.78 14.10 64.89
C ILE B 1469 -0.72 13.03 64.68
N THR B 1470 0.43 13.15 65.35
CA THR B 1470 1.45 12.11 65.30
C THR B 1470 0.94 10.79 65.86
N LYS B 1471 0.12 10.84 66.91
CA LYS B 1471 -0.36 9.63 67.56
C LYS B 1471 -1.66 9.10 66.98
N GLU B 1472 -2.29 9.84 66.07
CA GLU B 1472 -3.53 9.41 65.45
C GLU B 1472 -3.37 9.04 63.98
N LEU B 1473 -2.80 9.94 63.17
CA LEU B 1473 -2.76 9.74 61.74
C LEU B 1473 -1.43 9.19 61.23
N LEU B 1474 -0.35 9.39 61.99
CA LEU B 1474 1.00 9.09 61.53
C LEU B 1474 1.56 7.79 62.10
N ASN B 1475 0.73 6.93 62.66
CA ASN B 1475 1.25 5.80 63.42
C ASN B 1475 1.37 4.52 62.59
N LYS B 1476 0.28 4.10 61.95
CA LYS B 1476 0.26 2.79 61.30
C LYS B 1476 -0.38 2.80 59.92
N ARG B 1477 -0.89 3.93 59.45
CA ARG B 1477 -1.66 3.97 58.21
C ARG B 1477 -0.72 4.16 57.02
N GLY B 1478 -0.10 3.06 56.61
CA GLY B 1478 0.81 3.11 55.47
C GLY B 1478 2.06 3.94 55.69
N PHE B 1479 2.85 3.60 56.71
CA PHE B 1479 3.97 4.43 57.11
C PHE B 1479 5.04 3.51 57.69
N PRO B 1480 6.32 3.95 57.71
CA PRO B 1480 7.41 2.99 57.97
C PRO B 1480 7.75 2.76 59.44
N ALA B 1481 6.75 2.33 60.21
CA ALA B 1481 6.91 1.72 61.53
C ALA B 1481 7.69 2.64 62.48
N ILE B 1482 7.01 3.70 62.91
CA ILE B 1482 7.65 4.69 63.76
C ILE B 1482 7.82 4.11 65.16
N ARG B 1483 8.98 4.35 65.77
CA ARG B 1483 9.33 3.69 67.02
C ARG B 1483 9.71 4.65 68.14
N ASP B 1484 9.73 5.96 67.90
CA ASP B 1484 9.86 6.97 68.93
C ASP B 1484 9.66 8.35 68.31
N TYR B 1485 9.37 9.32 69.17
CA TYR B 1485 9.02 10.66 68.74
C TYR B 1485 9.43 11.59 69.86
N HIS B 1486 10.27 12.58 69.56
CA HIS B 1486 10.82 13.44 70.60
C HIS B 1486 10.61 14.90 70.21
N PHE B 1487 10.39 15.72 71.23
CA PHE B 1487 10.33 17.17 71.09
C PHE B 1487 11.62 17.79 71.63
N VAL B 1488 12.60 17.94 70.77
CA VAL B 1488 13.95 18.30 71.22
C VAL B 1488 14.22 19.76 70.83
N ASN B 1489 15.16 20.37 71.54
CA ASN B 1489 15.73 21.64 71.13
C ASN B 1489 17.05 21.37 70.41
N ALA B 1490 17.55 22.38 69.71
CA ALA B 1490 18.90 22.35 69.16
C ALA B 1490 19.73 23.49 69.75
N THR B 1491 20.94 23.65 69.22
CA THR B 1491 21.89 24.73 69.54
C THR B 1491 22.35 24.72 70.99
N GLU B 1492 21.95 23.72 71.77
CA GLU B 1492 22.33 23.59 73.17
C GLU B 1492 21.97 22.19 73.65
N GLU B 1493 22.88 21.58 74.40
CA GLU B 1493 22.65 20.23 74.91
C GLU B 1493 21.87 20.33 76.23
N SER B 1494 20.95 19.40 76.41
CA SER B 1494 20.10 19.37 77.60
C SER B 1494 19.63 17.93 77.82
N ASP B 1495 18.69 17.78 78.75
CA ASP B 1495 18.10 16.46 79.01
C ASP B 1495 17.28 15.96 77.84
N ALA B 1496 16.77 16.87 77.00
CA ALA B 1496 16.04 16.45 75.81
C ALA B 1496 16.97 15.77 74.81
N LEU B 1497 18.03 16.47 74.41
CA LEU B 1497 19.00 15.88 73.49
C LEU B 1497 19.68 14.65 74.08
N ALA B 1498 19.91 14.64 75.40
CA ALA B 1498 20.49 13.47 76.05
C ALA B 1498 19.60 12.25 75.90
N LYS B 1499 18.29 12.42 76.14
CA LYS B 1499 17.36 11.30 75.97
C LYS B 1499 17.26 10.89 74.51
N LEU B 1500 17.32 11.87 73.61
CA LEU B 1500 17.25 11.59 72.17
C LEU B 1500 18.47 10.80 71.71
N ARG B 1501 19.66 11.19 72.18
CA ARG B 1501 20.88 10.48 71.81
C ARG B 1501 20.89 9.06 72.34
N LYS B 1502 20.48 8.88 73.60
CA LYS B 1502 20.41 7.54 74.16
C LYS B 1502 19.37 6.67 73.45
N THR B 1503 18.29 7.28 72.96
CA THR B 1503 17.28 6.51 72.24
C THR B 1503 17.78 6.07 70.88
N ILE B 1504 18.52 6.93 70.18
CA ILE B 1504 19.15 6.55 68.92
C ILE B 1504 20.10 5.38 69.13
N ILE B 1505 20.92 5.43 70.19
CA ILE B 1505 21.86 4.36 70.48
C ILE B 1505 21.12 3.04 70.73
N ASN B 1506 20.21 3.04 71.70
CA ASN B 1506 19.44 1.84 72.05
C ASN B 1506 18.70 1.27 70.84
N GLU B 1507 17.86 2.10 70.20
CA GLU B 1507 17.07 1.64 69.06
C GLU B 1507 17.93 1.16 67.89
N SER B 1508 19.20 1.59 67.83
CA SER B 1508 20.11 1.06 66.84
C SER B 1508 20.50 -0.38 67.16
N LEU B 1509 20.98 -0.62 68.38
CA LEU B 1509 21.51 -1.94 68.75
C LEU B 1509 20.46 -3.03 68.60
N ASN B 1510 19.21 -2.71 68.89
CA ASN B 1510 18.11 -3.69 68.83
C ASN B 1510 17.38 -3.59 67.49
N PHE B 1511 18.14 -3.80 66.42
CA PHE B 1511 17.57 -3.65 65.08
C PHE B 1511 16.81 -4.92 64.66
N LYS B 1512 17.54 -6.03 64.50
CA LYS B 1512 16.98 -7.38 64.36
C LYS B 1512 16.00 -7.48 63.19
N ILE B 1513 16.53 -7.32 61.98
CA ILE B 1513 15.76 -7.65 60.79
C ILE B 1513 15.63 -9.18 60.69
N ARG B 1514 14.43 -9.68 60.97
CA ARG B 1514 14.14 -11.12 61.02
C ARG B 1514 15.07 -11.85 61.99
N ASP B 1515 15.29 -11.23 63.16
CA ASP B 1515 16.16 -11.75 64.21
C ASP B 1515 17.58 -12.00 63.70
N GLN B 1516 18.24 -10.91 63.32
CA GLN B 1516 19.59 -10.98 62.79
C GLN B 1516 20.61 -10.19 63.60
N LEU B 1517 20.19 -9.13 64.29
CA LEU B 1517 21.06 -8.27 65.11
C LEU B 1517 22.20 -7.69 64.29
N VAL B 1518 21.82 -6.80 63.36
CA VAL B 1518 22.73 -6.22 62.37
C VAL B 1518 23.99 -5.68 63.04
N VAL B 1519 23.84 -5.10 64.22
CA VAL B 1519 24.93 -4.37 64.86
C VAL B 1519 26.04 -5.31 65.33
N GLY B 1520 25.78 -6.61 65.41
CA GLY B 1520 26.79 -7.49 65.96
C GLY B 1520 27.03 -8.75 65.15
N GLN B 1521 26.79 -8.69 63.84
CA GLN B 1521 27.01 -9.86 63.00
C GLN B 1521 28.50 -10.10 62.79
N LEU B 1522 28.81 -11.24 62.17
CA LEU B 1522 30.19 -11.67 61.98
C LEU B 1522 30.60 -11.48 60.53
N ILE B 1523 31.88 -11.21 60.32
CA ILE B 1523 32.43 -10.97 58.98
C ILE B 1523 33.83 -11.58 58.92
N PRO B 1524 34.30 -11.91 57.71
CA PRO B 1524 35.70 -12.32 57.57
C PRO B 1524 36.64 -11.19 57.98
N ASP B 1525 37.69 -11.56 58.72
CA ASP B 1525 38.62 -10.57 59.26
C ASP B 1525 39.27 -9.74 58.15
N CYS B 1526 39.43 -10.33 56.95
CA CYS B 1526 40.02 -9.59 55.84
C CYS B 1526 39.18 -8.39 55.45
N TYR B 1527 37.87 -8.45 55.66
CA TYR B 1527 37.00 -7.32 55.32
C TYR B 1527 37.31 -6.11 56.18
N VAL B 1528 37.42 -6.30 57.50
CA VAL B 1528 37.70 -5.17 58.38
C VAL B 1528 39.12 -4.69 58.18
N GLU B 1529 40.04 -5.58 57.80
CA GLU B 1529 41.40 -5.16 57.47
C GLU B 1529 41.41 -4.29 56.24
N LEU B 1530 40.64 -4.68 55.21
CA LEU B 1530 40.51 -3.87 54.00
C LEU B 1530 39.91 -2.51 54.31
N GLU B 1531 38.96 -2.46 55.23
CA GLU B 1531 38.33 -1.18 55.59
C GLU B 1531 39.33 -0.24 56.26
N LYS B 1532 40.20 -0.78 57.12
CA LYS B 1532 41.20 0.04 57.80
C LYS B 1532 42.23 0.61 56.81
N ILE B 1533 42.64 -0.17 55.81
CA ILE B 1533 43.62 0.35 54.86
C ILE B 1533 42.99 1.41 53.96
N ILE B 1534 41.68 1.31 53.69
CA ILE B 1534 41.00 2.36 52.94
C ILE B 1534 40.93 3.64 53.75
N LEU B 1535 40.62 3.52 55.05
CA LEU B 1535 40.56 4.68 55.93
C LEU B 1535 41.92 5.40 56.00
N SER B 1536 43.01 4.64 55.98
CA SER B 1536 44.32 5.27 55.97
C SER B 1536 44.60 5.92 54.61
N GLU B 1537 44.13 5.29 53.54
CA GLU B 1537 44.28 5.85 52.19
C GLU B 1537 43.45 7.11 52.00
N ARG B 1538 42.44 7.33 52.86
CA ARG B 1538 41.65 8.56 52.80
C ARG B 1538 42.52 9.79 53.02
N LYS B 1539 43.56 9.68 53.84
CA LYS B 1539 44.41 10.83 54.13
C LYS B 1539 45.45 11.06 53.02
N ASN B 1540 46.02 9.98 52.48
CA ASN B 1540 47.08 10.07 51.48
C ASN B 1540 46.49 9.95 50.07
N VAL B 1541 45.85 11.03 49.63
CA VAL B 1541 45.21 11.09 48.32
C VAL B 1541 44.92 12.55 48.03
N PRO B 1542 45.08 13.03 46.78
CA PRO B 1542 44.83 14.45 46.48
C PRO B 1542 43.42 14.88 46.85
N ILE B 1543 43.33 16.06 47.48
CA ILE B 1543 42.03 16.57 47.91
C ILE B 1543 41.18 16.98 46.71
N GLU B 1544 41.81 17.47 45.63
CA GLU B 1544 41.05 17.88 44.46
C GLU B 1544 40.40 16.69 43.75
N PHE B 1545 40.95 15.49 43.93
CA PHE B 1545 40.40 14.28 43.31
C PHE B 1545 40.71 13.11 44.24
N PRO B 1546 39.74 12.69 45.05
CA PRO B 1546 40.00 11.60 46.01
C PRO B 1546 39.85 10.20 45.41
N VAL B 1547 39.45 10.11 44.14
CA VAL B 1547 39.23 8.81 43.52
C VAL B 1547 40.52 8.01 43.45
N ILE B 1548 40.40 6.69 43.58
CA ILE B 1548 41.54 5.78 43.56
C ILE B 1548 41.31 4.81 42.40
N ASP B 1549 42.40 4.24 41.89
CA ASP B 1549 42.38 3.37 40.73
C ASP B 1549 42.43 1.91 41.18
N ARG B 1550 41.73 1.05 40.43
CA ARG B 1550 41.73 -0.39 40.71
C ARG B 1550 43.16 -0.95 40.75
N LYS B 1551 44.03 -0.47 39.87
CA LYS B 1551 45.43 -0.86 39.91
C LYS B 1551 46.08 -0.36 41.20
N ARG B 1552 45.73 0.85 41.63
CA ARG B 1552 46.26 1.38 42.89
C ARG B 1552 45.77 0.57 44.07
N LEU B 1553 44.52 0.10 44.01
CA LEU B 1553 43.99 -0.77 45.06
C LEU B 1553 44.72 -2.10 45.09
N LEU B 1554 44.91 -2.71 43.91
CA LEU B 1554 45.66 -3.97 43.83
C LEU B 1554 47.07 -3.80 44.38
N GLN B 1555 47.71 -2.67 44.06
CA GLN B 1555 49.05 -2.40 44.60
C GLN B 1555 49.00 -2.26 46.11
N LEU B 1556 47.92 -1.68 46.64
CA LEU B 1556 47.80 -1.46 48.08
C LEU B 1556 47.54 -2.76 48.82
N VAL B 1557 46.65 -3.62 48.31
CA VAL B 1557 46.34 -4.88 48.99
C VAL B 1557 47.55 -5.81 48.93
N ARG B 1558 48.36 -5.71 47.88
CA ARG B 1558 49.57 -6.51 47.81
C ARG B 1558 50.69 -5.96 48.70
N GLU B 1559 50.80 -4.63 48.78
CA GLU B 1559 51.84 -4.00 49.58
C GLU B 1559 51.76 -4.34 51.06
N ASN B 1560 50.58 -4.70 51.56
CA ASN B 1560 50.44 -5.19 52.93
C ASN B 1560 50.08 -6.67 52.91
N GLN B 1561 49.92 -7.24 54.10
CA GLN B 1561 49.79 -8.69 54.28
C GLN B 1561 48.38 -9.19 54.06
N LEU B 1562 47.46 -8.36 53.54
CA LEU B 1562 46.08 -8.74 53.30
C LEU B 1562 46.00 -9.92 52.32
N GLN B 1563 45.51 -11.06 52.80
CA GLN B 1563 45.51 -12.30 52.03
C GLN B 1563 44.28 -12.43 51.13
N LEU B 1564 43.66 -11.31 50.75
CA LEU B 1564 42.49 -11.35 49.89
C LEU B 1564 42.89 -11.65 48.45
N ASP B 1565 42.37 -12.75 47.92
CA ASP B 1565 42.65 -13.15 46.55
C ASP B 1565 41.98 -12.18 45.57
N GLU B 1566 42.43 -12.25 44.31
CA GLU B 1566 41.87 -11.38 43.28
C GLU B 1566 40.38 -11.68 43.05
N ASN B 1567 40.03 -12.97 43.08
CA ASN B 1567 38.64 -13.37 42.89
C ASN B 1567 37.75 -13.04 44.09
N GLU B 1568 38.34 -12.68 45.23
CA GLU B 1568 37.56 -12.32 46.41
C GLU B 1568 37.24 -10.84 46.48
N LEU B 1569 38.03 -9.99 45.81
CA LEU B 1569 37.85 -8.54 45.89
C LEU B 1569 36.44 -8.04 45.56
N PRO B 1570 35.72 -8.55 44.53
CA PRO B 1570 34.36 -8.04 44.28
C PRO B 1570 33.43 -8.15 45.48
N HIS B 1571 33.42 -9.31 46.15
CA HIS B 1571 32.56 -9.50 47.31
C HIS B 1571 32.92 -8.54 48.42
N ALA B 1572 34.22 -8.40 48.71
CA ALA B 1572 34.68 -7.52 49.78
C ALA B 1572 34.32 -6.07 49.50
N VAL B 1573 34.66 -5.58 48.30
CA VAL B 1573 34.42 -4.18 47.98
C VAL B 1573 32.93 -3.86 47.92
N HIS B 1574 32.09 -4.83 47.53
CA HIS B 1574 30.65 -4.59 47.53
C HIS B 1574 30.10 -4.53 48.95
N PHE B 1575 30.66 -5.32 49.87
CA PHE B 1575 30.20 -5.27 51.26
C PHE B 1575 30.58 -3.94 51.92
N LEU B 1576 31.80 -3.46 51.69
CA LEU B 1576 32.18 -2.14 52.20
C LEU B 1576 31.32 -1.05 51.59
N ASN B 1577 30.85 -1.25 50.34
CA ASN B 1577 29.90 -0.34 49.74
C ASN B 1577 28.60 -0.28 50.51
N GLU B 1578 28.07 -1.44 50.91
CA GLU B 1578 26.82 -1.48 51.65
C GLU B 1578 26.92 -0.77 53.00
N SER B 1579 28.10 -0.77 53.61
CA SER B 1579 28.31 -0.10 54.89
C SER B 1579 28.61 1.37 54.76
N GLY B 1580 28.71 1.90 53.54
CA GLY B 1580 28.95 3.32 53.35
C GLY B 1580 30.36 3.77 53.66
N VAL B 1581 31.36 2.92 53.40
CA VAL B 1581 32.75 3.30 53.58
C VAL B 1581 33.25 3.91 52.28
N LEU B 1582 33.19 3.13 51.20
CA LEU B 1582 33.53 3.58 49.87
C LEU B 1582 32.37 3.22 48.93
N LEU B 1583 32.21 4.00 47.86
CA LEU B 1583 31.21 3.72 46.85
C LEU B 1583 31.89 3.17 45.61
N HIS B 1584 31.23 2.23 44.93
CA HIS B 1584 31.71 1.72 43.67
C HIS B 1584 30.55 1.12 42.89
N PHE B 1585 30.74 1.03 41.58
CA PHE B 1585 29.71 0.56 40.65
C PHE B 1585 30.34 -0.48 39.73
N GLN B 1586 30.22 -1.76 40.12
CA GLN B 1586 30.82 -2.87 39.38
C GLN B 1586 30.14 -3.14 38.04
N ASP B 1587 29.07 -2.42 37.71
CA ASP B 1587 28.37 -2.63 36.45
C ASP B 1587 29.28 -2.34 35.27
N PRO B 1588 29.39 -3.25 34.29
CA PRO B 1588 30.27 -3.00 33.15
C PRO B 1588 29.69 -2.07 32.10
N ALA B 1589 28.39 -1.76 32.18
CA ALA B 1589 27.78 -0.76 31.29
C ALA B 1589 28.46 0.60 31.45
N LEU B 1590 29.00 0.89 32.62
CA LEU B 1590 29.78 2.08 32.87
C LEU B 1590 31.27 1.76 32.77
N GLN B 1591 32.07 2.79 32.49
CA GLN B 1591 33.52 2.67 32.46
C GLN B 1591 34.17 3.08 33.78
N LEU B 1592 33.45 2.91 34.88
CA LEU B 1592 33.90 3.35 36.19
C LEU B 1592 34.47 2.23 37.05
N SER B 1593 34.31 0.96 36.66
CA SER B 1593 34.69 -0.16 37.50
C SER B 1593 36.19 -0.23 37.78
N ASP B 1594 37.01 0.58 37.09
CA ASP B 1594 38.42 0.71 37.43
C ASP B 1594 38.66 1.77 38.49
N LEU B 1595 37.66 2.61 38.79
CA LEU B 1595 37.78 3.66 39.78
C LEU B 1595 36.86 3.35 40.97
N TYR B 1596 37.43 3.34 42.16
CA TYR B 1596 36.71 3.00 43.38
C TYR B 1596 36.62 4.25 44.26
N PHE B 1597 35.44 4.86 44.29
CA PHE B 1597 35.24 6.12 44.98
C PHE B 1597 35.44 5.93 46.48
N VAL B 1598 36.57 6.42 46.98
CA VAL B 1598 36.80 6.55 48.42
C VAL B 1598 36.35 7.94 48.82
N GLU B 1599 35.99 8.12 50.11
CA GLU B 1599 35.50 9.38 50.66
C GLU B 1599 34.27 9.82 49.88
N PRO B 1600 33.13 9.15 50.09
CA PRO B 1600 31.98 9.36 49.19
C PRO B 1600 31.36 10.73 49.28
N LYS B 1601 31.52 11.45 50.40
CA LYS B 1601 30.91 12.77 50.54
C LYS B 1601 31.38 13.73 49.45
N TRP B 1602 32.62 13.56 48.96
CA TRP B 1602 33.10 14.40 47.87
C TRP B 1602 32.36 14.12 46.56
N LEU B 1603 32.14 12.85 46.25
CA LEU B 1603 31.41 12.49 45.03
C LEU B 1603 30.01 13.08 45.05
N CYS B 1604 29.31 12.92 46.17
CA CYS B 1604 27.93 13.36 46.28
C CYS B 1604 27.81 14.88 46.19
N LYS B 1605 28.71 15.61 46.87
CA LYS B 1605 28.69 17.07 46.80
C LYS B 1605 28.96 17.55 45.37
N ILE B 1606 29.96 16.96 44.71
CA ILE B 1606 30.33 17.37 43.36
C ILE B 1606 29.17 17.12 42.40
N MET B 1607 28.50 15.96 42.54
CA MET B 1607 27.38 15.63 41.66
C MET B 1607 26.20 16.57 41.86
N ALA B 1608 25.92 16.98 43.09
CA ALA B 1608 24.84 17.92 43.32
C ALA B 1608 25.22 19.36 43.02
N GLN B 1609 26.46 19.62 42.60
CA GLN B 1609 26.87 20.99 42.31
C GLN B 1609 26.08 21.59 41.16
N ILE B 1610 25.81 20.80 40.12
CA ILE B 1610 25.22 21.38 38.91
C ILE B 1610 23.73 21.63 39.07
N LEU B 1611 23.11 21.04 40.08
CA LEU B 1611 21.68 21.24 40.28
C LEU B 1611 21.35 22.57 40.93
N THR B 1612 22.36 23.32 41.41
CA THR B 1612 22.15 24.68 41.89
C THR B 1612 22.51 25.74 40.86
N VAL B 1613 23.24 25.38 39.81
CA VAL B 1613 23.59 26.34 38.76
C VAL B 1613 22.64 26.21 37.57
N PRO B 1642 40.00 17.53 36.31
CA PRO B 1642 40.14 16.21 35.72
C PRO B 1642 39.55 16.12 34.31
N LYS B 1643 40.20 16.76 33.34
CA LYS B 1643 39.75 16.77 31.95
C LYS B 1643 39.84 15.41 31.28
N ASN B 1644 40.35 14.38 31.96
CA ASN B 1644 40.44 13.06 31.36
C ASN B 1644 39.10 12.33 31.48
N TYR B 1645 38.46 12.43 32.65
CA TYR B 1645 37.28 11.65 32.98
C TYR B 1645 35.98 12.37 32.65
N MET B 1646 35.99 13.28 31.68
CA MET B 1646 34.79 14.00 31.28
C MET B 1646 33.69 13.06 30.81
N THR B 1647 34.04 12.06 30.00
CA THR B 1647 33.04 11.13 29.50
C THR B 1647 32.49 10.25 30.63
N GLN B 1648 33.37 9.76 31.50
CA GLN B 1648 32.91 9.00 32.67
C GLN B 1648 32.08 9.87 33.60
N TYR B 1649 32.45 11.15 33.74
CA TYR B 1649 31.66 12.11 34.51
C TYR B 1649 30.22 12.14 34.02
N PHE B 1650 30.04 12.24 32.70
CA PHE B 1650 28.71 12.32 32.11
C PHE B 1650 27.96 11.01 32.25
N LYS B 1651 28.66 9.88 32.15
CA LYS B 1651 28.03 8.57 32.28
C LYS B 1651 27.40 8.40 33.66
N LEU B 1652 28.17 8.68 34.71
CA LEU B 1652 27.64 8.56 36.06
C LEU B 1652 26.69 9.70 36.40
N LEU B 1653 26.76 10.82 35.66
CA LEU B 1653 25.76 11.86 35.78
C LEU B 1653 24.40 11.33 35.34
N GLU B 1654 24.35 10.56 34.26
CA GLU B 1654 23.11 9.90 33.87
C GLU B 1654 22.74 8.81 34.89
N LYS B 1655 23.73 8.16 35.49
CA LYS B 1655 23.44 7.12 36.48
C LYS B 1655 22.80 7.70 37.73
N PHE B 1656 23.08 8.96 38.04
CA PHE B 1656 22.44 9.68 39.13
C PHE B 1656 21.15 10.37 38.67
N GLN B 1657 20.78 10.17 37.41
CA GLN B 1657 19.63 10.81 36.76
C GLN B 1657 19.76 12.34 36.76
N ILE B 1658 20.85 12.80 36.17
CA ILE B 1658 21.08 14.23 35.95
C ILE B 1658 21.19 14.57 34.47
N ALA B 1659 21.32 13.56 33.60
CA ALA B 1659 21.42 13.78 32.17
C ALA B 1659 20.89 12.58 31.40
N LEU B 1668 20.06 17.14 28.91
CA LEU B 1668 18.69 17.10 29.39
C LEU B 1668 18.67 16.78 30.89
N VAL B 1669 18.33 17.78 31.69
CA VAL B 1669 18.25 17.65 33.14
C VAL B 1669 16.80 17.31 33.50
N PRO B 1670 16.49 16.08 33.93
CA PRO B 1670 15.10 15.73 34.22
C PRO B 1670 14.43 16.58 35.29
N SER B 1671 15.19 17.18 36.20
CA SER B 1671 14.62 18.18 37.09
C SER B 1671 14.65 19.54 36.45
N SER B 1672 13.84 20.45 36.98
CA SER B 1672 13.63 21.79 36.43
C SER B 1672 13.14 21.70 34.98
N LEU B 1673 11.95 21.12 34.83
CA LEU B 1673 11.30 20.97 33.54
C LEU B 1673 9.94 21.65 33.53
N SER B 1674 9.84 22.78 34.23
CA SER B 1674 8.77 23.78 34.14
C SER B 1674 7.46 23.33 34.76
N ASP B 1675 7.35 22.04 35.11
CA ASP B 1675 6.31 21.53 36.02
C ASP B 1675 4.88 21.78 35.51
N HIS B 1676 4.72 22.37 34.34
CA HIS B 1676 3.44 22.82 33.82
C HIS B 1676 3.06 22.02 32.60
N ARG B 1677 1.97 21.26 32.71
CA ARG B 1677 1.45 20.50 31.59
C ARG B 1677 1.12 21.44 30.43
N PRO B 1678 1.66 21.19 29.24
CA PRO B 1678 1.25 21.97 28.07
C PRO B 1678 -0.02 21.40 27.46
N VAL B 1679 -0.89 22.32 27.01
CA VAL B 1679 -2.17 21.93 26.44
C VAL B 1679 -1.96 20.95 25.30
N ILE B 1680 -2.71 19.85 25.32
CA ILE B 1680 -2.59 18.81 24.30
C ILE B 1680 -4.00 18.42 23.86
N GLU B 1681 -4.35 18.74 22.62
CA GLU B 1681 -5.63 18.36 22.05
C GLU B 1681 -5.36 17.08 21.27
N LEU B 1682 -5.69 15.94 21.89
CA LEU B 1682 -5.43 14.66 21.27
C LEU B 1682 -6.29 14.48 20.02
N PRO B 1683 -5.84 13.67 19.05
CA PRO B 1683 -6.64 13.46 17.85
C PRO B 1683 -7.93 12.70 18.11
N HIS B 1684 -7.96 11.79 19.08
CA HIS B 1684 -9.09 10.87 19.26
C HIS B 1684 -9.81 11.12 20.57
N CYS B 1685 -11.02 11.66 20.48
CA CYS B 1685 -11.98 11.62 21.57
C CYS B 1685 -12.74 10.30 21.42
N GLU B 1686 -13.92 10.18 22.04
CA GLU B 1686 -14.78 8.98 21.94
C GLU B 1686 -14.22 7.87 22.82
N ASN B 1687 -15.02 7.42 23.78
CA ASN B 1687 -14.54 6.47 24.77
C ASN B 1687 -14.26 5.08 24.19
N SER B 1688 -14.65 4.83 22.94
CA SER B 1688 -14.54 3.51 22.35
C SER B 1688 -13.38 3.45 21.37
N GLU B 1689 -12.45 4.41 21.47
CA GLU B 1689 -11.33 4.51 20.54
C GLU B 1689 -10.02 4.78 21.27
N ILE B 1690 -10.01 4.77 22.59
CA ILE B 1690 -8.81 4.97 23.40
C ILE B 1690 -8.84 3.99 24.55
N ILE B 1691 -7.67 3.69 25.09
CA ILE B 1691 -7.51 2.77 26.21
C ILE B 1691 -6.81 3.52 27.33
N ILE B 1692 -7.44 3.58 28.49
CA ILE B 1692 -6.90 4.28 29.65
C ILE B 1692 -6.49 3.27 30.70
N ARG B 1693 -5.42 3.57 31.42
CA ARG B 1693 -5.06 2.82 32.61
C ARG B 1693 -4.50 3.79 33.64
N LEU B 1694 -4.98 3.70 34.86
CA LEU B 1694 -4.49 4.55 35.94
C LEU B 1694 -3.51 3.76 36.81
N TYR B 1695 -2.87 4.48 37.74
CA TYR B 1695 -1.95 3.89 38.71
C TYR B 1695 -2.03 4.78 39.94
N GLU B 1696 -2.71 4.30 40.98
CA GLU B 1696 -2.98 5.12 42.14
C GLU B 1696 -1.96 4.83 43.23
N MET B 1697 -1.49 5.88 43.88
CA MET B 1697 -0.56 5.79 44.99
C MET B 1697 -0.66 7.07 45.79
N PRO B 1698 -0.38 7.04 47.10
CA PRO B 1698 -0.56 8.25 47.91
C PRO B 1698 0.31 9.42 47.47
N TYR B 1699 1.56 9.17 47.10
CA TYR B 1699 2.40 10.19 46.50
C TYR B 1699 3.30 9.53 45.47
N PHE B 1700 3.81 10.33 44.55
CA PHE B 1700 4.86 9.85 43.67
C PHE B 1700 6.16 9.72 44.46
N PRO B 1701 6.87 8.60 44.35
CA PRO B 1701 8.19 8.50 45.00
C PRO B 1701 9.14 9.59 44.51
N MET B 1702 10.26 9.72 45.22
CA MET B 1702 11.14 10.88 45.04
C MET B 1702 11.61 11.02 43.60
N GLY B 1703 12.38 10.05 43.12
CA GLY B 1703 12.93 10.14 41.80
C GLY B 1703 12.14 9.33 40.79
N PHE B 1704 10.84 9.16 41.05
CA PHE B 1704 10.03 8.25 40.25
C PHE B 1704 10.00 8.70 38.79
N TRP B 1705 9.55 9.94 38.56
CA TRP B 1705 9.31 10.40 37.20
C TRP B 1705 10.60 10.51 36.40
N SER B 1706 11.72 10.85 37.07
CA SER B 1706 13.00 10.93 36.39
C SER B 1706 13.44 9.57 35.83
N ARG B 1707 13.45 8.54 36.68
CA ARG B 1707 13.83 7.20 36.22
C ARG B 1707 12.88 6.70 35.15
N LEU B 1708 11.59 7.03 35.27
CA LEU B 1708 10.62 6.56 34.28
C LEU B 1708 10.87 7.19 32.92
N ILE B 1709 11.01 8.53 32.88
CA ILE B 1709 11.32 9.23 31.64
C ILE B 1709 12.58 8.65 31.01
N ASN B 1710 13.62 8.45 31.82
CA ASN B 1710 14.86 7.86 31.33
C ASN B 1710 14.64 6.46 30.78
N ARG B 1711 13.77 5.69 31.45
CA ARG B 1711 13.54 4.31 31.04
C ARG B 1711 12.72 4.27 29.76
N LEU B 1712 11.77 5.19 29.62
CA LEU B 1712 10.89 5.24 28.47
C LEU B 1712 11.53 5.96 27.28
N LEU B 1713 12.81 6.30 27.38
CA LEU B 1713 13.46 7.14 26.37
C LEU B 1713 13.63 6.30 25.12
N GLU B 1714 12.64 6.32 24.22
CA GLU B 1714 12.68 5.65 22.91
C GLU B 1714 12.87 4.14 23.01
N ILE B 1715 12.83 3.57 24.22
CA ILE B 1715 12.93 2.14 24.43
C ILE B 1715 11.59 1.42 24.32
N SER B 1716 10.54 2.15 23.92
CA SER B 1716 9.21 1.56 23.72
C SER B 1716 8.70 1.95 22.34
N PRO B 1717 9.17 1.29 21.28
CA PRO B 1717 8.68 1.61 19.94
C PRO B 1717 7.48 0.77 19.53
N TYR B 1718 6.56 1.40 18.80
CA TYR B 1718 5.40 0.69 18.27
C TYR B 1718 5.83 -0.46 17.36
N MET B 1719 6.73 -0.17 16.41
CA MET B 1719 7.28 -1.18 15.54
C MET B 1719 8.51 -1.84 16.17
N LEU B 1720 9.03 -2.85 15.49
CA LEU B 1720 10.21 -3.56 15.96
C LEU B 1720 11.47 -3.07 15.25
N ALA B 1726 14.64 2.22 14.05
CA ALA B 1726 13.60 2.41 13.04
C ALA B 1726 13.22 3.88 12.94
N LEU B 1727 12.01 4.22 13.39
CA LEU B 1727 11.49 5.57 13.34
C LEU B 1727 11.60 6.21 14.71
N ARG B 1728 12.10 7.44 14.76
CA ARG B 1728 12.10 8.20 16.00
C ARG B 1728 10.79 8.96 16.14
N PRO B 1729 10.12 8.89 17.28
CA PRO B 1729 8.85 9.60 17.46
C PRO B 1729 9.03 10.98 18.04
N ASN B 1730 8.00 11.80 17.81
CA ASN B 1730 7.90 13.10 18.46
C ASN B 1730 7.75 12.92 19.97
N ARG B 1731 8.37 13.83 20.73
CA ARG B 1731 8.35 13.75 22.18
C ARG B 1731 8.20 15.15 22.76
N MET B 1732 7.32 15.29 23.74
CA MET B 1732 7.02 16.57 24.39
C MET B 1732 7.09 16.32 25.90
N TYR B 1733 8.29 16.43 26.46
CA TYR B 1733 8.50 16.18 27.87
C TYR B 1733 8.06 17.36 28.73
N TRP B 1734 7.61 17.04 29.94
CA TRP B 1734 7.60 17.97 31.06
C TRP B 1734 8.04 17.20 32.30
N ARG B 1735 7.88 17.80 33.47
CA ARG B 1735 8.41 17.20 34.70
C ARG B 1735 7.72 15.89 35.06
N GLN B 1736 6.51 15.66 34.56
CA GLN B 1736 5.69 14.51 34.93
C GLN B 1736 5.02 13.90 33.71
N GLY B 1737 5.75 13.70 32.62
CA GLY B 1737 5.15 13.07 31.45
C GLY B 1737 6.16 12.96 30.34
N ILE B 1738 5.80 12.16 29.33
CA ILE B 1738 6.67 11.98 28.17
C ILE B 1738 5.96 12.26 26.85
N TYR B 1739 4.84 11.59 26.58
CA TYR B 1739 4.05 11.75 25.36
C TYR B 1739 4.90 11.49 24.10
N LEU B 1740 5.27 10.23 23.91
CA LEU B 1740 5.73 9.80 22.60
C LEU B 1740 4.57 9.80 21.62
N ASN B 1741 4.85 10.18 20.37
CA ASN B 1741 3.78 10.32 19.38
C ASN B 1741 4.32 10.01 17.99
N TRP B 1742 3.98 8.83 17.47
CA TRP B 1742 4.31 8.50 16.08
C TRP B 1742 3.30 9.11 15.12
N SER B 1743 2.04 8.66 15.21
CA SER B 1743 1.03 8.98 14.21
C SER B 1743 -0.27 9.30 14.94
N PRO B 1744 -1.34 9.77 14.27
CA PRO B 1744 -2.59 10.01 15.00
C PRO B 1744 -3.28 8.73 15.50
N GLU B 1745 -2.73 7.55 15.21
CA GLU B 1745 -3.28 6.30 15.69
C GLU B 1745 -2.22 5.44 16.35
N ALA B 1746 -1.03 5.99 16.59
CA ALA B 1746 0.09 5.26 17.16
C ALA B 1746 0.82 6.13 18.18
N TYR B 1747 0.07 6.77 19.06
CA TYR B 1747 0.64 7.64 20.08
C TYR B 1747 0.63 6.94 21.44
N CYS B 1748 1.20 7.61 22.42
CA CYS B 1748 1.24 7.12 23.79
C CYS B 1748 1.55 8.28 24.71
N LEU B 1749 0.65 8.56 25.64
CA LEU B 1749 0.78 9.69 26.56
C LEU B 1749 0.77 9.16 27.98
N VAL B 1750 1.92 9.24 28.64
CA VAL B 1750 2.01 8.99 30.06
C VAL B 1750 2.06 10.35 30.74
N GLY B 1751 1.52 10.44 31.96
CA GLY B 1751 1.51 11.71 32.64
C GLY B 1751 0.58 11.81 33.82
N SER B 1752 1.03 12.47 34.88
CA SER B 1752 0.24 12.63 36.09
C SER B 1752 -1.09 13.30 35.79
N GLU B 1753 -2.16 12.78 36.37
CA GLU B 1753 -3.48 13.38 36.22
C GLU B 1753 -4.16 13.41 37.57
N VAL B 1754 -4.61 14.58 37.99
CA VAL B 1754 -5.22 14.75 39.31
C VAL B 1754 -6.72 14.73 39.16
N LEU B 1755 -7.40 14.07 40.10
CA LEU B 1755 -8.85 13.93 40.08
C LEU B 1755 -9.46 14.72 41.23
N ASP B 1756 -10.76 14.99 41.11
CA ASP B 1756 -11.47 15.73 42.13
C ASP B 1756 -11.85 14.82 43.29
N ASN B 1757 -11.85 15.39 44.50
CA ASN B 1757 -12.21 14.69 45.74
C ASN B 1757 -11.34 13.45 45.95
N HIS B 1758 -10.06 13.56 45.61
CA HIS B 1758 -9.11 12.47 45.77
C HIS B 1758 -7.74 13.08 46.04
N PRO B 1759 -7.26 13.05 47.30
CA PRO B 1759 -5.94 13.61 47.58
C PRO B 1759 -4.80 12.75 47.05
N GLU B 1760 -5.08 11.53 46.61
CA GLU B 1760 -4.08 10.63 46.07
C GLU B 1760 -3.55 11.15 44.74
N SER B 1761 -2.55 10.45 44.20
CA SER B 1761 -1.93 10.80 42.94
C SER B 1761 -2.17 9.68 41.94
N PHE B 1762 -2.23 10.05 40.66
CA PHE B 1762 -2.57 9.10 39.60
C PHE B 1762 -1.59 9.26 38.45
N LEU B 1763 -1.53 8.22 37.62
CA LEU B 1763 -0.57 8.11 36.52
C LEU B 1763 -1.28 7.68 35.24
N LYS B 1764 -2.36 8.40 34.89
CA LYS B 1764 -3.18 8.06 33.73
C LYS B 1764 -2.35 7.88 32.46
N ILE B 1765 -2.63 6.80 31.74
CA ILE B 1765 -1.96 6.48 30.49
C ILE B 1765 -3.00 6.39 29.39
N THR B 1766 -2.83 7.16 28.33
CA THR B 1766 -3.77 7.16 27.23
C THR B 1766 -3.06 6.60 26.01
N VAL B 1767 -3.79 5.86 25.17
CA VAL B 1767 -3.27 5.02 24.10
C VAL B 1767 -4.41 4.71 23.14
N PRO B 1768 -4.22 4.69 21.83
CA PRO B 1768 -5.33 4.36 20.92
C PRO B 1768 -5.65 2.87 20.96
N SER B 1769 -6.88 2.55 20.57
CA SER B 1769 -7.40 1.20 20.68
C SER B 1769 -6.91 0.27 19.58
N CYS B 1770 -6.13 0.75 18.61
CA CYS B 1770 -5.74 -0.08 17.48
C CYS B 1770 -4.65 -1.07 17.88
N ARG B 1771 -4.12 -1.79 16.89
CA ARG B 1771 -3.09 -2.79 17.15
C ARG B 1771 -1.80 -2.15 17.67
N LYS B 1772 -1.30 -1.14 16.94
CA LYS B 1772 -0.08 -0.46 17.37
C LYS B 1772 -0.21 0.12 18.76
N GLY B 1773 -1.40 0.63 19.09
CA GLY B 1773 -1.67 1.10 20.44
C GLY B 1773 -1.49 0.01 21.48
N CYS B 1774 -2.05 -1.18 21.22
CA CYS B 1774 -1.94 -2.30 22.13
C CYS B 1774 -0.48 -2.68 22.40
N ILE B 1775 0.37 -2.64 21.37
CA ILE B 1775 1.79 -2.94 21.56
C ILE B 1775 2.41 -1.95 22.53
N LEU B 1776 2.16 -0.66 22.33
CA LEU B 1776 2.73 0.37 23.21
C LEU B 1776 2.28 0.20 24.65
N LEU B 1777 1.01 -0.09 24.88
CA LEU B 1777 0.51 -0.24 26.24
C LEU B 1777 1.18 -1.40 26.97
N GLY B 1778 1.42 -2.51 26.26
CA GLY B 1778 2.13 -3.62 26.87
C GLY B 1778 3.52 -3.24 27.35
N GLN B 1779 4.30 -2.59 26.47
CA GLN B 1779 5.66 -2.21 26.82
C GLN B 1779 5.69 -1.25 27.99
N VAL B 1780 4.80 -0.24 27.99
CA VAL B 1780 4.82 0.77 29.04
C VAL B 1780 4.49 0.17 30.39
N VAL B 1781 3.45 -0.68 30.46
CA VAL B 1781 3.07 -1.30 31.72
C VAL B 1781 4.19 -2.19 32.25
N ASP B 1782 4.85 -2.93 31.36
CA ASP B 1782 5.95 -3.79 31.79
C ASP B 1782 7.11 -2.97 32.32
N HIS B 1783 7.41 -1.86 31.65
CA HIS B 1783 8.50 -0.99 32.09
C HIS B 1783 8.20 -0.39 33.46
N ILE B 1784 6.96 0.10 33.64
CA ILE B 1784 6.58 0.69 34.92
C ILE B 1784 6.63 -0.35 36.03
N ASP B 1785 6.00 -1.51 35.79
CA ASP B 1785 5.98 -2.58 36.77
C ASP B 1785 7.38 -3.04 37.16
N SER B 1786 8.28 -3.13 36.18
CA SER B 1786 9.66 -3.52 36.46
C SER B 1786 10.34 -2.50 37.36
N LEU B 1787 10.17 -1.21 37.04
CA LEU B 1787 10.75 -0.15 37.85
C LEU B 1787 10.28 -0.21 39.29
N MET B 1788 8.97 -0.43 39.50
CA MET B 1788 8.43 -0.51 40.85
C MET B 1788 9.05 -1.68 41.61
N GLU B 1789 9.12 -2.86 40.99
CA GLU B 1789 9.67 -4.03 41.66
C GLU B 1789 11.16 -3.90 41.91
N GLU B 1790 11.87 -3.07 41.13
CA GLU B 1790 13.32 -2.96 41.25
C GLU B 1790 13.74 -1.89 42.24
N TRP B 1791 13.06 -0.74 42.27
CA TRP B 1791 13.49 0.39 43.08
C TRP B 1791 12.63 0.63 44.30
N PHE B 1792 11.30 0.52 44.19
CA PHE B 1792 10.37 0.83 45.27
C PHE B 1792 9.58 -0.43 45.63
N PRO B 1793 10.22 -1.41 46.28
CA PRO B 1793 9.50 -2.65 46.62
C PRO B 1793 8.40 -2.46 47.64
N GLY B 1794 8.57 -1.52 48.58
CA GLY B 1794 7.56 -1.29 49.61
C GLY B 1794 6.22 -0.84 49.08
N LEU B 1795 6.14 -0.38 47.83
CA LEU B 1795 4.86 -0.03 47.23
C LEU B 1795 4.09 -1.22 46.70
N LEU B 1796 4.66 -2.42 46.78
CA LEU B 1796 3.96 -3.63 46.33
C LEU B 1796 3.78 -4.66 47.42
N GLU B 1797 4.33 -4.42 48.62
CA GLU B 1797 4.28 -5.41 49.69
C GLU B 1797 2.86 -5.52 50.22
N ILE B 1798 2.31 -6.74 50.17
CA ILE B 1798 0.96 -6.98 50.64
C ILE B 1798 0.98 -7.20 52.14
N ASP B 1799 0.01 -6.61 52.83
CA ASP B 1799 -0.06 -6.71 54.29
C ASP B 1799 -0.85 -7.93 54.72
N GLY B 1804 -5.70 -5.66 52.57
CA GLY B 1804 -4.43 -5.30 51.95
C GLY B 1804 -4.57 -4.32 50.81
N GLU B 1805 -4.61 -3.03 51.14
CA GLU B 1805 -4.76 -1.99 50.13
C GLU B 1805 -3.60 -1.96 49.15
N THR B 1806 -2.43 -2.46 49.54
CA THR B 1806 -1.20 -2.63 48.75
C THR B 1806 -0.56 -1.32 48.32
N LEU B 1807 -1.16 -0.16 48.66
CA LEU B 1807 -0.58 1.17 48.40
C LEU B 1807 -0.39 1.49 46.93
N LEU B 1808 -0.79 0.56 46.04
CA LEU B 1808 -0.66 0.76 44.60
C LEU B 1808 -1.76 -0.08 43.95
N LYS B 1809 -2.82 0.59 43.51
CA LYS B 1809 -3.99 -0.05 42.95
C LYS B 1809 -4.11 0.32 41.48
N LYS B 1810 -3.85 -0.64 40.60
CA LYS B 1810 -3.89 -0.39 39.17
C LYS B 1810 -5.34 -0.47 38.69
N TRP B 1811 -5.87 0.63 38.19
CA TRP B 1811 -7.23 0.65 37.68
C TRP B 1811 -7.25 0.44 36.17
N ALA B 1812 -8.43 0.14 35.65
CA ALA B 1812 -8.65 0.06 34.21
C ALA B 1812 -10.00 0.69 33.89
N LEU B 1813 -10.00 1.73 33.05
CA LEU B 1813 -11.19 2.52 32.79
C LEU B 1813 -11.93 1.91 31.60
N TYR B 1814 -13.10 1.33 31.85
CA TYR B 1814 -13.97 0.83 30.80
C TYR B 1814 -15.27 1.61 30.80
N SER B 1815 -15.95 1.59 29.65
CA SER B 1815 -17.17 2.37 29.48
C SER B 1815 -18.21 1.50 28.78
N PHE B 1816 -19.09 0.86 29.56
CA PHE B 1816 -20.23 0.13 29.02
C PHE B 1816 -21.18 1.02 28.23
N ASN B 1817 -20.98 2.34 28.26
CA ASN B 1817 -21.93 3.35 27.84
C ASN B 1817 -21.93 3.59 26.34
N ASP B 1818 -21.48 2.62 25.55
CA ASP B 1818 -21.48 2.61 24.08
C ASP B 1818 -20.45 3.57 23.49
N GLY B 1819 -19.54 4.11 24.30
CA GLY B 1819 -18.57 5.06 23.79
C GLY B 1819 -19.04 6.49 23.66
N GLU B 1820 -20.31 6.70 23.30
CA GLU B 1820 -20.88 8.04 23.26
C GLU B 1820 -20.89 8.69 24.64
N GLU B 1821 -21.61 8.09 25.58
CA GLU B 1821 -21.64 8.60 26.96
C GLU B 1821 -20.28 8.41 27.64
N HIS B 1822 -20.20 8.85 28.89
CA HIS B 1822 -18.93 9.08 29.56
C HIS B 1822 -19.01 8.57 30.99
N GLN B 1823 -18.08 9.03 31.84
CA GLN B 1823 -17.87 8.58 33.21
C GLN B 1823 -17.51 7.09 33.25
N LYS B 1824 -16.34 6.82 32.67
CA LYS B 1824 -15.74 5.50 32.61
C LYS B 1824 -15.69 4.79 33.96
N ILE B 1825 -16.40 3.66 34.06
CA ILE B 1825 -16.41 2.87 35.28
C ILE B 1825 -15.02 2.27 35.49
N LEU B 1826 -14.50 2.41 36.72
CA LEU B 1826 -13.13 1.98 37.02
C LEU B 1826 -13.14 0.66 37.77
N LEU B 1827 -12.37 -0.31 37.29
CA LEU B 1827 -12.35 -1.67 37.83
C LEU B 1827 -10.92 -2.05 38.19
N ASP B 1828 -10.71 -2.44 39.45
CA ASP B 1828 -9.40 -2.90 39.91
C ASP B 1828 -8.87 -4.02 39.02
N ASP B 1829 -7.57 -4.00 38.77
CA ASP B 1829 -7.00 -4.90 37.77
C ASP B 1829 -7.03 -6.35 38.23
N LEU B 1830 -6.78 -6.58 39.53
CA LEU B 1830 -6.75 -7.96 40.03
C LEU B 1830 -8.13 -8.61 39.91
N MET B 1831 -9.19 -7.84 40.12
CA MET B 1831 -10.55 -8.37 39.93
C MET B 1831 -10.78 -8.78 38.48
N LYS B 1832 -10.27 -7.98 37.55
CA LYS B 1832 -10.41 -8.32 36.13
C LYS B 1832 -9.54 -9.53 35.77
N LYS B 1833 -8.36 -9.63 36.39
CA LYS B 1833 -7.52 -10.81 36.24
C LYS B 1833 -8.27 -12.06 36.67
N ALA B 1834 -8.97 -12.00 37.80
CA ALA B 1834 -9.83 -13.10 38.23
C ALA B 1834 -11.02 -13.31 37.30
N GLU B 1835 -11.34 -12.33 36.46
CA GLU B 1835 -12.38 -12.48 35.44
C GLU B 1835 -11.83 -12.98 34.11
N GLU B 1836 -10.72 -13.71 34.14
CA GLU B 1836 -10.16 -14.31 32.93
C GLU B 1836 -10.87 -15.60 32.54
N GLY B 1837 -11.68 -16.17 33.44
CA GLY B 1837 -12.45 -17.37 33.11
C GLY B 1837 -13.25 -17.24 31.82
N ASP B 1838 -13.86 -16.09 31.60
CA ASP B 1838 -14.51 -15.80 30.33
C ASP B 1838 -13.62 -14.90 29.49
N LEU B 1839 -14.14 -14.45 28.35
CA LEU B 1839 -13.44 -13.50 27.50
C LEU B 1839 -14.24 -12.23 27.27
N LEU B 1840 -15.16 -11.91 28.18
CA LEU B 1840 -15.98 -10.72 28.08
C LEU B 1840 -16.26 -10.21 29.49
N VAL B 1841 -16.60 -8.94 29.59
CA VAL B 1841 -17.12 -8.33 30.81
C VAL B 1841 -18.57 -7.93 30.57
N ASN B 1842 -19.41 -8.13 31.60
CA ASN B 1842 -20.83 -7.94 31.45
C ASN B 1842 -21.43 -7.25 32.68
N PRO B 1843 -22.29 -6.25 32.48
CA PRO B 1843 -22.85 -5.52 33.62
C PRO B 1843 -24.05 -6.24 34.23
N ASP B 1844 -24.73 -5.57 35.17
CA ASP B 1844 -25.97 -6.10 35.73
C ASP B 1844 -27.00 -6.41 34.66
N GLN B 1845 -27.07 -5.59 33.61
CA GLN B 1845 -27.93 -5.87 32.47
C GLN B 1845 -27.11 -6.54 31.38
N PRO B 1846 -27.12 -7.89 31.29
CA PRO B 1846 -26.14 -8.58 30.44
C PRO B 1846 -26.36 -8.45 28.93
N ARG B 1847 -27.31 -7.60 28.49
CA ARG B 1847 -27.43 -7.34 27.07
C ARG B 1847 -26.21 -6.59 26.54
N LEU B 1848 -25.54 -5.82 27.39
CA LEU B 1848 -24.33 -5.11 27.03
C LEU B 1848 -23.11 -5.96 27.35
N THR B 1849 -22.05 -5.78 26.56
CA THR B 1849 -20.81 -6.51 26.79
C THR B 1849 -19.67 -5.77 26.12
N ILE B 1850 -18.47 -5.99 26.64
CA ILE B 1850 -17.24 -5.41 26.10
C ILE B 1850 -16.17 -6.49 26.18
N PRO B 1851 -15.41 -6.74 25.11
CA PRO B 1851 -14.31 -7.71 25.21
C PRO B 1851 -13.16 -7.14 26.03
N ILE B 1852 -12.57 -8.00 26.86
CA ILE B 1852 -11.49 -7.60 27.75
C ILE B 1852 -10.24 -7.20 26.99
N SER B 1853 -10.17 -7.48 25.69
CA SER B 1853 -9.06 -7.03 24.87
C SER B 1853 -9.04 -5.51 24.78
N GLN B 1854 -10.19 -4.91 24.46
CA GLN B 1854 -10.28 -3.46 24.29
C GLN B 1854 -10.36 -2.71 25.62
N ILE B 1855 -10.09 -3.40 26.74
CA ILE B 1855 -9.98 -2.79 28.06
C ILE B 1855 -8.58 -2.95 28.63
N ALA B 1856 -8.04 -4.17 28.57
CA ALA B 1856 -6.74 -4.49 29.17
C ALA B 1856 -6.03 -5.51 28.30
N PRO B 1857 -5.52 -5.09 27.14
CA PRO B 1857 -4.93 -6.05 26.20
C PRO B 1857 -3.57 -6.60 26.63
N ASP B 1858 -3.13 -6.27 27.83
CA ASP B 1858 -1.95 -6.92 28.40
C ASP B 1858 -2.27 -8.23 29.11
N LEU B 1859 -3.51 -8.43 29.57
CA LEU B 1859 -3.87 -9.69 30.19
C LEU B 1859 -4.15 -10.77 29.14
N ILE B 1860 -5.21 -10.58 28.35
CA ILE B 1860 -5.40 -11.41 27.17
C ILE B 1860 -4.31 -11.09 26.16
N LEU B 1861 -3.72 -12.14 25.57
CA LEU B 1861 -2.52 -11.96 24.77
C LEU B 1861 -2.85 -11.26 23.45
N ALA B 1862 -3.10 -9.95 23.53
CA ALA B 1862 -3.40 -9.14 22.36
C ALA B 1862 -2.39 -8.02 22.12
N ASP B 1863 -1.58 -7.67 23.12
CA ASP B 1863 -0.62 -6.59 22.95
C ASP B 1863 0.48 -6.98 21.97
N LEU B 1864 0.75 -8.26 21.80
CA LEU B 1864 1.76 -8.70 20.86
C LEU B 1864 1.30 -8.43 19.43
N PRO B 1865 2.22 -8.41 18.47
CA PRO B 1865 1.80 -8.48 17.07
C PRO B 1865 1.28 -9.86 16.76
N ARG B 1866 0.56 -9.97 15.64
CA ARG B 1866 0.15 -11.26 15.08
C ARG B 1866 -0.65 -12.07 16.09
N ASN B 1867 -1.96 -11.79 16.21
CA ASN B 1867 -2.92 -12.50 17.07
C ASN B 1867 -2.56 -13.96 17.26
N ILE B 1868 -2.31 -14.35 18.50
CA ILE B 1868 -1.79 -15.67 18.83
C ILE B 1868 -2.80 -16.52 19.62
N MET B 1869 -4.09 -16.19 19.55
CA MET B 1869 -5.17 -16.94 20.20
C MET B 1869 -5.02 -18.45 20.01
N LEU B 1870 -5.55 -19.24 20.95
CA LEU B 1870 -5.31 -20.68 20.86
C LEU B 1870 -6.37 -21.40 20.04
N ASN B 1871 -7.62 -20.92 20.03
CA ASN B 1871 -8.75 -21.60 19.41
C ASN B 1871 -8.94 -22.99 20.03
N ASN B 1872 -9.35 -22.95 21.30
CA ASN B 1872 -9.41 -24.14 22.16
C ASN B 1872 -10.19 -25.31 21.57
N ASP B 1873 -11.02 -25.06 20.55
CA ASP B 1873 -11.76 -26.13 19.91
C ASP B 1873 -10.83 -27.13 19.23
N GLU B 1874 -9.78 -26.64 18.57
CA GLU B 1874 -8.88 -27.52 17.84
C GLU B 1874 -8.03 -28.38 18.77
N LEU B 1875 -7.75 -27.89 19.97
CA LEU B 1875 -6.81 -28.56 20.86
C LEU B 1875 -7.38 -29.89 21.34
N GLU B 1876 -6.49 -30.87 21.51
CA GLU B 1876 -6.84 -32.16 22.11
C GLU B 1876 -5.94 -32.48 23.29
N PHE B 1877 -5.50 -31.45 24.00
CA PHE B 1877 -4.52 -31.60 25.07
C PHE B 1877 -5.06 -32.47 26.20
N GLU B 1878 -4.20 -33.32 26.75
CA GLU B 1878 -4.51 -34.13 27.93
C GLU B 1878 -3.71 -33.59 29.12
N GLN B 1879 -4.42 -33.28 30.22
CA GLN B 1879 -3.90 -32.44 31.30
C GLN B 1879 -2.60 -32.99 31.89
N ALA B 1880 -2.66 -34.16 32.52
CA ALA B 1880 -1.47 -34.74 33.13
C ALA B 1880 -1.65 -36.23 33.39
N PRO B 1881 -1.74 -37.07 32.36
CA PRO B 1881 -1.89 -38.52 32.59
C PRO B 1881 -0.61 -39.24 32.95
N GLU B 1882 0.47 -38.53 33.28
CA GLU B 1882 1.84 -39.08 33.28
C GLU B 1882 2.13 -39.72 31.93
N PHE B 1883 1.55 -39.15 30.88
CA PHE B 1883 1.48 -39.74 29.55
C PHE B 1883 1.24 -38.59 28.58
N LEU B 1884 1.56 -38.85 27.30
CA LEU B 1884 1.67 -37.78 26.28
C LEU B 1884 2.63 -36.69 26.73
N LEU B 1885 3.63 -37.06 27.50
CA LEU B 1885 4.64 -36.16 28.04
C LEU B 1885 5.78 -36.02 27.04
N GLY B 1886 6.45 -34.87 27.07
CA GLY B 1886 7.51 -34.57 26.10
C GLY B 1886 8.63 -35.59 26.07
N ASP B 1887 8.79 -36.37 27.16
CA ASP B 1887 9.68 -37.52 27.38
C ASP B 1887 11.00 -37.12 28.03
N GLY B 1888 11.34 -35.84 28.01
CA GLY B 1888 12.63 -35.44 28.54
C GLY B 1888 12.56 -34.63 29.82
N SER B 1889 11.34 -34.34 30.28
CA SER B 1889 11.08 -33.65 31.55
C SER B 1889 11.87 -32.36 31.68
N PHE B 1890 12.11 -31.68 30.55
CA PHE B 1890 12.81 -30.39 30.60
C PHE B 1890 12.00 -29.36 31.34
N GLY B 1891 10.69 -29.33 31.09
CA GLY B 1891 9.75 -28.48 31.79
C GLY B 1891 8.50 -29.29 32.02
N SER B 1892 7.32 -28.70 31.87
CA SER B 1892 6.09 -29.46 31.96
C SER B 1892 5.53 -29.82 30.59
N VAL B 1893 6.30 -29.60 29.53
CA VAL B 1893 5.88 -29.74 28.13
C VAL B 1893 5.25 -31.10 27.88
N TYR B 1894 4.01 -31.12 27.39
CA TYR B 1894 3.34 -32.37 27.09
C TYR B 1894 3.37 -32.60 25.57
N ARG B 1895 2.45 -33.42 25.08
CA ARG B 1895 2.27 -33.66 23.66
C ARG B 1895 0.78 -33.67 23.36
N ALA B 1896 0.39 -33.06 22.25
CA ALA B 1896 -1.02 -32.99 21.88
C ALA B 1896 -1.12 -32.82 20.37
N ALA B 1897 -2.35 -32.72 19.90
CA ALA B 1897 -2.65 -32.48 18.48
C ALA B 1897 -3.42 -31.18 18.35
N TYR B 1898 -2.91 -30.28 17.50
CA TYR B 1898 -3.55 -29.00 17.25
C TYR B 1898 -3.48 -28.73 15.75
N GLU B 1899 -4.56 -28.17 15.21
CA GLU B 1899 -4.67 -27.84 13.78
C GLU B 1899 -4.41 -29.05 12.88
N GLY B 1900 -4.69 -30.25 13.40
CA GLY B 1900 -4.49 -31.47 12.65
C GLY B 1900 -3.09 -32.03 12.67
N GLU B 1901 -2.18 -31.46 13.45
CA GLU B 1901 -0.80 -31.92 13.51
C GLU B 1901 -0.37 -32.06 14.96
N GLU B 1902 0.57 -32.96 15.19
CA GLU B 1902 1.12 -33.15 16.54
C GLU B 1902 1.99 -31.96 16.93
N VAL B 1903 1.85 -31.53 18.19
CA VAL B 1903 2.55 -30.36 18.71
C VAL B 1903 2.92 -30.62 20.16
N ALA B 1904 3.85 -29.83 20.66
CA ALA B 1904 4.29 -29.91 22.05
C ALA B 1904 3.82 -28.66 22.80
N VAL B 1905 3.10 -28.88 23.89
CA VAL B 1905 2.44 -27.80 24.63
C VAL B 1905 3.16 -27.68 25.97
N LYS B 1906 3.83 -26.56 26.19
CA LYS B 1906 4.39 -26.26 27.51
C LYS B 1906 3.32 -25.62 28.38
N ILE B 1907 3.08 -26.22 29.55
CA ILE B 1907 2.05 -25.76 30.49
C ILE B 1907 2.70 -24.81 31.48
N PHE B 1908 2.59 -23.51 31.19
CA PHE B 1908 3.15 -22.50 32.08
C PHE B 1908 2.38 -22.38 33.39
N ASN B 1909 1.12 -22.81 33.41
CA ASN B 1909 0.21 -22.64 34.54
C ASN B 1909 0.84 -23.11 35.85
N LYS B 1910 1.02 -22.18 36.78
CA LYS B 1910 1.62 -22.46 38.08
C LYS B 1910 1.32 -21.27 38.99
N HIS B 1911 1.98 -21.25 40.16
CA HIS B 1911 1.85 -20.14 41.09
C HIS B 1911 2.41 -18.83 40.54
N THR B 1912 3.23 -18.88 39.49
CA THR B 1912 3.78 -17.67 38.91
C THR B 1912 2.71 -16.88 38.16
N SER B 1913 2.95 -15.58 38.02
CA SER B 1913 2.04 -14.67 37.35
C SER B 1913 2.24 -14.76 35.84
N LEU B 1914 1.65 -13.83 35.09
CA LEU B 1914 1.75 -13.83 33.64
C LEU B 1914 2.83 -12.91 33.11
N ARG B 1915 3.64 -12.30 33.99
CA ARG B 1915 4.75 -11.47 33.54
C ARG B 1915 5.70 -12.30 32.68
N LEU B 1916 6.32 -13.32 33.28
CA LEU B 1916 7.30 -14.17 32.60
C LEU B 1916 6.73 -14.79 31.33
N LEU B 1917 5.44 -15.13 31.34
CA LEU B 1917 4.80 -15.64 30.13
C LEU B 1917 4.83 -14.60 29.01
N ARG B 1918 4.53 -13.35 29.36
CA ARG B 1918 4.56 -12.27 28.38
C ARG B 1918 5.98 -12.02 27.90
N GLN B 1919 6.96 -12.11 28.82
CA GLN B 1919 8.36 -11.94 28.45
C GLN B 1919 8.79 -13.00 27.43
N GLU B 1920 8.47 -14.27 27.71
CA GLU B 1920 8.78 -15.32 26.76
C GLU B 1920 8.11 -15.06 25.42
N LEU B 1921 6.80 -14.81 25.47
CA LEU B 1921 5.98 -14.67 24.26
C LEU B 1921 6.49 -13.58 23.33
N VAL B 1922 6.92 -12.44 23.89
CA VAL B 1922 7.43 -11.34 23.07
C VAL B 1922 8.69 -11.75 22.33
N VAL B 1923 9.67 -12.32 23.05
CA VAL B 1923 10.96 -12.66 22.46
C VAL B 1923 10.76 -13.65 21.30
N LEU B 1924 9.91 -14.64 21.51
CA LEU B 1924 9.64 -15.68 20.53
C LEU B 1924 8.63 -15.27 19.45
N CYS B 1925 7.89 -14.17 19.63
CA CYS B 1925 6.90 -13.80 18.63
C CYS B 1925 7.51 -13.10 17.43
N HIS B 1926 8.57 -12.33 17.62
CA HIS B 1926 9.32 -11.79 16.48
C HIS B 1926 10.78 -12.19 16.60
N LEU B 1927 11.07 -13.44 16.22
CA LEU B 1927 12.38 -13.84 15.76
C LEU B 1927 12.30 -14.46 14.37
N HIS B 1928 11.47 -15.49 14.20
CA HIS B 1928 11.08 -16.05 12.90
C HIS B 1928 12.28 -16.39 12.01
N HIS B 1929 13.07 -17.36 12.47
CA HIS B 1929 14.14 -17.88 11.64
C HIS B 1929 14.01 -19.40 11.61
N PRO B 1930 14.30 -20.05 10.47
CA PRO B 1930 14.07 -21.50 10.37
C PRO B 1930 14.84 -22.32 11.39
N SER B 1931 16.06 -21.91 11.74
CA SER B 1931 16.81 -22.61 12.77
C SER B 1931 16.13 -22.50 14.13
N LEU B 1932 15.57 -21.33 14.44
CA LEU B 1932 14.91 -21.15 15.73
C LEU B 1932 13.56 -21.87 15.75
N ILE B 1933 13.21 -22.39 16.93
CA ILE B 1933 11.90 -23.02 17.11
C ILE B 1933 10.82 -21.97 16.95
N SER B 1934 9.76 -22.32 16.21
CA SER B 1934 8.68 -21.39 15.92
C SER B 1934 7.45 -21.71 16.74
N LEU B 1935 6.76 -20.66 17.20
CA LEU B 1935 5.60 -20.79 18.06
C LEU B 1935 4.34 -20.78 17.22
N LEU B 1936 3.55 -21.86 17.32
CA LEU B 1936 2.30 -21.94 16.57
C LEU B 1936 1.20 -21.08 17.20
N ALA B 1937 1.05 -21.16 18.52
CA ALA B 1937 -0.04 -20.46 19.20
C ALA B 1937 0.29 -20.32 20.68
N ALA B 1938 -0.61 -19.65 21.40
CA ALA B 1938 -0.54 -19.51 22.84
C ALA B 1938 -1.96 -19.35 23.38
N GLY B 1939 -2.13 -19.66 24.66
CA GLY B 1939 -3.45 -19.63 25.24
C GLY B 1939 -3.52 -19.28 26.71
N ILE B 1940 -4.57 -18.56 27.09
CA ILE B 1940 -4.72 -18.02 28.43
C ILE B 1940 -5.38 -19.04 29.37
N ARG B 1941 -6.35 -19.81 28.86
CA ARG B 1941 -7.14 -20.72 29.68
C ARG B 1941 -6.88 -22.16 29.26
N PRO B 1942 -6.06 -22.91 30.00
CA PRO B 1942 -5.13 -22.46 31.06
C PRO B 1942 -3.90 -21.86 30.41
N ARG B 1943 -3.01 -21.22 31.17
CA ARG B 1943 -1.84 -20.59 30.59
C ARG B 1943 -0.91 -21.61 29.93
N MET B 1944 -0.91 -21.64 28.60
CA MET B 1944 -0.05 -22.54 27.86
C MET B 1944 0.37 -21.85 26.57
N LEU B 1945 1.41 -22.42 25.95
CA LEU B 1945 1.93 -21.98 24.67
C LEU B 1945 2.27 -23.19 23.83
N VAL B 1946 1.90 -23.15 22.55
CA VAL B 1946 1.92 -24.31 21.67
C VAL B 1946 3.07 -24.14 20.69
N MET B 1947 4.03 -25.06 20.74
CA MET B 1947 5.22 -25.02 19.92
C MET B 1947 5.21 -26.15 18.91
N GLU B 1948 5.90 -25.94 17.78
CA GLU B 1948 6.10 -26.99 16.80
C GLU B 1948 6.92 -28.12 17.40
N LEU B 1949 6.55 -29.36 17.06
CA LEU B 1949 7.11 -30.54 17.69
C LEU B 1949 8.38 -30.98 16.97
N ALA B 1950 9.43 -31.25 17.74
CA ALA B 1950 10.66 -31.84 17.23
C ALA B 1950 10.55 -33.35 17.31
N SER B 1951 10.53 -34.01 16.15
CA SER B 1951 10.19 -35.43 16.10
C SER B 1951 11.20 -36.29 16.86
N LYS B 1952 12.49 -36.04 16.67
CA LYS B 1952 13.52 -36.92 17.20
C LYS B 1952 14.04 -36.49 18.56
N GLY B 1953 13.49 -35.44 19.15
CA GLY B 1953 13.87 -35.05 20.49
C GLY B 1953 15.20 -34.34 20.55
N SER B 1954 15.67 -34.17 21.79
CA SER B 1954 16.89 -33.42 22.05
C SER B 1954 18.11 -34.16 21.49
N LEU B 1955 19.13 -33.37 21.10
CA LEU B 1955 20.35 -33.96 20.58
C LEU B 1955 21.10 -34.75 21.66
N ASP B 1956 20.94 -34.39 22.92
CA ASP B 1956 21.66 -35.05 24.01
C ASP B 1956 21.31 -36.53 24.07
N ARG B 1957 20.02 -36.86 24.01
CA ARG B 1957 19.60 -38.26 24.00
C ARG B 1957 20.11 -38.98 22.76
N LEU B 1958 20.09 -38.30 21.61
CA LEU B 1958 20.53 -38.92 20.36
C LEU B 1958 22.01 -39.31 20.42
N LEU B 1959 22.86 -38.43 20.94
CA LEU B 1959 24.29 -38.76 21.02
C LEU B 1959 24.59 -39.77 22.12
N GLN B 1960 23.80 -39.78 23.20
CA GLN B 1960 24.07 -40.69 24.29
C GLN B 1960 23.70 -42.13 23.95
N GLN B 1961 22.62 -42.32 23.19
CA GLN B 1961 22.09 -43.67 22.95
C GLN B 1961 22.07 -44.10 21.50
N ASP B 1962 22.23 -43.19 20.55
CA ASP B 1962 22.12 -43.49 19.12
C ASP B 1962 23.31 -42.90 18.37
N LYS B 1963 24.51 -43.16 18.89
CA LYS B 1963 25.73 -42.61 18.30
C LYS B 1963 25.97 -43.10 16.89
N ALA B 1964 25.54 -44.32 16.58
CA ALA B 1964 25.77 -44.88 15.23
C ALA B 1964 24.97 -44.16 14.16
N SER B 1965 23.88 -43.46 14.52
CA SER B 1965 23.04 -42.81 13.53
C SER B 1965 23.69 -41.59 12.91
N LEU B 1966 24.72 -41.03 13.54
CA LEU B 1966 25.34 -39.79 13.07
C LEU B 1966 26.37 -40.10 11.99
N THR B 1967 26.05 -39.78 10.75
CA THR B 1967 27.01 -39.81 9.66
C THR B 1967 27.74 -38.48 9.60
N ARG B 1968 28.84 -38.45 8.84
CA ARG B 1968 29.63 -37.22 8.72
C ARG B 1968 28.82 -36.07 8.14
N THR B 1969 28.01 -36.36 7.11
CA THR B 1969 27.15 -35.33 6.53
C THR B 1969 26.13 -34.81 7.53
N LEU B 1970 25.54 -35.71 8.32
CA LEU B 1970 24.56 -35.30 9.33
C LEU B 1970 25.18 -34.41 10.41
N GLN B 1971 26.39 -34.74 10.85
CA GLN B 1971 27.07 -33.89 11.83
C GLN B 1971 27.30 -32.48 11.28
N HIS B 1972 27.73 -32.38 10.03
CA HIS B 1972 27.97 -31.08 9.42
C HIS B 1972 26.68 -30.28 9.29
N ARG B 1973 25.58 -30.95 8.93
CA ARG B 1973 24.30 -30.27 8.81
C ARG B 1973 23.80 -29.73 10.15
N ILE B 1974 23.98 -30.51 11.23
CA ILE B 1974 23.59 -30.05 12.56
C ILE B 1974 24.41 -28.83 12.94
N ALA B 1975 25.72 -28.88 12.71
CA ALA B 1975 26.60 -27.76 13.00
C ALA B 1975 26.22 -26.52 12.19
N LEU B 1976 25.90 -26.71 10.91
CA LEU B 1976 25.53 -25.60 10.06
C LEU B 1976 24.24 -24.94 10.53
N HIS B 1977 23.25 -25.74 10.92
CA HIS B 1977 21.98 -25.16 11.38
C HIS B 1977 22.15 -24.40 12.69
N VAL B 1978 22.94 -24.94 13.62
CA VAL B 1978 23.19 -24.24 14.89
C VAL B 1978 23.95 -22.94 14.64
N ALA B 1979 24.93 -22.98 13.72
CA ALA B 1979 25.69 -21.78 13.38
C ALA B 1979 24.79 -20.74 12.71
N ASP B 1980 23.85 -21.18 11.87
CA ASP B 1980 22.90 -20.26 11.27
C ASP B 1980 22.04 -19.59 12.33
N GLY B 1981 21.62 -20.36 13.34
CA GLY B 1981 20.85 -19.78 14.43
C GLY B 1981 21.63 -18.73 15.21
N LEU B 1982 22.89 -19.04 15.52
CA LEU B 1982 23.72 -18.08 16.23
C LEU B 1982 23.94 -16.81 15.40
N ARG B 1983 24.13 -16.98 14.09
CA ARG B 1983 24.28 -15.82 13.20
C ARG B 1983 23.04 -14.94 13.20
N TYR B 1984 21.86 -15.55 13.12
CA TYR B 1984 20.62 -14.77 13.16
C TYR B 1984 20.43 -14.10 14.52
N LEU B 1985 20.72 -14.80 15.60
CA LEU B 1985 20.59 -14.20 16.93
C LEU B 1985 21.54 -13.03 17.12
N HIS B 1986 22.78 -13.17 16.67
CA HIS B 1986 23.74 -12.09 16.81
C HIS B 1986 23.42 -10.92 15.88
N SER B 1987 22.72 -11.18 14.78
CA SER B 1987 22.25 -10.10 13.92
C SER B 1987 21.28 -9.18 14.66
N ALA B 1988 20.39 -9.78 15.46
CA ALA B 1988 19.43 -9.02 16.26
C ALA B 1988 19.98 -8.59 17.60
N MET B 1989 21.30 -8.71 17.81
CA MET B 1989 21.98 -8.30 19.04
C MET B 1989 21.42 -9.05 20.26
N ILE B 1990 21.46 -10.37 20.17
CA ILE B 1990 21.00 -11.25 21.26
C ILE B 1990 22.08 -12.28 21.52
N ILE B 1991 22.37 -12.51 22.81
CA ILE B 1991 23.38 -13.47 23.25
C ILE B 1991 22.65 -14.67 23.80
N TYR B 1992 22.84 -15.83 23.17
CA TYR B 1992 22.17 -17.05 23.62
C TYR B 1992 22.78 -17.62 24.89
N ARG B 1993 23.98 -17.18 25.27
CA ARG B 1993 24.68 -17.62 26.48
C ARG B 1993 24.87 -19.14 26.48
N ASP B 1994 24.20 -19.84 27.40
CA ASP B 1994 24.36 -21.27 27.53
C ASP B 1994 23.84 -21.98 26.28
N LEU B 1995 24.73 -22.74 25.62
CA LEU B 1995 24.38 -23.51 24.43
C LEU B 1995 25.02 -24.89 24.60
N LYS B 1996 24.19 -25.89 24.82
CA LYS B 1996 24.63 -27.24 25.16
C LYS B 1996 23.88 -28.24 24.31
N PRO B 1997 24.41 -29.47 24.15
CA PRO B 1997 23.71 -30.48 23.34
C PRO B 1997 22.30 -30.80 23.81
N HIS B 1998 22.02 -30.61 25.10
CA HIS B 1998 20.66 -30.79 25.61
C HIS B 1998 19.68 -29.79 25.01
N ASN B 1999 20.16 -28.66 24.49
CA ASN B 1999 19.31 -27.60 23.97
C ASN B 1999 19.33 -27.53 22.45
N VAL B 2000 19.52 -28.66 21.78
CA VAL B 2000 19.46 -28.73 20.31
C VAL B 2000 18.45 -29.81 19.95
N LEU B 2001 17.46 -29.43 19.14
CA LEU B 2001 16.39 -30.35 18.76
C LEU B 2001 16.57 -30.84 17.33
N LEU B 2002 16.22 -32.11 17.11
CA LEU B 2002 16.34 -32.74 15.80
C LEU B 2002 14.95 -33.03 15.25
N PHE B 2003 14.70 -32.61 14.01
CA PHE B 2003 13.42 -32.84 13.37
C PHE B 2003 13.41 -34.08 12.48
N THR B 2004 14.51 -34.34 11.77
CA THR B 2004 14.60 -35.52 10.92
C THR B 2004 16.04 -35.98 10.86
N LEU B 2005 16.22 -37.27 10.58
CA LEU B 2005 17.55 -37.85 10.44
C LEU B 2005 17.98 -37.98 8.99
N TYR B 2006 17.16 -37.54 8.05
CA TYR B 2006 17.54 -37.60 6.64
C TYR B 2006 18.57 -36.52 6.34
N PRO B 2007 19.77 -36.87 5.89
CA PRO B 2007 20.81 -35.84 5.67
C PRO B 2007 20.42 -34.78 4.65
N ASN B 2008 19.70 -35.15 3.59
CA ASN B 2008 19.31 -34.19 2.55
C ASN B 2008 17.93 -33.64 2.86
N ALA B 2009 17.87 -32.81 3.89
CA ALA B 2009 16.63 -32.21 4.36
C ALA B 2009 16.81 -30.71 4.52
N ALA B 2010 15.70 -29.98 4.38
CA ALA B 2010 15.74 -28.53 4.52
C ALA B 2010 16.03 -28.13 5.96
N ILE B 2011 15.36 -28.74 6.92
CA ILE B 2011 15.54 -28.45 8.34
C ILE B 2011 15.86 -29.76 9.05
N ILE B 2012 16.96 -29.79 9.78
CA ILE B 2012 17.40 -30.97 10.53
C ILE B 2012 17.57 -30.67 12.01
N ALA B 2013 18.25 -29.58 12.33
CA ALA B 2013 18.57 -29.23 13.70
C ALA B 2013 18.00 -27.86 14.04
N LYS B 2014 17.59 -27.69 15.30
CA LYS B 2014 16.98 -26.45 15.75
C LYS B 2014 17.47 -26.11 17.15
N ILE B 2015 17.41 -24.83 17.49
CA ILE B 2015 17.88 -24.32 18.77
C ILE B 2015 16.67 -23.91 19.61
N ALA B 2016 16.72 -24.22 20.91
CA ALA B 2016 15.64 -23.86 21.82
C ALA B 2016 16.21 -23.61 23.21
N ASP B 2017 15.74 -22.53 23.84
CA ASP B 2017 16.10 -22.15 25.21
C ASP B 2017 14.99 -22.61 26.16
N TYR B 2018 15.12 -23.83 26.69
CA TYR B 2018 14.08 -24.51 27.46
C TYR B 2018 13.48 -23.73 28.63
N GLY B 2019 14.07 -22.60 29.00
CA GLY B 2019 13.48 -21.74 30.00
C GLY B 2019 13.66 -22.21 31.44
N ILE B 2020 14.37 -23.30 31.68
CA ILE B 2020 14.69 -23.71 33.04
C ILE B 2020 15.97 -23.04 33.51
N GLY B 2034 28.02 -20.57 32.09
CA GLY B 2034 26.81 -21.22 32.56
C GLY B 2034 27.06 -22.53 33.27
N THR B 2035 26.64 -23.62 32.63
CA THR B 2035 26.85 -24.95 33.19
C THR B 2035 28.34 -25.26 33.26
N PRO B 2036 28.77 -26.02 34.28
CA PRO B 2036 30.21 -26.31 34.44
C PRO B 2036 30.85 -26.99 33.24
N GLY B 2037 30.12 -27.87 32.55
CA GLY B 2037 30.69 -28.58 31.43
C GLY B 2037 30.98 -27.67 30.24
N PHE B 2038 30.10 -26.71 29.97
CA PHE B 2038 30.18 -25.91 28.76
C PHE B 2038 30.32 -24.42 29.04
N ARG B 2039 30.82 -24.05 30.21
CA ARG B 2039 30.99 -22.64 30.55
C ARG B 2039 32.10 -22.01 29.72
N ALA B 2040 31.82 -20.84 29.15
CA ALA B 2040 32.85 -20.08 28.47
C ALA B 2040 33.83 -19.52 29.51
N PRO B 2041 35.13 -19.48 29.20
CA PRO B 2041 36.11 -19.00 30.20
C PRO B 2041 35.85 -17.58 30.68
N GLU B 2042 35.40 -16.69 29.78
CA GLU B 2042 35.05 -15.34 30.19
C GLU B 2042 33.85 -15.36 31.14
N VAL B 2043 32.84 -16.17 30.82
CA VAL B 2043 31.67 -16.30 31.68
C VAL B 2043 32.03 -17.04 32.97
N ALA B 2044 32.88 -18.07 32.87
CA ALA B 2044 33.27 -18.82 34.06
C ALA B 2044 34.00 -17.94 35.05
N ARG B 2045 34.91 -17.09 34.58
CA ARG B 2045 35.56 -16.12 35.45
C ARG B 2045 34.54 -15.10 35.95
N GLY B 2046 33.64 -14.67 35.07
CA GLY B 2046 32.58 -13.73 35.37
C GLY B 2046 32.96 -12.28 35.36
N ASN B 2047 34.25 -11.96 35.24
CA ASN B 2047 34.67 -10.56 35.11
C ASN B 2047 34.58 -10.06 33.67
N VAL B 2048 33.49 -10.36 32.96
CA VAL B 2048 33.36 -10.05 31.54
C VAL B 2048 31.97 -9.50 31.25
N ILE B 2049 31.90 -8.73 30.16
CA ILE B 2049 30.64 -8.19 29.65
C ILE B 2049 30.26 -9.02 28.43
N TYR B 2050 28.97 -9.37 28.34
CA TYR B 2050 28.51 -10.25 27.28
C TYR B 2050 28.75 -9.65 25.90
N ASN B 2051 29.25 -10.48 24.99
CA ASN B 2051 29.59 -10.08 23.63
C ASN B 2051 29.25 -11.23 22.70
N GLN B 2052 28.90 -10.89 21.45
CA GLN B 2052 28.64 -11.86 20.38
C GLN B 2052 29.66 -12.98 20.34
N GLN B 2053 30.94 -12.64 20.56
CA GLN B 2053 32.02 -13.61 20.55
C GLN B 2053 31.92 -14.64 21.66
N ALA B 2054 31.23 -14.33 22.76
CA ALA B 2054 31.16 -15.26 23.88
C ALA B 2054 30.52 -16.58 23.50
N ASP B 2055 29.48 -16.54 22.65
CA ASP B 2055 28.78 -17.74 22.26
C ASP B 2055 29.62 -18.65 21.36
N VAL B 2056 30.68 -18.10 20.75
CA VAL B 2056 31.49 -18.88 19.82
C VAL B 2056 32.23 -20.00 20.54
N TYR B 2057 32.68 -19.73 21.77
CA TYR B 2057 33.34 -20.77 22.56
C TYR B 2057 32.39 -21.92 22.87
N SER B 2058 31.14 -21.59 23.22
CA SER B 2058 30.14 -22.64 23.46
C SER B 2058 29.87 -23.42 22.17
N PHE B 2059 29.83 -22.72 21.04
CA PHE B 2059 29.63 -23.39 19.76
C PHE B 2059 30.78 -24.33 19.44
N GLY B 2060 32.01 -23.90 19.72
CA GLY B 2060 33.15 -24.77 19.52
C GLY B 2060 33.12 -25.98 20.43
N LEU B 2061 32.65 -25.79 21.66
CA LEU B 2061 32.45 -26.92 22.57
C LEU B 2061 31.41 -27.88 22.01
N LEU B 2062 30.35 -27.33 21.40
CA LEU B 2062 29.35 -28.17 20.74
C LEU B 2062 29.97 -28.98 19.61
N LEU B 2063 30.84 -28.36 18.82
CA LEU B 2063 31.53 -29.06 17.75
C LEU B 2063 32.37 -30.21 18.28
N TYR B 2064 33.09 -29.98 19.38
CA TYR B 2064 33.90 -31.04 19.98
C TYR B 2064 33.03 -32.21 20.45
N ASP B 2065 31.88 -31.91 21.06
CA ASP B 2065 30.98 -32.98 21.49
C ASP B 2065 30.45 -33.78 20.31
N ILE B 2066 30.10 -33.11 19.21
CA ILE B 2066 29.62 -33.81 18.02
C ILE B 2066 30.72 -34.70 17.44
N LEU B 2067 31.95 -34.17 17.35
CA LEU B 2067 33.06 -34.95 16.83
C LEU B 2067 33.37 -36.16 17.70
N THR B 2068 33.31 -35.98 19.02
CA THR B 2068 33.56 -37.08 19.96
C THR B 2068 32.32 -37.91 20.23
N THR B 2069 31.18 -37.58 19.62
CA THR B 2069 29.90 -38.26 19.82
C THR B 2069 29.54 -38.32 21.30
N GLY B 2070 29.70 -37.20 21.98
CA GLY B 2070 29.41 -37.12 23.40
C GLY B 2070 30.35 -37.91 24.28
N GLY B 2071 31.60 -38.12 23.83
CA GLY B 2071 32.57 -38.79 24.67
C GLY B 2071 32.90 -38.01 25.93
N ARG B 2072 33.00 -36.68 25.82
CA ARG B 2072 33.21 -35.85 26.99
C ARG B 2072 32.01 -35.89 27.93
N ILE B 2073 30.81 -36.08 27.40
CA ILE B 2073 29.61 -36.12 28.22
C ILE B 2073 29.65 -37.30 29.18
N VAL B 2074 30.04 -38.47 28.67
CA VAL B 2074 30.12 -39.67 29.49
C VAL B 2074 31.52 -40.26 29.42
N LYS B 2091 42.28 -25.77 26.47
CA LYS B 2091 43.18 -26.76 27.04
C LYS B 2091 42.61 -28.17 26.90
N LEU B 2092 41.61 -28.31 26.03
CA LEU B 2092 41.00 -29.60 25.81
C LEU B 2092 41.96 -30.55 25.10
N PRO B 2093 41.85 -31.86 25.33
CA PRO B 2093 42.75 -32.81 24.68
C PRO B 2093 42.53 -32.87 23.18
N ASP B 2094 43.46 -33.53 22.50
CA ASP B 2094 43.37 -33.71 21.06
C ASP B 2094 42.13 -34.54 20.72
N PRO B 2095 41.26 -34.07 19.83
CA PRO B 2095 40.03 -34.82 19.53
C PRO B 2095 40.26 -36.23 19.00
N VAL B 2096 41.29 -36.42 18.18
CA VAL B 2096 41.58 -37.75 17.65
C VAL B 2096 42.23 -38.62 18.71
N LYS B 2097 43.19 -38.07 19.45
CA LYS B 2097 43.94 -38.87 20.41
C LYS B 2097 43.09 -39.27 21.61
N GLU B 2098 42.33 -38.31 22.17
CA GLU B 2098 41.55 -38.58 23.37
C GLU B 2098 40.48 -39.63 23.13
N TYR B 2099 39.78 -39.56 22.00
CA TYR B 2099 38.72 -40.50 21.67
C TYR B 2099 38.85 -40.89 20.20
N GLY B 2100 38.76 -42.18 19.92
CA GLY B 2100 38.86 -42.67 18.56
C GLY B 2100 37.76 -42.14 17.65
N CYS B 2101 38.16 -41.43 16.60
CA CYS B 2101 37.21 -40.88 15.63
C CYS B 2101 37.97 -40.56 14.35
N ALA B 2102 37.20 -40.37 13.28
CA ALA B 2102 37.79 -39.96 12.02
C ALA B 2102 38.40 -38.57 12.17
N PRO B 2103 39.55 -38.29 11.53
CA PRO B 2103 40.18 -36.98 11.66
C PRO B 2103 39.29 -35.82 11.22
N TRP B 2104 38.85 -35.84 9.94
CA TRP B 2104 37.94 -34.85 9.36
C TRP B 2104 38.50 -33.46 9.65
N PRO B 2105 39.65 -33.12 9.02
CA PRO B 2105 40.59 -32.19 9.66
C PRO B 2105 40.15 -30.74 9.79
N MET B 2106 39.65 -30.11 8.74
CA MET B 2106 39.45 -28.66 8.78
C MET B 2106 38.46 -28.23 9.86
N VAL B 2107 37.59 -29.13 10.30
CA VAL B 2107 36.78 -28.87 11.49
C VAL B 2107 37.63 -28.83 12.75
N GLU B 2108 38.64 -29.71 12.83
CA GLU B 2108 39.57 -29.65 13.97
C GLU B 2108 40.31 -28.32 13.99
N LYS B 2109 40.70 -27.82 12.81
CA LYS B 2109 41.32 -26.50 12.74
C LYS B 2109 40.34 -25.43 13.19
N LEU B 2110 39.07 -25.56 12.79
CA LEU B 2110 38.04 -24.64 13.22
C LEU B 2110 37.87 -24.69 14.75
N ILE B 2111 37.89 -25.89 15.33
CA ILE B 2111 37.78 -26.03 16.78
C ILE B 2111 38.97 -25.36 17.45
N LYS B 2112 40.17 -25.59 16.91
CA LYS B 2112 41.38 -24.96 17.46
C LYS B 2112 41.31 -23.44 17.36
N GLN B 2113 40.80 -22.93 16.24
CA GLN B 2113 40.74 -21.49 16.04
C GLN B 2113 39.72 -20.83 16.96
N CYS B 2114 38.51 -21.40 17.05
CA CYS B 2114 37.46 -20.78 17.84
C CYS B 2114 37.73 -20.90 19.33
N LEU B 2115 38.21 -22.06 19.78
CA LEU B 2115 38.52 -22.29 21.20
C LEU B 2115 39.85 -21.60 21.54
N LYS B 2116 39.79 -20.28 21.60
CA LYS B 2116 40.95 -19.44 21.89
C LYS B 2116 40.65 -18.55 23.08
N GLU B 2117 41.63 -18.41 23.97
CA GLU B 2117 41.45 -17.59 25.16
C GLU B 2117 41.23 -16.12 24.80
N ASN B 2118 41.96 -15.61 23.82
CA ASN B 2118 41.80 -14.21 23.42
C ASN B 2118 40.47 -14.01 22.73
N PRO B 2119 39.62 -13.09 23.21
CA PRO B 2119 38.32 -12.87 22.55
C PRO B 2119 38.43 -12.40 21.11
N GLN B 2120 39.45 -11.61 20.77
CA GLN B 2120 39.61 -11.14 19.40
C GLN B 2120 39.91 -12.28 18.44
N GLU B 2121 40.50 -13.38 18.94
CA GLU B 2121 40.80 -14.51 18.09
C GLU B 2121 39.56 -15.29 17.67
N ARG B 2122 38.48 -15.17 18.43
CA ARG B 2122 37.23 -15.87 18.10
C ARG B 2122 36.65 -15.32 16.80
N PRO B 2123 36.36 -16.16 15.82
CA PRO B 2123 35.76 -15.66 14.57
C PRO B 2123 34.35 -15.18 14.80
N THR B 2124 33.92 -14.25 13.97
CA THR B 2124 32.55 -13.76 14.03
C THR B 2124 31.59 -14.85 13.57
N SER B 2125 30.34 -14.75 14.01
CA SER B 2125 29.35 -15.77 13.72
C SER B 2125 29.12 -15.93 12.21
N ALA B 2126 29.08 -14.80 11.48
CA ALA B 2126 28.98 -14.87 10.03
C ALA B 2126 30.18 -15.57 9.42
N GLN B 2127 31.38 -15.29 9.94
CA GLN B 2127 32.58 -15.97 9.46
C GLN B 2127 32.52 -17.47 9.72
N VAL B 2128 32.03 -17.87 10.90
CA VAL B 2128 31.89 -19.29 11.21
C VAL B 2128 30.95 -19.98 10.23
N PHE B 2129 29.81 -19.34 9.93
CA PHE B 2129 28.87 -19.92 8.99
C PHE B 2129 29.47 -20.06 7.59
N ASP B 2130 30.22 -19.05 7.14
CA ASP B 2130 30.81 -19.10 5.80
C ASP B 2130 31.83 -20.24 5.68
N ILE B 2131 32.69 -20.42 6.69
CA ILE B 2131 33.68 -21.48 6.61
C ILE B 2131 33.03 -22.84 6.82
N LEU B 2132 31.84 -22.87 7.45
CA LEU B 2132 31.07 -24.10 7.56
C LEU B 2132 30.27 -24.39 6.30
N ASN B 2133 30.13 -23.42 5.40
CA ASN B 2133 29.37 -23.56 4.18
C ASN B 2133 30.18 -24.16 3.05
N SER B 2134 31.44 -24.50 3.30
CA SER B 2134 32.32 -25.04 2.27
C SER B 2134 32.12 -26.54 2.14
N ALA B 2135 31.82 -26.99 0.91
CA ALA B 2135 31.66 -28.42 0.68
C ALA B 2135 32.96 -29.19 0.83
N GLU B 2136 34.11 -28.52 0.67
CA GLU B 2136 35.41 -29.16 0.92
C GLU B 2136 35.52 -29.64 2.36
N LEU B 2137 34.83 -28.97 3.29
CA LEU B 2137 34.85 -29.36 4.70
C LEU B 2137 34.31 -30.77 4.89
N VAL B 2138 33.19 -31.09 4.24
CA VAL B 2138 32.62 -32.43 4.33
C VAL B 2138 33.47 -33.43 3.58
N CYS B 2139 33.99 -33.06 2.41
CA CYS B 2139 34.66 -34.03 1.54
C CYS B 2139 36.02 -34.42 2.09
N LEU B 2140 36.78 -33.46 2.64
CA LEU B 2140 38.12 -33.73 3.12
C LEU B 2140 38.06 -34.65 4.32
N THR B 2141 38.48 -35.91 4.15
CA THR B 2141 38.37 -36.90 5.21
C THR B 2141 39.61 -36.95 6.08
N ARG B 2142 40.80 -36.98 5.47
CA ARG B 2142 42.03 -37.08 6.22
C ARG B 2142 43.13 -36.32 5.48
N ARG B 2143 44.10 -35.84 6.22
CA ARG B 2143 45.26 -35.15 5.66
C ARG B 2143 46.50 -35.62 6.40
N ILE B 2144 47.52 -36.03 5.66
CA ILE B 2144 48.77 -36.52 6.22
C ILE B 2144 49.89 -35.64 5.73
N LEU B 2145 50.73 -35.17 6.66
CA LEU B 2145 51.91 -34.37 6.33
C LEU B 2145 53.15 -35.22 6.54
N LEU B 2146 53.76 -35.66 5.44
CA LEU B 2146 54.97 -36.43 5.53
C LEU B 2146 56.10 -35.57 6.13
N PRO B 2147 56.96 -36.15 6.95
CA PRO B 2147 58.10 -35.40 7.49
C PRO B 2147 59.02 -34.90 6.39
N LYS B 2148 59.85 -33.91 6.75
CA LYS B 2148 60.72 -33.23 5.80
C LYS B 2148 61.63 -34.21 5.06
N ASN B 2149 61.39 -34.35 3.77
CA ASN B 2149 62.13 -35.26 2.90
C ASN B 2149 61.81 -34.87 1.46
N VAL B 2150 62.51 -35.53 0.53
CA VAL B 2150 62.27 -35.29 -0.89
C VAL B 2150 60.83 -35.69 -1.23
N ILE B 2151 60.16 -34.83 -2.00
CA ILE B 2151 58.76 -35.07 -2.36
C ILE B 2151 58.68 -36.31 -3.26
N VAL B 2152 57.58 -37.04 -3.14
CA VAL B 2152 57.37 -38.31 -3.82
C VAL B 2152 56.36 -38.11 -4.96
N GLU B 2153 56.83 -38.26 -6.19
CA GLU B 2153 55.88 -38.36 -7.30
C GLU B 2153 55.29 -39.76 -7.40
N CYS B 2154 56.03 -40.77 -6.93
CA CYS B 2154 55.55 -42.14 -6.95
C CYS B 2154 54.43 -42.36 -5.96
N MET B 2155 53.40 -43.10 -6.38
CA MET B 2155 52.24 -43.39 -5.55
C MET B 2155 51.62 -44.71 -6.00
N VAL B 2156 51.30 -45.57 -5.03
CA VAL B 2156 50.64 -46.85 -5.27
C VAL B 2156 49.49 -46.95 -4.27
N ALA B 2157 48.53 -47.82 -4.58
CA ALA B 2157 47.40 -48.09 -3.71
C ALA B 2157 47.42 -49.55 -3.29
N THR B 2158 46.73 -49.86 -2.19
CA THR B 2158 46.69 -51.20 -1.63
C THR B 2158 45.39 -51.89 -2.00
N HIS B 2159 45.51 -53.12 -2.51
CA HIS B 2159 44.32 -53.91 -2.83
C HIS B 2159 43.75 -54.63 -1.62
N HIS B 2160 44.53 -54.73 -0.53
CA HIS B 2160 44.07 -55.42 0.66
C HIS B 2160 42.95 -54.64 1.33
N ASN B 2161 41.90 -55.34 1.73
CA ASN B 2161 40.77 -54.73 2.43
C ASN B 2161 40.83 -54.97 3.94
N SER B 2162 41.92 -55.55 4.43
CA SER B 2162 42.09 -55.81 5.85
C SER B 2162 42.54 -54.52 6.55
N ARG B 2163 42.99 -54.65 7.80
CA ARG B 2163 43.53 -53.50 8.52
C ARG B 2163 44.77 -52.92 7.86
N ASN B 2164 45.48 -53.69 7.05
CA ASN B 2164 46.65 -53.22 6.31
C ASN B 2164 46.20 -52.27 5.22
N ALA B 2165 46.36 -50.97 5.45
CA ALA B 2165 46.05 -49.94 4.47
C ALA B 2165 47.26 -49.02 4.36
N SER B 2166 47.95 -49.07 3.23
CA SER B 2166 49.21 -48.35 3.08
C SER B 2166 49.47 -48.04 1.62
N ILE B 2167 50.46 -47.17 1.41
CA ILE B 2167 50.89 -46.74 0.08
C ILE B 2167 52.39 -46.98 -0.06
N TRP B 2168 52.86 -46.96 -1.30
CA TRP B 2168 54.26 -47.24 -1.60
C TRP B 2168 54.95 -46.03 -2.23
N LEU B 2169 54.74 -44.86 -1.65
CA LEU B 2169 55.42 -43.64 -2.06
C LEU B 2169 56.94 -43.80 -2.03
N GLY B 2170 57.61 -43.21 -3.02
CA GLY B 2170 59.05 -43.30 -3.11
C GLY B 2170 59.74 -42.03 -3.59
N CYS B 2171 60.90 -41.72 -3.00
CA CYS B 2171 61.67 -40.53 -3.33
C CYS B 2171 63.13 -40.89 -3.56
N GLY B 2172 63.80 -40.07 -4.36
CA GLY B 2172 65.22 -40.25 -4.59
C GLY B 2172 66.03 -38.99 -4.36
N HIS B 2173 66.91 -39.01 -3.37
CA HIS B 2173 67.79 -37.88 -3.08
C HIS B 2173 69.22 -38.10 -3.55
N THR B 2174 69.55 -39.30 -4.01
CA THR B 2174 70.90 -39.64 -4.43
C THR B 2174 70.82 -40.54 -5.65
N ASP B 2175 71.98 -41.06 -6.07
CA ASP B 2175 72.02 -41.98 -7.20
C ASP B 2175 71.18 -43.23 -6.94
N ARG B 2176 71.38 -43.86 -5.79
CA ARG B 2176 70.59 -45.04 -5.44
C ARG B 2176 69.16 -44.63 -5.10
N GLY B 2177 68.22 -45.54 -5.38
CA GLY B 2177 66.83 -45.26 -5.12
C GLY B 2177 66.48 -45.40 -3.65
N GLN B 2178 65.22 -45.07 -3.34
CA GLN B 2178 64.69 -45.22 -1.99
C GLN B 2178 63.19 -45.40 -2.07
N LEU B 2179 62.65 -46.15 -1.11
CA LEU B 2179 61.22 -46.41 -1.03
C LEU B 2179 60.72 -46.10 0.37
N SER B 2180 59.44 -45.80 0.47
CA SER B 2180 58.77 -45.54 1.73
C SER B 2180 57.51 -46.38 1.83
N PHE B 2181 57.10 -46.67 3.05
CA PHE B 2181 55.91 -47.46 3.33
C PHE B 2181 55.13 -46.74 4.41
N LEU B 2182 54.02 -46.11 4.04
CA LEU B 2182 53.25 -45.26 4.94
C LEU B 2182 51.86 -45.85 5.13
N ASP B 2183 51.55 -46.27 6.34
CA ASP B 2183 50.25 -46.85 6.66
C ASP B 2183 49.31 -45.75 7.11
N LEU B 2184 48.15 -45.67 6.47
CA LEU B 2184 47.17 -44.63 6.81
C LEU B 2184 46.57 -44.87 8.20
N ASN B 2185 46.37 -46.14 8.56
CA ASN B 2185 45.76 -46.45 9.85
C ASN B 2185 46.65 -46.04 11.01
N THR B 2186 47.94 -46.35 10.93
CA THR B 2186 48.86 -46.05 12.01
C THR B 2186 49.50 -44.67 11.89
N GLU B 2187 49.32 -43.99 10.76
CA GLU B 2187 49.88 -42.65 10.50
C GLU B 2187 51.40 -42.61 10.60
N GLY B 2188 52.07 -43.75 10.50
CA GLY B 2188 53.52 -43.80 10.57
C GLY B 2188 54.13 -44.39 9.31
N TYR B 2189 55.39 -44.10 9.05
CA TYR B 2189 56.03 -44.58 7.82
C TYR B 2189 57.46 -45.02 8.12
N THR B 2190 57.96 -45.91 7.27
CA THR B 2190 59.34 -46.37 7.31
C THR B 2190 59.94 -46.22 5.92
N SER B 2191 61.12 -45.60 5.83
CA SER B 2191 61.78 -45.34 4.57
C SER B 2191 63.20 -45.86 4.62
N GLU B 2192 63.65 -46.47 3.52
CA GLU B 2192 65.01 -46.97 3.43
C GLU B 2192 65.42 -47.07 1.97
N GLU B 2193 66.68 -46.74 1.70
CA GLU B 2193 67.23 -46.80 0.34
C GLU B 2193 67.55 -48.26 0.03
N VAL B 2194 66.84 -48.82 -0.95
CA VAL B 2194 66.96 -50.25 -1.25
C VAL B 2194 67.43 -50.50 -2.68
N ALA B 2195 67.10 -49.60 -3.59
CA ALA B 2195 67.42 -49.79 -5.00
C ALA B 2195 68.70 -49.04 -5.38
N ASP B 2196 69.57 -49.72 -6.14
CA ASP B 2196 70.87 -49.18 -6.51
C ASP B 2196 70.79 -47.96 -7.43
N SER B 2197 69.62 -47.71 -8.03
CA SER B 2197 69.41 -46.53 -8.85
C SER B 2197 68.02 -45.99 -8.56
N ARG B 2198 67.79 -44.74 -8.96
CA ARG B 2198 66.57 -44.04 -8.58
C ARG B 2198 65.34 -44.72 -9.16
N ILE B 2199 64.23 -44.61 -8.44
CA ILE B 2199 62.95 -45.12 -8.91
C ILE B 2199 62.15 -43.95 -9.49
N LEU B 2200 61.39 -44.22 -10.54
CA LEU B 2200 60.60 -43.18 -11.19
C LEU B 2200 59.11 -43.47 -11.21
N CYS B 2201 58.69 -44.73 -11.27
CA CYS B 2201 57.29 -45.12 -11.19
C CYS B 2201 57.21 -46.54 -10.64
N LEU B 2202 56.00 -46.92 -10.23
CA LEU B 2202 55.77 -48.20 -9.58
C LEU B 2202 54.49 -48.82 -10.11
N ALA B 2203 54.40 -50.14 -9.95
CA ALA B 2203 53.19 -50.89 -10.22
C ALA B 2203 53.04 -51.98 -9.16
N LEU B 2204 51.81 -52.43 -8.96
CA LEU B 2204 51.53 -53.49 -8.00
C LEU B 2204 50.69 -54.56 -8.66
N VAL B 2205 51.08 -55.82 -8.48
CA VAL B 2205 50.39 -56.97 -9.04
C VAL B 2205 49.90 -57.83 -7.88
N HIS B 2206 48.65 -58.29 -7.96
CA HIS B 2206 48.04 -59.11 -6.93
C HIS B 2206 47.51 -60.40 -7.55
N LEU B 2207 47.93 -61.54 -6.99
CA LEU B 2207 47.45 -62.85 -7.39
C LEU B 2207 47.02 -63.58 -6.12
N PRO B 2208 45.80 -63.34 -5.65
CA PRO B 2208 45.35 -63.98 -4.40
C PRO B 2208 45.26 -65.50 -4.46
N VAL B 2209 45.11 -66.08 -5.66
CA VAL B 2209 45.09 -67.54 -5.79
C VAL B 2209 46.41 -68.13 -5.32
N GLU B 2210 47.53 -67.53 -5.74
CA GLU B 2210 48.84 -67.89 -5.23
C GLU B 2210 49.25 -67.07 -4.01
N LYS B 2211 48.40 -66.13 -3.57
CA LYS B 2211 48.66 -65.24 -2.44
C LYS B 2211 49.97 -64.46 -2.64
N GLU B 2212 50.19 -64.02 -3.88
CA GLU B 2212 51.42 -63.33 -4.26
C GLU B 2212 51.08 -61.87 -4.53
N SER B 2213 51.49 -60.98 -3.61
CA SER B 2213 51.32 -59.55 -3.75
C SER B 2213 52.71 -58.92 -3.86
N TRP B 2214 53.02 -58.34 -5.01
CA TRP B 2214 54.36 -57.90 -5.33
C TRP B 2214 54.32 -56.46 -5.84
N ILE B 2215 55.41 -55.74 -5.62
CA ILE B 2215 55.55 -54.35 -6.06
C ILE B 2215 56.78 -54.27 -6.94
N VAL B 2216 56.62 -53.71 -8.14
CA VAL B 2216 57.69 -53.56 -9.11
C VAL B 2216 57.96 -52.08 -9.35
N SER B 2217 59.24 -51.70 -9.36
CA SER B 2217 59.67 -50.36 -9.66
C SER B 2217 60.89 -50.42 -10.57
N GLY B 2218 61.07 -49.39 -11.39
CA GLY B 2218 62.09 -49.39 -12.43
C GLY B 2218 63.21 -48.39 -12.15
N THR B 2219 64.43 -48.87 -12.30
CA THR B 2219 65.61 -48.05 -12.05
C THR B 2219 65.92 -47.18 -13.27
N GLN B 2220 66.41 -45.97 -13.00
CA GLN B 2220 66.90 -45.10 -14.07
C GLN B 2220 68.11 -45.70 -14.80
N SER B 2221 68.85 -46.59 -14.15
CA SER B 2221 69.90 -47.32 -14.85
C SER B 2221 69.33 -48.25 -15.90
N GLY B 2222 68.16 -48.85 -15.64
CA GLY B 2222 67.50 -49.65 -16.65
C GLY B 2222 67.13 -51.05 -16.22
N THR B 2223 67.08 -51.31 -14.91
CA THR B 2223 66.60 -52.57 -14.37
C THR B 2223 65.46 -52.31 -13.40
N LEU B 2224 64.83 -53.39 -12.95
CA LEU B 2224 63.65 -53.30 -12.11
C LEU B 2224 63.79 -54.23 -10.92
N LEU B 2225 63.36 -53.77 -9.74
CA LEU B 2225 63.22 -54.63 -8.58
C LEU B 2225 61.75 -55.00 -8.40
N VAL B 2226 61.49 -56.28 -8.17
CA VAL B 2226 60.20 -56.75 -7.70
C VAL B 2226 60.39 -57.20 -6.25
N ILE B 2227 59.55 -56.66 -5.37
CA ILE B 2227 59.68 -56.87 -3.93
C ILE B 2227 58.35 -57.35 -3.38
N ASN B 2228 58.41 -58.33 -2.49
CA ASN B 2228 57.23 -58.86 -1.83
C ASN B 2228 56.92 -58.03 -0.58
N THR B 2229 55.68 -57.55 -0.49
CA THR B 2229 55.28 -56.85 0.73
C THR B 2229 55.15 -57.78 1.93
N GLU B 2230 55.05 -59.10 1.69
CA GLU B 2230 55.02 -60.03 2.81
C GLU B 2230 56.39 -60.22 3.43
N ASP B 2231 57.44 -60.20 2.62
CA ASP B 2231 58.82 -60.30 3.10
C ASP B 2231 59.70 -59.37 2.29
N GLY B 2232 60.26 -58.35 2.95
CA GLY B 2232 61.07 -57.32 2.30
C GLY B 2232 62.38 -57.81 1.72
N LYS B 2233 62.81 -59.02 2.06
CA LYS B 2233 64.05 -59.58 1.53
C LYS B 2233 63.89 -60.26 0.18
N LYS B 2234 62.67 -60.34 -0.35
CA LYS B 2234 62.44 -60.96 -1.66
C LYS B 2234 62.66 -59.91 -2.75
N ARG B 2235 63.93 -59.64 -3.03
CA ARG B 2235 64.34 -58.59 -3.97
C ARG B 2235 65.13 -59.22 -5.11
N HIS B 2236 64.57 -59.19 -6.32
CA HIS B 2236 65.26 -59.73 -7.47
C HIS B 2236 65.13 -58.78 -8.64
N THR B 2237 66.10 -58.84 -9.55
CA THR B 2237 66.27 -57.88 -10.62
C THR B 2237 65.95 -58.49 -11.99
N LEU B 2238 65.20 -57.75 -12.80
CA LEU B 2238 64.74 -58.23 -14.09
C LEU B 2238 65.85 -58.05 -15.12
N GLU B 2239 65.51 -58.20 -16.41
CA GLU B 2239 66.45 -57.93 -17.47
C GLU B 2239 66.55 -56.42 -17.73
N LYS B 2240 67.64 -56.04 -18.39
CA LYS B 2240 67.98 -54.64 -18.57
C LYS B 2240 67.41 -54.12 -19.89
N MET B 2241 67.04 -52.83 -19.90
CA MET B 2241 66.70 -52.12 -21.12
C MET B 2241 67.71 -51.00 -21.33
N THR B 2242 67.77 -50.53 -22.59
CA THR B 2242 68.83 -49.61 -22.99
C THR B 2242 68.76 -48.28 -22.25
N ASP B 2243 67.56 -47.73 -22.08
CA ASP B 2243 67.39 -46.41 -21.47
C ASP B 2243 66.48 -46.55 -20.24
N SER B 2244 66.33 -45.45 -19.52
CA SER B 2244 65.60 -45.41 -18.26
C SER B 2244 64.12 -45.74 -18.46
N VAL B 2245 63.42 -45.88 -17.34
CA VAL B 2245 62.02 -46.29 -17.31
C VAL B 2245 61.16 -45.06 -17.16
N THR B 2246 60.07 -44.99 -17.93
CA THR B 2246 59.15 -43.87 -17.87
C THR B 2246 57.88 -44.17 -17.06
N CYS B 2247 57.24 -45.31 -17.30
CA CYS B 2247 55.97 -45.62 -16.67
C CYS B 2247 55.80 -47.12 -16.53
N LEU B 2248 54.96 -47.52 -15.57
CA LEU B 2248 54.58 -48.91 -15.39
C LEU B 2248 53.07 -48.99 -15.27
N TYR B 2249 52.55 -50.21 -15.47
CA TYR B 2249 51.12 -50.48 -15.32
C TYR B 2249 50.93 -51.97 -15.15
N CYS B 2250 49.94 -52.34 -14.34
CA CYS B 2250 49.57 -53.74 -14.15
C CYS B 2250 48.12 -53.91 -14.59
N ASN B 2251 47.90 -54.71 -15.62
CA ASN B 2251 46.62 -54.80 -16.29
C ASN B 2251 45.89 -56.06 -15.87
N SER B 2252 44.65 -55.90 -15.40
CA SER B 2252 43.77 -57.01 -15.09
C SER B 2252 42.66 -57.07 -16.14
N PHE B 2253 42.55 -58.21 -16.82
CA PHE B 2253 41.56 -58.39 -17.87
C PHE B 2253 40.21 -58.83 -17.28
N SER B 2254 39.69 -57.98 -16.38
CA SER B 2254 38.45 -58.17 -15.62
C SER B 2254 38.53 -59.36 -14.66
N LYS B 2255 37.68 -59.36 -13.64
CA LYS B 2255 37.68 -60.42 -12.65
C LYS B 2255 36.77 -61.59 -13.02
N GLN B 2256 36.04 -61.48 -14.14
CA GLN B 2256 35.16 -62.54 -14.60
C GLN B 2256 35.70 -63.24 -15.84
N SER B 2257 36.98 -63.11 -16.12
CA SER B 2257 37.60 -63.72 -17.29
C SER B 2257 38.82 -64.53 -16.87
N LYS B 2258 39.12 -65.55 -17.66
CA LYS B 2258 40.24 -66.44 -17.39
C LYS B 2258 41.54 -65.96 -18.01
N GLN B 2259 41.55 -64.78 -18.63
CA GLN B 2259 42.77 -64.23 -19.19
C GLN B 2259 43.79 -63.94 -18.08
N LYS B 2260 45.07 -64.15 -18.40
CA LYS B 2260 46.13 -63.95 -17.43
C LYS B 2260 46.61 -62.50 -17.44
N ASN B 2261 46.92 -61.99 -16.25
CA ASN B 2261 47.35 -60.61 -16.09
C ASN B 2261 48.78 -60.42 -16.59
N PHE B 2262 49.12 -59.17 -16.90
CA PHE B 2262 50.42 -58.84 -17.45
C PHE B 2262 50.92 -57.55 -16.83
N LEU B 2263 52.23 -57.47 -16.62
CA LEU B 2263 52.91 -56.26 -16.17
C LEU B 2263 53.43 -55.52 -17.39
N LEU B 2264 52.73 -54.46 -17.79
CA LEU B 2264 53.20 -53.60 -18.86
C LEU B 2264 54.18 -52.56 -18.33
N VAL B 2265 55.22 -52.28 -19.12
CA VAL B 2265 56.20 -51.25 -18.80
C VAL B 2265 56.47 -50.44 -20.07
N GLY B 2266 56.67 -49.14 -19.89
CA GLY B 2266 57.00 -48.25 -20.99
C GLY B 2266 58.31 -47.51 -20.75
N THR B 2267 59.28 -47.65 -21.64
CA THR B 2267 60.60 -47.08 -21.46
C THR B 2267 60.78 -45.83 -22.32
N ALA B 2268 61.96 -45.21 -22.20
CA ALA B 2268 62.28 -44.00 -22.95
C ALA B 2268 62.76 -44.27 -24.37
N ASP B 2269 63.14 -45.50 -24.70
CA ASP B 2269 63.51 -45.83 -26.07
C ASP B 2269 62.35 -46.39 -26.88
N GLY B 2270 61.12 -46.06 -26.50
CA GLY B 2270 59.96 -46.59 -27.19
C GLY B 2270 59.69 -48.06 -26.95
N LYS B 2271 60.47 -48.71 -26.10
CA LYS B 2271 60.32 -50.14 -25.85
C LYS B 2271 59.11 -50.34 -24.95
N LEU B 2272 58.11 -51.03 -25.46
CA LEU B 2272 56.95 -51.44 -24.68
C LEU B 2272 57.12 -52.92 -24.42
N ALA B 2273 57.67 -53.25 -23.25
CA ALA B 2273 57.97 -54.62 -22.89
C ALA B 2273 56.89 -55.16 -21.96
N ILE B 2274 56.60 -56.45 -22.12
CA ILE B 2274 55.53 -57.10 -21.37
C ILE B 2274 56.18 -58.16 -20.48
N PHE B 2275 55.99 -58.02 -19.17
CA PHE B 2275 56.39 -59.04 -18.23
C PHE B 2275 55.14 -59.83 -17.81
N GLU B 2276 55.30 -61.14 -17.66
CA GLU B 2276 54.22 -61.99 -17.19
C GLU B 2276 54.27 -62.10 -15.69
N ASP B 2277 53.11 -61.93 -15.04
CA ASP B 2277 53.06 -61.88 -13.57
C ASP B 2277 53.52 -63.18 -12.92
N LYS B 2278 53.55 -64.29 -13.66
CA LYS B 2278 54.16 -65.52 -13.17
C LYS B 2278 55.63 -65.66 -13.58
N THR B 2279 56.03 -65.03 -14.69
CA THR B 2279 57.42 -65.10 -15.11
C THR B 2279 58.34 -64.37 -14.14
N VAL B 2280 57.90 -63.20 -13.66
CA VAL B 2280 58.73 -62.37 -12.79
C VAL B 2280 59.01 -62.99 -11.43
N LYS B 2281 58.37 -64.11 -11.10
CA LYS B 2281 58.56 -64.72 -9.79
C LYS B 2281 59.95 -65.32 -9.64
N LEU B 2282 60.54 -65.79 -10.73
CA LEU B 2282 61.91 -66.30 -10.74
C LEU B 2282 62.90 -65.18 -11.02
N LYS B 2283 64.07 -65.27 -10.39
CA LYS B 2283 65.12 -64.28 -10.61
C LYS B 2283 65.63 -64.35 -12.05
N GLY B 2284 66.02 -63.21 -12.59
CA GLY B 2284 66.44 -63.14 -13.98
C GLY B 2284 65.33 -63.45 -14.96
N ALA B 2285 64.15 -62.88 -14.77
CA ALA B 2285 63.03 -63.17 -15.64
C ALA B 2285 63.08 -62.32 -16.91
N ALA B 2286 62.96 -62.99 -18.06
CA ALA B 2286 63.00 -62.44 -19.41
C ALA B 2286 61.62 -61.94 -19.84
N PRO B 2287 61.51 -60.68 -20.28
CA PRO B 2287 60.25 -60.20 -20.86
C PRO B 2287 59.85 -61.05 -22.06
N LEU B 2288 58.54 -61.28 -22.21
CA LEU B 2288 58.08 -62.19 -23.25
C LEU B 2288 57.97 -61.51 -24.61
N LYS B 2289 57.50 -60.26 -24.65
CA LYS B 2289 57.35 -59.55 -25.92
C LYS B 2289 57.76 -58.09 -25.72
N ILE B 2290 58.17 -57.46 -26.82
CA ILE B 2290 58.57 -56.06 -26.83
C ILE B 2290 58.05 -55.41 -28.11
N LEU B 2291 57.44 -54.23 -27.98
CA LEU B 2291 57.01 -53.43 -29.12
C LEU B 2291 57.85 -52.16 -29.18
N ASN B 2292 58.45 -51.91 -30.34
CA ASN B 2292 59.31 -50.74 -30.53
C ASN B 2292 58.51 -49.59 -31.16
N ILE B 2293 57.48 -49.15 -30.44
CA ILE B 2293 56.54 -48.16 -30.97
C ILE B 2293 57.25 -46.84 -31.25
N GLY B 2294 58.10 -46.39 -30.33
CA GLY B 2294 58.80 -45.13 -30.49
C GLY B 2294 60.30 -45.25 -30.33
N ASN B 2295 60.95 -44.14 -30.01
CA ASN B 2295 62.40 -44.07 -29.87
C ASN B 2295 62.73 -43.02 -28.82
N VAL B 2296 63.99 -42.57 -28.80
CA VAL B 2296 64.38 -41.46 -27.95
C VAL B 2296 63.68 -40.17 -28.42
N SER B 2297 63.41 -40.06 -29.72
CA SER B 2297 62.77 -38.85 -30.25
C SER B 2297 61.36 -38.68 -29.70
N THR B 2298 60.59 -39.77 -29.63
CA THR B 2298 59.22 -39.75 -29.11
C THR B 2298 59.02 -40.86 -28.06
N PRO B 2299 59.63 -40.69 -26.89
CA PRO B 2299 59.54 -41.74 -25.86
C PRO B 2299 58.13 -41.91 -25.32
N LEU B 2300 57.81 -43.15 -24.97
CA LEU B 2300 56.50 -43.45 -24.39
C LEU B 2300 56.43 -42.97 -22.95
N MET B 2301 55.31 -42.32 -22.60
CA MET B 2301 55.14 -41.65 -21.32
C MET B 2301 54.18 -42.35 -20.37
N CYS B 2302 53.01 -42.81 -20.85
CA CYS B 2302 51.99 -43.26 -19.92
C CYS B 2302 51.10 -44.31 -20.57
N LEU B 2303 50.35 -45.02 -19.73
CA LEU B 2303 49.36 -46.00 -20.15
C LEU B 2303 48.04 -45.70 -19.47
N SER B 2304 46.95 -46.24 -20.02
CA SER B 2304 45.64 -46.09 -19.41
C SER B 2304 44.74 -47.22 -19.89
N GLU B 2305 43.66 -47.43 -19.16
CA GLU B 2305 42.66 -48.45 -19.47
C GLU B 2305 41.32 -47.79 -19.75
N SER B 2306 40.55 -48.40 -20.64
CA SER B 2306 39.25 -47.85 -21.02
C SER B 2306 38.26 -47.97 -19.85
N THR B 2307 37.60 -46.86 -19.53
CA THR B 2307 36.63 -46.86 -18.44
C THR B 2307 35.43 -47.74 -18.76
N ASN B 2308 34.91 -47.63 -19.98
CA ASN B 2308 33.76 -48.42 -20.38
C ASN B 2308 34.16 -49.88 -20.59
N SER B 2309 33.23 -50.78 -20.28
CA SER B 2309 33.48 -52.22 -20.46
C SER B 2309 33.52 -52.62 -21.93
N THR B 2310 33.03 -51.77 -22.84
CA THR B 2310 33.01 -52.13 -24.25
C THR B 2310 34.39 -52.11 -24.88
N GLU B 2311 35.37 -51.45 -24.25
CA GLU B 2311 36.73 -51.39 -24.79
C GLU B 2311 37.78 -51.79 -23.77
N ARG B 2312 37.39 -52.58 -22.75
CA ARG B 2312 38.33 -53.00 -21.72
C ARG B 2312 39.44 -53.89 -22.27
N ASN B 2313 39.20 -54.55 -23.40
CA ASN B 2313 40.25 -55.34 -24.06
C ASN B 2313 41.14 -54.49 -24.95
N VAL B 2314 40.85 -53.19 -25.06
CA VAL B 2314 41.66 -52.25 -25.85
C VAL B 2314 42.40 -51.36 -24.86
N MET B 2315 43.72 -51.39 -24.92
CA MET B 2315 44.56 -50.62 -24.02
C MET B 2315 45.22 -49.48 -24.79
N TRP B 2316 45.27 -48.31 -24.16
CA TRP B 2316 45.78 -47.11 -24.81
C TRP B 2316 47.00 -46.57 -24.07
N GLY B 2317 47.83 -45.85 -24.81
CA GLY B 2317 49.03 -45.25 -24.24
C GLY B 2317 49.51 -44.11 -25.09
N GLY B 2318 50.15 -43.13 -24.44
CA GLY B 2318 50.71 -42.00 -25.16
C GLY B 2318 52.19 -42.16 -25.39
N CYS B 2319 52.57 -42.62 -26.58
CA CYS B 2319 53.97 -42.76 -26.96
C CYS B 2319 54.46 -41.42 -27.49
N GLY B 2320 54.80 -40.53 -26.57
CA GLY B 2320 55.24 -39.19 -26.92
C GLY B 2320 54.18 -38.38 -27.62
N THR B 2321 54.38 -38.13 -28.92
CA THR B 2321 53.40 -37.43 -29.72
C THR B 2321 52.46 -38.38 -30.44
N LYS B 2322 52.52 -39.67 -30.10
CA LYS B 2322 51.69 -40.69 -30.72
C LYS B 2322 50.79 -41.32 -29.66
N ILE B 2323 49.62 -41.76 -30.08
CA ILE B 2323 48.67 -42.47 -29.22
C ILE B 2323 48.41 -43.82 -29.86
N PHE B 2324 48.69 -44.89 -29.12
CA PHE B 2324 48.51 -46.24 -29.62
C PHE B 2324 47.40 -46.92 -28.82
N SER B 2325 46.53 -47.63 -29.53
CA SER B 2325 45.51 -48.47 -28.92
C SER B 2325 45.69 -49.88 -29.44
N PHE B 2326 45.85 -50.85 -28.54
CA PHE B 2326 46.10 -52.23 -28.93
C PHE B 2326 45.21 -53.18 -28.15
N SER B 2327 44.83 -54.27 -28.82
CA SER B 2327 43.91 -55.24 -28.26
C SER B 2327 44.67 -56.19 -27.34
N ASN B 2328 44.00 -57.24 -26.86
CA ASN B 2328 44.63 -58.22 -25.99
C ASN B 2328 45.69 -59.06 -26.70
N ASP B 2329 45.77 -58.98 -28.02
CA ASP B 2329 46.77 -59.70 -28.79
C ASP B 2329 48.07 -58.93 -28.96
N PHE B 2330 48.18 -57.76 -28.30
CA PHE B 2330 49.36 -56.90 -28.35
C PHE B 2330 49.67 -56.41 -29.77
N THR B 2331 48.64 -56.33 -30.61
CA THR B 2331 48.75 -55.77 -31.94
C THR B 2331 48.05 -54.41 -31.96
N ILE B 2332 48.73 -53.41 -32.50
CA ILE B 2332 48.18 -52.05 -32.54
C ILE B 2332 46.89 -52.04 -33.34
N GLN B 2333 45.86 -51.39 -32.80
CA GLN B 2333 44.59 -51.22 -33.49
C GLN B 2333 44.39 -49.82 -34.06
N LYS B 2334 44.86 -48.78 -33.37
CA LYS B 2334 44.70 -47.42 -33.86
C LYS B 2334 45.90 -46.57 -33.46
N LEU B 2335 46.30 -45.66 -34.34
CA LEU B 2335 47.35 -44.68 -34.08
C LEU B 2335 46.83 -43.28 -34.36
N ILE B 2336 47.10 -42.36 -33.44
CA ILE B 2336 46.68 -40.97 -33.54
C ILE B 2336 47.91 -40.09 -33.42
N GLU B 2337 48.00 -39.09 -34.30
CA GLU B 2337 49.13 -38.17 -34.34
C GLU B 2337 48.76 -36.85 -33.69
N THR B 2338 49.58 -36.40 -32.75
CA THR B 2338 49.35 -35.15 -32.05
C THR B 2338 49.83 -33.93 -32.83
N ARG B 2339 50.60 -34.12 -33.91
CA ARG B 2339 51.10 -33.00 -34.70
C ARG B 2339 50.01 -32.25 -35.44
N THR B 2340 48.79 -32.78 -35.49
CA THR B 2340 47.67 -32.04 -36.06
C THR B 2340 47.05 -31.04 -35.08
N SER B 2341 47.51 -31.02 -33.82
CA SER B 2341 46.89 -30.18 -32.80
C SER B 2341 47.26 -28.71 -32.92
N GLN B 2342 48.48 -28.39 -33.34
CA GLN B 2342 48.92 -26.99 -33.37
C GLN B 2342 48.29 -26.20 -34.50
N LEU B 2343 47.55 -26.84 -35.41
CA LEU B 2343 46.87 -26.11 -36.48
C LEU B 2343 45.87 -25.10 -35.92
N PHE B 2344 45.30 -25.37 -34.75
CA PHE B 2344 44.36 -24.47 -34.09
C PHE B 2344 44.92 -23.80 -32.86
N SER B 2345 45.67 -24.51 -32.03
CA SER B 2345 46.20 -23.98 -30.79
C SER B 2345 47.65 -23.53 -30.98
N TYR B 2346 48.29 -23.13 -29.89
CA TYR B 2346 49.66 -22.65 -29.95
C TYR B 2346 50.62 -23.79 -30.29
N ALA B 2347 51.63 -23.48 -31.11
CA ALA B 2347 52.54 -24.52 -31.59
C ALA B 2347 53.47 -25.03 -30.50
N ALA B 2348 54.01 -24.12 -29.67
CA ALA B 2348 55.00 -24.51 -28.67
C ALA B 2348 54.43 -25.48 -27.64
N PHE B 2349 53.21 -25.21 -27.15
CA PHE B 2349 52.57 -26.13 -26.21
C PHE B 2349 52.29 -27.48 -26.87
N SER B 2350 51.78 -27.45 -28.11
CA SER B 2350 51.42 -28.68 -28.81
C SER B 2350 52.65 -29.51 -29.16
N ASP B 2351 53.81 -28.87 -29.34
CA ASP B 2351 55.05 -29.58 -29.69
C ASP B 2351 55.72 -30.14 -28.43
N SER B 2352 54.99 -31.01 -27.74
CA SER B 2352 55.47 -31.64 -26.53
C SER B 2352 54.81 -33.00 -26.37
N ASN B 2353 55.43 -33.86 -25.58
CA ASN B 2353 54.93 -35.21 -25.37
C ASN B 2353 53.70 -35.20 -24.45
N ILE B 2354 52.82 -36.15 -24.68
CA ILE B 2354 51.61 -36.31 -23.87
C ILE B 2354 51.98 -36.99 -22.56
N ILE B 2355 51.57 -36.40 -21.44
CA ILE B 2355 51.93 -36.90 -20.12
C ILE B 2355 50.83 -37.78 -19.54
N THR B 2356 49.57 -37.39 -19.68
CA THR B 2356 48.45 -38.15 -19.13
C THR B 2356 47.41 -38.39 -20.22
N VAL B 2357 46.81 -39.58 -20.18
CA VAL B 2357 45.77 -39.97 -21.12
C VAL B 2357 44.62 -40.60 -20.33
N VAL B 2358 43.39 -40.19 -20.66
CA VAL B 2358 42.19 -40.73 -20.04
C VAL B 2358 41.34 -41.32 -21.15
N VAL B 2359 40.97 -42.59 -21.01
CA VAL B 2359 40.27 -43.33 -22.06
C VAL B 2359 38.81 -43.47 -21.68
N ASP B 2360 37.94 -42.93 -22.50
CA ASP B 2360 36.49 -42.99 -22.32
C ASP B 2360 35.87 -42.94 -23.71
N THR B 2361 34.58 -42.62 -23.78
CA THR B 2361 33.93 -42.37 -25.07
C THR B 2361 34.67 -41.34 -25.90
N ALA B 2362 35.24 -40.33 -25.23
CA ALA B 2362 36.12 -39.36 -25.86
C ALA B 2362 37.44 -39.34 -25.11
N LEU B 2363 38.55 -39.34 -25.85
CA LEU B 2363 39.87 -39.29 -25.23
C LEU B 2363 40.15 -37.90 -24.70
N TYR B 2364 40.66 -37.83 -23.47
CA TYR B 2364 41.12 -36.58 -22.87
C TYR B 2364 42.64 -36.61 -22.78
N ILE B 2365 43.27 -35.56 -23.30
CA ILE B 2365 44.72 -35.54 -23.50
C ILE B 2365 45.31 -34.32 -22.82
N ALA B 2366 46.33 -34.52 -22.00
CA ALA B 2366 47.13 -33.45 -21.43
C ALA B 2366 48.59 -33.74 -21.72
N LYS B 2367 49.31 -32.73 -22.21
CA LYS B 2367 50.70 -32.89 -22.60
C LYS B 2367 51.59 -31.98 -21.77
N GLN B 2368 52.89 -32.29 -21.81
CA GLN B 2368 53.86 -31.68 -20.92
C GLN B 2368 53.90 -30.17 -21.05
N ASN B 2369 53.89 -29.48 -19.90
CA ASN B 2369 54.03 -28.03 -19.82
C ASN B 2369 52.97 -27.31 -20.67
N SER B 2370 51.73 -27.79 -20.59
CA SER B 2370 50.64 -27.20 -21.35
C SER B 2370 49.47 -26.87 -20.43
N PRO B 2371 48.81 -25.73 -20.63
CA PRO B 2371 47.61 -25.40 -19.84
C PRO B 2371 46.29 -25.75 -20.51
N VAL B 2372 46.30 -26.47 -21.63
CA VAL B 2372 45.09 -26.78 -22.38
C VAL B 2372 44.95 -28.29 -22.48
N VAL B 2373 43.70 -28.74 -22.59
CA VAL B 2373 43.37 -30.16 -22.67
C VAL B 2373 42.69 -30.41 -24.00
N GLU B 2374 43.13 -31.46 -24.70
CA GLU B 2374 42.60 -31.81 -26.01
C GLU B 2374 41.61 -32.96 -25.87
N VAL B 2375 40.61 -32.97 -26.76
CA VAL B 2375 39.61 -34.03 -26.79
C VAL B 2375 39.67 -34.70 -28.16
N TRP B 2376 39.95 -36.00 -28.17
CA TRP B 2376 40.00 -36.79 -29.39
C TRP B 2376 38.83 -37.77 -29.43
N ASP B 2377 38.51 -38.22 -30.65
CA ASP B 2377 37.50 -39.23 -30.88
C ASP B 2377 38.18 -40.52 -31.36
N LYS B 2378 37.82 -41.64 -30.74
CA LYS B 2378 38.39 -42.92 -31.13
C LYS B 2378 37.94 -43.40 -32.50
N LYS B 2379 36.93 -42.78 -33.10
CA LYS B 2379 36.44 -43.16 -34.41
C LYS B 2379 37.03 -42.28 -35.53
N THR B 2380 36.84 -40.96 -35.41
CA THR B 2380 37.30 -40.03 -36.45
C THR B 2380 38.76 -39.64 -36.32
N GLU B 2381 39.39 -39.95 -35.18
CA GLU B 2381 40.79 -39.58 -34.90
C GLU B 2381 41.03 -38.08 -35.10
N LYS B 2382 40.05 -37.27 -34.68
CA LYS B 2382 40.06 -35.84 -34.92
C LYS B 2382 39.74 -35.11 -33.62
N LEU B 2383 40.29 -33.89 -33.50
CA LEU B 2383 40.00 -33.03 -32.36
C LEU B 2383 38.51 -32.78 -32.22
N CYS B 2384 37.99 -32.92 -31.00
CA CYS B 2384 36.58 -32.71 -30.72
C CYS B 2384 36.30 -31.57 -29.78
N GLY B 2385 37.25 -31.16 -28.95
CA GLY B 2385 37.04 -30.06 -28.05
C GLY B 2385 38.32 -29.66 -27.36
N LEU B 2386 38.33 -28.43 -26.87
CA LEU B 2386 39.46 -27.89 -26.13
C LEU B 2386 38.99 -27.41 -24.76
N ILE B 2387 39.76 -27.72 -23.74
CA ILE B 2387 39.49 -27.28 -22.37
C ILE B 2387 40.59 -26.31 -21.98
N ASP B 2388 40.21 -25.04 -21.81
CA ASP B 2388 41.15 -23.96 -21.51
C ASP B 2388 41.15 -23.72 -20.00
N CYS B 2389 42.08 -24.40 -19.30
CA CYS B 2389 42.21 -24.20 -17.87
C CYS B 2389 42.67 -22.80 -17.51
N VAL B 2390 43.28 -22.07 -18.45
CA VAL B 2390 43.72 -20.70 -18.18
C VAL B 2390 42.52 -19.81 -17.85
N HIS B 2391 41.46 -19.91 -18.65
CA HIS B 2391 40.25 -19.11 -18.42
C HIS B 2391 39.61 -19.46 -17.08
N PHE B 2392 39.54 -20.75 -16.75
CA PHE B 2392 38.94 -21.16 -15.49
C PHE B 2392 39.72 -20.63 -14.28
N LEU B 2393 41.05 -20.68 -14.34
CA LEU B 2393 41.86 -20.14 -13.26
C LEU B 2393 41.73 -18.62 -13.15
N ARG B 2394 41.69 -17.92 -14.28
CA ARG B 2394 41.54 -16.47 -14.25
C ARG B 2394 40.18 -16.03 -13.74
N GLU B 2395 39.17 -16.91 -13.81
CA GLU B 2395 37.85 -16.57 -13.27
C GLU B 2395 37.92 -16.33 -11.76
N VAL B 2396 38.75 -17.09 -11.05
CA VAL B 2396 38.94 -16.89 -9.62
C VAL B 2396 40.11 -15.93 -9.39
N SER B 2411 50.66 -20.42 -13.09
CA SER B 2411 51.07 -20.73 -14.46
C SER B 2411 49.95 -21.42 -15.22
N GLY B 2412 49.20 -22.28 -14.53
CA GLY B 2412 48.07 -22.96 -15.12
C GLY B 2412 48.37 -24.24 -15.86
N ARG B 2413 49.60 -24.74 -15.78
CA ARG B 2413 49.94 -25.98 -16.48
C ARG B 2413 49.26 -27.17 -15.81
N VAL B 2414 48.60 -27.99 -16.62
CA VAL B 2414 47.94 -29.19 -16.12
C VAL B 2414 49.00 -30.27 -15.89
N LYS B 2415 48.82 -31.07 -14.84
CA LYS B 2415 49.80 -32.08 -14.47
C LYS B 2415 49.26 -33.50 -14.50
N THR B 2416 48.06 -33.74 -13.97
CA THR B 2416 47.54 -35.09 -13.88
C THR B 2416 46.02 -35.08 -13.98
N LEU B 2417 45.46 -36.22 -14.35
CA LEU B 2417 44.03 -36.36 -14.59
C LEU B 2417 43.53 -37.65 -13.94
N CYS B 2418 42.23 -37.67 -13.66
CA CYS B 2418 41.52 -38.88 -13.25
C CYS B 2418 40.05 -38.71 -13.53
N LEU B 2419 39.39 -39.83 -13.84
CA LEU B 2419 37.99 -39.84 -14.23
C LEU B 2419 37.26 -40.94 -13.47
N GLN B 2420 35.96 -40.73 -13.26
CA GLN B 2420 35.13 -41.67 -12.51
C GLN B 2420 33.85 -41.98 -13.29
N LYS B 2421 33.03 -42.85 -12.72
CA LYS B 2421 31.84 -43.36 -13.41
C LYS B 2421 30.75 -42.30 -13.56
N ASN B 2422 30.68 -41.33 -12.64
CA ASN B 2422 29.55 -40.41 -12.58
C ASN B 2422 29.71 -39.19 -13.49
N THR B 2423 30.49 -39.32 -14.58
CA THR B 2423 30.69 -38.26 -15.58
C THR B 2423 31.24 -36.98 -14.95
N ALA B 2424 32.16 -37.14 -14.01
CA ALA B 2424 32.87 -36.01 -13.40
C ALA B 2424 34.37 -36.22 -13.56
N LEU B 2425 35.06 -35.19 -14.02
CA LEU B 2425 36.49 -35.26 -14.29
C LEU B 2425 37.24 -34.37 -13.32
N TRP B 2426 38.34 -34.91 -12.77
CA TRP B 2426 39.20 -34.18 -11.85
C TRP B 2426 40.47 -33.78 -12.58
N ILE B 2427 40.88 -32.52 -12.43
CA ILE B 2427 42.04 -31.97 -13.12
C ILE B 2427 43.03 -31.46 -12.09
N GLY B 2428 44.27 -31.96 -12.17
CA GLY B 2428 45.34 -31.46 -11.33
C GLY B 2428 46.17 -30.45 -12.09
N THR B 2429 46.41 -29.31 -11.48
CA THR B 2429 47.18 -28.24 -12.09
C THR B 2429 48.56 -28.14 -11.44
N GLY B 2430 49.49 -27.53 -12.18
CA GLY B 2430 50.82 -27.29 -11.67
C GLY B 2430 50.92 -26.15 -10.66
N GLY B 2431 49.87 -25.36 -10.52
CA GLY B 2431 49.81 -24.28 -9.56
C GLY B 2431 49.24 -24.65 -8.21
N GLY B 2432 49.01 -25.93 -7.96
CA GLY B 2432 48.40 -26.35 -6.71
C GLY B 2432 46.90 -26.18 -6.65
N HIS B 2433 46.24 -26.25 -7.81
CA HIS B 2433 44.79 -26.11 -7.89
C HIS B 2433 44.21 -27.41 -8.42
N ILE B 2434 42.96 -27.69 -8.03
CA ILE B 2434 42.24 -28.87 -8.50
C ILE B 2434 40.94 -28.40 -9.13
N LEU B 2435 40.67 -28.86 -10.35
CA LEU B 2435 39.50 -28.46 -11.09
C LEU B 2435 38.52 -29.63 -11.18
N LEU B 2436 37.24 -29.36 -10.96
CA LEU B 2436 36.19 -30.34 -11.12
C LEU B 2436 35.30 -29.95 -12.29
N LEU B 2437 35.15 -30.86 -13.24
CA LEU B 2437 34.30 -30.65 -14.40
C LEU B 2437 33.33 -31.81 -14.52
N ASP B 2438 32.22 -31.56 -15.19
CA ASP B 2438 31.22 -32.57 -15.48
C ASP B 2438 31.24 -32.89 -16.97
N LEU B 2439 31.34 -34.18 -17.29
CA LEU B 2439 31.35 -34.58 -18.70
C LEU B 2439 30.04 -34.27 -19.41
N SER B 2440 28.95 -34.13 -18.66
CA SER B 2440 27.65 -33.86 -19.27
C SER B 2440 27.61 -32.50 -19.94
N THR B 2441 28.17 -31.46 -19.31
CA THR B 2441 28.09 -30.11 -19.84
C THR B 2441 29.43 -29.43 -20.03
N ARG B 2442 30.54 -30.05 -19.64
CA ARG B 2442 31.89 -29.45 -19.70
C ARG B 2442 31.92 -28.12 -18.96
N ARG B 2443 31.21 -28.05 -17.84
CA ARG B 2443 31.14 -26.86 -17.01
C ARG B 2443 32.02 -27.00 -15.77
N LEU B 2444 32.31 -25.87 -15.14
CA LEU B 2444 33.15 -25.87 -13.95
C LEU B 2444 32.27 -26.16 -12.74
N ILE B 2445 32.68 -27.12 -11.93
CA ILE B 2445 31.93 -27.46 -10.71
C ILE B 2445 32.51 -26.73 -9.50
N ARG B 2446 33.82 -26.83 -9.31
CA ARG B 2446 34.48 -26.16 -8.19
C ARG B 2446 35.98 -26.08 -8.47
N VAL B 2447 36.61 -25.11 -7.82
CA VAL B 2447 38.06 -24.93 -7.88
C VAL B 2447 38.59 -25.05 -6.46
N ILE B 2448 39.57 -25.91 -6.27
CA ILE B 2448 40.13 -26.21 -4.95
C ILE B 2448 41.55 -25.71 -4.90
N TYR B 2449 41.89 -24.97 -3.83
CA TYR B 2449 43.22 -24.40 -3.66
C TYR B 2449 43.47 -24.31 -2.16
N ASN B 2450 44.47 -23.49 -1.78
CA ASN B 2450 44.86 -23.19 -0.40
C ASN B 2450 45.08 -24.45 0.44
N PHE B 2451 45.47 -25.55 -0.21
CA PHE B 2451 45.85 -26.78 0.47
C PHE B 2451 47.19 -27.35 0.03
N CYS B 2452 47.68 -26.99 -1.16
CA CYS B 2452 48.99 -27.43 -1.61
C CYS B 2452 49.53 -26.43 -2.62
N ASN B 2453 50.84 -26.51 -2.86
CA ASN B 2453 51.49 -25.56 -3.77
C ASN B 2453 51.54 -26.05 -5.21
N SER B 2454 51.65 -27.36 -5.44
CA SER B 2454 51.69 -27.89 -6.80
C SER B 2454 51.35 -29.37 -6.76
N VAL B 2455 50.25 -29.76 -7.42
CA VAL B 2455 49.84 -31.16 -7.45
C VAL B 2455 50.79 -31.94 -8.36
N ARG B 2456 51.37 -33.02 -7.82
CA ARG B 2456 52.23 -33.87 -8.63
C ARG B 2456 51.43 -34.99 -9.29
N VAL B 2457 50.83 -35.86 -8.49
CA VAL B 2457 50.00 -36.95 -8.98
C VAL B 2457 48.73 -37.00 -8.14
N MET B 2458 47.68 -37.59 -8.70
CA MET B 2458 46.41 -37.71 -8.02
C MET B 2458 45.64 -38.85 -8.67
N MET B 2459 45.14 -39.77 -7.86
CA MET B 2459 44.60 -41.03 -8.37
C MET B 2459 43.63 -41.60 -7.37
N THR B 2460 42.74 -42.46 -7.87
CA THR B 2460 41.68 -43.05 -7.06
C THR B 2460 42.18 -44.29 -6.33
N ALA B 2461 41.57 -44.56 -5.17
CA ALA B 2461 41.98 -45.68 -4.34
C ALA B 2461 40.80 -46.14 -3.50
N GLN B 2462 40.93 -47.33 -2.94
CA GLN B 2462 39.96 -47.91 -2.01
C GLN B 2462 40.68 -48.28 -0.72
N LEU B 2463 40.11 -47.88 0.41
CA LEU B 2463 40.72 -48.14 1.71
C LEU B 2463 40.19 -49.46 2.28
N GLY B 2464 40.51 -49.72 3.54
CA GLY B 2464 40.11 -50.96 4.19
C GLY B 2464 38.63 -51.05 4.55
N SER B 2465 37.90 -49.94 4.51
CA SER B 2465 36.46 -49.93 4.75
C SER B 2465 35.66 -50.01 3.46
N LEU B 2466 36.29 -50.37 2.35
CA LEU B 2466 35.72 -50.55 1.01
C LEU B 2466 35.23 -49.24 0.39
N LYS B 2467 35.40 -48.11 1.05
CA LYS B 2467 34.99 -46.83 0.48
C LYS B 2467 36.02 -46.39 -0.56
N ASN B 2468 35.55 -45.62 -1.54
CA ASN B 2468 36.39 -45.09 -2.59
C ASN B 2468 36.69 -43.63 -2.30
N VAL B 2469 37.96 -43.26 -2.37
CA VAL B 2469 38.43 -41.91 -2.06
C VAL B 2469 39.44 -41.50 -3.12
N MET B 2470 39.80 -40.22 -3.10
CA MET B 2470 40.78 -39.66 -4.02
C MET B 2470 42.00 -39.21 -3.23
N LEU B 2471 43.18 -39.69 -3.65
CA LEU B 2471 44.43 -39.33 -3.02
C LEU B 2471 45.14 -38.30 -3.88
N VAL B 2472 45.47 -37.16 -3.31
CA VAL B 2472 46.12 -36.06 -4.01
C VAL B 2472 47.41 -35.73 -3.26
N LEU B 2473 48.50 -35.58 -4.01
CA LEU B 2473 49.80 -35.25 -3.44
C LEU B 2473 50.28 -33.93 -4.01
N GLY B 2474 50.64 -32.99 -3.13
CA GLY B 2474 50.99 -31.64 -3.54
C GLY B 2474 52.20 -31.12 -2.77
N TYR B 2475 52.72 -30.00 -3.26
CA TYR B 2475 53.84 -29.33 -2.62
C TYR B 2475 53.34 -28.41 -1.50
N ASN B 2476 54.25 -28.04 -0.61
CA ASN B 2476 53.97 -27.05 0.42
C ASN B 2476 55.26 -26.49 0.98
N ILE B 2489 60.80 -27.44 0.46
CA ILE B 2489 59.47 -27.79 -0.03
C ILE B 2489 58.94 -29.02 0.71
N GLN B 2490 57.73 -28.91 1.24
CA GLN B 2490 57.10 -29.97 2.02
C GLN B 2490 56.07 -30.69 1.18
N SER B 2491 55.91 -31.99 1.42
CA SER B 2491 54.94 -32.81 0.71
C SER B 2491 53.72 -33.06 1.58
N CYS B 2492 52.55 -32.76 1.04
CA CYS B 2492 51.29 -32.90 1.76
C CYS B 2492 50.39 -33.86 0.99
N LEU B 2493 49.79 -34.81 1.70
CA LEU B 2493 48.88 -35.78 1.13
C LEU B 2493 47.47 -35.47 1.63
N THR B 2494 46.51 -35.42 0.70
CA THR B 2494 45.12 -35.15 1.03
C THR B 2494 44.25 -36.28 0.51
N VAL B 2495 43.21 -36.62 1.28
CA VAL B 2495 42.26 -37.66 0.92
C VAL B 2495 40.88 -37.03 0.82
N TRP B 2496 40.28 -37.13 -0.38
CA TRP B 2496 38.98 -36.52 -0.64
C TRP B 2496 37.93 -37.58 -0.86
N ASP B 2497 36.70 -37.27 -0.44
CA ASP B 2497 35.56 -38.14 -0.67
C ASP B 2497 35.24 -38.21 -2.16
N ILE B 2498 34.93 -39.41 -2.64
CA ILE B 2498 34.64 -39.62 -4.06
C ILE B 2498 33.34 -38.91 -4.48
N ASN B 2499 32.47 -38.57 -3.54
CA ASN B 2499 31.22 -37.89 -3.84
C ASN B 2499 31.37 -36.37 -3.85
N LEU B 2500 32.58 -35.87 -4.09
CA LEU B 2500 32.83 -34.43 -4.02
C LEU B 2500 31.95 -33.62 -4.97
N PRO B 2501 31.80 -33.96 -6.27
CA PRO B 2501 30.90 -33.15 -7.10
C PRO B 2501 29.45 -33.23 -6.68
N HIS B 2502 28.98 -34.44 -6.35
CA HIS B 2502 27.60 -34.59 -5.87
C HIS B 2502 27.39 -33.84 -4.56
N GLU B 2503 28.37 -33.89 -3.65
CA GLU B 2503 28.27 -33.14 -2.40
C GLU B 2503 28.21 -31.64 -2.65
N VAL B 2504 29.00 -31.14 -3.61
CA VAL B 2504 29.00 -29.71 -3.92
C VAL B 2504 27.62 -29.30 -4.43
N GLN B 2505 27.05 -30.06 -5.37
CA GLN B 2505 25.75 -29.73 -5.92
C GLN B 2505 24.65 -29.78 -4.86
N ASN B 2506 24.67 -30.83 -4.02
CA ASN B 2506 23.66 -30.97 -2.98
C ASN B 2506 23.72 -29.83 -1.97
N LEU B 2507 24.94 -29.46 -1.56
CA LEU B 2507 25.09 -28.38 -0.59
C LEU B 2507 24.63 -27.04 -1.15
N GLU B 2508 24.96 -26.77 -2.43
CA GLU B 2508 24.53 -25.53 -3.05
C GLU B 2508 23.01 -25.43 -3.11
N LYS B 2509 22.35 -26.51 -3.55
CA LYS B 2509 20.89 -26.50 -3.62
C LYS B 2509 20.28 -26.35 -2.23
N HIS B 2510 20.84 -27.06 -1.24
CA HIS B 2510 20.31 -27.03 0.11
C HIS B 2510 20.44 -25.65 0.75
N ILE B 2511 21.59 -24.98 0.57
CA ILE B 2511 21.77 -23.67 1.16
C ILE B 2511 20.87 -22.64 0.49
N GLU B 2512 20.65 -22.79 -0.83
CA GLU B 2512 19.71 -21.92 -1.54
C GLU B 2512 18.30 -22.08 -1.01
N VAL B 2513 17.88 -23.33 -0.77
CA VAL B 2513 16.54 -23.59 -0.25
C VAL B 2513 16.38 -22.98 1.14
N ARG B 2514 17.38 -23.15 2.00
CA ARG B 2514 17.30 -22.58 3.35
C ARG B 2514 17.24 -21.07 3.32
N LYS B 2515 18.05 -20.43 2.46
CA LYS B 2515 18.03 -18.98 2.34
C LYS B 2515 16.67 -18.48 1.85
N GLU B 2516 16.11 -19.16 0.85
CA GLU B 2516 14.80 -18.75 0.32
C GLU B 2516 13.72 -18.89 1.39
N LEU B 2517 13.72 -20.00 2.13
CA LEU B 2517 12.74 -20.20 3.19
C LEU B 2517 12.89 -19.17 4.29
N ALA B 2518 14.13 -18.87 4.69
CA ALA B 2518 14.36 -17.88 5.73
C ALA B 2518 13.86 -16.50 5.32
N GLU B 2519 14.19 -16.08 4.09
CA GLU B 2519 13.74 -14.78 3.60
C GLU B 2519 12.22 -14.72 3.49
N LYS B 2520 11.60 -15.78 2.96
CA LYS B 2520 10.15 -15.80 2.79
C LYS B 2520 9.43 -15.70 4.13
N MET B 2521 9.88 -16.47 5.13
CA MET B 2521 9.20 -16.44 6.42
C MET B 2521 9.48 -15.17 7.19
N ARG B 2522 10.68 -14.61 7.04
CA ARG B 2522 10.98 -13.32 7.66
C ARG B 2522 10.12 -12.21 7.07
N ARG B 2523 9.96 -12.21 5.74
CA ARG B 2523 9.08 -11.26 5.08
C ARG B 2523 7.62 -11.47 5.50
N THR B 2524 7.22 -12.74 5.65
CA THR B 2524 5.88 -13.05 6.12
C THR B 2524 5.66 -12.54 7.55
N SER B 2525 6.66 -12.70 8.41
CA SER B 2525 6.56 -12.18 9.78
C SER B 2525 6.45 -10.66 9.79
N VAL B 2526 7.25 -9.98 8.98
CA VAL B 2526 7.16 -8.52 8.88
C VAL B 2526 5.80 -8.10 8.35
N GLU B 2527 5.31 -8.79 7.32
CA GLU B 2527 4.00 -8.52 6.76
C GLU B 2527 2.88 -8.92 7.71
PB GDP C . -3.38 52.21 35.49
O1B GDP C . -4.88 52.22 35.56
O2B GDP C . -2.88 50.79 35.34
O3B GDP C . -2.94 53.04 34.31
O3A GDP C . -2.78 52.87 36.83
PA GDP C . -3.20 54.37 37.22
O1A GDP C . -4.67 54.45 37.58
O2A GDP C . -2.87 55.32 36.11
O5' GDP C . -2.30 54.71 38.51
C5' GDP C . -2.55 55.89 39.24
C4' GDP C . -1.57 56.02 40.41
O4' GDP C . -0.39 56.66 39.94
C3' GDP C . -2.15 56.90 41.50
O3' GDP C . -2.26 56.15 42.72
C2' GDP C . -1.17 58.05 41.68
O2' GDP C . -0.83 58.18 43.07
C1' GDP C . 0.04 57.65 40.88
N9 GDP C . 0.61 58.82 40.16
C8 GDP C . 0.54 59.03 38.84
N7 GDP C . 1.16 60.19 38.50
C5 GDP C . 1.63 60.74 39.62
C6 GDP C . 2.38 61.97 39.97
O6 GDP C . 2.71 62.79 39.09
N1 GDP C . 2.68 62.18 41.26
C2 GDP C . 2.33 61.32 42.23
N2 GDP C . 2.67 61.60 43.50
N3 GDP C . 1.64 60.17 41.98
C4 GDP C . 1.27 59.84 40.72
C1 919 D . -10.74 30.36 -9.95
C2 919 D . -9.82 29.93 -8.98
C3 919 D . -9.10 30.86 -8.25
C4 919 D . -9.29 32.25 -8.47
C5 919 D . -10.18 32.67 -9.41
C6 919 D . -10.93 31.72 -10.17
C9 919 D . -8.71 34.50 -7.94
N10 919 D . -8.54 33.17 -7.73
C13 919 D . -10.35 34.05 -9.63
C14 919 D . -9.62 34.94 -8.90
C22 919 D . -9.85 28.08 -22.18
N23 919 D . -10.24 28.51 -23.37
C24 919 D . -10.20 29.80 -23.67
C25 919 D . -9.76 30.73 -22.74
C26 919 D . -9.35 30.31 -21.48
C27 919 D . -9.39 28.95 -21.21
C34 919 D . -10.35 30.72 -17.22
C35 919 D . -10.24 31.00 -18.57
C36 919 D . -9.02 30.96 -19.20
C37 919 D . -7.89 30.66 -18.46
C38 919 D . -7.99 30.37 -17.11
C39 919 D . -9.22 30.38 -16.48
C46 919 D . -13.06 27.89 -11.14
C47 919 D . -12.22 28.02 -12.24
C48 919 D . -11.26 28.96 -11.93
N49 919 D . -11.51 29.37 -10.70
N50 919 D . -12.62 28.72 -10.20
N56 919 D . -10.17 29.39 -12.81
C58 919 D . -10.38 29.64 -14.24
N60 919 D . -9.24 30.07 -15.04
O63 919 D . -11.47 29.49 -14.71
O65 919 D . -8.89 31.28 -20.56
F68 919 D . -6.88 30.05 -16.40
C70 919 D . -10.65 30.29 -25.03
O72 919 D . -10.93 31.44 -25.18
N74 919 D . -10.73 29.39 -26.17
C76 919 D . -11.16 29.91 -27.45
C79 919 D . -14.27 26.95 -11.04
C81 919 D . -15.31 27.37 -12.07
C83 919 D . -14.85 27.05 -9.63
C85 919 D . -13.82 25.54 -11.32
PB GDP E . 19.21 22.11 56.08
O1B GDP E . 20.68 21.95 55.81
O2B GDP E . 18.47 22.29 54.78
O3B GDP E . 18.72 20.88 56.79
O3A GDP E . 18.97 23.37 57.04
PA GDP E . 19.70 23.43 58.46
O1A GDP E . 21.19 23.56 58.31
O2A GDP E . 19.36 22.19 59.27
O5' GDP E . 19.09 24.73 59.18
C5' GDP E . 19.69 25.17 60.40
C4' GDP E . 18.97 26.42 60.91
O4' GDP E . 17.85 26.01 61.69
C3' GDP E . 19.89 27.22 61.83
O3' GDP E . 20.08 28.53 61.29
C2' GDP E . 19.18 27.31 63.16
O2' GDP E . 19.12 28.66 63.60
C1' GDP E . 17.77 26.79 62.89
N9 GDP E . 17.29 25.95 64.02
C8 GDP E . 17.16 24.61 63.98
N7 GDP E . 16.70 24.13 65.16
C5 GDP E . 16.55 25.17 65.98
C6 GDP E . 16.10 25.38 67.37
O6 GDP E . 15.75 24.40 68.09
N1 GDP E . 16.07 26.62 67.86
C2 GDP E . 16.44 27.68 67.13
N2 GDP E . 16.38 28.92 67.69
N3 GDP E . 16.87 27.58 65.84
C4 GDP E . 16.94 26.37 65.23
C1 919 F . 13.39 -17.92 25.23
C2 919 F . 12.64 -16.75 25.19
C3 919 F . 12.24 -16.13 26.38
C4 919 F . 12.62 -16.69 27.63
C5 919 F . 13.36 -17.84 27.68
C6 919 F . 13.77 -18.48 26.46
C9 919 F . 12.57 -16.60 30.01
N10 919 F . 12.22 -16.07 28.82
C13 919 F . 13.72 -18.38 28.92
C14 919 F . 13.32 -17.76 30.07
C22 919 F . 9.78 -29.02 20.94
N23 919 F . 9.94 -30.32 21.09
C24 919 F . 9.96 -30.88 22.28
C25 919 F . 9.80 -30.11 23.42
C26 919 F . 9.63 -28.73 23.32
C27 919 F . 9.60 -28.19 22.04
C34 919 F . 11.53 -24.91 24.35
C35 919 F . 11.17 -26.25 24.38
C36 919 F . 9.83 -26.63 24.42
C37 919 F . 8.86 -25.64 24.47
C38 919 F . 9.22 -24.31 24.43
C39 919 F . 10.54 -23.94 24.36
C46 919 F . 14.93 -18.90 22.15
C47 919 F . 13.92 -19.84 22.24
C48 919 F . 13.23 -19.59 23.41
N49 919 F . 13.80 -18.55 23.98
N50 919 F . 14.86 -18.10 23.21
N56 919 F . 12.08 -20.36 23.91
C58 919 F . 12.01 -21.82 23.81
N60 919 F . 10.82 -22.49 24.34
O63 919 F . 12.90 -22.43 23.33
O65 919 F . 9.46 -27.98 24.50
F68 919 F . 8.26 -23.34 24.45
C70 919 F . 10.16 -32.38 22.45
O72 919 F . 10.51 -32.81 23.50
N74 919 F . 9.93 -33.29 21.35
C76 919 F . 10.14 -34.71 21.56
C79 919 F . 15.96 -18.79 21.02
C81 919 F . 16.83 -20.04 20.99
C83 919 F . 16.83 -17.56 21.25
C85 919 F . 15.22 -18.65 19.70
#